data_7T9B
#
_entry.id   7T9B
#
loop_
_entity.id
_entity.type
_entity.pdbx_description
1 polymer 'HIV-1 Envelope ApexGT5 gp120'
2 polymer 'HIV-1 Envelope ApexGT5 gp41'
3 polymer 'RM20A3 Fab Heavy Chain'
4 polymer 'RM20A3 Fab Light Chain'
5 polymer 'GT5-d42.16 Fab Heavy Chain'
6 polymer 'GT5-d42.16 Fab Light Chain'
7 branched 2-acetamido-2-deoxy-beta-D-glucopyranose-(1-4)-2-acetamido-2-deoxy-beta-D-glucopyranose
8 branched alpha-D-mannopyranose-(1-3)-beta-D-mannopyranose-(1-4)-2-acetamido-2-deoxy-beta-D-glucopyranose-(1-4)-2-acetamido-2-deoxy-beta-D-glucopyranose
9 branched beta-D-mannopyranose-(1-4)-2-acetamido-2-deoxy-beta-D-glucopyranose-(1-4)-2-acetamido-2-deoxy-beta-D-glucopyranose
10 branched alpha-D-mannopyranose-(1-3)-[alpha-D-mannopyranose-(1-6)]alpha-D-mannopyranose-(1-6)-[alpha-D-mannopyranose-(1-3)]beta-D-mannopyranose-(1-4)-2-acetamido-2-deoxy-beta-D-glucopyranose-(1-6)-2-acetamido-2-deoxy-beta-D-glucopyranose
11 branched alpha-L-fucopyranose-(1-6)-2-acetamido-2-deoxy-beta-D-glucopyranose
12 branched 2-acetamido-2-deoxy-beta-D-glucopyranose-(1-4)-[alpha-L-fucopyranose-(1-6)]2-acetamido-2-deoxy-beta-D-glucopyranose
13 non-polymer 2-acetamido-2-deoxy-beta-D-glucopyranose
#
loop_
_entity_poly.entity_id
_entity_poly.type
_entity_poly.pdbx_seq_one_letter_code
_entity_poly.pdbx_strand_id
1 'polypeptide(L)'
;AENLWVTVYYGVPVWKDAETTLFCASDAKAYETEKHNVWATHACVPTDPNPQEIHLENVTEEFNMWKNNMVEQMHEDIIS
LWDQSLKPCVKLTPLCVTLQCTNVTNNITDDMRGELKNCSFNATTELRNKRQKVYSLFYRLDIVPMVDLWTNYRLINCNT
SAITQACPKVSFEPIPIHYCAPAGFAILKCKDKKFNGTGPCPSVSTVQCTHGIKPVVSTQLLLNGSLAEEEVIIRSENIT
NNAKNILVQLNTPVQINCTRPNNNTVKSIRIGPGQAFYYTGDIIGDIRQAHCNVSKATWNETLGKVVKQLRKHFGNNTII
RFAQSSGGDLEVTTHSFNCGGEFFYCNTSGLFNSTWISNTSVQGSNSTGSNDSITLPCRIKQIINMWQRIGQAMYAPPIQ
GVIRCVSNITGLILTRDGGSTNSTTETFRPGGGDMRDNWRSELYKYKVVKIEPLGVAPTRCKRRVVGRRRRRR
;
A,C,E
2 'polypeptide(L)'
;AVGIGAVSLGFLGAAGSTMGAASMTLTVQARNLLSGIVQQQSNLLRAPEPQQHLLKDTHWGIKQLQARVLAVEHYLRDQQ
LLGIWGCSGKLICCTNVPWNSSWSNRNLSEIWDNMTWLQWDKEISNYTQIIYGLLEESQNQQEKNEQDLLALD
;
B,D,F
3 'polypeptide(L)'
;EVQLVETGGGLVQPGGSLKLSCRASGYTFSSFAMSWVRQAPGKGLEWVSLINDRGGLTFYVDSVKGRFTISRDNSKNTLS
LQMHSLRDGDTAVYYCATGGMSSALQSSKYYFDFWGQGALVTVSS
;
J,M,O
4 'polypeptide(L)'
;ALTQPPSVSGSPGQSVTISCTGTSSDIGSYNYVSWYQQHPGKAPKLMIYDVTQRPSGVSDRFSGSKSGNTASLTISGLQA
DDEADYYCSAYAGRQTFYIFGGGTRLTVLGQPKASPTVTLFPPSSEEL
;
K,N,P
5 'polypeptide(L)'
;EVQLVESGGGLVKPGGSLRLSCTASGFTFSNAWMSWVRQAPGKGLEWVGRIKSKTEGGTTDYATPVKGRFTISRDDSKDT
LFLQMNSLKTEDTAVYYCNTGVETYDFWSG(TYS)DDH(TYS)YDYYFRDVWGKGTTVTVSS
;
H
6 'polypeptide(L)'
;EIVLTQSPGTLSLSPGERATLSCRASQIISSIYFAWYQQKPGQAPRLLIYGASSRATGIPDRFSGSGSGTDFTLTISRLE
PEDFAVYYCQQYGSSFTFGPGTKVDIK
;
L
#
loop_
_chem_comp.id
_chem_comp.type
_chem_comp.name
_chem_comp.formula
BMA D-saccharide, beta linking beta-D-mannopyranose 'C6 H12 O6'
FUC L-saccharide, alpha linking alpha-L-fucopyranose 'C6 H12 O5'
MAN D-saccharide, alpha linking alpha-D-mannopyranose 'C6 H12 O6'
NAG D-saccharide, beta linking 2-acetamido-2-deoxy-beta-D-glucopyranose 'C8 H15 N O6'
#
# COMPACT_ATOMS: atom_id res chain seq x y z
N ASN A 3 -33.34 30.53 -10.16
CA ASN A 3 -33.53 29.07 -9.96
C ASN A 3 -32.26 28.49 -9.35
N LEU A 4 -32.39 27.50 -8.46
CA LEU A 4 -31.23 27.01 -7.71
C LEU A 4 -30.59 25.88 -8.52
N TRP A 5 -29.26 25.85 -8.60
CA TRP A 5 -28.52 24.83 -9.40
C TRP A 5 -27.61 24.03 -8.47
N VAL A 6 -27.30 22.79 -8.80
CA VAL A 6 -26.54 21.90 -7.96
C VAL A 6 -25.10 22.34 -7.84
N THR A 7 -24.63 22.49 -6.60
CA THR A 7 -23.22 22.80 -6.37
C THR A 7 -22.61 21.69 -5.57
N VAL A 8 -21.46 21.25 -6.03
CA VAL A 8 -20.75 20.14 -5.43
C VAL A 8 -19.69 20.63 -4.47
N TYR A 9 -19.72 20.11 -3.27
CA TYR A 9 -18.75 20.49 -2.27
C TYR A 9 -17.92 19.32 -1.81
N TYR A 10 -16.60 19.52 -1.76
CA TYR A 10 -15.73 18.46 -1.29
C TYR A 10 -14.96 18.89 -0.07
N GLY A 11 -15.02 18.07 0.98
CA GLY A 11 -14.39 18.39 2.25
C GLY A 11 -15.48 18.72 3.28
N VAL A 12 -16.67 18.23 3.02
CA VAL A 12 -17.83 18.41 3.85
C VAL A 12 -17.76 17.60 5.14
N PRO A 13 -17.99 18.17 6.33
CA PRO A 13 -17.88 17.50 7.62
C PRO A 13 -19.04 16.57 7.94
N VAL A 14 -19.12 15.50 7.19
CA VAL A 14 -20.14 14.46 7.28
C VAL A 14 -19.55 13.09 7.45
N TRP A 15 -20.22 12.25 8.23
CA TRP A 15 -19.77 10.90 8.47
C TRP A 15 -20.91 9.93 8.60
N LYS A 16 -20.58 8.65 8.44
CA LYS A 16 -21.52 7.54 8.60
C LYS A 16 -20.94 6.46 9.48
N ASP A 17 -21.80 5.70 10.12
CA ASP A 17 -21.31 4.60 10.97
C ASP A 17 -20.51 3.67 10.11
N ALA A 18 -19.39 3.16 10.61
CA ALA A 18 -18.63 2.25 9.78
C ALA A 18 -17.87 1.24 10.58
N GLU A 19 -17.60 0.10 9.95
CA GLU A 19 -16.80 -0.92 10.57
C GLU A 19 -15.53 -1.14 9.79
N THR A 20 -14.42 -0.65 10.32
CA THR A 20 -13.16 -0.77 9.61
C THR A 20 -12.12 -1.28 10.54
N THR A 21 -10.94 -1.49 9.99
CA THR A 21 -9.78 -1.97 10.69
C THR A 21 -9.10 -0.86 11.45
N LEU A 22 -8.81 -1.11 12.72
CA LEU A 22 -8.07 -0.16 13.52
C LEU A 22 -6.69 -0.70 13.72
N PHE A 23 -5.73 0.17 13.95
CA PHE A 23 -4.40 -0.32 14.23
C PHE A 23 -4.04 0.13 15.63
N CYS A 24 -3.10 -0.56 16.27
CA CYS A 24 -2.67 -0.25 17.63
C CYS A 24 -1.43 0.63 17.65
N ALA A 25 -1.30 1.33 18.76
CA ALA A 25 -0.19 2.19 19.02
C ALA A 25 0.20 2.13 20.50
N SER A 26 1.44 2.49 20.81
CA SER A 26 1.88 2.47 22.21
C SER A 26 2.86 3.57 22.61
N ASP A 27 2.97 3.79 23.91
CA ASP A 27 3.85 4.82 24.43
C ASP A 27 5.27 4.30 24.63
N ALA A 28 6.26 4.86 23.86
CA ALA A 28 7.69 4.48 23.85
C ALA A 28 7.86 2.97 23.65
N ASN A 37 12.13 -8.51 28.36
CA ASN A 37 10.99 -7.84 29.00
C ASN A 37 10.07 -7.20 27.92
N VAL A 38 9.74 -7.98 26.87
CA VAL A 38 8.92 -7.59 25.73
C VAL A 38 7.56 -8.28 25.73
N TRP A 39 6.50 -7.49 25.84
CA TRP A 39 5.15 -8.02 25.80
C TRP A 39 4.19 -7.00 25.24
N ALA A 40 3.35 -7.43 24.29
CA ALA A 40 2.35 -6.58 23.64
C ALA A 40 2.98 -5.34 23.03
N THR A 41 4.15 -5.51 22.45
CA THR A 41 4.84 -4.40 21.81
C THR A 41 5.50 -4.85 20.54
N HIS A 42 6.24 -3.95 19.89
CA HIS A 42 6.91 -4.11 18.57
C HIS A 42 5.89 -4.07 17.43
N ALA A 43 4.82 -4.83 17.62
CA ALA A 43 3.66 -4.94 16.78
C ALA A 43 2.90 -3.59 16.56
N CYS A 44 2.89 -2.69 17.59
CA CYS A 44 2.17 -1.42 17.60
C CYS A 44 3.12 -0.26 17.24
N VAL A 45 2.55 0.76 16.61
CA VAL A 45 3.32 1.94 16.22
C VAL A 45 3.47 2.88 17.41
N PRO A 46 4.60 3.55 17.62
CA PRO A 46 4.72 4.54 18.66
C PRO A 46 3.66 5.63 18.47
N THR A 47 3.10 6.10 19.58
CA THR A 47 2.08 7.15 19.61
C THR A 47 2.59 8.56 19.45
N ASP A 48 1.66 9.44 19.11
CA ASP A 48 1.91 10.87 19.06
C ASP A 48 1.64 11.39 20.46
N PRO A 49 2.39 12.36 20.97
CA PRO A 49 2.09 12.98 22.23
C PRO A 49 0.85 13.81 22.04
N ASN A 50 -0.03 13.83 23.02
CA ASN A 50 -1.22 14.67 23.01
C ASN A 50 -1.82 14.87 21.62
N PRO A 51 -2.19 13.80 20.88
CA PRO A 51 -2.57 13.85 19.48
C PRO A 51 -3.52 15.00 19.16
N GLN A 52 -4.77 14.87 19.60
CA GLN A 52 -5.78 15.89 19.39
C GLN A 52 -7.10 15.48 20.00
N GLU A 53 -7.90 16.48 20.36
CA GLU A 53 -9.28 16.27 20.70
C GLU A 53 -10.05 17.49 20.28
N ILE A 54 -11.08 17.29 19.49
CA ILE A 54 -11.85 18.40 18.97
C ILE A 54 -13.23 18.35 19.56
N HIS A 55 -13.66 19.42 20.19
CA HIS A 55 -14.92 19.38 20.89
C HIS A 55 -16.21 19.16 20.07
N LEU A 56 -16.29 19.56 18.78
CA LEU A 56 -17.57 19.33 18.06
C LEU A 56 -18.75 19.84 18.90
N GLU A 57 -18.74 21.13 19.15
CA GLU A 57 -19.65 21.78 20.07
C GLU A 57 -21.15 21.52 19.95
N ASN A 58 -21.72 21.45 18.72
CA ASN A 58 -23.17 21.27 18.51
C ASN A 58 -23.54 19.89 17.92
N VAL A 59 -22.69 18.84 18.12
CA VAL A 59 -22.97 17.48 17.61
C VAL A 59 -23.57 16.56 18.64
N THR A 60 -24.68 15.97 18.28
CA THR A 60 -25.35 14.96 19.10
C THR A 60 -25.26 13.72 18.27
N GLU A 61 -24.89 12.60 18.87
CA GLU A 61 -24.74 11.38 18.10
C GLU A 61 -25.15 10.17 18.92
N GLU A 62 -25.56 9.11 18.25
CA GLU A 62 -25.98 7.87 18.90
C GLU A 62 -24.89 6.83 19.01
N PHE A 63 -24.69 6.36 20.23
CA PHE A 63 -23.72 5.34 20.58
C PHE A 63 -24.42 4.05 20.95
N ASN A 64 -23.77 2.91 20.70
CA ASN A 64 -24.40 1.66 21.06
C ASN A 64 -23.40 0.58 21.47
N MET A 65 -22.96 0.57 22.72
CA MET A 65 -21.98 -0.40 23.14
C MET A 65 -22.68 -1.74 23.00
N TRP A 66 -21.92 -2.81 22.92
CA TRP A 66 -22.42 -4.18 22.70
C TRP A 66 -22.62 -4.45 21.21
N LYS A 67 -22.72 -3.41 20.39
CA LYS A 67 -22.84 -3.58 18.95
C LYS A 67 -21.61 -2.96 18.28
N ASN A 68 -20.66 -2.61 19.13
CA ASN A 68 -19.42 -1.92 18.82
C ASN A 68 -18.31 -2.88 18.42
N ASN A 69 -17.89 -2.88 17.16
CA ASN A 69 -16.92 -3.86 16.68
C ASN A 69 -15.50 -3.58 17.10
N MET A 70 -15.29 -2.50 17.83
CA MET A 70 -13.95 -2.18 18.31
C MET A 70 -13.59 -3.20 19.34
N VAL A 71 -14.62 -3.77 19.98
CA VAL A 71 -14.45 -4.71 21.03
C VAL A 71 -13.91 -6.00 20.46
N GLU A 72 -14.48 -6.41 19.34
CA GLU A 72 -14.04 -7.63 18.71
C GLU A 72 -12.62 -7.49 18.24
N GLN A 73 -12.25 -6.32 17.74
CA GLN A 73 -10.87 -6.21 17.31
C GLN A 73 -9.91 -6.24 18.48
N MET A 74 -10.26 -5.60 19.60
CA MET A 74 -9.33 -5.64 20.72
C MET A 74 -9.19 -7.06 21.21
N HIS A 75 -10.28 -7.81 21.21
CA HIS A 75 -10.29 -9.19 21.64
C HIS A 75 -9.35 -10.01 20.78
N GLU A 76 -9.48 -9.87 19.46
CA GLU A 76 -8.64 -10.63 18.56
C GLU A 76 -7.18 -10.27 18.68
N ASP A 77 -6.85 -8.98 18.87
CA ASP A 77 -5.46 -8.60 18.98
C ASP A 77 -4.84 -9.12 20.23
N ILE A 78 -5.57 -9.11 21.33
CA ILE A 78 -4.95 -9.60 22.54
C ILE A 78 -4.71 -11.07 22.47
N ILE A 79 -5.66 -11.83 21.97
CA ILE A 79 -5.44 -13.26 21.91
C ILE A 79 -4.31 -13.57 20.96
N SER A 80 -4.31 -12.94 19.79
CA SER A 80 -3.26 -13.22 18.84
C SER A 80 -1.89 -12.86 19.38
N LEU A 81 -1.75 -11.70 20.02
CA LEU A 81 -0.43 -11.34 20.53
C LEU A 81 -0.02 -12.30 21.62
N TRP A 82 -0.98 -12.73 22.44
CA TRP A 82 -0.69 -13.67 23.49
C TRP A 82 -0.09 -14.92 22.87
N ASP A 83 -0.75 -15.48 21.85
CA ASP A 83 -0.25 -16.69 21.24
C ASP A 83 1.10 -16.50 20.58
N GLN A 84 1.32 -15.35 19.98
CA GLN A 84 2.58 -15.11 19.31
C GLN A 84 3.73 -15.15 20.28
N SER A 85 3.51 -14.68 21.50
CA SER A 85 4.57 -14.61 22.48
C SER A 85 5.06 -15.98 22.94
N LEU A 86 4.28 -17.03 22.69
CA LEU A 86 4.68 -18.36 23.12
C LEU A 86 5.38 -19.15 22.03
N LYS A 87 5.41 -18.61 20.81
CA LYS A 87 5.99 -19.37 19.72
C LYS A 87 7.42 -19.82 19.92
N PRO A 88 8.35 -18.99 20.44
CA PRO A 88 9.74 -19.36 20.65
C PRO A 88 10.08 -20.05 21.98
N CYS A 89 9.07 -20.46 22.79
CA CYS A 89 9.29 -20.97 24.13
C CYS A 89 9.38 -22.51 24.14
N VAL A 90 9.91 -23.05 25.23
CA VAL A 90 10.11 -24.49 25.39
C VAL A 90 8.81 -25.28 25.52
N LYS A 91 8.70 -26.35 24.74
CA LYS A 91 7.51 -27.21 24.77
C LYS A 91 7.65 -28.28 25.83
N LEU A 92 6.74 -28.32 26.79
CA LEU A 92 6.89 -29.29 27.86
C LEU A 92 6.14 -30.56 27.55
N THR A 93 6.46 -31.14 26.42
CA THR A 93 5.85 -32.39 26.05
C THR A 93 6.69 -33.57 26.49
N PRO A 94 8.04 -33.47 26.61
CA PRO A 94 8.87 -34.54 27.10
C PRO A 94 8.55 -34.83 28.53
N LEU A 95 7.88 -33.91 29.19
CA LEU A 95 7.56 -34.11 30.60
C LEU A 95 6.21 -34.79 30.88
N CYS A 96 5.46 -35.26 29.85
CA CYS A 96 4.21 -35.99 30.02
C CYS A 96 4.51 -37.42 30.40
N VAL A 97 4.80 -37.59 31.67
CA VAL A 97 5.15 -38.87 32.26
C VAL A 97 4.40 -39.14 33.50
N THR A 98 4.53 -40.39 33.93
CA THR A 98 4.20 -40.84 35.31
C THR A 98 5.02 -40.03 36.31
N LEU A 99 4.34 -39.37 37.24
CA LEU A 99 4.97 -38.69 38.39
C LEU A 99 4.61 -39.47 39.64
N GLN A 100 5.58 -39.74 40.52
CA GLN A 100 5.27 -40.39 41.82
C GLN A 100 5.15 -39.30 42.89
N CYS A 101 3.98 -39.17 43.51
CA CYS A 101 3.69 -38.03 44.38
C CYS A 101 3.29 -38.45 45.78
N THR A 102 3.88 -37.75 46.74
CA THR A 102 3.64 -37.91 48.17
C THR A 102 3.32 -36.55 48.82
N ASN A 103 2.90 -36.56 50.09
CA ASN A 103 2.61 -35.38 50.91
C ASN A 103 3.89 -34.58 51.20
N VAL A 104 3.76 -33.26 51.36
CA VAL A 104 4.84 -32.30 51.61
C VAL A 104 5.26 -32.28 53.10
N THR A 105 6.55 -32.48 53.34
CA THR A 105 7.07 -32.59 54.70
C THR A 105 7.53 -31.27 55.27
N ASN A 106 6.56 -30.46 55.62
CA ASN A 106 6.80 -29.12 56.16
C ASN A 106 5.68 -28.80 57.15
N ASN A 107 5.73 -27.59 57.77
CA ASN A 107 4.71 -27.07 58.69
C ASN A 107 3.62 -26.41 57.85
N ILE A 108 2.54 -27.17 57.63
CA ILE A 108 1.42 -26.87 56.75
C ILE A 108 0.21 -26.58 57.57
N THR A 109 -0.40 -25.43 57.30
CA THR A 109 -1.60 -25.12 58.05
C THR A 109 -2.76 -25.94 57.54
N ASP A 110 -3.86 -25.93 58.26
CA ASP A 110 -4.99 -26.77 57.86
C ASP A 110 -5.54 -26.44 56.48
N ASP A 111 -5.52 -25.17 56.14
CA ASP A 111 -6.05 -24.64 54.90
C ASP A 111 -5.29 -25.16 53.69
N MET A 112 -4.05 -25.56 53.89
CA MET A 112 -3.19 -26.04 52.82
C MET A 112 -3.02 -27.53 52.79
N ARG A 113 -3.76 -28.27 53.59
CA ARG A 113 -3.52 -29.69 53.55
C ARG A 113 -4.09 -30.21 52.26
N GLY A 114 -3.28 -30.97 51.55
CA GLY A 114 -3.71 -31.55 50.30
C GLY A 114 -3.53 -30.61 49.11
N GLU A 115 -3.08 -29.38 49.35
CA GLU A 115 -2.91 -28.43 48.25
C GLU A 115 -1.62 -28.58 47.50
N LEU A 116 -0.58 -29.05 48.15
CA LEU A 116 0.70 -29.22 47.49
C LEU A 116 1.10 -30.65 47.53
N LYS A 117 1.77 -31.09 46.48
CA LYS A 117 2.32 -32.43 46.45
C LYS A 117 3.79 -32.40 46.02
N ASN A 118 4.59 -33.27 46.63
CA ASN A 118 6.04 -33.38 46.30
C ASN A 118 6.21 -34.58 45.37
N CYS A 119 6.47 -34.31 44.10
CA CYS A 119 6.49 -35.36 43.05
C CYS A 119 7.89 -35.60 42.48
N SER A 120 8.15 -36.83 42.05
CA SER A 120 9.46 -37.19 41.47
C SER A 120 9.23 -37.79 40.09
N PHE A 121 9.91 -37.27 39.08
CA PHE A 121 9.68 -37.75 37.69
C PHE A 121 11.02 -37.97 37.00
N ASN A 122 11.01 -38.72 35.90
CA ASN A 122 12.22 -38.85 35.05
C ASN A 122 12.10 -37.90 33.87
N ALA A 123 12.99 -36.92 33.79
CA ALA A 123 13.00 -35.85 32.80
C ALA A 123 13.99 -36.19 31.71
N THR A 124 13.77 -35.64 30.54
CA THR A 124 14.73 -35.81 29.49
C THR A 124 15.90 -34.92 29.79
N THR A 125 16.99 -35.11 29.07
CA THR A 125 18.25 -34.41 29.25
C THR A 125 18.76 -33.87 27.95
N GLU A 126 19.94 -33.25 27.98
CA GLU A 126 20.57 -32.73 26.77
C GLU A 126 20.81 -33.83 25.74
N LEU A 127 21.08 -35.05 26.20
CA LEU A 127 21.34 -36.12 25.26
C LEU A 127 20.11 -36.98 25.09
N ARG A 128 19.90 -37.45 23.87
CA ARG A 128 18.75 -38.24 23.52
C ARG A 128 18.70 -39.55 24.23
N ASN A 129 19.86 -40.10 24.55
CA ASN A 129 19.86 -41.38 25.18
C ASN A 129 19.94 -41.33 26.70
N LYS A 130 19.79 -40.15 27.32
CA LYS A 130 19.89 -40.08 28.78
C LYS A 130 18.69 -39.45 29.47
N ARG A 131 18.46 -39.86 30.71
CA ARG A 131 17.35 -39.37 31.53
C ARG A 131 17.88 -38.93 32.87
N GLN A 132 17.15 -38.06 33.57
CA GLN A 132 17.59 -37.61 34.92
C GLN A 132 16.42 -37.77 35.90
N LYS A 133 16.65 -37.56 37.19
CA LYS A 133 15.57 -37.76 38.19
C LYS A 133 15.35 -36.45 38.93
N VAL A 134 14.18 -35.82 38.74
CA VAL A 134 13.95 -34.44 39.25
C VAL A 134 12.86 -34.50 40.31
N TYR A 135 13.00 -33.72 41.39
CA TYR A 135 12.06 -33.76 42.54
C TYR A 135 11.46 -32.37 42.75
N SER A 136 10.20 -32.17 42.39
CA SER A 136 9.65 -30.79 42.32
C SER A 136 8.32 -30.68 43.07
N LEU A 137 7.91 -29.47 43.46
CA LEU A 137 6.62 -29.33 44.09
C LEU A 137 5.62 -28.88 43.04
N PHE A 138 4.41 -29.42 43.16
CA PHE A 138 3.29 -29.08 42.31
C PHE A 138 2.07 -28.71 43.10
N TYR A 139 1.25 -27.85 42.52
CA TYR A 139 -0.01 -27.59 43.15
C TYR A 139 -0.90 -28.74 42.77
N ARG A 140 -1.76 -29.14 43.67
CA ARG A 140 -2.67 -30.23 43.44
C ARG A 140 -3.55 -30.03 42.22
N LEU A 141 -3.89 -28.80 41.92
CA LEU A 141 -4.79 -28.50 40.83
C LEU A 141 -4.18 -28.76 39.46
N ASP A 142 -2.86 -28.93 39.39
CA ASP A 142 -2.20 -29.16 38.13
C ASP A 142 -1.93 -30.62 37.82
N ILE A 143 -2.31 -31.53 38.73
CA ILE A 143 -2.05 -32.96 38.50
C ILE A 143 -3.30 -33.80 38.70
N VAL A 144 -3.30 -34.98 38.12
CA VAL A 144 -4.42 -35.87 38.28
C VAL A 144 -3.93 -37.29 38.60
N PRO A 145 -4.50 -38.00 39.59
CA PRO A 145 -4.16 -39.36 39.93
C PRO A 145 -4.65 -40.22 38.82
N MET A 146 -4.04 -41.37 38.63
CA MET A 146 -4.47 -42.26 37.57
C MET A 146 -4.47 -43.74 37.87
N VAL A 147 -5.23 -44.45 37.02
CA VAL A 147 -5.40 -45.90 36.92
C VAL A 147 -5.30 -46.72 38.19
N ASP A 148 -5.99 -46.25 39.23
CA ASP A 148 -6.06 -46.89 40.53
C ASP A 148 -4.71 -47.18 41.19
N LEU A 149 -3.75 -46.27 41.02
CA LEU A 149 -2.47 -46.42 41.67
C LEU A 149 -2.33 -45.27 42.65
N TRP A 150 -2.19 -45.62 43.92
CA TRP A 150 -2.19 -44.65 45.00
C TRP A 150 -1.25 -43.46 44.85
N THR A 151 -0.03 -43.69 44.37
CA THR A 151 0.95 -42.61 44.26
C THR A 151 1.23 -42.17 42.83
N ASN A 152 0.49 -42.67 41.84
CA ASN A 152 0.78 -42.35 40.45
C ASN A 152 -0.13 -41.31 39.85
N TYR A 153 0.51 -40.22 39.44
CA TYR A 153 -0.10 -39.03 38.87
C TYR A 153 0.45 -38.70 37.52
N ARG A 154 -0.31 -37.95 36.76
CA ARG A 154 0.15 -37.41 35.50
C ARG A 154 -0.21 -35.94 35.47
N LEU A 155 0.35 -35.18 34.54
CA LEU A 155 0.06 -33.72 34.52
C LEU A 155 -1.34 -33.53 33.91
N ILE A 156 -2.07 -32.51 34.34
CA ILE A 156 -3.52 -32.41 34.03
C ILE A 156 -3.73 -32.46 32.52
N ASN A 157 -2.97 -31.66 31.77
CA ASN A 157 -3.20 -31.54 30.31
C ASN A 157 -2.06 -32.26 29.59
N CYS A 158 -2.03 -33.58 29.73
CA CYS A 158 -1.32 -34.43 28.75
C CYS A 158 -2.34 -35.35 28.10
N ASN A 159 -3.59 -35.32 28.57
CA ASN A 159 -4.63 -36.11 27.87
C ASN A 159 -5.37 -35.18 26.91
N THR A 160 -5.11 -33.87 26.98
CA THR A 160 -5.35 -32.98 25.81
C THR A 160 -4.06 -32.23 25.50
N SER A 161 -4.13 -30.92 25.28
CA SER A 161 -3.16 -30.17 24.44
C SER A 161 -1.74 -30.26 24.98
N ALA A 162 -0.74 -30.06 24.12
CA ALA A 162 0.59 -29.83 24.65
C ALA A 162 0.70 -28.54 25.42
N ILE A 163 1.39 -28.67 26.56
CA ILE A 163 1.70 -27.53 27.44
C ILE A 163 2.88 -26.81 26.82
N THR A 164 2.84 -25.49 26.78
CA THR A 164 4.03 -24.70 26.43
C THR A 164 4.45 -23.89 27.64
N GLN A 165 5.73 -23.89 27.96
CA GLN A 165 6.19 -23.09 29.09
C GLN A 165 6.27 -21.66 28.65
N ALA A 166 5.76 -20.75 29.41
CA ALA A 166 5.93 -19.37 29.03
C ALA A 166 7.39 -19.02 29.20
N CYS A 167 7.96 -18.17 28.32
CA CYS A 167 9.34 -17.72 28.39
C CYS A 167 9.54 -16.87 29.66
N PRO A 168 10.58 -17.16 30.47
CA PRO A 168 10.87 -16.53 31.75
C PRO A 168 11.22 -15.06 31.64
N LYS A 169 11.59 -14.65 30.44
CA LYS A 169 11.98 -13.28 30.18
C LYS A 169 10.80 -12.40 29.80
N VAL A 170 9.61 -12.99 29.64
CA VAL A 170 8.46 -12.24 29.21
C VAL A 170 7.46 -12.03 30.32
N SER A 171 7.23 -10.78 30.65
CA SER A 171 6.31 -10.40 31.67
C SER A 171 4.91 -10.39 31.12
N PHE A 172 3.92 -10.33 31.98
CA PHE A 172 2.54 -10.23 31.51
C PHE A 172 1.96 -8.90 31.93
N GLU A 173 2.83 -7.94 32.19
CA GLU A 173 2.39 -6.63 32.63
C GLU A 173 1.41 -6.05 31.61
N PRO A 174 0.24 -5.57 32.02
CA PRO A 174 -0.79 -5.04 31.16
C PRO A 174 -0.47 -3.65 30.67
N ILE A 175 0.48 -3.58 29.76
CA ILE A 175 0.93 -2.35 29.16
C ILE A 175 -0.20 -1.80 28.30
N PRO A 176 -0.65 -0.54 28.47
CA PRO A 176 -1.77 0.03 27.77
C PRO A 176 -1.60 0.12 26.27
N ILE A 177 -2.66 -0.22 25.56
CA ILE A 177 -2.71 -0.21 24.11
C ILE A 177 -3.69 0.84 23.62
N HIS A 178 -3.26 1.68 22.69
CA HIS A 178 -4.13 2.71 22.15
C HIS A 178 -4.67 2.24 20.80
N TYR A 179 -5.94 2.51 20.50
CA TYR A 179 -6.46 2.16 19.17
C TYR A 179 -6.69 3.38 18.30
N CYS A 180 -6.00 3.42 17.14
CA CYS A 180 -5.94 4.57 16.23
C CYS A 180 -6.69 4.29 14.92
N ALA A 181 -7.37 5.32 14.43
CA ALA A 181 -8.08 5.20 13.18
C ALA A 181 -7.16 5.41 11.98
N PRO A 182 -7.40 4.74 10.86
CA PRO A 182 -6.74 4.97 9.60
C PRO A 182 -7.24 6.26 8.99
N ALA A 183 -6.48 6.86 8.11
CA ALA A 183 -6.95 8.08 7.49
C ALA A 183 -8.23 7.81 6.75
N GLY A 184 -9.15 8.77 6.81
CA GLY A 184 -10.44 8.65 6.17
C GLY A 184 -11.49 8.25 7.19
N PHE A 185 -11.04 7.90 8.39
CA PHE A 185 -11.87 7.49 9.52
C PHE A 185 -11.58 8.30 10.74
N ALA A 186 -12.54 8.30 11.65
CA ALA A 186 -12.37 9.04 12.89
C ALA A 186 -13.04 8.33 14.02
N ILE A 187 -12.61 8.62 15.25
CA ILE A 187 -13.26 8.01 16.37
C ILE A 187 -13.99 9.06 17.18
N LEU A 188 -15.25 8.82 17.43
CA LEU A 188 -16.02 9.77 18.21
C LEU A 188 -16.06 9.31 19.65
N LYS A 189 -15.89 10.25 20.56
CA LYS A 189 -15.87 9.96 21.98
C LYS A 189 -17.03 10.64 22.71
N CYS A 190 -17.82 9.85 23.48
CA CYS A 190 -18.94 10.35 24.26
C CYS A 190 -18.45 10.85 25.61
N LYS A 191 -18.69 12.13 25.89
CA LYS A 191 -18.23 12.72 27.13
C LYS A 191 -19.33 12.91 28.16
N ASP A 192 -20.48 12.33 27.91
CA ASP A 192 -21.57 12.46 28.85
C ASP A 192 -21.34 11.55 30.05
N LYS A 193 -21.18 12.18 31.21
CA LYS A 193 -20.87 11.55 32.48
C LYS A 193 -21.96 10.59 32.94
N LYS A 194 -23.15 10.76 32.42
CA LYS A 194 -24.28 9.93 32.76
C LYS A 194 -24.56 8.89 31.69
N PHE A 195 -23.70 8.79 30.69
CA PHE A 195 -23.96 7.87 29.61
C PHE A 195 -23.91 6.42 30.08
N ASN A 196 -24.98 5.66 29.77
CA ASN A 196 -25.19 4.26 30.17
C ASN A 196 -24.88 3.23 29.06
N GLY A 197 -24.15 3.63 28.00
CA GLY A 197 -23.72 2.78 26.89
C GLY A 197 -24.55 2.87 25.63
N THR A 198 -25.78 3.36 25.70
CA THR A 198 -26.57 3.45 24.49
C THR A 198 -27.33 4.74 24.32
N GLY A 199 -27.71 4.98 23.08
CA GLY A 199 -28.60 6.08 22.75
C GLY A 199 -27.81 7.35 22.50
N PRO A 200 -28.51 8.46 22.29
CA PRO A 200 -27.94 9.75 21.99
C PRO A 200 -27.01 10.18 23.12
N CYS A 201 -25.92 10.83 22.74
CA CYS A 201 -24.90 11.42 23.58
C CYS A 201 -24.82 12.88 23.14
N PRO A 202 -25.19 13.84 24.00
CA PRO A 202 -25.24 15.27 23.76
C PRO A 202 -23.90 15.95 23.61
N SER A 203 -22.82 15.30 24.01
CA SER A 203 -21.52 15.94 23.90
C SER A 203 -20.51 14.98 23.32
N VAL A 204 -20.23 15.14 22.05
CA VAL A 204 -19.37 14.20 21.37
C VAL A 204 -18.19 14.85 20.73
N SER A 205 -17.01 14.45 21.13
CA SER A 205 -15.79 15.01 20.57
C SER A 205 -15.12 14.07 19.61
N THR A 206 -14.19 14.58 18.83
CA THR A 206 -13.47 13.74 17.88
C THR A 206 -12.05 13.55 18.28
N VAL A 207 -11.61 12.29 18.23
CA VAL A 207 -10.24 11.99 18.54
C VAL A 207 -9.60 11.22 17.41
N GLN A 208 -8.28 11.26 17.44
CA GLN A 208 -7.47 10.52 16.48
C GLN A 208 -7.28 9.05 16.84
N CYS A 209 -7.11 8.78 18.15
CA CYS A 209 -6.75 7.52 18.73
C CYS A 209 -7.32 7.56 20.15
N THR A 210 -7.74 6.40 20.65
CA THR A 210 -8.32 6.28 21.97
C THR A 210 -7.22 6.39 22.96
N HIS A 211 -7.58 6.52 24.23
CA HIS A 211 -6.60 6.56 25.28
C HIS A 211 -6.06 5.16 25.40
N GLY A 212 -4.96 4.98 26.09
CA GLY A 212 -4.49 3.63 26.20
C GLY A 212 -5.35 2.87 27.18
N ILE A 213 -5.65 1.62 26.85
CA ILE A 213 -6.41 0.77 27.72
C ILE A 213 -5.55 -0.38 28.16
N LYS A 214 -5.46 -0.59 29.47
CA LYS A 214 -4.65 -1.67 29.97
C LYS A 214 -5.39 -2.99 29.76
N PRO A 215 -4.80 -3.97 29.06
CA PRO A 215 -5.39 -5.25 28.76
C PRO A 215 -5.30 -6.17 29.96
N VAL A 216 -6.01 -5.81 31.01
CA VAL A 216 -6.01 -6.59 32.22
C VAL A 216 -6.97 -7.73 32.06
N VAL A 217 -6.54 -8.93 32.38
CA VAL A 217 -7.41 -10.08 32.24
C VAL A 217 -7.86 -10.60 33.59
N SER A 218 -9.16 -10.53 33.83
CA SER A 218 -9.75 -10.96 35.09
C SER A 218 -11.19 -11.36 34.86
N THR A 219 -11.79 -12.00 35.86
CA THR A 219 -13.19 -12.40 35.75
C THR A 219 -14.23 -11.52 36.43
N GLN A 220 -14.66 -11.89 37.61
CA GLN A 220 -15.76 -11.19 38.25
C GLN A 220 -15.50 -9.77 38.79
N LEU A 221 -14.26 -9.43 39.09
CA LEU A 221 -13.97 -8.06 39.51
C LEU A 221 -13.01 -7.50 38.50
N LEU A 222 -13.37 -6.34 37.98
CA LEU A 222 -12.57 -5.65 37.00
C LEU A 222 -11.53 -4.87 37.74
N LEU A 223 -10.29 -5.03 37.35
CA LEU A 223 -9.23 -4.34 38.03
C LEU A 223 -8.57 -3.31 37.13
N ASN A 224 -8.09 -2.21 37.74
CA ASN A 224 -7.29 -1.12 37.18
C ASN A 224 -7.91 -0.48 35.92
N GLY A 225 -9.24 -0.30 35.87
CA GLY A 225 -9.95 0.34 34.77
C GLY A 225 -10.29 1.77 35.09
N SER A 226 -11.18 2.33 34.33
CA SER A 226 -11.61 3.69 34.53
C SER A 226 -12.70 3.71 35.57
N LEU A 227 -12.80 4.81 36.30
CA LEU A 227 -13.89 5.01 37.23
C LEU A 227 -14.91 5.94 36.64
N ALA A 228 -16.14 5.80 37.10
CA ALA A 228 -17.21 6.68 36.70
C ALA A 228 -16.89 8.05 37.25
N GLU A 229 -17.25 9.10 36.52
CA GLU A 229 -16.92 10.44 36.99
C GLU A 229 -17.66 10.88 38.24
N GLU A 230 -18.94 10.53 38.35
CA GLU A 230 -19.72 11.01 39.48
C GLU A 230 -20.40 9.95 40.32
N GLU A 231 -21.01 8.96 39.70
CA GLU A 231 -21.84 7.99 40.40
C GLU A 231 -21.68 6.63 39.80
N VAL A 232 -22.07 5.62 40.53
CA VAL A 232 -22.00 4.27 40.02
C VAL A 232 -22.92 4.12 38.83
N ILE A 233 -22.42 3.55 37.75
CA ILE A 233 -23.24 3.40 36.56
C ILE A 233 -23.46 1.97 36.20
N ILE A 234 -24.72 1.61 36.05
CA ILE A 234 -25.04 0.25 35.70
C ILE A 234 -25.40 0.15 34.24
N ARG A 235 -24.61 -0.61 33.48
CA ARG A 235 -24.83 -0.71 32.05
C ARG A 235 -25.16 -2.13 31.63
N SER A 236 -26.24 -2.31 30.91
CA SER A 236 -26.59 -3.65 30.44
C SER A 236 -27.29 -3.58 29.11
N GLU A 237 -27.14 -4.60 28.28
CA GLU A 237 -27.79 -4.60 26.97
C GLU A 237 -29.33 -4.54 27.06
N ASN A 238 -29.90 -5.28 28.01
CA ASN A 238 -31.33 -5.37 28.32
C ASN A 238 -31.43 -5.70 29.82
N ILE A 239 -31.71 -4.70 30.68
CA ILE A 239 -31.66 -4.85 32.15
C ILE A 239 -32.69 -5.84 32.71
N THR A 240 -33.82 -5.99 32.04
CA THR A 240 -34.84 -6.89 32.50
C THR A 240 -34.64 -8.31 31.98
N ASN A 241 -33.63 -8.52 31.16
CA ASN A 241 -33.34 -9.84 30.61
C ASN A 241 -32.27 -10.47 31.48
N ASN A 242 -32.62 -11.48 32.24
CA ASN A 242 -31.68 -12.04 33.20
C ASN A 242 -30.56 -12.84 32.55
N ALA A 243 -30.62 -13.03 31.25
CA ALA A 243 -29.60 -13.76 30.54
C ALA A 243 -28.42 -12.86 30.18
N LYS A 244 -28.55 -11.56 30.43
CA LYS A 244 -27.49 -10.63 30.08
C LYS A 244 -26.62 -10.33 31.28
N ASN A 245 -25.37 -9.97 31.02
CA ASN A 245 -24.50 -9.57 32.12
C ASN A 245 -24.67 -8.09 32.36
N ILE A 246 -24.47 -7.70 33.60
CA ILE A 246 -24.54 -6.32 34.01
C ILE A 246 -23.15 -5.80 34.36
N LEU A 247 -22.73 -4.75 33.70
CA LEU A 247 -21.42 -4.21 33.97
C LEU A 247 -21.59 -3.02 34.88
N VAL A 248 -21.02 -3.09 36.07
CA VAL A 248 -21.21 -1.99 37.00
C VAL A 248 -19.92 -1.24 37.19
N GLN A 249 -19.92 0.02 36.82
CA GLN A 249 -18.72 0.84 36.96
C GLN A 249 -18.80 1.60 38.26
N LEU A 250 -17.73 1.58 39.02
CA LEU A 250 -17.76 2.26 40.30
C LEU A 250 -17.25 3.67 40.13
N ASN A 251 -17.66 4.59 41.00
CA ASN A 251 -17.13 5.95 40.96
C ASN A 251 -16.01 6.16 41.95
N THR A 252 -15.68 5.11 42.69
CA THR A 252 -14.61 5.10 43.65
C THR A 252 -13.92 3.77 43.52
N PRO A 253 -12.62 3.68 43.71
CA PRO A 253 -11.89 2.45 43.68
C PRO A 253 -12.08 1.71 44.98
N VAL A 254 -11.96 0.41 44.96
CA VAL A 254 -11.85 -0.34 46.20
C VAL A 254 -10.49 -0.98 46.19
N GLN A 255 -9.68 -0.72 47.18
CA GLN A 255 -8.35 -1.29 47.13
C GLN A 255 -8.35 -2.73 47.58
N ILE A 256 -7.68 -3.58 46.81
CA ILE A 256 -7.51 -4.99 47.16
C ILE A 256 -6.00 -5.36 47.21
N ASN A 257 -5.56 -5.94 48.35
CA ASN A 257 -4.17 -6.35 48.61
C ASN A 257 -4.04 -7.88 48.56
N CYS A 258 -3.35 -8.42 47.53
CA CYS A 258 -3.23 -9.87 47.32
C CYS A 258 -1.80 -10.35 47.56
N THR A 259 -1.71 -11.52 48.15
CA THR A 259 -0.42 -12.13 48.45
C THR A 259 -0.37 -13.64 48.35
N ARG A 260 0.83 -14.11 48.08
CA ARG A 260 1.18 -15.51 48.06
C ARG A 260 2.36 -15.65 49.03
N PRO A 261 2.07 -15.80 50.34
CA PRO A 261 2.98 -15.70 51.47
C PRO A 261 3.83 -16.94 51.71
N ASN A 262 4.53 -17.38 50.69
CA ASN A 262 5.38 -18.56 50.75
C ASN A 262 6.67 -18.25 50.04
N ASN A 263 7.83 -18.35 50.72
CA ASN A 263 9.14 -18.03 50.14
C ASN A 263 9.64 -19.23 49.33
N ASN A 264 9.51 -19.15 47.99
CA ASN A 264 9.83 -20.26 47.08
C ASN A 264 11.21 -20.18 46.52
N THR A 265 11.79 -21.37 46.33
CA THR A 265 13.07 -21.52 45.69
C THR A 265 12.79 -22.15 44.36
N VAL A 266 13.21 -21.47 43.32
CA VAL A 266 13.00 -21.92 41.96
C VAL A 266 14.27 -22.43 41.35
N LYS A 267 14.23 -23.68 40.88
CA LYS A 267 15.44 -24.26 40.26
C LYS A 267 15.07 -24.61 38.83
N SER A 268 16.08 -24.88 38.02
CA SER A 268 15.88 -25.20 36.64
C SER A 268 16.82 -26.26 36.16
N ILE A 269 16.37 -26.98 35.16
CA ILE A 269 17.13 -28.02 34.50
C ILE A 269 17.07 -27.90 33.01
N ARG A 270 18.00 -28.52 32.32
CA ARG A 270 17.82 -28.59 30.90
C ARG A 270 16.99 -29.82 30.66
N ILE A 271 16.08 -29.76 29.71
CA ILE A 271 15.32 -30.92 29.31
C ILE A 271 15.62 -31.20 27.86
N GLY A 272 16.41 -30.34 27.27
CA GLY A 272 16.78 -30.53 25.89
C GLY A 272 17.92 -29.61 25.47
N PRO A 273 18.20 -29.53 24.19
CA PRO A 273 19.32 -28.83 23.61
C PRO A 273 19.15 -27.34 23.72
N GLY A 274 19.52 -26.81 24.87
CA GLY A 274 19.38 -25.40 25.17
C GLY A 274 17.99 -25.06 25.67
N GLN A 275 17.25 -26.08 26.03
CA GLN A 275 15.88 -25.91 26.49
C GLN A 275 15.75 -26.06 27.98
N ALA A 276 15.50 -24.96 28.67
CA ALA A 276 15.39 -24.97 30.12
C ALA A 276 13.95 -25.04 30.59
N PHE A 277 13.76 -25.81 31.65
CA PHE A 277 12.53 -25.98 32.37
C PHE A 277 12.63 -25.44 33.78
N TYR A 278 11.61 -24.70 34.20
CA TYR A 278 11.62 -24.11 35.54
C TYR A 278 10.59 -24.72 36.44
N TYR A 279 10.97 -24.94 37.70
CA TYR A 279 10.05 -25.63 38.64
C TYR A 279 10.29 -25.15 40.07
N THR A 280 9.28 -25.25 40.93
CA THR A 280 9.48 -24.94 42.32
C THR A 280 10.26 -26.07 42.91
N GLY A 281 11.37 -25.73 43.51
CA GLY A 281 12.26 -26.69 44.10
C GLY A 281 11.77 -26.98 45.49
N ASP A 282 11.63 -25.91 46.29
CA ASP A 282 11.43 -26.06 47.75
C ASP A 282 10.84 -24.77 48.34
N ILE A 283 10.19 -24.91 49.49
CA ILE A 283 9.63 -23.80 50.24
C ILE A 283 10.41 -23.55 51.52
N ILE A 284 10.77 -22.30 51.71
CA ILE A 284 11.50 -21.85 52.86
C ILE A 284 10.48 -21.34 53.85
N GLY A 285 10.47 -21.92 55.02
CA GLY A 285 9.50 -21.52 56.01
C GLY A 285 8.19 -22.27 55.86
N ASP A 286 7.18 -21.76 56.55
CA ASP A 286 5.86 -22.36 56.69
C ASP A 286 5.05 -22.31 55.42
N ILE A 287 4.08 -23.22 55.30
CA ILE A 287 3.18 -23.23 54.16
C ILE A 287 1.80 -22.67 54.51
N ARG A 288 1.46 -21.60 53.81
CA ARG A 288 0.25 -20.84 54.04
C ARG A 288 -0.58 -20.63 52.78
N GLN A 289 -1.87 -20.39 52.95
CA GLN A 289 -2.72 -20.17 51.80
C GLN A 289 -2.64 -18.74 51.29
N ALA A 290 -2.62 -18.60 49.97
CA ALA A 290 -2.63 -17.31 49.31
C ALA A 290 -3.96 -16.65 49.61
N HIS A 291 -3.98 -15.34 49.70
CA HIS A 291 -5.22 -14.66 50.01
C HIS A 291 -5.23 -13.20 49.57
N CYS A 292 -6.42 -12.57 49.53
CA CYS A 292 -6.62 -11.14 49.23
C CYS A 292 -7.41 -10.44 50.34
N ASN A 293 -7.02 -9.22 50.64
CA ASN A 293 -7.66 -8.39 51.65
C ASN A 293 -8.40 -7.20 51.02
N VAL A 294 -9.70 -7.05 51.37
CA VAL A 294 -10.60 -5.96 50.97
C VAL A 294 -11.11 -5.24 52.22
N SER A 295 -10.99 -3.91 52.27
CA SER A 295 -11.44 -3.18 53.46
C SER A 295 -12.92 -3.41 53.67
N LYS A 296 -13.32 -3.78 54.88
CA LYS A 296 -14.73 -4.10 55.07
C LYS A 296 -15.66 -2.92 54.89
N ALA A 297 -15.30 -1.77 55.45
CA ALA A 297 -16.21 -0.65 55.36
C ALA A 297 -16.33 -0.15 53.94
N THR A 298 -15.23 -0.13 53.22
CA THR A 298 -15.23 0.38 51.87
C THR A 298 -16.10 -0.50 51.03
N TRP A 299 -15.95 -1.80 51.20
CA TRP A 299 -16.75 -2.72 50.43
C TRP A 299 -18.25 -2.55 50.69
N ASN A 300 -18.68 -2.40 51.98
CA ASN A 300 -20.11 -2.23 52.30
C ASN A 300 -20.69 -0.95 51.69
N GLU A 301 -19.90 0.18 51.66
CA GLU A 301 -20.30 1.45 51.06
C GLU A 301 -20.47 1.29 49.56
N THR A 302 -19.57 0.52 48.96
CA THR A 302 -19.60 0.28 47.54
C THR A 302 -20.87 -0.44 47.18
N LEU A 303 -21.22 -1.48 47.93
CA LEU A 303 -22.43 -2.17 47.58
C LEU A 303 -23.64 -1.31 47.84
N GLY A 304 -23.64 -0.50 48.89
CA GLY A 304 -24.82 0.30 49.13
C GLY A 304 -25.08 1.20 47.92
N LYS A 305 -24.03 1.76 47.33
CA LYS A 305 -24.22 2.61 46.16
C LYS A 305 -24.76 1.82 44.98
N VAL A 306 -24.28 0.59 44.80
CA VAL A 306 -24.74 -0.23 43.69
C VAL A 306 -26.22 -0.52 43.86
N VAL A 307 -26.64 -0.82 45.08
CA VAL A 307 -28.01 -1.12 45.39
C VAL A 307 -28.91 0.06 45.10
N LYS A 308 -28.50 1.25 45.49
CA LYS A 308 -29.33 2.41 45.22
C LYS A 308 -29.59 2.59 43.73
N GLN A 309 -28.59 2.27 42.91
CA GLN A 309 -28.76 2.41 41.48
C GLN A 309 -29.57 1.24 40.89
N LEU A 310 -29.43 0.04 41.45
CA LEU A 310 -30.21 -1.09 40.95
C LEU A 310 -31.69 -0.84 41.16
N ARG A 311 -32.03 -0.18 42.26
CA ARG A 311 -33.42 0.09 42.58
C ARG A 311 -34.10 1.05 41.61
N LYS A 312 -33.33 1.65 40.69
CA LYS A 312 -33.94 2.51 39.69
C LYS A 312 -34.42 1.71 38.48
N HIS A 313 -34.01 0.44 38.39
CA HIS A 313 -34.39 -0.43 37.29
C HIS A 313 -35.30 -1.53 37.76
N PHE A 314 -35.19 -1.81 39.04
CA PHE A 314 -35.95 -2.85 39.69
C PHE A 314 -36.93 -2.13 40.58
N GLY A 315 -37.74 -2.83 41.34
CA GLY A 315 -38.70 -2.07 42.14
C GLY A 315 -37.93 -1.26 43.17
N ASN A 316 -38.50 -0.13 43.64
CA ASN A 316 -37.88 0.75 44.64
C ASN A 316 -37.97 0.14 46.04
N ASN A 317 -39.20 -0.32 46.44
CA ASN A 317 -39.48 -0.96 47.73
C ASN A 317 -39.23 -2.42 47.56
N THR A 318 -37.97 -2.74 47.36
CA THR A 318 -37.55 -4.09 47.04
C THR A 318 -36.44 -4.58 47.91
N ILE A 319 -36.07 -5.81 47.62
CA ILE A 319 -34.98 -6.48 48.27
C ILE A 319 -33.95 -6.91 47.25
N ILE A 320 -32.72 -6.52 47.49
CA ILE A 320 -31.62 -6.90 46.64
C ILE A 320 -30.65 -7.78 47.38
N ARG A 321 -30.40 -8.93 46.80
CA ARG A 321 -29.54 -9.89 47.44
C ARG A 321 -28.31 -10.20 46.64
N PHE A 322 -27.20 -10.29 47.35
CA PHE A 322 -25.96 -10.69 46.72
C PHE A 322 -25.59 -12.06 47.18
N ALA A 323 -25.16 -12.86 46.23
CA ALA A 323 -24.78 -14.22 46.51
C ALA A 323 -23.62 -14.65 45.64
N GLN A 324 -22.96 -15.71 46.08
CA GLN A 324 -21.85 -16.32 45.37
C GLN A 324 -22.31 -17.06 44.13
N SER A 325 -21.40 -17.28 43.18
CA SER A 325 -21.81 -18.02 41.98
C SER A 325 -22.31 -19.38 42.34
N SER A 326 -23.37 -19.77 41.65
CA SER A 326 -24.03 -21.04 41.85
C SER A 326 -23.34 -22.23 41.21
N GLY A 327 -22.38 -21.98 40.33
CA GLY A 327 -21.75 -23.12 39.67
C GLY A 327 -20.81 -22.75 38.55
N GLY A 328 -20.21 -23.77 37.96
CA GLY A 328 -19.23 -23.61 36.89
C GLY A 328 -17.88 -24.03 37.43
N ASP A 329 -16.87 -24.01 36.57
CA ASP A 329 -15.57 -24.46 37.01
C ASP A 329 -14.82 -23.37 37.75
N LEU A 330 -13.62 -23.69 38.22
CA LEU A 330 -12.83 -22.74 39.00
C LEU A 330 -12.55 -21.47 38.24
N GLU A 331 -12.39 -21.58 36.94
CA GLU A 331 -12.09 -20.46 36.08
C GLU A 331 -13.18 -19.38 36.03
N VAL A 332 -14.41 -19.72 36.40
CA VAL A 332 -15.50 -18.74 36.39
C VAL A 332 -16.17 -18.53 37.75
N THR A 333 -15.92 -19.41 38.73
CA THR A 333 -16.57 -19.27 40.03
C THR A 333 -15.73 -18.47 41.01
N THR A 334 -14.56 -18.11 40.58
CA THR A 334 -13.62 -17.35 41.38
C THR A 334 -13.17 -16.11 40.67
N HIS A 335 -12.41 -15.32 41.38
CA HIS A 335 -11.85 -14.13 40.84
C HIS A 335 -10.48 -14.46 40.33
N SER A 336 -10.37 -14.52 39.02
CA SER A 336 -9.12 -14.87 38.42
C SER A 336 -8.36 -13.64 38.05
N PHE A 337 -7.08 -13.64 38.36
CA PHE A 337 -6.19 -12.55 37.97
C PHE A 337 -4.72 -12.92 38.00
N ASN A 338 -3.92 -12.14 37.30
CA ASN A 338 -2.47 -12.25 37.30
C ASN A 338 -1.85 -11.27 38.30
N CYS A 339 -1.17 -11.79 39.35
CA CYS A 339 -0.54 -11.01 40.42
C CYS A 339 0.95 -11.29 40.42
N GLY A 340 1.70 -10.40 39.79
CA GLY A 340 3.14 -10.56 39.74
C GLY A 340 3.61 -11.72 38.89
N GLY A 341 2.81 -12.18 37.94
CA GLY A 341 3.17 -13.33 37.14
C GLY A 341 2.52 -14.63 37.62
N GLU A 342 1.95 -14.66 38.82
CA GLU A 342 1.28 -15.88 39.26
C GLU A 342 -0.21 -15.78 38.99
N PHE A 343 -0.83 -16.91 38.78
CA PHE A 343 -2.25 -16.92 38.50
C PHE A 343 -3.09 -17.40 39.67
N PHE A 344 -3.87 -16.45 40.19
CA PHE A 344 -4.73 -16.60 41.35
C PHE A 344 -6.17 -16.85 40.98
N TYR A 345 -6.82 -17.69 41.77
CA TYR A 345 -8.25 -18.03 41.68
C TYR A 345 -8.90 -17.86 43.08
N CYS A 346 -9.36 -16.63 43.41
CA CYS A 346 -9.81 -16.24 44.75
C CYS A 346 -11.30 -16.42 44.96
N ASN A 347 -11.65 -16.86 46.15
CA ASN A 347 -13.04 -17.07 46.54
C ASN A 347 -13.65 -15.77 47.09
N THR A 348 -14.64 -15.22 46.36
CA THR A 348 -15.33 -13.96 46.60
C THR A 348 -16.61 -14.11 47.37
N SER A 349 -16.87 -15.29 47.92
CA SER A 349 -18.09 -15.48 48.70
C SER A 349 -18.10 -14.59 49.92
N GLY A 350 -16.93 -14.10 50.32
CA GLY A 350 -16.80 -13.20 51.45
C GLY A 350 -17.20 -11.78 51.08
N LEU A 351 -17.35 -11.51 49.79
CA LEU A 351 -17.73 -10.19 49.30
C LEU A 351 -19.21 -10.12 48.93
N PHE A 352 -19.75 -11.23 48.46
CA PHE A 352 -21.14 -11.24 48.00
C PHE A 352 -22.02 -12.19 48.78
N ASN A 353 -22.28 -11.84 50.06
CA ASN A 353 -23.07 -12.63 51.01
C ASN A 353 -23.87 -11.66 51.91
N SER A 354 -24.91 -11.00 51.33
CA SER A 354 -25.74 -10.01 52.07
C SER A 354 -27.08 -9.75 51.43
N THR A 355 -28.02 -9.26 52.23
CA THR A 355 -29.30 -8.85 51.70
C THR A 355 -29.58 -7.42 52.11
N TRP A 356 -29.91 -6.59 51.13
CA TRP A 356 -30.21 -5.19 51.31
C TRP A 356 -31.71 -4.98 51.19
N ILE A 357 -32.33 -4.50 52.26
CA ILE A 357 -33.78 -4.35 52.25
C ILE A 357 -34.22 -2.89 52.32
N SER A 358 -35.05 -2.43 51.35
CA SER A 358 -35.65 -1.09 51.19
C SER A 358 -35.14 -0.01 52.19
N ASN A 371 -10.74 -0.59 61.45
CA ASN A 371 -10.00 -0.96 60.25
C ASN A 371 -10.01 -2.50 60.05
N ASP A 372 -11.23 -3.09 60.01
CA ASP A 372 -11.51 -4.51 59.80
C ASP A 372 -11.42 -4.86 58.31
N SER A 373 -11.25 -6.14 58.01
CA SER A 373 -11.13 -6.55 56.61
C SER A 373 -11.71 -7.90 56.29
N ILE A 374 -12.00 -8.08 55.02
CA ILE A 374 -12.50 -9.31 54.50
C ILE A 374 -11.36 -10.05 53.85
N THR A 375 -11.10 -11.28 54.30
CA THR A 375 -10.02 -12.04 53.71
C THR A 375 -10.60 -13.08 52.80
N LEU A 376 -10.14 -13.09 51.58
CA LEU A 376 -10.57 -14.01 50.57
C LEU A 376 -9.48 -15.05 50.40
N PRO A 377 -9.73 -16.35 50.62
CA PRO A 377 -8.73 -17.38 50.43
C PRO A 377 -8.55 -17.49 48.93
N CYS A 378 -7.33 -17.83 48.45
CA CYS A 378 -7.01 -17.98 47.03
C CYS A 378 -6.27 -19.27 46.70
N ARG A 379 -6.59 -19.80 45.54
CA ARG A 379 -5.91 -20.97 45.00
C ARG A 379 -4.94 -20.53 43.91
N ILE A 380 -3.88 -21.30 43.72
CA ILE A 380 -2.88 -20.98 42.70
C ILE A 380 -2.75 -22.11 41.69
N LYS A 381 -2.68 -21.78 40.40
CA LYS A 381 -2.45 -22.83 39.38
C LYS A 381 -1.30 -22.45 38.50
N GLN A 382 -0.50 -23.43 38.10
CA GLN A 382 0.57 -23.15 37.17
C GLN A 382 0.18 -23.49 35.74
N ILE A 383 -0.70 -24.46 35.53
CA ILE A 383 -1.06 -24.80 34.12
C ILE A 383 -2.44 -24.22 33.82
N ILE A 384 -2.49 -23.17 32.97
CA ILE A 384 -3.69 -22.42 32.70
C ILE A 384 -4.05 -22.42 31.23
N ASN A 385 -5.29 -22.00 30.95
CA ASN A 385 -5.84 -22.00 29.57
C ASN A 385 -6.04 -20.58 29.05
N MET A 386 -6.03 -19.58 29.94
CA MET A 386 -6.25 -18.14 29.63
C MET A 386 -7.54 -17.78 28.95
N TRP A 387 -7.69 -18.25 27.75
CA TRP A 387 -8.84 -17.93 26.96
C TRP A 387 -9.72 -19.13 27.02
N GLN A 388 -11.00 -18.98 26.75
CA GLN A 388 -11.84 -20.16 26.81
C GLN A 388 -11.69 -21.00 25.57
N ARG A 389 -10.60 -21.74 25.53
CA ARG A 389 -10.22 -22.57 24.42
C ARG A 389 -9.86 -23.95 24.92
N ILE A 390 -9.92 -24.92 24.02
CA ILE A 390 -9.62 -26.30 24.33
C ILE A 390 -8.22 -26.77 23.93
N GLY A 391 -7.75 -26.31 22.77
CA GLY A 391 -6.54 -26.82 22.16
C GLY A 391 -5.20 -26.22 22.60
N GLN A 392 -5.19 -25.41 23.64
CA GLN A 392 -3.95 -24.82 24.11
C GLN A 392 -3.79 -24.97 25.60
N ALA A 393 -2.55 -25.11 26.04
CA ALA A 393 -2.30 -24.98 27.48
C ALA A 393 -1.00 -24.22 27.65
N MET A 394 -0.82 -23.62 28.80
CA MET A 394 0.43 -22.94 29.10
C MET A 394 0.87 -23.15 30.53
N TYR A 395 2.18 -23.31 30.72
CA TYR A 395 2.74 -23.46 32.05
C TYR A 395 3.46 -22.21 32.48
N ALA A 396 3.00 -21.65 33.58
CA ALA A 396 3.60 -20.44 34.08
C ALA A 396 4.74 -20.82 35.01
N PRO A 397 5.99 -20.43 34.74
CA PRO A 397 7.09 -20.76 35.59
C PRO A 397 6.75 -20.16 36.92
N PRO A 398 7.12 -20.78 38.03
CA PRO A 398 6.93 -20.30 39.36
C PRO A 398 7.86 -19.16 39.62
N ILE A 399 7.47 -18.29 40.53
CA ILE A 399 8.32 -17.17 40.88
C ILE A 399 8.97 -17.22 42.26
N GLN A 400 10.28 -17.02 42.22
CA GLN A 400 11.20 -16.98 43.35
C GLN A 400 10.82 -15.94 44.39
N GLY A 401 10.82 -16.32 45.66
CA GLY A 401 10.47 -15.37 46.71
C GLY A 401 8.99 -15.39 47.03
N VAL A 402 8.51 -14.22 47.46
CA VAL A 402 7.14 -13.99 47.96
C VAL A 402 6.48 -12.91 47.11
N ILE A 403 5.23 -13.13 46.73
CA ILE A 403 4.53 -12.13 45.91
C ILE A 403 3.45 -11.35 46.59
N ARG A 404 3.51 -10.05 46.37
CA ARG A 404 2.49 -9.12 46.84
C ARG A 404 2.16 -8.17 45.69
N CYS A 405 0.86 -7.79 45.55
CA CYS A 405 0.40 -6.80 44.57
C CYS A 405 -0.82 -6.08 45.16
N VAL A 406 -0.97 -4.84 44.74
CA VAL A 406 -2.14 -4.05 45.13
C VAL A 406 -2.82 -3.56 43.89
N SER A 407 -4.10 -3.85 43.79
CA SER A 407 -4.88 -3.44 42.64
C SER A 407 -6.10 -2.63 43.06
N ASN A 408 -6.69 -1.87 42.11
CA ASN A 408 -7.93 -1.12 42.29
C ASN A 408 -9.11 -1.85 41.64
N ILE A 409 -10.20 -2.11 42.40
CA ILE A 409 -11.43 -2.69 41.87
C ILE A 409 -12.18 -1.49 41.33
N THR A 410 -12.44 -1.50 40.04
CA THR A 410 -13.06 -0.37 39.37
C THR A 410 -14.43 -0.70 38.83
N GLY A 411 -14.82 -1.95 38.98
CA GLY A 411 -16.10 -2.39 38.49
C GLY A 411 -16.35 -3.84 38.77
N LEU A 412 -17.61 -4.21 38.71
CA LEU A 412 -18.06 -5.55 39.00
C LEU A 412 -18.78 -6.14 37.81
N ILE A 413 -18.73 -7.46 37.62
CA ILE A 413 -19.63 -8.03 36.62
C ILE A 413 -20.64 -8.88 37.33
N LEU A 414 -21.91 -8.51 37.21
CA LEU A 414 -22.99 -9.20 37.89
C LEU A 414 -23.96 -9.86 36.94
N THR A 415 -24.60 -10.91 37.41
CA THR A 415 -25.65 -11.56 36.66
C THR A 415 -26.84 -11.56 37.57
N ARG A 416 -28.03 -11.81 37.04
CA ARG A 416 -29.22 -11.83 37.88
C ARG A 416 -29.98 -13.14 37.68
N ASP A 417 -30.56 -13.70 38.77
CA ASP A 417 -31.37 -14.92 38.77
C ASP A 417 -32.65 -14.70 37.93
N THR A 424 -41.21 -11.37 45.20
CA THR A 424 -40.20 -10.37 44.88
C THR A 424 -38.81 -10.91 45.31
N THR A 425 -37.82 -10.00 45.38
CA THR A 425 -36.39 -10.15 45.71
C THR A 425 -35.54 -10.51 44.50
N GLU A 426 -34.70 -9.57 44.13
CA GLU A 426 -33.82 -9.77 43.00
C GLU A 426 -32.48 -10.23 43.53
N THR A 427 -31.97 -11.31 42.98
CA THR A 427 -30.69 -11.85 43.43
C THR A 427 -29.66 -11.73 42.34
N PHE A 428 -28.52 -11.17 42.72
CA PHE A 428 -27.41 -10.93 41.85
C PHE A 428 -26.20 -11.75 42.26
N ARG A 429 -25.46 -12.22 41.29
CA ARG A 429 -24.29 -13.02 41.56
C ARG A 429 -23.14 -12.55 40.69
N PRO A 430 -21.90 -12.71 41.09
CA PRO A 430 -20.75 -12.44 40.25
C PRO A 430 -20.74 -13.31 39.01
N GLY A 431 -20.32 -12.72 37.90
CA GLY A 431 -20.19 -13.40 36.60
C GLY A 431 -18.84 -13.03 35.97
N GLY A 432 -18.85 -12.65 34.69
CA GLY A 432 -17.61 -12.24 34.03
C GLY A 432 -16.80 -13.29 33.28
N GLY A 433 -17.36 -14.46 33.01
CA GLY A 433 -16.59 -15.48 32.28
C GLY A 433 -16.14 -15.06 30.86
N ASP A 434 -16.95 -14.23 30.18
CA ASP A 434 -16.67 -13.77 28.81
C ASP A 434 -15.83 -12.50 28.78
N MET A 435 -14.60 -12.62 28.31
CA MET A 435 -13.62 -11.55 28.30
C MET A 435 -13.99 -10.30 27.55
N ARG A 436 -14.90 -10.41 26.61
CA ARG A 436 -15.23 -9.22 25.86
C ARG A 436 -15.92 -8.22 26.74
N ASP A 437 -16.47 -8.65 27.87
CA ASP A 437 -17.11 -7.73 28.77
C ASP A 437 -16.10 -6.81 29.40
N ASN A 438 -14.87 -7.29 29.56
CA ASN A 438 -13.93 -6.44 30.23
C ASN A 438 -13.57 -5.35 29.28
N TRP A 439 -13.44 -5.70 28.03
CA TRP A 439 -13.04 -4.69 27.08
C TRP A 439 -14.16 -3.71 26.78
N ARG A 440 -15.41 -4.17 26.85
CA ARG A 440 -16.52 -3.26 26.64
C ARG A 440 -16.55 -2.18 27.71
N SER A 441 -16.13 -2.51 28.92
CA SER A 441 -16.19 -1.55 30.01
C SER A 441 -15.25 -0.36 29.79
N GLU A 442 -14.30 -0.47 28.86
CA GLU A 442 -13.42 0.64 28.57
C GLU A 442 -13.73 1.26 27.20
N LEU A 443 -14.18 0.45 26.24
CA LEU A 443 -14.46 0.93 24.90
C LEU A 443 -15.86 1.45 24.68
N TYR A 444 -16.72 1.39 25.68
CA TYR A 444 -18.10 1.84 25.54
C TYR A 444 -18.26 3.28 25.11
N LYS A 445 -17.30 4.14 25.35
CA LYS A 445 -17.48 5.53 24.97
C LYS A 445 -16.97 5.84 23.58
N TYR A 446 -16.43 4.86 22.87
CA TYR A 446 -15.90 5.15 21.55
C TYR A 446 -16.71 4.56 20.39
N LYS A 447 -16.82 5.33 19.32
CA LYS A 447 -17.48 4.88 18.11
C LYS A 447 -16.64 5.14 16.87
N VAL A 448 -16.65 4.22 15.92
CA VAL A 448 -15.91 4.45 14.67
C VAL A 448 -16.81 4.89 13.53
N VAL A 449 -16.44 5.98 12.88
CA VAL A 449 -17.20 6.46 11.75
C VAL A 449 -16.30 6.69 10.56
N LYS A 450 -16.90 6.65 9.37
CA LYS A 450 -16.23 6.92 8.12
C LYS A 450 -16.54 8.32 7.68
N ILE A 451 -15.55 9.01 7.16
CA ILE A 451 -15.76 10.35 6.68
C ILE A 451 -16.25 10.30 5.25
N GLU A 452 -17.31 11.05 4.97
CA GLU A 452 -17.91 11.12 3.65
C GLU A 452 -17.88 12.57 3.16
N PRO A 453 -16.75 13.04 2.65
CA PRO A 453 -16.46 14.42 2.32
C PRO A 453 -17.17 14.97 1.11
N LEU A 454 -17.79 14.13 0.31
CA LEU A 454 -18.39 14.65 -0.90
C LEU A 454 -19.89 14.74 -0.81
N GLY A 455 -20.46 15.87 -1.22
CA GLY A 455 -21.91 16.00 -1.21
C GLY A 455 -22.38 17.22 -2.00
N VAL A 456 -23.69 17.37 -2.12
CA VAL A 456 -24.22 18.47 -2.91
C VAL A 456 -25.27 19.26 -2.16
N ALA A 457 -25.52 20.49 -2.61
CA ALA A 457 -26.59 21.34 -2.09
C ALA A 457 -26.95 22.39 -3.14
N PRO A 458 -28.18 22.90 -3.19
CA PRO A 458 -28.57 23.96 -4.09
C PRO A 458 -28.00 25.30 -3.72
N THR A 459 -27.40 25.97 -4.70
CA THR A 459 -26.88 27.34 -4.51
C THR A 459 -27.23 28.12 -5.77
N ARG A 460 -27.42 29.42 -5.65
CA ARG A 460 -27.90 30.23 -6.80
C ARG A 460 -26.67 30.55 -7.65
N CYS A 461 -26.21 29.60 -8.44
CA CYS A 461 -24.87 29.73 -9.05
C CYS A 461 -24.65 28.67 -10.12
N LYS A 462 -24.50 29.11 -11.37
CA LYS A 462 -24.51 28.23 -12.56
C LYS A 462 -23.34 28.63 -13.43
N ARG A 463 -22.57 27.64 -13.88
CA ARG A 463 -21.39 27.81 -14.77
C ARG A 463 -21.67 28.85 -15.89
N LEU B 9 -11.84 25.02 15.13
CA LEU B 9 -11.00 25.22 13.94
C LEU B 9 -10.32 23.93 13.41
N GLY B 10 -10.46 22.79 14.12
CA GLY B 10 -9.86 21.51 13.74
C GLY B 10 -10.80 20.64 12.93
N PHE B 11 -10.35 19.42 12.67
CA PHE B 11 -11.09 18.45 11.90
C PHE B 11 -12.46 18.16 12.49
N LEU B 12 -13.48 18.34 11.65
CA LEU B 12 -14.88 18.16 11.98
C LEU B 12 -15.38 19.10 13.04
N GLY B 13 -14.62 20.15 13.33
CA GLY B 13 -15.05 21.11 14.32
C GLY B 13 -16.35 21.77 13.92
N ALA B 14 -16.53 21.92 12.62
CA ALA B 14 -17.69 22.55 12.03
C ALA B 14 -18.84 21.59 11.83
N ALA B 15 -18.71 20.34 12.23
CA ALA B 15 -19.78 19.39 11.97
C ALA B 15 -21.10 19.82 12.58
N GLY B 16 -21.09 20.50 13.71
CA GLY B 16 -22.34 20.93 14.31
C GLY B 16 -22.78 22.32 13.85
N SER B 17 -22.03 22.94 12.96
CA SER B 17 -22.30 24.29 12.50
C SER B 17 -23.19 24.25 11.28
N THR B 18 -23.74 25.42 10.95
CA THR B 18 -24.63 25.53 9.78
C THR B 18 -23.84 25.38 8.50
N MET B 19 -24.46 24.85 7.45
CA MET B 19 -23.82 24.66 6.16
C MET B 19 -23.13 25.89 5.64
N GLY B 20 -23.72 27.05 5.86
CA GLY B 20 -23.18 28.30 5.39
C GLY B 20 -21.90 28.69 6.11
N ALA B 21 -21.59 28.05 7.23
CA ALA B 21 -20.38 28.33 7.97
C ALA B 21 -19.36 27.24 7.72
N ALA B 22 -19.85 26.02 7.72
CA ALA B 22 -19.05 24.82 7.60
C ALA B 22 -18.31 24.79 6.29
N SER B 23 -18.90 25.36 5.26
CA SER B 23 -18.32 25.39 3.92
C SER B 23 -16.98 26.12 3.89
N MET B 24 -16.63 26.86 4.93
CA MET B 24 -15.36 27.56 4.97
C MET B 24 -14.21 26.71 5.51
N THR B 25 -14.49 25.45 5.87
CA THR B 25 -13.48 24.56 6.44
C THR B 25 -13.23 23.36 5.53
N LEU B 26 -13.55 23.48 4.26
CA LEU B 26 -13.41 22.33 3.39
C LEU B 26 -11.97 21.82 3.32
N THR B 27 -10.97 22.69 3.45
CA THR B 27 -9.60 22.23 3.38
C THR B 27 -9.19 21.53 4.65
N VAL B 28 -9.91 21.74 5.74
CA VAL B 28 -9.55 21.15 6.99
C VAL B 28 -9.83 19.67 6.91
N GLN B 29 -11.00 19.35 6.37
CA GLN B 29 -11.34 17.95 6.24
C GLN B 29 -10.61 17.31 5.08
N ALA B 30 -10.41 18.02 3.98
CA ALA B 30 -9.74 17.39 2.85
C ALA B 30 -8.35 16.89 3.22
N ARG B 31 -7.64 17.61 4.07
CA ARG B 31 -6.29 17.23 4.42
C ARG B 31 -6.21 16.06 5.40
N ASN B 32 -7.34 15.61 5.90
CA ASN B 32 -7.36 14.48 6.82
C ASN B 32 -7.83 13.20 6.14
N LEU B 33 -7.90 13.23 4.81
CA LEU B 33 -8.30 12.03 4.11
C LEU B 33 -7.09 11.16 3.79
N LEU B 34 -5.91 11.77 3.71
CA LEU B 34 -4.70 11.03 3.41
C LEU B 34 -3.74 11.12 4.60
N SER B 35 -3.27 9.96 5.13
CA SER B 35 -2.37 9.81 6.30
C SER B 35 -2.68 10.82 7.42
N HIS B 59 -0.95 -13.02 9.24
CA HIS B 59 0.36 -12.38 9.38
C HIS B 59 0.13 -10.94 9.89
N TRP B 60 0.93 -10.52 10.89
CA TRP B 60 0.83 -9.20 11.50
C TRP B 60 1.34 -8.14 10.54
N GLY B 61 0.65 -7.02 10.45
CA GLY B 61 1.06 -5.95 9.58
C GLY B 61 0.27 -5.96 8.29
N ILE B 62 -0.45 -7.05 8.03
CA ILE B 62 -1.21 -7.10 6.81
C ILE B 62 -2.47 -6.29 6.97
N LYS B 63 -3.12 -6.37 8.13
CA LYS B 63 -4.32 -5.58 8.26
C LYS B 63 -3.99 -4.09 8.19
N GLN B 64 -2.76 -3.69 8.56
CA GLN B 64 -2.38 -2.31 8.45
C GLN B 64 -2.21 -1.95 6.99
N LEU B 65 -1.64 -2.84 6.19
CA LEU B 65 -1.55 -2.52 4.77
C LEU B 65 -2.91 -2.44 4.17
N GLN B 66 -3.85 -3.28 4.61
CA GLN B 66 -5.18 -3.22 4.03
C GLN B 66 -5.81 -1.90 4.34
N ALA B 67 -5.64 -1.40 5.56
CA ALA B 67 -6.21 -0.12 5.90
C ALA B 67 -5.59 1.00 5.09
N ARG B 68 -4.30 0.94 4.83
CA ARG B 68 -3.68 1.99 4.06
C ARG B 68 -4.12 1.95 2.61
N VAL B 69 -4.26 0.77 2.06
CA VAL B 69 -4.68 0.64 0.69
C VAL B 69 -6.10 1.13 0.52
N LEU B 70 -7.00 0.78 1.43
CA LEU B 70 -8.35 1.26 1.21
C LEU B 70 -8.44 2.75 1.42
N ALA B 71 -7.63 3.35 2.31
CA ALA B 71 -7.74 4.79 2.43
C ALA B 71 -7.43 5.43 1.08
N VAL B 72 -6.43 4.89 0.39
CA VAL B 72 -6.08 5.40 -0.91
C VAL B 72 -7.18 5.13 -1.92
N GLU B 73 -7.74 3.94 -1.95
CA GLU B 73 -8.77 3.68 -2.94
C GLU B 73 -9.98 4.57 -2.76
N HIS B 74 -10.38 4.85 -1.52
CA HIS B 74 -11.55 5.70 -1.34
C HIS B 74 -11.23 7.10 -1.82
N TYR B 75 -10.04 7.58 -1.52
CA TYR B 75 -9.64 8.89 -1.96
C TYR B 75 -9.70 8.99 -3.46
N LEU B 76 -9.15 8.00 -4.15
CA LEU B 76 -9.12 8.05 -5.59
C LEU B 76 -10.50 7.99 -6.18
N ARG B 77 -11.42 7.23 -5.61
CA ARG B 77 -12.74 7.24 -6.19
C ARG B 77 -13.39 8.60 -6.10
N ASP B 78 -13.19 9.32 -5.00
CA ASP B 78 -13.81 10.64 -4.96
C ASP B 78 -13.16 11.55 -5.99
N GLN B 79 -11.86 11.43 -6.17
CA GLN B 79 -11.24 12.30 -7.15
C GLN B 79 -11.64 11.94 -8.56
N GLN B 80 -11.82 10.65 -8.84
CA GLN B 80 -12.22 10.27 -10.17
C GLN B 80 -13.59 10.82 -10.47
N LEU B 81 -14.47 10.78 -9.49
CA LEU B 81 -15.81 11.23 -9.70
C LEU B 81 -15.85 12.73 -9.93
N LEU B 82 -15.04 13.49 -9.20
CA LEU B 82 -15.01 14.91 -9.44
C LEU B 82 -14.49 15.15 -10.85
N GLY B 83 -13.53 14.35 -11.29
CA GLY B 83 -13.03 14.50 -12.65
C GLY B 83 -14.14 14.26 -13.68
N ILE B 84 -14.93 13.22 -13.48
CA ILE B 84 -16.00 12.89 -14.41
C ILE B 84 -17.00 14.01 -14.54
N TRP B 85 -17.33 14.63 -13.43
CA TRP B 85 -18.27 15.75 -13.40
C TRP B 85 -17.70 17.07 -13.86
N GLY B 86 -16.40 17.13 -14.14
CA GLY B 86 -15.76 18.41 -14.50
C GLY B 86 -15.44 19.34 -13.32
N CYS B 87 -15.25 18.79 -12.10
CA CYS B 87 -14.98 19.47 -10.84
C CYS B 87 -13.56 19.20 -10.37
N SER B 88 -12.71 18.72 -11.26
CA SER B 88 -11.37 18.40 -10.86
C SER B 88 -10.60 19.62 -10.41
N GLY B 89 -9.85 19.47 -9.34
CA GLY B 89 -8.97 20.52 -8.86
C GLY B 89 -9.63 21.58 -8.00
N LYS B 90 -10.90 21.44 -7.68
CA LYS B 90 -11.57 22.47 -6.88
C LYS B 90 -12.42 21.91 -5.77
N LEU B 91 -12.58 22.68 -4.69
CA LEU B 91 -13.41 22.21 -3.60
C LEU B 91 -14.86 22.65 -3.74
N ILE B 92 -15.11 23.79 -4.37
CA ILE B 92 -16.46 24.26 -4.58
C ILE B 92 -16.74 24.35 -6.08
N CYS B 93 -17.60 23.45 -6.61
CA CYS B 93 -17.86 23.32 -8.05
C CYS B 93 -19.31 23.61 -8.43
N CYS B 94 -19.47 24.63 -9.24
CA CYS B 94 -20.79 24.99 -9.71
C CYS B 94 -20.98 24.17 -10.96
N THR B 95 -22.22 23.77 -11.24
CA THR B 95 -22.54 22.96 -12.39
C THR B 95 -23.69 23.56 -13.17
N ASN B 96 -24.11 22.86 -14.22
CA ASN B 96 -25.27 23.25 -15.02
C ASN B 96 -26.50 22.38 -14.79
N VAL B 97 -26.52 21.61 -13.71
CA VAL B 97 -27.68 20.79 -13.43
C VAL B 97 -28.60 21.54 -12.49
N PRO B 98 -29.94 21.73 -12.81
CA PRO B 98 -30.87 22.44 -11.91
C PRO B 98 -31.50 21.61 -10.78
N TRP B 99 -31.95 22.28 -9.69
CA TRP B 99 -32.40 21.55 -8.48
C TRP B 99 -33.90 21.28 -8.58
N ASN B 100 -34.26 20.09 -9.08
CA ASN B 100 -35.67 19.63 -9.10
C ASN B 100 -36.20 19.65 -7.67
N SER B 101 -37.20 20.49 -7.42
CA SER B 101 -37.69 20.78 -6.05
C SER B 101 -38.09 19.48 -5.35
N SER B 102 -38.40 18.43 -6.11
CA SER B 102 -38.84 17.14 -5.52
C SER B 102 -37.70 16.50 -4.73
N TRP B 103 -36.48 17.05 -4.82
CA TRP B 103 -35.36 16.53 -4.00
C TRP B 103 -35.41 17.16 -2.61
N SER B 104 -35.49 18.49 -2.53
CA SER B 104 -35.77 19.17 -1.25
C SER B 104 -36.30 20.59 -1.52
N ASN B 105 -37.57 20.82 -1.24
CA ASN B 105 -38.25 22.09 -1.61
C ASN B 105 -38.01 23.13 -0.52
N ARG B 106 -36.87 23.06 0.16
CA ARG B 106 -36.55 24.04 1.23
C ARG B 106 -35.80 25.21 0.60
N ASN B 107 -35.75 26.35 1.27
CA ASN B 107 -35.32 27.60 0.61
C ASN B 107 -33.93 27.99 1.11
N LEU B 108 -33.26 28.95 0.48
CA LEU B 108 -31.80 29.11 0.69
C LEU B 108 -31.49 29.92 1.95
N SER B 109 -32.49 30.08 2.82
CA SER B 109 -32.25 30.73 4.14
C SER B 109 -32.51 29.63 5.16
N GLU B 110 -32.97 28.46 4.70
CA GLU B 110 -33.20 27.31 5.60
C GLU B 110 -32.06 26.31 5.38
N ILE B 111 -31.86 25.91 4.13
CA ILE B 111 -30.78 24.94 3.81
C ILE B 111 -29.46 25.51 4.35
N TRP B 112 -29.16 26.79 4.10
CA TRP B 112 -27.79 27.26 4.46
C TRP B 112 -27.70 27.92 5.83
N ASP B 113 -28.80 28.38 6.43
CA ASP B 113 -28.62 29.08 7.74
C ASP B 113 -29.22 28.29 8.90
N ASN B 114 -30.03 27.26 8.63
CA ASN B 114 -30.73 26.59 9.76
C ASN B 114 -30.47 25.07 9.76
N MET B 115 -29.61 24.57 8.88
CA MET B 115 -29.42 23.10 8.79
C MET B 115 -27.93 22.76 8.80
N THR B 116 -27.54 21.69 9.50
CA THR B 116 -26.11 21.26 9.53
C THR B 116 -25.89 20.22 8.43
N TRP B 117 -24.67 20.11 7.90
CA TRP B 117 -24.44 19.19 6.80
C TRP B 117 -24.88 17.79 7.10
N LEU B 118 -24.84 17.39 8.36
CA LEU B 118 -25.27 16.05 8.68
C LEU B 118 -26.76 15.94 8.46
N GLN B 119 -27.53 16.94 8.86
CA GLN B 119 -29.00 16.85 8.68
C GLN B 119 -29.32 16.92 7.18
N TRP B 120 -28.62 17.75 6.42
CA TRP B 120 -28.87 17.84 5.01
C TRP B 120 -28.57 16.54 4.33
N ASP B 121 -27.46 15.92 4.67
CA ASP B 121 -27.14 14.68 4.01
C ASP B 121 -28.22 13.67 4.26
N LYS B 122 -28.78 13.63 5.46
CA LYS B 122 -29.84 12.67 5.67
C LYS B 122 -31.08 13.03 4.85
N GLU B 123 -31.43 14.31 4.82
CA GLU B 123 -32.68 14.71 4.11
C GLU B 123 -32.66 14.17 2.68
N ILE B 124 -31.56 14.40 1.96
CA ILE B 124 -31.43 14.09 0.50
C ILE B 124 -30.48 12.93 0.27
N SER B 125 -30.59 11.85 1.04
CA SER B 125 -29.70 10.68 0.80
C SER B 125 -30.36 9.76 -0.20
N ASN B 126 -31.69 9.76 -0.26
CA ASN B 126 -32.38 8.85 -1.19
C ASN B 126 -32.06 9.27 -2.62
N TYR B 127 -32.08 10.58 -2.89
CA TYR B 127 -32.11 11.06 -4.28
C TYR B 127 -30.69 11.36 -4.74
N THR B 128 -29.70 10.61 -4.26
CA THR B 128 -28.29 10.97 -4.51
C THR B 128 -27.85 10.34 -5.84
N GLN B 129 -28.12 9.05 -6.03
CA GLN B 129 -27.67 8.40 -7.27
C GLN B 129 -28.56 8.81 -8.44
N ILE B 130 -29.38 9.84 -8.27
CA ILE B 130 -30.01 10.52 -9.37
C ILE B 130 -29.19 11.73 -9.71
N ILE B 131 -28.80 12.47 -8.69
CA ILE B 131 -28.05 13.67 -8.90
C ILE B 131 -26.72 13.35 -9.50
N TYR B 132 -26.05 12.31 -9.01
CA TYR B 132 -24.76 11.99 -9.56
C TYR B 132 -24.89 11.61 -11.02
N GLY B 133 -25.94 10.86 -11.38
CA GLY B 133 -26.13 10.50 -12.76
C GLY B 133 -26.34 11.74 -13.64
N LEU B 134 -27.11 12.71 -13.15
CA LEU B 134 -27.33 13.91 -13.91
C LEU B 134 -26.07 14.71 -14.09
N LEU B 135 -25.23 14.78 -13.07
CA LEU B 135 -24.01 15.53 -13.19
C LEU B 135 -23.12 14.92 -14.26
N GLU B 136 -23.04 13.60 -14.31
CA GLU B 136 -22.24 12.95 -15.33
C GLU B 136 -22.77 13.24 -16.72
N GLU B 137 -24.07 13.20 -16.90
CA GLU B 137 -24.62 13.45 -18.21
C GLU B 137 -24.37 14.87 -18.65
N SER B 138 -24.48 15.81 -17.73
CA SER B 138 -24.27 17.19 -18.09
C SER B 138 -22.85 17.37 -18.57
N GLN B 139 -21.88 16.79 -17.87
CA GLN B 139 -20.50 16.97 -18.30
C GLN B 139 -20.24 16.32 -19.63
N ASN B 140 -20.84 15.18 -19.92
CA ASN B 140 -20.56 14.58 -21.21
C ASN B 140 -21.01 15.51 -22.32
N GLN B 141 -22.13 16.18 -22.14
CA GLN B 141 -22.58 17.08 -23.17
C GLN B 141 -21.66 18.28 -23.28
N GLN B 142 -21.16 18.77 -22.15
CA GLN B 142 -20.28 19.91 -22.18
C GLN B 142 -18.97 19.58 -22.88
N GLU B 143 -18.44 18.38 -22.71
CA GLU B 143 -17.21 18.08 -23.40
C GLU B 143 -17.44 18.05 -24.89
N LYS B 144 -18.54 17.46 -25.34
CA LYS B 144 -18.68 17.33 -26.81
C LYS B 144 -18.96 18.71 -27.41
N ASN B 145 -19.71 19.55 -26.70
CA ASN B 145 -20.01 20.90 -27.22
C ASN B 145 -18.72 21.69 -27.29
N GLU B 146 -17.79 21.46 -26.37
CA GLU B 146 -16.57 22.30 -26.31
C GLU B 146 -15.63 21.89 -27.43
N GLN B 147 -15.46 20.60 -27.66
CA GLN B 147 -14.66 20.14 -28.83
C GLN B 147 -15.26 20.79 -30.08
N ASP B 148 -16.58 20.76 -30.22
CA ASP B 148 -17.17 21.20 -31.50
C ASP B 148 -16.95 22.70 -31.69
N LEU B 149 -16.81 23.46 -30.60
CA LEU B 149 -16.54 24.92 -30.75
C LEU B 149 -15.09 25.11 -31.15
N LEU B 150 -14.17 24.34 -30.56
CA LEU B 150 -12.72 24.61 -30.77
C LEU B 150 -12.37 24.36 -32.23
N ALA B 151 -13.14 23.52 -32.92
CA ALA B 151 -12.99 23.39 -34.38
C ALA B 151 -13.06 24.78 -35.03
N GLU C 1 -33.37 49.68 14.47
CA GLU C 1 -33.58 50.46 13.26
C GLU C 1 -32.27 50.54 12.48
N VAL C 2 -32.34 50.24 11.16
CA VAL C 2 -31.22 50.32 10.23
C VAL C 2 -30.95 51.72 9.81
N GLN C 3 -29.71 52.13 9.99
CA GLN C 3 -29.32 53.46 9.63
C GLN C 3 -28.03 53.43 8.87
N LEU C 4 -27.93 54.35 7.93
CA LEU C 4 -26.71 54.56 7.21
C LEU C 4 -26.42 56.02 7.28
N VAL C 5 -25.26 56.38 7.80
CA VAL C 5 -24.95 57.78 7.95
C VAL C 5 -23.73 58.19 7.22
N GLU C 6 -23.92 59.02 6.21
CA GLU C 6 -22.79 59.49 5.46
C GLU C 6 -22.12 60.60 6.23
N THR C 7 -20.81 60.57 6.25
CA THR C 7 -20.01 61.60 6.87
C THR C 7 -18.98 61.97 5.83
N GLY C 8 -19.42 62.72 4.85
CA GLY C 8 -18.58 63.00 3.70
C GLY C 8 -17.82 64.29 3.77
N GLY C 9 -17.34 64.72 2.61
CA GLY C 9 -16.55 65.92 2.48
C GLY C 9 -17.43 67.10 2.08
N GLY C 10 -16.81 68.14 1.53
CA GLY C 10 -17.53 69.35 1.16
C GLY C 10 -17.25 69.79 -0.27
N LEU C 11 -16.75 71.03 -0.36
CA LEU C 11 -16.43 71.66 -1.64
C LEU C 11 -14.97 71.53 -1.97
N VAL C 12 -14.72 70.98 -3.14
CA VAL C 12 -13.41 70.73 -3.68
C VAL C 12 -13.19 71.26 -5.08
N GLN C 13 -11.92 71.33 -5.47
CA GLN C 13 -11.58 71.82 -6.79
C GLN C 13 -11.45 70.68 -7.78
N PRO C 14 -11.74 70.91 -9.06
CA PRO C 14 -11.61 69.93 -10.10
C PRO C 14 -10.22 69.40 -10.17
N GLY C 15 -10.12 68.11 -10.39
CA GLY C 15 -8.84 67.45 -10.52
C GLY C 15 -8.25 66.94 -9.22
N GLY C 16 -8.87 67.26 -8.09
CA GLY C 16 -8.36 66.83 -6.79
C GLY C 16 -9.01 65.54 -6.33
N SER C 17 -9.23 65.40 -5.03
CA SER C 17 -9.83 64.17 -4.53
C SER C 17 -10.67 64.45 -3.31
N LEU C 18 -11.64 63.58 -3.09
CA LEU C 18 -12.50 63.65 -1.92
C LEU C 18 -12.87 62.27 -1.45
N LYS C 19 -12.80 62.05 -0.15
CA LYS C 19 -13.16 60.74 0.37
C LYS C 19 -14.41 60.77 1.23
N LEU C 20 -15.31 59.86 0.93
CA LEU C 20 -16.53 59.69 1.68
C LEU C 20 -16.43 58.46 2.53
N SER C 21 -17.14 58.46 3.62
CA SER C 21 -17.29 57.27 4.41
C SER C 21 -18.72 57.28 4.93
N CYS C 22 -19.23 56.09 5.30
CA CYS C 22 -20.58 55.84 5.79
C CYS C 22 -20.55 54.84 6.93
N ARG C 23 -21.20 55.21 8.02
CA ARG C 23 -21.28 54.34 9.17
C ARG C 23 -22.58 53.60 9.19
N ALA C 24 -22.51 52.33 9.52
CA ALA C 24 -23.73 51.53 9.56
C ALA C 24 -24.06 51.05 10.95
N SER C 25 -25.36 50.94 11.19
CA SER C 25 -25.87 50.38 12.42
C SER C 25 -27.24 49.74 12.22
N GLY C 26 -27.64 48.87 13.15
CA GLY C 26 -28.96 48.25 13.14
C GLY C 26 -29.07 46.92 12.39
N TYR C 27 -27.97 46.45 11.85
CA TYR C 27 -27.97 45.21 11.10
C TYR C 27 -26.60 44.62 11.07
N THR C 28 -26.50 43.36 10.69
CA THR C 28 -25.18 42.81 10.56
C THR C 28 -24.60 43.40 9.29
N PHE C 29 -23.58 44.20 9.45
CA PHE C 29 -22.98 44.91 8.34
C PHE C 29 -22.45 43.96 7.32
N SER C 30 -21.76 42.97 7.82
CA SER C 30 -21.09 41.95 7.05
C SER C 30 -22.03 41.03 6.28
N SER C 31 -23.33 41.10 6.51
CA SER C 31 -24.23 40.23 5.78
C SER C 31 -24.70 40.85 4.46
N PHE C 32 -24.39 42.13 4.24
CA PHE C 32 -24.91 42.77 3.04
C PHE C 32 -23.91 43.48 2.16
N ALA C 33 -24.17 43.37 0.86
CA ALA C 33 -23.44 44.13 -0.14
C ALA C 33 -23.92 45.55 -0.05
N MET C 34 -23.10 46.48 -0.47
CA MET C 34 -23.46 47.89 -0.43
C MET C 34 -23.06 48.62 -1.69
N SER C 35 -23.68 49.75 -1.91
CA SER C 35 -23.40 50.53 -3.08
C SER C 35 -23.52 52.02 -2.86
N TRP C 36 -23.02 52.76 -3.84
CA TRP C 36 -23.23 54.18 -3.83
C TRP C 36 -24.07 54.54 -5.03
N VAL C 37 -25.03 55.40 -4.78
CA VAL C 37 -25.93 55.92 -5.80
C VAL C 37 -25.83 57.42 -5.83
N ARG C 38 -25.67 57.97 -6.99
CA ARG C 38 -25.49 59.38 -7.13
C ARG C 38 -26.71 60.12 -7.65
N GLN C 39 -26.94 61.31 -7.11
CA GLN C 39 -28.01 62.14 -7.64
C GLN C 39 -27.59 63.59 -7.90
N ALA C 40 -27.49 63.97 -9.17
CA ALA C 40 -27.07 65.32 -9.46
C ALA C 40 -28.19 66.20 -8.95
N PRO C 41 -27.98 67.46 -8.55
CA PRO C 41 -29.00 68.33 -7.99
C PRO C 41 -30.31 68.42 -8.78
N GLY C 42 -30.26 68.36 -10.11
CA GLY C 42 -31.48 68.46 -10.91
C GLY C 42 -31.87 67.16 -11.61
N LYS C 43 -31.24 66.05 -11.23
CA LYS C 43 -31.46 64.80 -11.94
C LYS C 43 -32.03 63.67 -11.08
N GLY C 44 -32.16 62.51 -11.72
CA GLY C 44 -32.64 61.31 -11.08
C GLY C 44 -31.46 60.56 -10.50
N LEU C 45 -31.63 59.28 -10.26
CA LEU C 45 -30.60 58.52 -9.61
C LEU C 45 -29.70 57.84 -10.63
N GLU C 46 -28.41 57.68 -10.29
CA GLU C 46 -27.46 56.96 -11.11
C GLU C 46 -26.65 55.97 -10.28
N TRP C 47 -26.50 54.74 -10.74
CA TRP C 47 -25.67 53.84 -9.98
C TRP C 47 -24.22 54.15 -10.21
N VAL C 48 -23.40 54.17 -9.16
CA VAL C 48 -21.99 54.44 -9.34
C VAL C 48 -21.11 53.26 -9.05
N SER C 49 -21.27 52.66 -7.88
CA SER C 49 -20.39 51.56 -7.52
C SER C 49 -21.02 50.55 -6.58
N LEU C 50 -20.51 49.33 -6.63
CA LEU C 50 -20.98 48.21 -5.81
C LEU C 50 -19.88 47.39 -5.20
N ILE C 51 -20.00 47.09 -3.91
CA ILE C 51 -19.05 46.25 -3.23
C ILE C 51 -19.71 45.09 -2.50
N ASN C 52 -19.10 43.91 -2.66
CA ASN C 52 -19.50 42.62 -2.03
C ASN C 52 -19.35 42.74 -0.53
N ASP C 53 -20.15 41.96 0.22
CA ASP C 53 -20.16 41.93 1.68
C ASP C 53 -18.84 41.52 2.33
N ARG C 54 -17.98 40.79 1.61
CA ARG C 54 -16.68 40.41 2.22
C ARG C 54 -15.60 41.39 1.77
N GLY C 55 -15.95 42.31 0.88
CA GLY C 55 -15.03 43.32 0.37
C GLY C 55 -14.16 42.90 -0.81
N GLY C 56 -14.28 41.65 -1.25
CA GLY C 56 -13.43 41.13 -2.32
C GLY C 56 -13.79 41.54 -3.74
N LEU C 57 -15.07 41.81 -3.99
CA LEU C 57 -15.54 42.00 -5.38
C LEU C 57 -16.09 43.43 -5.53
N THR C 58 -15.56 44.22 -6.45
CA THR C 58 -16.08 45.54 -6.70
C THR C 58 -16.44 45.76 -8.15
N PHE C 59 -17.46 46.58 -8.37
CA PHE C 59 -17.91 46.91 -9.71
C PHE C 59 -18.14 48.41 -9.83
N TYR C 60 -17.89 48.96 -11.00
CA TYR C 60 -18.10 50.38 -11.22
C TYR C 60 -18.82 50.69 -12.50
N VAL C 61 -19.50 51.81 -12.52
CA VAL C 61 -20.06 52.34 -13.74
C VAL C 61 -18.88 52.85 -14.55
N ASP C 62 -18.92 52.68 -15.87
CA ASP C 62 -17.78 53.09 -16.70
C ASP C 62 -17.30 54.51 -16.47
N SER C 63 -18.18 55.45 -16.23
CA SER C 63 -17.77 56.84 -16.09
C SER C 63 -16.84 57.17 -14.92
N VAL C 64 -16.72 56.26 -13.94
CA VAL C 64 -15.85 56.48 -12.81
C VAL C 64 -14.88 55.32 -12.68
N LYS C 65 -14.90 54.42 -13.64
CA LYS C 65 -14.19 53.16 -13.50
C LYS C 65 -12.70 53.32 -13.24
N GLY C 66 -12.08 54.30 -13.86
CA GLY C 66 -10.65 54.49 -13.66
C GLY C 66 -10.37 55.54 -12.59
N ARG C 67 -11.40 56.02 -11.90
CA ARG C 67 -11.21 57.11 -10.97
C ARG C 67 -11.63 56.82 -9.54
N PHE C 68 -12.61 55.96 -9.33
CA PHE C 68 -13.11 55.74 -7.98
C PHE C 68 -12.70 54.42 -7.37
N THR C 69 -12.44 54.43 -6.07
CA THR C 69 -12.18 53.21 -5.32
C THR C 69 -13.23 53.00 -4.24
N ILE C 70 -13.84 51.83 -4.21
CA ILE C 70 -14.85 51.54 -3.20
C ILE C 70 -14.24 50.54 -2.25
N SER C 71 -14.46 50.72 -0.97
CA SER C 71 -13.90 49.78 -0.01
C SER C 71 -14.82 49.49 1.14
N ARG C 72 -14.34 48.64 2.04
CA ARG C 72 -15.11 48.15 3.17
C ARG C 72 -14.27 47.72 4.35
N ASP C 73 -14.80 47.98 5.54
CA ASP C 73 -14.22 47.48 6.78
C ASP C 73 -15.31 46.88 7.65
N ASN C 74 -15.32 45.55 7.72
CA ASN C 74 -16.39 44.89 8.45
C ASN C 74 -16.23 44.90 9.96
N SER C 75 -15.07 45.34 10.46
CA SER C 75 -14.91 45.34 11.90
C SER C 75 -15.43 46.65 12.46
N LYS C 76 -15.42 47.67 11.61
CA LYS C 76 -15.87 49.00 12.01
C LYS C 76 -17.20 49.41 11.40
N ASN C 77 -17.88 48.48 10.76
CA ASN C 77 -19.16 48.74 10.11
C ASN C 77 -19.07 49.95 9.20
N THR C 78 -18.00 50.03 8.42
CA THR C 78 -17.79 51.19 7.58
C THR C 78 -17.63 50.92 6.09
N LEU C 79 -18.36 51.70 5.33
CA LEU C 79 -18.31 51.70 3.87
C LEU C 79 -17.54 52.94 3.44
N SER C 80 -16.72 52.86 2.41
CA SER C 80 -16.06 54.09 1.98
C SER C 80 -15.87 54.19 0.48
N LEU C 81 -15.68 55.43 0.02
CA LEU C 81 -15.45 55.72 -1.38
C LEU C 81 -14.42 56.82 -1.59
N GLN C 82 -13.36 56.52 -2.31
CA GLN C 82 -12.33 57.50 -2.59
C GLN C 82 -12.43 57.94 -4.03
N MET C 83 -12.70 59.21 -4.24
CA MET C 83 -12.86 59.69 -5.59
C MET C 83 -11.68 60.51 -6.03
N HIS C 84 -11.21 60.27 -7.26
CA HIS C 84 -10.11 61.04 -7.82
C HIS C 84 -10.48 61.74 -9.13
N SER C 85 -9.78 62.85 -9.35
CA SER C 85 -9.81 63.70 -10.53
C SER C 85 -11.08 64.52 -10.64
N LEU C 86 -11.91 64.42 -9.62
CA LEU C 86 -13.10 65.22 -9.41
C LEU C 86 -13.55 66.03 -10.61
N ARG C 87 -14.45 65.49 -11.40
CA ARG C 87 -14.92 66.25 -12.53
C ARG C 87 -16.00 67.19 -12.05
N ASP C 88 -16.26 68.28 -12.76
CA ASP C 88 -17.32 69.19 -12.35
C ASP C 88 -18.66 68.48 -12.43
N GLY C 89 -18.72 67.53 -13.34
CA GLY C 89 -19.88 66.70 -13.61
C GLY C 89 -20.15 65.69 -12.49
N ASP C 90 -19.25 65.60 -11.51
CA ASP C 90 -19.43 64.69 -10.41
C ASP C 90 -20.14 65.38 -9.25
N THR C 91 -20.55 66.64 -9.42
CA THR C 91 -21.30 67.28 -8.33
C THR C 91 -22.61 66.55 -8.19
N ALA C 92 -22.88 66.08 -6.99
CA ALA C 92 -24.07 65.30 -6.72
C ALA C 92 -24.20 64.98 -5.26
N VAL C 93 -25.37 64.49 -4.89
CA VAL C 93 -25.49 63.88 -3.59
C VAL C 93 -25.12 62.42 -3.73
N TYR C 94 -24.26 61.95 -2.85
CA TYR C 94 -23.84 60.57 -2.88
C TYR C 94 -24.46 59.82 -1.74
N TYR C 95 -25.32 58.88 -2.09
CA TYR C 95 -26.03 58.14 -1.09
C TYR C 95 -25.37 56.79 -0.83
N CYS C 96 -25.32 56.42 0.45
CA CYS C 96 -24.88 55.14 0.97
C CYS C 96 -26.12 54.25 0.93
N ALA C 97 -26.02 53.10 0.29
CA ALA C 97 -27.19 52.25 0.25
C ALA C 97 -26.83 50.80 0.47
N THR C 98 -27.75 50.07 1.07
CA THR C 98 -27.55 48.67 1.34
C THR C 98 -28.36 47.85 0.38
N GLY C 99 -27.70 46.90 -0.27
CA GLY C 99 -28.32 46.05 -1.26
C GLY C 99 -27.59 46.15 -2.60
N GLY C 100 -28.23 45.66 -3.63
CA GLY C 100 -27.69 45.60 -4.98
C GLY C 100 -27.02 44.29 -5.37
N MET C 101 -26.75 43.43 -4.39
CA MET C 101 -26.09 42.15 -4.67
C MET C 101 -26.21 41.19 -3.48
N SER C 102 -26.10 39.89 -3.75
CA SER C 102 -26.12 38.86 -2.72
C SER C 102 -24.92 37.96 -2.87
N SER C 103 -24.86 36.90 -2.07
CA SER C 103 -23.61 36.12 -1.93
C SER C 103 -23.81 34.63 -2.23
N ALA C 104 -24.87 34.26 -2.95
CA ALA C 104 -24.92 33.01 -3.75
C ALA C 104 -25.08 31.77 -2.90
N LEU C 105 -25.34 31.94 -1.59
CA LEU C 105 -26.03 31.04 -0.68
C LEU C 105 -27.18 31.76 -0.02
N GLN C 106 -27.30 33.05 -0.36
CA GLN C 106 -28.31 33.99 0.21
C GLN C 106 -29.45 34.05 -0.79
N SER C 107 -30.60 34.57 -0.36
CA SER C 107 -31.65 34.96 -1.25
C SER C 107 -31.08 36.09 -2.08
N SER C 108 -31.48 36.17 -3.33
CA SER C 108 -31.01 37.20 -4.22
C SER C 108 -31.56 38.55 -3.89
N LYS C 109 -30.87 39.59 -4.35
CA LYS C 109 -31.31 40.95 -4.20
C LYS C 109 -31.55 41.59 -5.54
N TYR C 110 -30.50 42.15 -6.17
CA TYR C 110 -30.53 43.06 -7.34
C TYR C 110 -31.61 44.14 -7.16
N TYR C 111 -31.66 44.78 -5.98
CA TYR C 111 -32.37 46.01 -5.68
C TYR C 111 -31.78 46.54 -4.39
N PHE C 112 -32.05 47.79 -4.05
CA PHE C 112 -31.51 48.36 -2.81
C PHE C 112 -32.60 48.44 -1.73
N ASP C 113 -32.29 48.00 -0.51
CA ASP C 113 -33.23 48.04 0.62
C ASP C 113 -33.16 49.27 1.51
N PHE C 114 -31.95 49.77 1.75
CA PHE C 114 -31.83 50.88 2.70
C PHE C 114 -31.03 52.01 2.17
N TRP C 115 -31.39 53.21 2.58
CA TRP C 115 -30.67 54.39 2.16
C TRP C 115 -30.25 55.27 3.32
N GLY C 116 -29.12 55.92 3.16
CA GLY C 116 -28.67 56.95 4.10
C GLY C 116 -29.24 58.23 3.57
N GLN C 117 -28.78 59.40 4.03
CA GLN C 117 -29.41 60.61 3.52
C GLN C 117 -28.60 61.27 2.44
N GLY C 118 -27.34 60.95 2.40
CA GLY C 118 -26.47 61.42 1.35
C GLY C 118 -25.55 62.58 1.68
N ALA C 119 -24.30 62.45 1.25
CA ALA C 119 -23.32 63.49 1.44
C ALA C 119 -23.37 64.38 0.22
N LEU C 120 -23.18 65.68 0.38
CA LEU C 120 -23.13 66.50 -0.81
C LEU C 120 -21.73 66.80 -1.22
N VAL C 121 -21.40 66.38 -2.43
CA VAL C 121 -20.10 66.56 -2.98
C VAL C 121 -20.15 67.60 -4.07
N THR C 122 -19.39 68.67 -3.89
CA THR C 122 -19.43 69.71 -4.89
C THR C 122 -18.06 69.97 -5.44
N VAL C 123 -17.99 70.05 -6.76
CA VAL C 123 -16.74 70.31 -7.44
C VAL C 123 -16.89 71.61 -8.24
N SER C 124 -15.97 72.59 -8.02
CA SER C 124 -15.95 73.91 -8.69
C SER C 124 -15.29 73.88 -10.10
N ALA D 1 -31.56 56.17 -19.06
CA ALA D 1 -31.55 54.79 -19.54
C ALA D 1 -32.98 54.27 -19.77
N LEU D 2 -33.84 54.31 -18.71
CA LEU D 2 -35.23 53.86 -18.74
C LEU D 2 -36.12 55.06 -18.96
N THR D 3 -37.24 54.86 -19.64
CA THR D 3 -38.14 55.97 -19.84
C THR D 3 -39.40 55.83 -19.04
N GLN D 4 -39.70 56.84 -18.28
CA GLN D 4 -40.92 56.85 -17.51
C GLN D 4 -41.41 58.27 -17.70
N PRO D 5 -42.71 58.52 -17.71
CA PRO D 5 -43.25 59.84 -17.92
C PRO D 5 -43.11 60.77 -16.74
N PRO D 6 -43.02 62.08 -16.97
CA PRO D 6 -43.13 63.13 -16.00
C PRO D 6 -44.60 63.39 -15.75
N SER D 7 -44.90 64.08 -14.68
CA SER D 7 -46.22 64.64 -14.42
C SER D 7 -47.42 63.71 -14.51
N VAL D 8 -47.31 62.55 -13.91
CA VAL D 8 -48.42 61.65 -13.80
C VAL D 8 -49.26 62.24 -12.69
N SER D 9 -50.57 62.28 -12.85
CA SER D 9 -51.40 62.87 -11.82
C SER D 9 -52.80 62.31 -11.75
N GLY D 10 -53.46 62.63 -10.66
CA GLY D 10 -54.86 62.28 -10.44
C GLY D 10 -55.31 62.75 -9.08
N SER D 11 -56.60 62.72 -8.83
CA SER D 11 -57.19 63.17 -7.57
C SER D 11 -57.13 62.09 -6.51
N PRO D 12 -57.19 62.41 -5.22
CA PRO D 12 -57.21 61.43 -4.18
C PRO D 12 -58.34 60.47 -4.44
N GLY D 13 -58.04 59.19 -4.26
CA GLY D 13 -58.99 58.12 -4.47
C GLY D 13 -58.93 57.56 -5.89
N GLN D 14 -58.27 58.25 -6.81
CA GLN D 14 -58.17 57.76 -8.17
C GLN D 14 -56.88 57.00 -8.29
N SER D 15 -56.86 55.95 -9.10
CA SER D 15 -55.61 55.28 -9.30
C SER D 15 -54.81 55.99 -10.36
N VAL D 16 -53.51 55.78 -10.32
CA VAL D 16 -52.62 56.28 -11.34
C VAL D 16 -51.65 55.19 -11.74
N THR D 17 -51.15 55.27 -12.96
CA THR D 17 -50.15 54.32 -13.37
C THR D 17 -48.93 55.04 -13.86
N ILE D 18 -47.79 54.64 -13.34
CA ILE D 18 -46.55 55.20 -13.78
C ILE D 18 -45.83 54.13 -14.57
N SER D 19 -45.67 54.35 -15.86
CA SER D 19 -45.02 53.35 -16.70
C SER D 19 -43.50 53.50 -16.66
N CYS D 20 -42.77 52.46 -17.12
CA CYS D 20 -41.32 52.41 -17.25
C CYS D 20 -40.91 51.51 -18.43
N THR D 21 -40.49 52.12 -19.52
CA THR D 21 -40.16 51.35 -20.69
C THR D 21 -38.67 51.29 -20.90
N GLY D 22 -38.16 50.08 -21.03
CA GLY D 22 -36.75 49.83 -21.27
C GLY D 22 -36.59 49.10 -22.57
N THR D 23 -35.61 48.22 -22.59
CA THR D 23 -35.26 47.44 -23.77
C THR D 23 -35.31 45.96 -23.48
N SER D 24 -34.97 45.16 -24.49
CA SER D 24 -35.03 43.72 -24.36
C SER D 24 -33.95 43.20 -23.42
N SER D 25 -32.72 43.69 -23.55
CA SER D 25 -31.63 43.26 -22.65
C SER D 25 -31.61 44.12 -21.40
N ASP D 26 -32.76 44.16 -20.77
CA ASP D 26 -33.07 44.93 -19.60
C ASP D 26 -34.31 44.39 -18.93
N ILE D 27 -35.41 45.13 -19.05
CA ILE D 27 -36.68 44.72 -18.50
C ILE D 27 -37.13 43.45 -19.18
N GLY D 28 -36.92 43.33 -20.47
CA GLY D 28 -37.32 42.14 -21.19
C GLY D 28 -36.52 40.88 -20.81
N SER D 29 -35.36 41.03 -20.15
CA SER D 29 -34.56 39.87 -19.78
C SER D 29 -34.51 39.55 -18.30
N TYR D 30 -34.65 40.54 -17.44
CA TYR D 30 -34.52 40.24 -16.03
C TYR D 30 -35.70 40.68 -15.19
N ASN D 31 -36.14 39.81 -14.29
CA ASN D 31 -37.23 40.21 -13.41
C ASN D 31 -36.70 40.84 -12.14
N TYR D 32 -35.97 41.91 -12.30
CA TYR D 32 -35.41 42.61 -11.15
C TYR D 32 -35.66 44.07 -11.33
N VAL D 33 -36.90 44.45 -11.18
CA VAL D 33 -37.31 45.81 -11.37
C VAL D 33 -37.77 46.31 -10.05
N SER D 34 -37.40 47.51 -9.73
CA SER D 34 -37.82 48.06 -8.46
C SER D 34 -38.24 49.49 -8.61
N TRP D 35 -39.02 49.94 -7.65
CA TRP D 35 -39.47 51.31 -7.62
C TRP D 35 -39.16 51.96 -6.31
N TYR D 36 -38.77 53.23 -6.40
CA TYR D 36 -38.46 54.03 -5.23
C TYR D 36 -39.26 55.30 -5.18
N GLN D 37 -39.58 55.72 -3.98
CA GLN D 37 -40.34 56.93 -3.74
C GLN D 37 -39.53 58.01 -3.05
N GLN D 38 -39.28 59.11 -3.74
CA GLN D 38 -38.47 60.16 -3.17
C GLN D 38 -39.24 61.42 -2.82
N HIS D 39 -39.47 61.63 -1.55
CA HIS D 39 -40.16 62.84 -1.17
C HIS D 39 -39.10 63.90 -1.30
N PRO D 40 -39.39 65.13 -1.68
CA PRO D 40 -38.41 66.17 -1.80
C PRO D 40 -37.64 66.31 -0.52
N GLY D 41 -36.33 66.39 -0.62
CA GLY D 41 -35.45 66.58 0.53
C GLY D 41 -35.06 65.28 1.25
N LYS D 42 -35.60 64.15 0.81
CA LYS D 42 -35.32 62.87 1.48
C LYS D 42 -34.65 61.86 0.57
N ALA D 43 -33.93 60.91 1.17
CA ALA D 43 -33.40 59.82 0.36
C ALA D 43 -34.57 58.98 -0.12
N PRO D 44 -34.51 58.30 -1.27
CA PRO D 44 -35.55 57.44 -1.79
C PRO D 44 -35.88 56.27 -0.87
N LYS D 45 -37.15 55.90 -0.81
CA LYS D 45 -37.59 54.74 -0.05
C LYS D 45 -37.95 53.60 -1.00
N LEU D 46 -37.66 52.36 -0.63
CA LEU D 46 -38.06 51.26 -1.50
C LEU D 46 -39.54 50.98 -1.39
N MET D 47 -40.23 50.90 -2.51
CA MET D 47 -41.65 50.59 -2.49
C MET D 47 -41.95 49.23 -3.09
N ILE D 48 -41.31 48.96 -4.22
CA ILE D 48 -41.52 47.71 -4.98
C ILE D 48 -40.19 47.12 -5.40
N TYR D 49 -40.08 45.79 -5.37
CA TYR D 49 -38.87 45.12 -5.85
C TYR D 49 -39.21 43.79 -6.51
N ASP D 50 -38.30 43.28 -7.32
CA ASP D 50 -38.53 42.02 -8.03
C ASP D 50 -39.84 42.06 -8.76
N VAL D 51 -40.10 43.20 -9.39
CA VAL D 51 -41.24 43.54 -10.21
C VAL D 51 -42.54 43.70 -9.41
N THR D 52 -42.95 42.65 -8.69
CA THR D 52 -44.22 42.64 -7.96
C THR D 52 -44.23 42.65 -6.43
N GLN D 53 -43.09 42.62 -5.77
CA GLN D 53 -43.10 42.49 -4.32
C GLN D 53 -43.00 43.81 -3.61
N ARG D 54 -43.50 43.88 -2.40
CA ARG D 54 -43.33 45.10 -1.65
C ARG D 54 -42.67 44.70 -0.35
N PRO D 55 -41.84 45.55 0.24
CA PRO D 55 -41.18 45.33 1.50
C PRO D 55 -42.14 45.49 2.63
N SER D 56 -41.79 44.94 3.76
CA SER D 56 -42.55 45.21 4.95
C SER D 56 -42.34 46.69 5.17
N GLY D 57 -43.35 47.36 5.69
CA GLY D 57 -43.21 48.79 5.94
C GLY D 57 -43.97 49.65 4.93
N VAL D 58 -44.47 49.06 3.84
CA VAL D 58 -45.24 49.90 2.93
C VAL D 58 -46.62 49.30 2.75
N SER D 59 -47.53 50.12 2.29
CA SER D 59 -48.91 49.72 2.07
C SER D 59 -49.11 48.92 0.80
N ASP D 60 -50.27 48.31 0.71
CA ASP D 60 -50.67 47.50 -0.42
C ASP D 60 -51.37 48.32 -1.46
N ARG D 61 -51.29 49.63 -1.30
CA ARG D 61 -51.85 50.56 -2.26
C ARG D 61 -50.86 50.63 -3.42
N PHE D 62 -49.64 50.11 -3.19
CA PHE D 62 -48.58 50.11 -4.19
C PHE D 62 -48.38 48.69 -4.72
N SER D 63 -48.52 48.54 -6.03
CA SER D 63 -48.37 47.23 -6.67
C SER D 63 -47.68 47.30 -8.03
N GLY D 64 -46.66 46.47 -8.22
CA GLY D 64 -45.94 46.49 -9.50
C GLY D 64 -46.42 45.41 -10.48
N SER D 65 -46.10 45.61 -11.76
CA SER D 65 -46.39 44.64 -12.80
C SER D 65 -45.53 44.88 -14.03
N LYS D 66 -45.52 43.92 -14.97
CA LYS D 66 -44.81 44.14 -16.23
C LYS D 66 -45.31 43.29 -17.37
N SER D 67 -45.01 43.75 -18.59
CA SER D 67 -45.25 43.03 -19.82
C SER D 67 -44.27 43.48 -20.90
N GLY D 68 -43.71 42.55 -21.65
CA GLY D 68 -42.78 42.95 -22.71
C GLY D 68 -41.59 43.67 -22.09
N ASN D 69 -41.27 44.86 -22.59
CA ASN D 69 -40.14 45.61 -22.08
C ASN D 69 -40.64 46.75 -21.20
N THR D 70 -41.92 46.71 -20.82
CA THR D 70 -42.46 47.78 -20.00
C THR D 70 -42.95 47.32 -18.65
N ALA D 71 -42.49 48.01 -17.66
CA ALA D 71 -42.84 47.78 -16.28
C ALA D 71 -43.73 48.92 -15.84
N SER D 72 -44.52 48.71 -14.82
CA SER D 72 -45.30 49.80 -14.30
C SER D 72 -45.60 49.68 -12.83
N LEU D 73 -45.88 50.83 -12.23
CA LEU D 73 -46.32 50.92 -10.86
C LEU D 73 -47.72 51.45 -10.78
N THR D 74 -48.57 50.72 -10.09
CA THR D 74 -49.92 51.17 -9.92
C THR D 74 -50.12 51.60 -8.50
N ILE D 75 -50.69 52.78 -8.35
CA ILE D 75 -51.04 53.28 -7.04
C ILE D 75 -52.55 53.30 -7.06
N SER D 76 -53.19 52.64 -6.11
CA SER D 76 -54.65 52.54 -6.11
C SER D 76 -55.32 53.68 -5.37
N GLY D 77 -55.55 53.53 -4.08
CA GLY D 77 -56.20 54.58 -3.29
C GLY D 77 -55.24 55.73 -3.05
N LEU D 78 -55.03 56.54 -4.08
CA LEU D 78 -54.08 57.65 -4.07
C LEU D 78 -54.39 58.63 -2.98
N GLN D 79 -53.37 59.00 -2.23
CA GLN D 79 -53.50 59.96 -1.16
C GLN D 79 -52.75 61.23 -1.48
N ALA D 80 -53.11 62.32 -0.81
CA ALA D 80 -52.39 63.59 -0.99
C ALA D 80 -50.93 63.43 -0.62
N ASP D 81 -50.67 62.55 0.32
CA ASP D 81 -49.34 62.34 0.86
C ASP D 81 -48.48 61.50 -0.06
N ASP D 82 -48.99 61.08 -1.19
CA ASP D 82 -48.20 60.30 -2.11
C ASP D 82 -47.40 61.20 -3.05
N GLU D 83 -47.55 62.51 -2.94
CA GLU D 83 -46.74 63.33 -3.83
C GLU D 83 -45.28 63.02 -3.59
N ALA D 84 -44.59 62.66 -4.67
CA ALA D 84 -43.18 62.29 -4.61
C ALA D 84 -42.63 62.10 -6.00
N ASP D 85 -41.31 62.06 -6.11
CA ASP D 85 -40.70 61.67 -7.36
C ASP D 85 -40.51 60.18 -7.38
N TYR D 86 -41.19 59.51 -8.28
CA TYR D 86 -41.08 58.07 -8.32
C TYR D 86 -40.06 57.67 -9.35
N TYR D 87 -39.27 56.68 -9.03
CA TYR D 87 -38.26 56.22 -9.96
C TYR D 87 -38.35 54.74 -10.17
N CYS D 88 -38.09 54.27 -11.41
CA CYS D 88 -37.95 52.88 -11.74
C CYS D 88 -36.47 52.64 -11.94
N SER D 89 -36.07 51.43 -11.62
CA SER D 89 -34.72 51.02 -11.87
C SER D 89 -34.74 49.56 -12.18
N ALA D 90 -33.69 49.11 -12.82
CA ALA D 90 -33.64 47.70 -13.11
C ALA D 90 -32.24 47.18 -13.20
N TYR D 91 -32.12 45.90 -12.92
CA TYR D 91 -30.88 45.21 -13.13
C TYR D 91 -30.75 45.02 -14.61
N ALA D 92 -29.59 45.30 -15.15
CA ALA D 92 -29.46 45.16 -16.60
C ALA D 92 -28.25 44.37 -17.06
N GLY D 93 -27.83 43.39 -16.29
CA GLY D 93 -26.70 42.56 -16.68
C GLY D 93 -25.48 42.79 -15.82
N ARG D 94 -24.37 42.14 -16.19
CA ARG D 94 -23.14 42.12 -15.36
C ARG D 94 -22.15 43.20 -15.83
N GLN D 95 -22.50 43.98 -16.86
CA GLN D 95 -21.63 45.04 -17.35
C GLN D 95 -22.15 46.39 -16.92
N THR D 96 -23.45 46.51 -16.89
CA THR D 96 -24.16 47.72 -16.53
C THR D 96 -25.16 47.32 -15.50
N PHE D 97 -24.68 47.15 -14.29
CA PHE D 97 -25.50 46.58 -13.25
C PHE D 97 -26.80 47.28 -13.06
N TYR D 98 -26.79 48.57 -12.88
CA TYR D 98 -28.07 49.21 -12.69
C TYR D 98 -28.28 50.40 -13.52
N ILE D 99 -29.52 50.53 -13.92
CA ILE D 99 -29.94 51.68 -14.65
C ILE D 99 -31.18 52.25 -14.01
N PHE D 100 -31.41 53.53 -14.24
CA PHE D 100 -32.59 54.22 -13.72
C PHE D 100 -33.28 55.07 -14.78
N GLY D 101 -34.55 55.35 -14.57
CA GLY D 101 -35.26 56.29 -15.41
C GLY D 101 -35.19 57.69 -14.80
N GLY D 102 -35.90 58.66 -15.38
CA GLY D 102 -35.89 60.00 -14.80
C GLY D 102 -36.95 59.94 -13.74
N GLY D 103 -37.19 61.02 -13.01
CA GLY D 103 -38.23 60.88 -12.00
C GLY D 103 -39.60 61.22 -12.52
N THR D 104 -40.60 60.61 -11.93
CA THR D 104 -41.96 60.95 -12.24
C THR D 104 -42.52 61.80 -11.16
N ARG D 105 -42.79 63.04 -11.47
CA ARG D 105 -43.33 63.90 -10.45
C ARG D 105 -44.80 63.63 -10.33
N LEU D 106 -45.15 62.84 -9.33
CA LEU D 106 -46.54 62.46 -9.15
C LEU D 106 -47.24 63.51 -8.35
N THR D 107 -48.26 64.08 -8.97
CA THR D 107 -49.05 65.15 -8.39
C THR D 107 -50.43 64.68 -8.05
N VAL D 108 -50.84 64.95 -6.83
CA VAL D 108 -52.14 64.53 -6.39
C VAL D 108 -53.04 65.79 -6.40
N LEU D 109 -54.17 65.70 -7.12
CA LEU D 109 -55.13 66.78 -7.42
C LEU D 109 -56.31 66.84 -6.41
N ASN E 3 -4.73 21.22 -40.54
CA ASN E 3 -5.63 20.25 -41.15
C ASN E 3 -6.24 19.39 -40.03
N LEU E 4 -5.52 18.34 -39.55
CA LEU E 4 -5.92 17.43 -38.47
C LEU E 4 -4.95 17.56 -37.32
N TRP E 5 -5.47 17.39 -36.11
CA TRP E 5 -4.73 17.54 -34.87
C TRP E 5 -4.89 16.34 -33.96
N VAL E 6 -3.90 16.11 -33.11
CA VAL E 6 -3.97 14.99 -32.19
C VAL E 6 -4.94 15.27 -31.06
N THR E 7 -5.90 14.38 -30.85
CA THR E 7 -6.81 14.48 -29.72
C THR E 7 -6.67 13.27 -28.85
N VAL E 8 -6.54 13.52 -27.58
CA VAL E 8 -6.36 12.52 -26.57
C VAL E 8 -7.67 12.08 -25.98
N TYR E 9 -7.87 10.78 -25.92
CA TYR E 9 -9.08 10.24 -25.33
C TYR E 9 -8.77 9.30 -24.20
N TYR E 10 -9.54 9.40 -23.11
CA TYR E 10 -9.36 8.49 -22.00
C TYR E 10 -10.67 7.80 -21.70
N GLY E 11 -10.63 6.48 -21.60
CA GLY E 11 -11.83 5.68 -21.40
C GLY E 11 -12.11 4.90 -22.69
N VAL E 12 -11.08 4.76 -23.51
CA VAL E 12 -11.18 4.08 -24.77
C VAL E 12 -11.32 2.57 -24.56
N PRO E 13 -12.32 1.89 -25.13
CA PRO E 13 -12.59 0.48 -24.93
C PRO E 13 -11.68 -0.48 -25.67
N VAL E 14 -10.42 -0.49 -25.31
CA VAL E 14 -9.45 -1.40 -25.92
C VAL E 14 -8.68 -2.17 -24.88
N TRP E 15 -8.06 -3.26 -25.30
CA TRP E 15 -7.31 -4.09 -24.40
C TRP E 15 -6.17 -4.84 -25.07
N LYS E 16 -5.29 -5.35 -24.24
CA LYS E 16 -4.16 -6.15 -24.68
C LYS E 16 -4.04 -7.45 -23.90
N ASP E 17 -3.46 -8.47 -24.51
CA ASP E 17 -3.29 -9.72 -23.78
C ASP E 17 -2.45 -9.46 -22.55
N ALA E 18 -2.78 -10.04 -21.40
CA ALA E 18 -1.93 -9.78 -20.25
C ALA E 18 -1.90 -10.92 -19.27
N GLU E 19 -0.82 -11.01 -18.52
CA GLU E 19 -0.70 -12.01 -17.47
C GLU E 19 -0.67 -11.35 -16.11
N THR E 20 -1.76 -11.46 -15.38
CA THR E 20 -1.83 -10.83 -14.08
C THR E 20 -2.40 -11.80 -13.09
N THR E 21 -2.44 -11.36 -11.86
CA THR E 21 -2.96 -12.10 -10.73
C THR E 21 -4.47 -12.09 -10.68
N LEU E 22 -5.06 -13.26 -10.52
CA LEU E 22 -6.49 -13.35 -10.34
C LEU E 22 -6.76 -13.69 -8.90
N PHE E 23 -7.93 -13.33 -8.43
CA PHE E 23 -8.29 -13.66 -7.06
C PHE E 23 -9.57 -14.50 -7.07
N CYS E 24 -9.81 -15.23 -5.97
CA CYS E 24 -10.93 -16.12 -5.75
C CYS E 24 -12.23 -15.38 -5.42
N ALA E 25 -13.34 -16.06 -5.61
CA ALA E 25 -14.57 -15.61 -5.01
C ALA E 25 -15.46 -16.81 -4.76
N SER E 26 -16.18 -16.85 -3.62
CA SER E 26 -17.05 -18.03 -3.32
C SER E 26 -18.26 -17.68 -2.44
N ASP E 27 -19.28 -18.55 -2.47
CA ASP E 27 -20.52 -18.46 -1.67
C ASP E 27 -20.21 -18.34 -0.18
N ASN E 37 -14.53 -28.13 2.75
CA ASN E 37 -13.94 -27.30 3.82
C ASN E 37 -12.50 -26.92 3.44
N VAL E 38 -11.82 -27.81 2.69
CA VAL E 38 -10.39 -27.60 2.35
C VAL E 38 -10.25 -26.20 1.76
N TRP E 39 -11.17 -25.86 0.85
CA TRP E 39 -10.86 -24.87 -0.23
C TRP E 39 -11.28 -23.47 0.21
N ALA E 40 -11.87 -22.74 -0.74
CA ALA E 40 -12.22 -21.32 -0.58
C ALA E 40 -13.28 -21.19 0.52
N THR E 41 -12.85 -20.80 1.71
CA THR E 41 -13.79 -20.70 2.84
C THR E 41 -13.55 -19.37 3.55
N HIS E 42 -13.52 -19.41 4.87
CA HIS E 42 -12.85 -18.36 5.69
C HIS E 42 -11.52 -18.02 5.02
N ALA E 43 -10.77 -19.05 4.64
CA ALA E 43 -9.63 -18.95 3.69
C ALA E 43 -9.79 -17.74 2.78
N CYS E 44 -10.84 -17.72 1.94
CA CYS E 44 -10.80 -16.94 0.69
C CYS E 44 -11.89 -15.87 0.63
N VAL E 45 -12.21 -15.43 -0.58
CA VAL E 45 -12.89 -14.13 -0.81
C VAL E 45 -14.38 -14.37 -1.13
N PRO E 46 -15.38 -13.60 -0.58
CA PRO E 46 -16.77 -13.78 -0.91
C PRO E 46 -17.15 -13.29 -2.30
N THR E 47 -18.21 -13.89 -2.82
CA THR E 47 -18.82 -13.53 -4.10
C THR E 47 -19.93 -12.51 -3.95
N ASP E 48 -20.55 -12.17 -5.07
CA ASP E 48 -21.55 -11.11 -5.12
C ASP E 48 -22.73 -11.57 -6.05
N PRO E 49 -23.72 -10.71 -6.40
CA PRO E 49 -24.89 -10.98 -7.24
C PRO E 49 -24.59 -11.41 -8.68
N ASN E 50 -23.36 -11.23 -9.16
CA ASN E 50 -22.96 -11.62 -10.50
C ASN E 50 -23.74 -11.05 -11.69
N PRO E 51 -23.87 -9.72 -11.87
CA PRO E 51 -24.51 -9.16 -13.05
C PRO E 51 -23.70 -9.55 -14.30
N GLN E 52 -22.40 -9.74 -14.09
CA GLN E 52 -21.48 -10.26 -15.08
C GLN E 52 -21.48 -9.76 -16.50
N GLU E 53 -22.10 -10.58 -17.33
CA GLU E 53 -21.93 -10.57 -18.77
C GLU E 53 -22.46 -9.43 -19.64
N ILE E 54 -21.57 -8.98 -20.52
CA ILE E 54 -21.78 -7.98 -21.57
C ILE E 54 -21.50 -8.61 -22.92
N HIS E 55 -22.44 -8.56 -23.85
CA HIS E 55 -22.28 -9.28 -25.11
C HIS E 55 -21.19 -8.86 -26.13
N LEU E 56 -20.75 -7.60 -26.19
CA LEU E 56 -19.74 -7.20 -27.20
C LEU E 56 -20.17 -7.63 -28.61
N GLU E 57 -21.20 -6.99 -29.14
CA GLU E 57 -21.84 -7.47 -30.36
C GLU E 57 -20.98 -7.74 -31.59
N ASN E 58 -19.95 -6.91 -31.88
CA ASN E 58 -19.10 -7.04 -33.08
C ASN E 58 -17.61 -7.29 -32.77
N VAL E 59 -17.29 -7.99 -31.65
CA VAL E 59 -15.90 -8.30 -31.28
C VAL E 59 -15.51 -9.75 -31.48
N THR E 60 -14.48 -9.96 -32.28
CA THR E 60 -13.92 -11.29 -32.51
C THR E 60 -12.57 -11.27 -31.88
N GLU E 61 -12.26 -12.28 -31.09
CA GLU E 61 -10.97 -12.31 -30.41
C GLU E 61 -10.33 -13.67 -30.51
N GLU E 62 -9.01 -13.72 -30.42
CA GLU E 62 -8.28 -14.98 -30.46
C GLU E 62 -7.95 -15.56 -29.09
N PHE E 63 -8.34 -16.80 -28.93
CA PHE E 63 -8.14 -17.55 -27.70
C PHE E 63 -7.11 -18.65 -27.90
N ASN E 64 -6.38 -19.01 -26.85
CA ASN E 64 -5.41 -20.09 -27.01
C ASN E 64 -5.21 -20.92 -25.73
N MET E 65 -6.05 -21.91 -25.52
CA MET E 65 -5.94 -22.70 -24.32
C MET E 65 -4.59 -23.39 -24.43
N TRP E 66 -4.07 -23.86 -23.30
CA TRP E 66 -2.74 -24.50 -23.17
C TRP E 66 -1.64 -23.44 -23.02
N LYS E 67 -1.91 -22.20 -23.43
CA LYS E 67 -0.98 -21.09 -23.26
C LYS E 67 -1.56 -20.08 -22.28
N ASN E 68 -2.67 -20.48 -21.68
CA ASN E 68 -3.50 -19.73 -20.76
C ASN E 68 -2.99 -19.83 -19.34
N ASN E 69 -2.47 -18.74 -18.78
CA ASN E 69 -1.84 -18.80 -17.46
C ASN E 69 -2.85 -18.86 -16.32
N MET E 70 -4.14 -18.87 -16.64
CA MET E 70 -5.16 -19.00 -15.62
C MET E 70 -5.06 -20.41 -15.08
N VAL E 71 -4.55 -21.33 -15.90
CA VAL E 71 -4.43 -22.70 -15.53
C VAL E 71 -3.39 -22.83 -14.47
N GLU E 72 -2.28 -22.14 -14.66
CA GLU E 72 -1.21 -22.21 -13.71
C GLU E 72 -1.61 -21.60 -12.40
N GLN E 73 -2.39 -20.52 -12.42
CA GLN E 73 -2.78 -19.99 -11.13
C GLN E 73 -3.74 -20.90 -10.42
N MET E 74 -4.66 -21.53 -11.14
CA MET E 74 -5.57 -22.44 -10.47
C MET E 74 -4.79 -23.59 -9.86
N HIS E 75 -3.80 -24.08 -10.60
CA HIS E 75 -2.97 -25.18 -10.16
C HIS E 75 -2.28 -24.84 -8.87
N GLU E 76 -1.67 -23.66 -8.82
CA GLU E 76 -0.97 -23.29 -7.62
C GLU E 76 -1.90 -23.05 -6.45
N ASP E 77 -3.07 -22.47 -6.67
CA ASP E 77 -3.94 -22.25 -5.51
C ASP E 77 -4.48 -23.54 -4.97
N ILE E 78 -4.78 -24.49 -5.86
CA ILE E 78 -5.37 -25.75 -5.36
C ILE E 78 -4.31 -26.49 -4.55
N ILE E 79 -3.08 -26.56 -5.06
CA ILE E 79 -2.06 -27.28 -4.34
C ILE E 79 -1.72 -26.58 -3.05
N SER E 80 -1.57 -25.27 -3.08
CA SER E 80 -1.21 -24.56 -1.87
C SER E 80 -2.26 -24.75 -0.82
N LEU E 81 -3.53 -24.60 -1.19
CA LEU E 81 -4.65 -24.73 -0.21
C LEU E 81 -4.64 -26.14 0.34
N TRP E 82 -4.34 -27.12 -0.50
CA TRP E 82 -4.29 -28.52 -0.01
C TRP E 82 -3.24 -28.59 1.08
N ASP E 83 -2.00 -28.19 0.76
CA ASP E 83 -0.94 -28.32 1.74
C ASP E 83 -1.22 -27.54 3.01
N GLN E 84 -1.82 -26.37 2.90
CA GLN E 84 -2.08 -25.60 4.10
C GLN E 84 -3.03 -26.31 5.02
N SER E 85 -4.01 -27.03 4.45
CA SER E 85 -5.02 -27.68 5.25
C SER E 85 -4.46 -28.81 6.10
N LEU E 86 -3.27 -29.31 5.78
CA LEU E 86 -2.70 -30.40 6.53
C LEU E 86 -1.69 -29.92 7.54
N LYS E 87 -1.37 -28.62 7.47
CA LYS E 87 -0.32 -28.08 8.30
C LYS E 87 -0.52 -28.31 9.79
N PRO E 88 -1.71 -28.09 10.37
CA PRO E 88 -1.97 -28.28 11.79
C PRO E 88 -2.37 -29.71 12.22
N CYS E 89 -2.28 -30.74 11.32
CA CYS E 89 -2.80 -32.07 11.58
C CYS E 89 -1.73 -32.97 12.20
N VAL E 90 -2.16 -34.08 12.79
CA VAL E 90 -1.25 -35.01 13.47
C VAL E 90 -0.27 -35.73 12.54
N LYS E 91 1.00 -35.71 12.93
CA LYS E 91 2.06 -36.37 12.17
C LYS E 91 2.19 -37.80 12.64
N LEU E 92 2.03 -38.76 11.74
CA LEU E 92 2.04 -40.15 12.14
C LEU E 92 3.40 -40.78 12.09
N THR E 93 4.29 -40.25 12.90
CA THR E 93 5.64 -40.77 12.96
C THR E 93 5.76 -41.89 14.00
N PRO E 94 4.94 -41.95 15.08
CA PRO E 94 4.95 -42.99 16.07
C PRO E 94 4.55 -44.32 15.46
N LEU E 95 3.99 -44.30 14.27
CA LEU E 95 3.56 -45.54 13.66
C LEU E 95 4.58 -46.22 12.74
N CYS E 96 5.81 -45.66 12.56
CA CYS E 96 6.87 -46.29 11.76
C CYS E 96 7.65 -47.30 12.57
N VAL E 97 6.96 -48.38 12.85
CA VAL E 97 7.41 -49.52 13.61
C VAL E 97 7.12 -50.74 12.79
N THR E 98 7.70 -51.87 13.16
CA THR E 98 7.34 -53.06 12.42
C THR E 98 5.97 -53.50 12.84
N LEU E 99 5.25 -54.11 11.92
CA LEU E 99 3.93 -54.62 12.17
C LEU E 99 3.94 -56.12 12.11
N GLN E 100 3.11 -56.74 12.91
CA GLN E 100 2.91 -58.18 12.81
C GLN E 100 1.58 -58.42 12.12
N CYS E 101 1.62 -58.75 10.81
CA CYS E 101 0.44 -58.84 9.94
C CYS E 101 0.10 -60.27 9.58
N THR E 102 -1.17 -60.59 9.75
CA THR E 102 -1.71 -61.90 9.43
C THR E 102 -2.95 -61.77 8.55
N ASN E 103 -3.50 -62.91 8.09
CA ASN E 103 -4.71 -63.00 7.27
C ASN E 103 -5.94 -62.69 8.14
N VAL E 104 -6.89 -61.91 7.57
CA VAL E 104 -8.12 -61.46 8.24
C VAL E 104 -9.12 -62.60 8.47
N THR E 105 -9.55 -62.76 9.71
CA THR E 105 -10.44 -63.84 10.12
C THR E 105 -11.88 -63.45 9.94
N ASN E 106 -12.27 -63.35 8.70
CA ASN E 106 -13.60 -62.90 8.36
C ASN E 106 -14.04 -63.60 7.08
N ASN E 107 -15.27 -63.32 6.59
CA ASN E 107 -15.84 -63.89 5.37
C ASN E 107 -15.45 -63.02 4.17
N ILE E 108 -14.43 -63.48 3.42
CA ILE E 108 -13.77 -62.78 2.32
C ILE E 108 -14.07 -63.43 1.00
N THR E 109 -14.55 -62.63 0.05
CA THR E 109 -14.84 -63.18 -1.25
C THR E 109 -13.56 -63.35 -2.04
N ASP E 110 -13.64 -64.03 -3.18
CA ASP E 110 -12.43 -64.31 -3.95
C ASP E 110 -11.68 -63.07 -4.41
N ASP E 111 -12.44 -62.05 -4.76
CA ASP E 111 -11.93 -60.81 -5.28
C ASP E 111 -11.11 -60.03 -4.25
N MET E 112 -11.36 -60.31 -2.98
CA MET E 112 -10.71 -59.64 -1.87
C MET E 112 -9.65 -60.45 -1.20
N ARG E 113 -9.30 -61.60 -1.74
CA ARG E 113 -8.31 -62.36 -1.03
C ARG E 113 -6.99 -61.66 -1.20
N GLY E 114 -6.32 -61.42 -0.09
CA GLY E 114 -5.03 -60.75 -0.11
C GLY E 114 -5.12 -59.22 -0.06
N GLU E 115 -6.33 -58.65 -0.12
CA GLU E 115 -6.47 -57.20 -0.11
C GLU E 115 -6.34 -56.59 1.27
N LEU E 116 -6.74 -57.30 2.29
CA LEU E 116 -6.66 -56.77 3.63
C LEU E 116 -5.78 -57.61 4.50
N LYS E 117 -5.10 -56.95 5.42
CA LYS E 117 -4.30 -57.62 6.43
C LYS E 117 -4.62 -57.09 7.82
N ASN E 118 -4.58 -57.98 8.83
CA ASN E 118 -4.79 -57.67 10.24
C ASN E 118 -3.43 -57.49 10.92
N CYS E 119 -3.03 -56.23 11.21
CA CYS E 119 -1.70 -55.88 11.70
C CYS E 119 -1.70 -55.39 13.13
N SER E 120 -0.81 -55.98 13.93
CA SER E 120 -0.62 -55.58 15.32
C SER E 120 0.68 -54.82 15.49
N PHE E 121 0.68 -53.84 16.36
CA PHE E 121 1.85 -53.06 16.64
C PHE E 121 1.81 -52.41 18.02
N ASN E 122 2.98 -51.96 18.53
CA ASN E 122 3.10 -51.24 19.80
C ASN E 122 3.17 -49.73 19.54
N ALA E 123 2.11 -49.02 19.93
CA ALA E 123 1.88 -47.60 19.75
C ALA E 123 2.28 -46.82 20.98
N THR E 124 2.60 -45.57 20.79
CA THR E 124 2.87 -44.68 21.89
C THR E 124 1.54 -44.27 22.47
N THR E 125 1.58 -43.66 23.64
CA THR E 125 0.40 -43.18 24.35
C THR E 125 0.61 -41.74 24.71
N GLU E 126 -0.32 -41.18 25.48
CA GLU E 126 -0.24 -39.81 25.95
C GLU E 126 1.01 -39.59 26.80
N LEU E 127 1.51 -40.65 27.42
CA LEU E 127 2.67 -40.49 28.27
C LEU E 127 3.91 -41.14 27.66
N ARG E 128 5.05 -40.50 27.85
CA ARG E 128 6.33 -40.98 27.34
C ARG E 128 6.73 -42.34 27.87
N ASN E 129 6.22 -42.70 29.03
CA ASN E 129 6.67 -43.97 29.66
C ASN E 129 5.54 -44.99 29.66
N LYS E 130 4.49 -44.78 28.86
CA LYS E 130 3.40 -45.76 28.78
C LYS E 130 3.17 -46.17 27.33
N ARG E 131 2.90 -47.46 27.13
CA ARG E 131 2.77 -48.01 25.80
C ARG E 131 1.50 -48.82 25.65
N GLN E 132 0.98 -48.96 24.42
CA GLN E 132 -0.22 -49.76 24.21
C GLN E 132 -0.16 -50.66 22.99
N LYS E 133 -0.82 -51.81 23.08
CA LYS E 133 -0.92 -52.71 21.94
C LYS E 133 -2.15 -52.36 21.14
N VAL E 134 -1.95 -52.14 19.87
CA VAL E 134 -2.98 -51.73 18.95
C VAL E 134 -3.00 -52.60 17.74
N TYR E 135 -4.17 -52.89 17.23
CA TYR E 135 -4.20 -53.60 16.00
C TYR E 135 -5.20 -52.91 15.13
N SER E 136 -5.02 -53.04 13.83
CA SER E 136 -5.92 -52.45 12.87
C SER E 136 -5.89 -53.15 11.54
N LEU E 137 -6.88 -52.84 10.71
CA LEU E 137 -6.84 -53.42 9.39
C LEU E 137 -6.24 -52.44 8.42
N PHE E 138 -5.41 -52.97 7.54
CA PHE E 138 -4.75 -52.21 6.50
C PHE E 138 -5.00 -52.77 5.13
N TYR E 139 -4.96 -51.90 4.15
CA TYR E 139 -5.04 -52.35 2.80
C TYR E 139 -3.67 -52.81 2.42
N ARG E 140 -3.59 -53.84 1.62
CA ARG E 140 -2.32 -54.37 1.20
C ARG E 140 -1.46 -53.34 0.49
N LEU E 141 -2.08 -52.41 -0.21
CA LEU E 141 -1.36 -51.40 -0.97
C LEU E 141 -0.62 -50.40 -0.09
N ASP E 142 -0.98 -50.33 1.18
CA ASP E 142 -0.38 -49.38 2.10
C ASP E 142 0.80 -49.95 2.90
N ILE E 143 1.11 -51.23 2.74
CA ILE E 143 2.19 -51.82 3.52
C ILE E 143 3.19 -52.55 2.64
N VAL E 144 4.38 -52.75 3.15
CA VAL E 144 5.41 -53.45 2.43
C VAL E 144 6.08 -54.51 3.31
N PRO E 145 6.31 -55.74 2.82
CA PRO E 145 7.03 -56.80 3.50
C PRO E 145 8.46 -56.38 3.76
N MET E 146 9.02 -56.88 4.82
CA MET E 146 10.41 -56.61 5.16
C MET E 146 11.13 -57.80 5.79
N VAL E 147 12.47 -57.69 5.82
CA VAL E 147 13.46 -58.62 6.38
C VAL E 147 13.16 -60.11 6.29
N ASP E 148 12.60 -60.53 5.17
CA ASP E 148 12.28 -61.92 4.88
C ASP E 148 11.44 -62.64 5.92
N LEU E 149 10.49 -61.96 6.55
CA LEU E 149 9.63 -62.63 7.51
C LEU E 149 8.20 -62.57 7.03
N TRP E 150 7.51 -63.70 7.10
CA TRP E 150 6.16 -63.80 6.57
C TRP E 150 5.24 -62.73 7.17
N THR E 151 5.37 -62.49 8.47
CA THR E 151 4.52 -61.54 9.17
C THR E 151 5.10 -60.14 9.33
N ASN E 152 6.32 -59.87 8.86
CA ASN E 152 6.88 -58.55 9.20
C ASN E 152 6.71 -57.54 8.08
N TYR E 153 5.87 -56.55 8.37
CA TYR E 153 5.53 -55.47 7.45
C TYR E 153 5.77 -54.10 8.03
N ARG E 154 5.96 -53.14 7.17
CA ARG E 154 6.05 -51.76 7.62
C ARG E 154 5.19 -50.89 6.74
N LEU E 155 4.95 -49.63 7.13
CA LEU E 155 4.10 -48.73 6.27
C LEU E 155 4.94 -48.23 5.10
N ILE E 156 4.29 -48.00 3.94
CA ILE E 156 5.04 -47.82 2.66
C ILE E 156 5.90 -46.55 2.77
N ASN E 157 5.40 -45.54 3.46
CA ASN E 157 6.10 -44.23 3.52
C ASN E 157 6.73 -44.04 4.91
N CYS E 158 7.63 -44.95 5.26
CA CYS E 158 8.68 -44.69 6.27
C CYS E 158 10.03 -45.01 5.63
N ASN E 159 10.17 -44.73 4.35
CA ASN E 159 11.53 -44.77 3.75
C ASN E 159 11.66 -43.65 2.72
N THR E 160 10.53 -43.08 2.31
CA THR E 160 10.47 -41.64 1.93
C THR E 160 9.86 -40.87 3.10
N SER E 161 9.07 -39.83 2.85
CA SER E 161 8.81 -38.80 3.89
C SER E 161 7.70 -39.25 4.83
N ALA E 162 7.60 -38.57 5.98
CA ALA E 162 6.57 -38.92 6.96
C ALA E 162 5.17 -38.56 6.51
N ILE E 163 4.26 -39.44 6.93
CA ILE E 163 2.81 -39.39 6.63
C ILE E 163 2.21 -38.32 7.53
N THR E 164 1.28 -37.53 7.00
CA THR E 164 0.47 -36.66 7.84
C THR E 164 -0.97 -37.13 7.82
N GLN E 165 -1.61 -37.26 8.96
CA GLN E 165 -3.00 -37.68 8.96
C GLN E 165 -3.84 -36.52 8.60
N ALA E 166 -4.79 -36.70 7.70
CA ALA E 166 -5.68 -35.62 7.40
C ALA E 166 -6.54 -35.35 8.61
N CYS E 167 -6.87 -34.07 8.91
CA CYS E 167 -7.75 -33.69 10.00
C CYS E 167 -9.18 -34.19 9.71
N PRO E 168 -9.82 -34.93 10.63
CA PRO E 168 -11.13 -35.55 10.48
C PRO E 168 -12.26 -34.55 10.36
N LYS E 169 -11.99 -33.31 10.74
CA LYS E 169 -12.97 -32.26 10.70
C LYS E 169 -12.98 -31.51 9.37
N VAL E 170 -12.06 -31.86 8.48
CA VAL E 170 -12.00 -31.21 7.15
C VAL E 170 -12.65 -32.15 6.14
N SER E 171 -13.69 -31.67 5.44
CA SER E 171 -14.26 -32.45 4.31
C SER E 171 -13.46 -32.11 3.06
N PHE E 172 -13.36 -33.05 2.14
CA PHE E 172 -12.55 -32.86 0.91
C PHE E 172 -13.47 -32.45 -0.24
N GLU E 173 -14.76 -32.31 0.10
CA GLU E 173 -15.85 -32.07 -0.87
C GLU E 173 -15.45 -30.93 -1.82
N PRO E 174 -15.27 -31.12 -3.16
CA PRO E 174 -14.91 -29.98 -4.01
C PRO E 174 -15.89 -28.80 -3.94
N ILE E 175 -15.45 -27.65 -3.40
CA ILE E 175 -16.26 -26.41 -3.35
C ILE E 175 -16.04 -25.63 -4.67
N PRO E 176 -17.03 -25.20 -5.50
CA PRO E 176 -16.68 -24.34 -6.62
C PRO E 176 -16.09 -23.01 -6.23
N ILE E 177 -15.03 -22.64 -6.93
CA ILE E 177 -14.31 -21.35 -6.76
C ILE E 177 -14.50 -20.56 -8.05
N HIS E 178 -14.82 -19.28 -7.95
CA HIS E 178 -14.88 -18.41 -9.10
C HIS E 178 -13.57 -17.63 -9.17
N TYR E 179 -13.04 -17.36 -10.36
CA TYR E 179 -11.82 -16.54 -10.47
C TYR E 179 -12.14 -15.18 -11.10
N CYS E 180 -11.86 -14.11 -10.33
CA CYS E 180 -12.21 -12.73 -10.63
C CYS E 180 -11.00 -11.89 -11.02
N ALA E 181 -11.21 -10.96 -11.95
CA ALA E 181 -10.13 -10.07 -12.34
C ALA E 181 -10.09 -8.85 -11.43
N PRO E 182 -8.92 -8.29 -11.15
CA PRO E 182 -8.73 -7.07 -10.43
C PRO E 182 -9.12 -5.89 -11.28
N ALA E 183 -9.41 -4.75 -10.67
CA ALA E 183 -9.74 -3.59 -11.45
C ALA E 183 -8.64 -3.26 -12.43
N GLY E 184 -9.03 -2.89 -13.63
CA GLY E 184 -8.08 -2.57 -14.69
C GLY E 184 -7.95 -3.74 -15.65
N PHE E 185 -8.51 -4.87 -15.27
CA PHE E 185 -8.49 -6.10 -16.05
C PHE E 185 -9.88 -6.65 -16.27
N ALA E 186 -9.99 -7.48 -17.28
CA ALA E 186 -11.26 -8.09 -17.58
C ALA E 186 -11.07 -9.48 -18.09
N ILE E 187 -12.10 -10.31 -17.98
CA ILE E 187 -11.99 -11.64 -18.50
C ILE E 187 -12.91 -11.79 -19.67
N LEU E 188 -12.39 -12.27 -20.77
CA LEU E 188 -13.21 -12.47 -21.93
C LEU E 188 -13.59 -13.91 -22.01
N LYS E 189 -14.85 -14.15 -22.29
CA LYS E 189 -15.39 -15.50 -22.39
C LYS E 189 -15.80 -15.84 -23.81
N CYS E 190 -15.33 -16.98 -24.35
CA CYS E 190 -15.67 -17.44 -25.69
C CYS E 190 -16.99 -18.22 -25.64
N LYS E 191 -17.98 -17.75 -26.39
CA LYS E 191 -19.30 -18.36 -26.40
C LYS E 191 -19.56 -19.23 -27.60
N ASP E 192 -18.56 -19.45 -28.41
CA ASP E 192 -18.75 -20.27 -29.59
C ASP E 192 -18.88 -21.72 -29.18
N LYS E 193 -20.05 -22.28 -29.46
CA LYS E 193 -20.44 -23.64 -29.08
C LYS E 193 -19.57 -24.69 -29.75
N LYS E 194 -18.91 -24.31 -30.82
CA LYS E 194 -18.04 -25.20 -31.57
C LYS E 194 -16.57 -24.91 -31.29
N PHE E 195 -16.28 -24.06 -30.32
CA PHE E 195 -14.91 -23.70 -30.07
C PHE E 195 -14.08 -24.89 -29.57
N ASN E 196 -12.94 -25.14 -30.25
CA ASN E 196 -12.01 -26.25 -30.02
C ASN E 196 -10.77 -25.87 -29.19
N GLY E 197 -10.78 -24.70 -28.52
CA GLY E 197 -9.73 -24.20 -27.64
C GLY E 197 -8.77 -23.19 -28.25
N THR E 198 -8.69 -23.10 -29.57
CA THR E 198 -7.79 -22.12 -30.15
C THR E 198 -8.37 -21.34 -31.30
N GLY E 199 -7.74 -20.21 -31.58
CA GLY E 199 -8.05 -19.43 -32.74
C GLY E 199 -9.17 -18.43 -32.48
N PRO E 200 -9.63 -17.75 -33.52
CA PRO E 200 -10.63 -16.72 -33.45
C PRO E 200 -11.91 -17.30 -32.88
N CYS E 201 -12.60 -16.50 -32.06
CA CYS E 201 -13.87 -16.79 -31.44
C CYS E 201 -14.78 -15.60 -31.81
N PRO E 202 -15.76 -15.78 -32.72
CA PRO E 202 -16.64 -14.76 -33.26
C PRO E 202 -17.65 -14.20 -32.29
N SER E 203 -17.85 -14.86 -31.16
CA SER E 203 -18.80 -14.37 -30.18
C SER E 203 -18.16 -14.43 -28.84
N VAL E 204 -17.80 -13.25 -28.34
CA VAL E 204 -17.04 -13.12 -27.12
C VAL E 204 -17.77 -12.21 -26.19
N SER E 205 -17.93 -12.57 -24.95
CA SER E 205 -18.59 -11.67 -24.04
C SER E 205 -17.63 -11.29 -22.93
N THR E 206 -17.88 -10.18 -22.29
CA THR E 206 -17.03 -9.75 -21.19
C THR E 206 -17.64 -10.11 -19.89
N VAL E 207 -16.84 -10.70 -19.01
CA VAL E 207 -17.33 -11.03 -17.70
C VAL E 207 -16.43 -10.43 -16.65
N GLN E 208 -16.98 -10.34 -15.46
CA GLN E 208 -16.31 -9.78 -14.30
C GLN E 208 -15.48 -10.84 -13.56
N CYS E 209 -16.00 -12.10 -13.55
CA CYS E 209 -15.49 -13.24 -12.83
C CYS E 209 -16.01 -14.49 -13.57
N THR E 210 -15.25 -15.58 -13.53
CA THR E 210 -15.66 -16.81 -14.19
C THR E 210 -16.74 -17.46 -13.39
N HIS E 211 -17.34 -18.49 -13.96
CA HIS E 211 -18.37 -19.23 -13.26
C HIS E 211 -17.65 -20.03 -12.21
N GLY E 212 -18.37 -20.66 -11.32
CA GLY E 212 -17.64 -21.41 -10.32
C GLY E 212 -17.13 -22.68 -10.93
N ILE E 213 -15.89 -23.00 -10.66
CA ILE E 213 -15.31 -24.23 -11.12
C ILE E 213 -15.02 -25.14 -9.98
N LYS E 214 -15.54 -26.35 -10.04
CA LYS E 214 -15.32 -27.31 -8.99
C LYS E 214 -13.95 -27.94 -9.17
N PRO E 215 -13.02 -27.90 -8.17
CA PRO E 215 -11.65 -28.36 -8.39
C PRO E 215 -11.53 -29.88 -8.23
N VAL E 216 -12.35 -30.63 -8.96
CA VAL E 216 -12.45 -32.06 -8.85
C VAL E 216 -11.14 -32.63 -9.31
N VAL E 217 -10.55 -33.50 -8.49
CA VAL E 217 -9.29 -34.10 -8.85
C VAL E 217 -9.46 -35.55 -9.22
N SER E 218 -9.18 -35.88 -10.47
CA SER E 218 -9.30 -37.22 -11.01
C SER E 218 -8.36 -37.42 -12.18
N THR E 219 -8.17 -38.67 -12.58
CA THR E 219 -7.30 -38.95 -13.72
C THR E 219 -7.96 -39.12 -15.07
N GLN E 220 -8.12 -40.34 -15.51
CA GLN E 220 -8.60 -40.57 -16.87
C GLN E 220 -10.04 -40.18 -17.20
N LEU E 221 -10.94 -40.14 -16.24
CA LEU E 221 -12.28 -39.70 -16.55
C LEU E 221 -12.53 -38.43 -15.78
N LEU E 222 -12.97 -37.42 -16.50
CA LEU E 222 -13.26 -36.14 -15.92
C LEU E 222 -14.63 -36.21 -15.33
N LEU E 223 -14.74 -35.85 -14.08
CA LEU E 223 -16.03 -35.92 -13.42
C LEU E 223 -16.54 -34.54 -13.06
N ASN E 224 -17.89 -34.39 -13.10
CA ASN E 224 -18.67 -33.24 -12.67
C ASN E 224 -18.23 -31.90 -13.29
N GLY E 225 -17.83 -31.88 -14.59
CA GLY E 225 -17.42 -30.69 -15.31
C GLY E 225 -18.52 -30.17 -16.20
N SER E 226 -18.14 -29.31 -17.12
CA SER E 226 -19.07 -28.72 -18.04
C SER E 226 -19.27 -29.63 -19.24
N LEU E 227 -20.47 -29.64 -19.78
CA LEU E 227 -20.76 -30.37 -21.00
C LEU E 227 -20.76 -29.45 -22.17
N ALA E 228 -20.49 -30.01 -23.32
CA ALA E 228 -20.54 -29.27 -24.56
C ALA E 228 -21.99 -28.90 -24.79
N GLU E 229 -22.25 -27.75 -25.37
CA GLU E 229 -23.63 -27.35 -25.57
C GLU E 229 -24.39 -28.19 -26.57
N GLU E 230 -23.73 -28.59 -27.64
CA GLU E 230 -24.40 -29.33 -28.71
C GLU E 230 -23.79 -30.65 -29.11
N GLU E 231 -22.47 -30.68 -29.22
CA GLU E 231 -21.78 -31.81 -29.84
C GLU E 231 -20.49 -32.12 -29.12
N VAL E 232 -20.02 -33.33 -29.25
CA VAL E 232 -18.77 -33.73 -28.63
C VAL E 232 -17.60 -32.98 -29.24
N ILE E 233 -16.76 -32.42 -28.38
CA ILE E 233 -15.64 -31.63 -28.87
C ILE E 233 -14.31 -32.22 -28.50
N ILE E 234 -13.48 -32.42 -29.49
CA ILE E 234 -12.17 -32.96 -29.23
C ILE E 234 -11.13 -31.87 -29.32
N ARG E 235 -10.45 -31.60 -28.21
CA ARG E 235 -9.49 -30.52 -28.16
C ARG E 235 -8.10 -31.03 -27.90
N SER E 236 -7.14 -30.62 -28.69
CA SER E 236 -5.77 -31.03 -28.46
C SER E 236 -4.83 -29.94 -28.89
N GLU E 237 -3.68 -29.83 -28.23
CA GLU E 237 -2.72 -28.80 -28.65
C GLU E 237 -2.21 -29.03 -30.09
N ASN E 238 -1.97 -30.31 -30.44
CA ASN E 238 -1.54 -30.80 -31.75
C ASN E 238 -2.11 -32.22 -31.92
N ILE E 239 -3.17 -32.37 -32.72
CA ILE E 239 -3.91 -33.63 -32.91
C ILE E 239 -3.10 -34.72 -33.59
N THR E 240 -1.99 -34.36 -34.23
CA THR E 240 -1.20 -35.37 -34.89
C THR E 240 0.05 -35.71 -34.10
N ASN E 241 0.21 -35.10 -32.93
CA ASN E 241 1.37 -35.29 -32.09
C ASN E 241 1.05 -36.25 -30.95
N ASN E 242 1.64 -37.44 -30.95
CA ASN E 242 1.30 -38.46 -29.95
C ASN E 242 1.81 -38.11 -28.56
N ALA E 243 2.60 -37.06 -28.46
CA ALA E 243 3.12 -36.61 -27.19
C ALA E 243 2.11 -35.71 -26.47
N LYS E 244 1.01 -35.38 -27.12
CA LYS E 244 0.02 -34.50 -26.54
C LYS E 244 -1.20 -35.27 -26.11
N ASN E 245 -1.88 -34.78 -25.07
CA ASN E 245 -3.10 -35.43 -24.64
C ASN E 245 -4.27 -34.84 -25.38
N ILE E 246 -5.31 -35.64 -25.51
CA ILE E 246 -6.55 -35.22 -26.12
C ILE E 246 -7.64 -35.10 -25.10
N LEU E 247 -8.24 -33.93 -25.00
CA LEU E 247 -9.29 -33.73 -24.02
C LEU E 247 -10.60 -33.81 -24.74
N VAL E 248 -11.43 -34.76 -24.37
CA VAL E 248 -12.68 -34.91 -25.07
C VAL E 248 -13.84 -34.50 -24.20
N GLN E 249 -14.58 -33.49 -24.64
CA GLN E 249 -15.72 -33.00 -23.89
C GLN E 249 -16.98 -33.63 -24.42
N LEU E 250 -17.79 -34.17 -23.53
CA LEU E 250 -19.01 -34.83 -23.97
C LEU E 250 -20.14 -33.83 -23.99
N ASN E 251 -21.15 -34.07 -24.81
CA ASN E 251 -22.33 -33.20 -24.83
C ASN E 251 -23.47 -33.77 -24.00
N THR E 252 -23.23 -34.92 -23.41
CA THR E 252 -24.17 -35.58 -22.54
C THR E 252 -23.36 -36.18 -21.42
N PRO E 253 -23.87 -36.26 -20.20
CA PRO E 253 -23.20 -36.89 -19.10
C PRO E 253 -23.35 -38.38 -19.20
N VAL E 254 -22.41 -39.11 -18.64
CA VAL E 254 -22.62 -40.55 -18.45
C VAL E 254 -22.63 -40.78 -16.96
N GLN E 255 -23.69 -41.35 -16.44
CA GLN E 255 -23.74 -41.50 -15.00
C GLN E 255 -22.96 -42.70 -14.53
N ILE E 256 -22.18 -42.50 -13.49
CA ILE E 256 -21.42 -43.56 -12.86
C ILE E 256 -21.74 -43.66 -11.34
N ASN E 257 -22.07 -44.88 -10.85
CA ASN E 257 -22.41 -45.21 -9.46
C ASN E 257 -21.25 -45.98 -8.79
N CYS E 258 -20.56 -45.38 -7.80
CA CYS E 258 -19.41 -46.00 -7.13
C CYS E 258 -19.71 -46.34 -5.68
N THR E 259 -19.20 -47.48 -5.25
CA THR E 259 -19.40 -47.94 -3.89
C THR E 259 -18.27 -48.70 -3.26
N ARG E 260 -18.21 -48.60 -1.93
CA ARG E 260 -17.33 -49.35 -1.07
C ARG E 260 -18.24 -50.06 -0.07
N PRO E 261 -18.78 -51.23 -0.42
CA PRO E 261 -19.86 -51.95 0.24
C PRO E 261 -19.46 -52.74 1.47
N ASN E 262 -18.81 -52.09 2.41
CA ASN E 262 -18.32 -52.76 3.61
C ASN E 262 -18.61 -51.93 4.83
N ASN E 263 -19.36 -52.45 5.83
CA ASN E 263 -19.76 -51.67 7.01
C ASN E 263 -18.56 -51.60 7.98
N ASN E 264 -17.75 -50.53 7.78
CA ASN E 264 -16.49 -50.23 8.45
C ASN E 264 -16.65 -49.66 9.84
N THR E 265 -16.13 -50.37 10.83
CA THR E 265 -16.19 -49.89 12.19
C THR E 265 -14.89 -49.21 12.47
N VAL E 266 -14.97 -47.93 12.79
CA VAL E 266 -13.80 -47.09 13.03
C VAL E 266 -13.51 -46.89 14.49
N LYS E 267 -12.25 -47.07 14.83
CA LYS E 267 -11.73 -46.95 16.17
C LYS E 267 -10.67 -45.89 16.24
N SER E 268 -10.41 -45.38 17.42
CA SER E 268 -9.33 -44.42 17.54
C SER E 268 -8.59 -44.59 18.84
N ILE E 269 -7.34 -44.18 18.81
CA ILE E 269 -6.47 -44.18 19.97
C ILE E 269 -5.76 -42.87 20.10
N ARG E 270 -5.24 -42.61 21.27
CA ARG E 270 -4.39 -41.47 21.37
C ARG E 270 -2.99 -41.98 21.13
N ILE E 271 -2.18 -41.20 20.44
CA ILE E 271 -0.79 -41.55 20.24
C ILE E 271 0.09 -40.51 20.89
N GLY E 272 -0.55 -39.46 21.38
CA GLY E 272 0.19 -38.40 22.03
C GLY E 272 -0.76 -37.40 22.71
N PRO E 273 -0.25 -36.27 23.17
CA PRO E 273 -0.95 -35.26 23.94
C PRO E 273 -1.96 -34.52 23.10
N GLY E 274 -3.14 -35.11 22.99
CA GLY E 274 -4.22 -34.55 22.20
C GLY E 274 -4.10 -34.95 20.74
N GLN E 275 -3.28 -35.95 20.50
CA GLN E 275 -3.04 -36.42 19.15
C GLN E 275 -3.73 -37.74 18.93
N ALA E 276 -4.82 -37.72 18.18
CA ALA E 276 -5.56 -38.95 17.95
C ALA E 276 -5.27 -39.52 16.59
N PHE E 277 -5.24 -40.83 16.54
CA PHE E 277 -5.08 -41.62 15.34
C PHE E 277 -6.32 -42.43 15.04
N TYR E 278 -6.77 -42.38 13.81
CA TYR E 278 -7.98 -43.11 13.42
C TYR E 278 -7.68 -44.29 12.54
N TYR E 279 -8.35 -45.40 12.79
CA TYR E 279 -8.12 -46.58 11.99
C TYR E 279 -9.31 -47.52 11.90
N THR E 280 -9.28 -48.41 10.90
CA THR E 280 -10.33 -49.39 10.78
C THR E 280 -10.12 -50.42 11.85
N GLY E 281 -11.15 -50.66 12.62
CA GLY E 281 -11.14 -51.63 13.67
C GLY E 281 -11.45 -52.97 13.05
N ASP E 282 -12.65 -53.06 12.49
CA ASP E 282 -13.06 -54.31 11.86
C ASP E 282 -14.16 -54.07 10.84
N ILE E 283 -14.58 -55.15 10.17
CA ILE E 283 -15.65 -55.08 9.19
C ILE E 283 -16.85 -55.94 9.56
N ILE E 284 -17.99 -55.29 9.57
CA ILE E 284 -19.25 -55.91 9.85
C ILE E 284 -19.80 -56.44 8.55
N GLY E 285 -20.11 -57.72 8.53
CA GLY E 285 -20.63 -58.35 7.34
C GLY E 285 -19.50 -58.83 6.46
N ASP E 286 -19.84 -59.25 5.26
CA ASP E 286 -18.88 -59.84 4.34
C ASP E 286 -17.93 -58.79 3.78
N ILE E 287 -16.75 -59.25 3.39
CA ILE E 287 -15.77 -58.38 2.78
C ILE E 287 -15.81 -58.52 1.27
N ARG E 288 -16.15 -57.41 0.62
CA ARG E 288 -16.35 -57.37 -0.82
C ARG E 288 -15.55 -56.24 -1.48
N GLN E 289 -15.29 -56.39 -2.77
CA GLN E 289 -14.51 -55.39 -3.48
C GLN E 289 -15.31 -54.18 -3.87
N ALA E 290 -14.68 -53.01 -3.72
CA ALA E 290 -15.26 -51.74 -4.13
C ALA E 290 -15.39 -51.75 -5.63
N HIS E 291 -16.40 -51.10 -6.14
CA HIS E 291 -16.59 -51.09 -7.58
C HIS E 291 -17.44 -49.92 -8.07
N CYS E 292 -17.41 -49.64 -9.40
CA CYS E 292 -18.23 -48.62 -10.07
C CYS E 292 -19.06 -49.20 -11.23
N ASN E 293 -20.28 -48.71 -11.38
CA ASN E 293 -21.20 -49.12 -12.43
C ASN E 293 -21.44 -48.01 -13.47
N VAL E 294 -21.19 -48.33 -14.76
CA VAL E 294 -21.42 -47.46 -15.93
C VAL E 294 -22.43 -48.17 -16.82
N SER E 295 -23.54 -47.53 -17.18
CA SER E 295 -24.54 -48.26 -17.99
C SER E 295 -23.89 -48.66 -19.30
N LYS E 296 -24.13 -49.90 -19.74
CA LYS E 296 -23.45 -50.40 -20.93
C LYS E 296 -23.86 -49.71 -22.22
N ALA E 297 -25.16 -49.55 -22.43
CA ALA E 297 -25.57 -48.95 -23.69
C ALA E 297 -25.16 -47.51 -23.76
N THR E 298 -25.23 -46.83 -22.63
CA THR E 298 -24.93 -45.42 -22.59
C THR E 298 -23.48 -45.24 -22.94
N TRP E 299 -22.63 -46.07 -22.35
CA TRP E 299 -21.23 -45.97 -22.63
C TRP E 299 -20.91 -46.24 -24.10
N ASN E 300 -21.54 -47.26 -24.75
CA ASN E 300 -21.31 -47.58 -26.16
C ASN E 300 -21.72 -46.42 -27.08
N GLU E 301 -22.86 -45.72 -26.77
CA GLU E 301 -23.33 -44.56 -27.52
C GLU E 301 -22.36 -43.40 -27.37
N THR E 302 -21.82 -43.27 -26.16
CA THR E 302 -20.86 -42.22 -25.88
C THR E 302 -19.63 -42.43 -26.72
N LEU E 303 -19.12 -43.66 -26.77
CA LEU E 303 -17.95 -43.85 -27.59
C LEU E 303 -18.30 -43.68 -29.04
N GLY E 304 -19.48 -44.11 -29.47
CA GLY E 304 -19.79 -43.96 -30.87
C GLY E 304 -19.68 -42.49 -31.27
N LYS E 305 -20.17 -41.58 -30.42
CA LYS E 305 -20.07 -40.17 -30.72
C LYS E 305 -18.62 -39.70 -30.75
N VAL E 306 -17.80 -40.20 -29.84
CA VAL E 306 -16.40 -39.80 -29.80
C VAL E 306 -15.70 -40.24 -31.07
N VAL E 307 -15.98 -41.46 -31.51
CA VAL E 307 -15.39 -42.03 -32.70
C VAL E 307 -15.76 -41.21 -33.92
N LYS E 308 -17.02 -40.82 -34.03
CA LYS E 308 -17.43 -40.01 -35.16
C LYS E 308 -16.64 -38.73 -35.25
N GLN E 309 -16.30 -38.15 -34.10
CA GLN E 309 -15.54 -36.91 -34.11
C GLN E 309 -14.05 -37.17 -34.35
N LEU E 310 -13.52 -38.28 -33.87
CA LEU E 310 -12.12 -38.58 -34.11
C LEU E 310 -11.87 -38.75 -35.60
N ARG E 311 -12.85 -39.30 -36.30
CA ARG E 311 -12.75 -39.54 -37.73
C ARG E 311 -12.65 -38.26 -38.55
N LYS E 312 -12.86 -37.11 -37.93
CA LYS E 312 -12.73 -35.86 -38.65
C LYS E 312 -11.29 -35.34 -38.61
N HIS E 313 -10.45 -35.96 -37.79
CA HIS E 313 -9.06 -35.57 -37.66
C HIS E 313 -8.16 -36.65 -38.21
N PHE E 314 -8.69 -37.85 -38.20
CA PHE E 314 -8.01 -39.03 -38.66
C PHE E 314 -8.71 -39.45 -39.93
N GLY E 315 -8.32 -40.54 -40.56
CA GLY E 315 -8.99 -40.86 -41.80
C GLY E 315 -10.45 -41.19 -41.50
N ASN E 316 -11.36 -41.00 -42.49
CA ASN E 316 -12.80 -41.30 -42.36
C ASN E 316 -13.07 -42.80 -42.46
N ASN E 317 -12.48 -43.47 -43.49
CA ASN E 317 -12.62 -44.91 -43.76
C ASN E 317 -11.53 -45.59 -42.95
N THR E 318 -11.66 -45.48 -41.66
CA THR E 318 -10.66 -45.94 -40.72
C THR E 318 -11.21 -46.82 -39.66
N ILE E 319 -10.29 -47.26 -38.82
CA ILE E 319 -10.61 -48.06 -37.68
C ILE E 319 -10.11 -47.40 -36.42
N ILE E 320 -11.00 -47.26 -35.44
CA ILE E 320 -10.65 -46.69 -34.16
C ILE E 320 -10.77 -47.69 -33.05
N ARG E 321 -9.68 -47.86 -32.34
CA ARG E 321 -9.63 -48.83 -31.28
C ARG E 321 -9.37 -48.24 -29.93
N PHE E 322 -10.12 -48.71 -28.97
CA PHE E 322 -9.90 -48.30 -27.60
C PHE E 322 -9.27 -49.42 -26.85
N ALA E 323 -8.30 -49.06 -26.03
CA ALA E 323 -7.55 -50.00 -25.23
C ALA E 323 -7.18 -49.42 -23.88
N GLN E 324 -6.86 -50.29 -22.96
CA GLN E 324 -6.44 -49.96 -21.61
C GLN E 324 -5.04 -49.36 -21.58
N SER E 325 -4.71 -48.62 -20.52
CA SER E 325 -3.38 -48.04 -20.44
C SER E 325 -2.30 -49.08 -20.50
N SER E 326 -1.26 -48.75 -21.23
CA SER E 326 -0.11 -49.61 -21.48
C SER E 326 0.86 -49.70 -20.32
N GLY E 327 0.76 -48.81 -19.34
CA GLY E 327 1.74 -48.87 -18.26
C GLY E 327 1.72 -47.68 -17.32
N GLY E 328 2.57 -47.76 -16.31
CA GLY E 328 2.68 -46.74 -15.27
C GLY E 328 2.14 -47.33 -13.97
N ASP E 329 2.21 -46.57 -12.90
CA ASP E 329 1.78 -47.09 -11.62
C ASP E 329 0.27 -47.00 -11.45
N LEU E 330 -0.23 -47.49 -10.32
CA LEU E 330 -1.66 -47.50 -10.04
C LEU E 330 -2.27 -46.12 -10.15
N GLU E 331 -1.53 -45.11 -9.75
CA GLU E 331 -2.00 -43.73 -9.77
C GLU E 331 -2.32 -43.19 -11.15
N VAL E 332 -1.78 -43.78 -12.22
CA VAL E 332 -2.07 -43.29 -13.56
C VAL E 332 -2.74 -44.32 -14.48
N THR E 333 -2.70 -45.61 -14.13
CA THR E 333 -3.29 -46.61 -15.00
C THR E 333 -4.75 -46.84 -14.69
N THR E 334 -5.18 -46.32 -13.58
CA THR E 334 -6.56 -46.46 -13.12
C THR E 334 -7.23 -45.13 -13.06
N HIS E 335 -8.52 -45.20 -12.77
CA HIS E 335 -9.28 -44.01 -12.60
C HIS E 335 -9.27 -43.66 -11.15
N SER E 336 -8.52 -42.63 -10.83
CA SER E 336 -8.37 -42.20 -9.47
C SER E 336 -9.33 -41.10 -9.16
N PHE E 337 -10.02 -41.25 -8.04
CA PHE E 337 -10.94 -40.22 -7.58
C PHE E 337 -11.28 -40.33 -6.11
N ASN E 338 -11.76 -39.23 -5.55
CA ASN E 338 -12.25 -39.15 -4.19
C ASN E 338 -13.77 -39.38 -4.15
N CYS E 339 -14.22 -40.47 -3.51
CA CYS E 339 -15.63 -40.88 -3.38
C CYS E 339 -16.01 -40.88 -1.91
N GLY E 340 -16.63 -39.79 -1.48
CA GLY E 340 -17.05 -39.70 -0.09
C GLY E 340 -15.92 -39.59 0.90
N GLY E 341 -14.74 -39.13 0.49
CA GLY E 341 -13.59 -39.06 1.36
C GLY E 341 -12.62 -40.23 1.18
N GLU E 342 -13.03 -41.30 0.50
CA GLU E 342 -12.11 -42.42 0.29
C GLU E 342 -11.47 -42.29 -1.07
N PHE E 343 -10.27 -42.83 -1.21
CA PHE E 343 -9.60 -42.75 -2.49
C PHE E 343 -9.59 -44.08 -3.23
N PHE E 344 -10.30 -44.04 -4.36
CA PHE E 344 -10.53 -45.17 -5.25
C PHE E 344 -9.59 -45.17 -6.43
N TYR E 345 -9.17 -46.36 -6.82
CA TYR E 345 -8.33 -46.62 -8.00
C TYR E 345 -8.98 -47.72 -8.87
N CYS E 346 -9.91 -47.32 -9.77
CA CYS E 346 -10.78 -48.21 -10.53
C CYS E 346 -10.19 -48.64 -11.86
N ASN E 347 -10.37 -49.90 -12.17
CA ASN E 347 -9.90 -50.50 -13.40
C ASN E 347 -10.92 -50.28 -14.53
N THR E 348 -10.53 -49.47 -15.54
CA THR E 348 -11.33 -49.01 -16.66
C THR E 348 -11.13 -49.82 -17.91
N SER E 349 -10.48 -50.98 -17.82
CA SER E 349 -10.29 -51.80 -19.01
C SER E 349 -11.62 -52.28 -19.54
N GLY E 350 -12.66 -52.23 -18.70
CA GLY E 350 -14.00 -52.62 -19.07
C GLY E 350 -14.72 -51.53 -19.87
N LEU E 351 -14.13 -50.33 -19.90
CA LEU E 351 -14.70 -49.21 -20.63
C LEU E 351 -13.99 -49.01 -21.96
N PHE E 352 -12.71 -49.31 -21.99
CA PHE E 352 -11.93 -49.07 -23.20
C PHE E 352 -11.40 -50.35 -23.82
N ASN E 353 -12.34 -51.19 -24.32
CA ASN E 353 -12.07 -52.49 -24.94
C ASN E 353 -13.01 -52.71 -26.13
N SER E 354 -12.75 -52.02 -27.27
CA SER E 354 -13.58 -52.16 -28.50
C SER E 354 -12.89 -51.67 -29.75
N THR E 355 -13.34 -52.17 -30.89
CA THR E 355 -12.84 -51.68 -32.17
C THR E 355 -14.02 -51.24 -33.03
N TRP E 356 -13.94 -50.01 -33.49
CA TRP E 356 -14.98 -49.40 -34.30
C TRP E 356 -14.51 -49.33 -35.75
N ILE E 357 -15.22 -50.01 -36.64
CA ILE E 357 -14.77 -50.06 -38.03
C ILE E 357 -15.73 -49.34 -38.98
N SER E 358 -15.23 -48.33 -39.75
CA SER E 358 -15.91 -47.49 -40.76
C SER E 358 -17.45 -47.64 -40.82
N ASN E 371 -30.97 -54.65 -19.38
CA ASN E 371 -30.38 -53.43 -18.81
C ASN E 371 -29.01 -53.75 -18.17
N ASP E 372 -28.01 -54.03 -19.02
CA ASP E 372 -26.62 -54.34 -18.64
C ASP E 372 -25.82 -53.12 -18.19
N SER E 373 -24.82 -53.40 -17.38
CA SER E 373 -23.89 -52.39 -16.91
C SER E 373 -22.50 -52.97 -16.86
N ILE E 374 -21.55 -52.07 -16.86
CA ILE E 374 -20.16 -52.42 -16.80
C ILE E 374 -19.67 -52.19 -15.40
N THR E 375 -19.13 -53.22 -14.76
CA THR E 375 -18.65 -53.04 -13.41
C THR E 375 -17.13 -52.94 -13.43
N LEU E 376 -16.63 -51.90 -12.80
CA LEU E 376 -15.21 -51.64 -12.72
C LEU E 376 -14.74 -51.99 -11.31
N PRO E 377 -13.82 -52.94 -11.13
CA PRO E 377 -13.24 -53.28 -9.84
C PRO E 377 -12.49 -52.06 -9.38
N CYS E 378 -12.48 -51.73 -8.06
CA CYS E 378 -11.75 -50.58 -7.50
C CYS E 378 -10.92 -50.94 -6.27
N ARG E 379 -9.70 -50.45 -6.25
CA ARG E 379 -8.84 -50.64 -5.09
C ARG E 379 -8.93 -49.41 -4.21
N ILE E 380 -8.70 -49.58 -2.92
CA ILE E 380 -8.73 -48.47 -1.99
C ILE E 380 -7.38 -48.27 -1.33
N LYS E 381 -6.92 -47.03 -1.23
CA LYS E 381 -5.65 -46.76 -0.53
C LYS E 381 -5.85 -45.74 0.56
N GLN E 382 -5.22 -45.93 1.71
CA GLN E 382 -5.29 -44.91 2.73
C GLN E 382 -4.09 -44.00 2.69
N ILE E 383 -2.95 -44.48 2.21
CA ILE E 383 -1.72 -43.62 2.23
C ILE E 383 -1.42 -43.12 0.80
N ILE E 384 -1.79 -41.88 0.48
CA ILE E 384 -1.72 -41.38 -0.86
C ILE E 384 -0.80 -40.18 -0.99
N ASN E 385 -0.46 -39.85 -2.24
CA ASN E 385 0.50 -38.76 -2.54
C ASN E 385 -0.22 -37.54 -3.15
N MET E 386 -1.43 -37.74 -3.67
CA MET E 386 -2.25 -36.71 -4.37
C MET E 386 -1.65 -36.05 -5.58
N TRP E 387 -0.60 -35.30 -5.33
CA TRP E 387 0.06 -34.55 -6.35
C TRP E 387 1.22 -35.36 -6.80
N GLN E 388 1.73 -35.10 -7.98
CA GLN E 388 2.86 -35.90 -8.44
C GLN E 388 4.14 -35.42 -7.80
N ARG E 389 4.29 -35.74 -6.52
CA ARG E 389 5.38 -35.31 -5.68
C ARG E 389 5.93 -36.47 -4.89
N ILE E 390 7.16 -36.34 -4.43
CA ILE E 390 7.82 -37.38 -3.64
C ILE E 390 7.83 -37.14 -2.14
N GLY E 391 8.01 -35.90 -1.72
CA GLY E 391 8.26 -35.57 -0.31
C GLY E 391 7.04 -35.42 0.59
N GLN E 392 5.86 -35.70 0.12
CA GLN E 392 4.68 -35.57 0.95
C GLN E 392 3.83 -36.81 0.86
N ALA E 393 3.22 -37.16 1.99
CA ALA E 393 2.26 -38.27 2.01
C ALA E 393 1.11 -37.88 2.92
N MET E 394 -0.07 -38.44 2.69
CA MET E 394 -1.17 -38.24 3.60
C MET E 394 -1.89 -39.52 3.95
N TYR E 395 -2.31 -39.62 5.20
CA TYR E 395 -3.13 -40.74 5.61
C TYR E 395 -4.56 -40.30 5.68
N ALA E 396 -5.40 -40.97 4.92
CA ALA E 396 -6.79 -40.65 4.91
C ALA E 396 -7.47 -41.51 5.98
N PRO E 397 -8.10 -40.93 7.01
CA PRO E 397 -8.76 -41.67 8.04
C PRO E 397 -9.84 -42.47 7.33
N PRO E 398 -10.19 -43.65 7.80
CA PRO E 398 -11.24 -44.47 7.27
C PRO E 398 -12.57 -43.87 7.61
N ILE E 399 -13.55 -44.14 6.78
CA ILE E 399 -14.88 -43.67 7.08
C ILE E 399 -15.86 -44.73 7.53
N GLN E 400 -16.47 -44.43 8.67
CA GLN E 400 -17.44 -45.28 9.32
C GLN E 400 -18.64 -45.57 8.45
N GLY E 401 -19.01 -46.84 8.38
CA GLY E 401 -20.16 -47.23 7.59
C GLY E 401 -19.80 -47.59 6.16
N VAL E 402 -20.74 -47.31 5.25
CA VAL E 402 -20.65 -47.71 3.85
C VAL E 402 -20.71 -46.49 2.94
N ILE E 403 -19.85 -46.46 1.94
CA ILE E 403 -19.84 -45.32 1.02
C ILE E 403 -20.39 -45.57 -0.35
N ARG E 404 -21.25 -44.65 -0.75
CA ARG E 404 -21.85 -44.63 -2.05
C ARG E 404 -21.79 -43.19 -2.58
N CYS E 405 -21.39 -42.98 -3.86
CA CYS E 405 -21.36 -41.68 -4.52
C CYS E 405 -21.80 -41.85 -5.97
N VAL E 406 -22.45 -40.84 -6.49
CA VAL E 406 -22.87 -40.81 -7.88
C VAL E 406 -22.34 -39.57 -8.53
N SER E 407 -21.72 -39.75 -9.67
CA SER E 407 -21.13 -38.62 -10.39
C SER E 407 -21.38 -38.71 -11.89
N ASN E 408 -21.19 -37.58 -12.59
CA ASN E 408 -21.32 -37.49 -14.05
C ASN E 408 -19.95 -37.50 -14.71
N ILE E 409 -19.78 -38.36 -15.76
CA ILE E 409 -18.58 -38.37 -16.60
C ILE E 409 -18.88 -37.33 -17.64
N THR E 410 -18.06 -36.30 -17.69
CA THR E 410 -18.31 -35.18 -18.57
C THR E 410 -17.25 -35.06 -19.64
N GLY E 411 -16.27 -35.94 -19.59
CA GLY E 411 -15.19 -35.92 -20.55
C GLY E 411 -14.16 -36.98 -20.27
N LEU E 412 -13.35 -37.23 -21.27
CA LEU E 412 -12.33 -38.25 -21.22
C LEU E 412 -10.95 -37.67 -21.46
N ILE E 413 -9.90 -38.26 -20.87
CA ILE E 413 -8.57 -37.85 -21.31
C ILE E 413 -7.93 -39.02 -22.01
N LEU E 414 -7.63 -38.84 -23.29
CA LEU E 414 -7.06 -39.90 -24.11
C LEU E 414 -5.70 -39.56 -24.69
N THR E 415 -4.92 -40.59 -24.97
CA THR E 415 -3.67 -40.41 -25.67
C THR E 415 -3.74 -41.31 -26.89
N ARG E 416 -2.88 -41.08 -27.86
CA ARG E 416 -2.89 -41.92 -29.07
C ARG E 416 -1.53 -42.58 -29.25
N ASP E 417 -1.52 -43.87 -29.67
CA ASP E 417 -0.31 -44.66 -29.94
C ASP E 417 0.50 -44.03 -31.08
N THR E 424 -2.98 -49.31 -41.03
CA THR E 424 -3.89 -48.34 -40.46
C THR E 424 -4.27 -48.81 -39.03
N THR E 425 -5.34 -48.20 -38.47
CA THR E 425 -5.97 -48.37 -37.15
C THR E 425 -5.35 -47.45 -36.11
N GLU E 426 -6.16 -46.52 -35.65
CA GLU E 426 -5.73 -45.57 -34.65
C GLU E 426 -6.12 -46.12 -33.30
N THR E 427 -5.18 -46.21 -32.37
CA THR E 427 -5.49 -46.74 -31.06
C THR E 427 -5.32 -45.68 -29.99
N PHE E 428 -6.37 -45.57 -29.17
CA PHE E 428 -6.44 -44.60 -28.11
C PHE E 428 -6.52 -45.28 -26.75
N ARG E 429 -5.87 -44.68 -25.78
CA ARG E 429 -5.84 -45.21 -24.43
C ARG E 429 -6.09 -44.10 -23.43
N PRO E 430 -6.62 -44.38 -22.25
CA PRO E 430 -6.77 -43.42 -21.19
C PRO E 430 -5.45 -42.84 -20.71
N GLY E 431 -5.46 -41.55 -20.39
CA GLY E 431 -4.32 -40.81 -19.85
C GLY E 431 -4.77 -40.00 -18.64
N GLY E 432 -4.38 -38.74 -18.54
CA GLY E 432 -4.83 -37.90 -17.43
C GLY E 432 -3.97 -37.77 -16.17
N GLY E 433 -2.73 -38.23 -16.18
CA GLY E 433 -1.91 -38.11 -14.98
C GLY E 433 -1.62 -36.65 -14.53
N ASP E 434 -1.54 -35.71 -15.47
CA ASP E 434 -1.25 -34.31 -15.17
C ASP E 434 -2.54 -33.53 -14.90
N MET E 435 -2.72 -33.11 -13.65
CA MET E 435 -3.96 -32.47 -13.20
C MET E 435 -4.29 -31.18 -13.91
N ARG E 436 -3.31 -30.55 -14.53
CA ARG E 436 -3.62 -29.29 -15.19
C ARG E 436 -4.57 -29.50 -16.35
N ASP E 437 -4.65 -30.72 -16.87
CA ASP E 437 -5.57 -30.99 -17.94
C ASP E 437 -6.99 -30.94 -17.45
N ASN E 438 -7.21 -31.19 -16.17
CA ASN E 438 -8.57 -31.16 -15.71
C ASN E 438 -9.00 -29.73 -15.70
N TRP E 439 -8.09 -28.88 -15.28
CA TRP E 439 -8.44 -27.48 -15.19
C TRP E 439 -8.54 -26.82 -16.56
N ARG E 440 -7.77 -27.29 -17.52
CA ARG E 440 -7.86 -26.78 -18.87
C ARG E 440 -9.22 -27.06 -19.48
N SER E 441 -9.82 -28.18 -19.12
CA SER E 441 -11.11 -28.54 -19.68
C SER E 441 -12.23 -27.58 -19.23
N GLU E 442 -11.98 -26.78 -18.19
CA GLU E 442 -12.98 -25.82 -17.72
C GLU E 442 -12.59 -24.38 -18.09
N LEU E 443 -11.30 -24.09 -18.05
CA LEU E 443 -10.81 -22.74 -18.30
C LEU E 443 -10.53 -22.40 -19.75
N TYR E 444 -10.69 -23.35 -20.64
CA TYR E 444 -10.41 -23.12 -22.06
C TYR E 444 -11.18 -21.96 -22.67
N LYS E 445 -12.31 -21.59 -22.11
CA LYS E 445 -13.09 -20.53 -22.70
C LYS E 445 -12.76 -19.16 -22.14
N TYR E 446 -11.82 -19.06 -21.21
CA TYR E 446 -11.55 -17.74 -20.65
C TYR E 446 -10.17 -17.18 -20.98
N LYS E 447 -10.11 -15.88 -21.20
CA LYS E 447 -8.87 -15.17 -21.44
C LYS E 447 -8.76 -13.92 -20.59
N VAL E 448 -7.56 -13.59 -20.12
CA VAL E 448 -7.42 -12.37 -19.33
C VAL E 448 -6.76 -11.25 -20.12
N VAL E 449 -7.40 -10.08 -20.13
CA VAL E 449 -6.84 -8.96 -20.85
C VAL E 449 -6.73 -7.72 -19.98
N LYS E 450 -5.76 -6.89 -20.29
CA LYS E 450 -5.54 -5.62 -19.61
C LYS E 450 -6.24 -4.53 -20.35
N ILE E 451 -6.91 -3.68 -19.62
CA ILE E 451 -7.60 -2.59 -20.24
C ILE E 451 -6.63 -1.45 -20.42
N GLU E 452 -6.61 -0.88 -21.62
CA GLU E 452 -5.73 0.22 -21.95
C GLU E 452 -6.53 1.43 -22.39
N PRO E 453 -7.07 2.22 -21.46
CA PRO E 453 -8.02 3.27 -21.67
C PRO E 453 -7.49 4.52 -22.35
N LEU E 454 -6.17 4.66 -22.45
CA LEU E 454 -5.65 5.89 -23.03
C LEU E 454 -5.22 5.72 -24.47
N GLY E 455 -5.57 6.68 -25.32
CA GLY E 455 -5.11 6.61 -26.71
C GLY E 455 -5.37 7.90 -27.46
N VAL E 456 -4.90 7.97 -28.71
CA VAL E 456 -5.06 9.18 -29.50
C VAL E 456 -5.62 8.90 -30.87
N ALA E 457 -6.19 9.94 -31.51
CA ALA E 457 -6.69 9.86 -32.87
C ALA E 457 -6.77 11.28 -33.46
N PRO E 458 -6.65 11.49 -34.77
CA PRO E 458 -6.82 12.77 -35.42
C PRO E 458 -8.23 13.26 -35.47
N THR E 459 -8.43 14.55 -35.20
CA THR E 459 -9.71 15.23 -35.31
C THR E 459 -9.48 16.62 -35.90
N ARG E 460 -10.53 17.43 -36.00
CA ARG E 460 -10.32 18.80 -36.56
C ARG E 460 -10.06 19.81 -35.42
N CYS E 461 -10.24 19.38 -34.18
CA CYS E 461 -10.23 20.18 -32.96
C CYS E 461 -8.82 20.54 -32.51
N LYS E 462 -8.57 21.82 -32.26
CA LYS E 462 -7.26 22.23 -31.76
C LYS E 462 -7.40 23.27 -30.67
N ARG E 463 -6.42 23.33 -29.73
CA ARG E 463 -6.37 24.35 -28.67
C ARG E 463 -5.92 25.70 -29.23
N LEU F 9 -24.14 -1.50 -23.67
CA LEU F 9 -23.98 -0.18 -23.04
C LEU F 9 -23.10 -0.19 -21.76
N GLY F 10 -22.72 -1.39 -21.27
CA GLY F 10 -21.90 -1.58 -20.06
C GLY F 10 -20.44 -1.55 -20.43
N PHE F 11 -19.60 -1.99 -19.51
CA PHE F 11 -18.18 -1.95 -19.72
C PHE F 11 -17.75 -2.69 -20.97
N LEU F 12 -17.06 -1.97 -21.85
CA LEU F 12 -16.58 -2.43 -23.14
C LEU F 12 -17.69 -2.80 -24.11
N GLY F 13 -18.91 -2.41 -23.82
CA GLY F 13 -20.02 -2.71 -24.70
C GLY F 13 -19.80 -2.11 -26.08
N ALA F 14 -19.13 -0.98 -26.12
CA ALA F 14 -18.87 -0.26 -27.35
C ALA F 14 -17.62 -0.75 -28.05
N ALA F 15 -16.94 -1.75 -27.52
CA ALA F 15 -15.70 -2.20 -28.12
C ALA F 15 -15.89 -2.62 -29.57
N GLY F 16 -17.03 -3.17 -29.93
CA GLY F 16 -17.21 -3.57 -31.33
C GLY F 16 -17.80 -2.46 -32.22
N SER F 17 -18.08 -1.30 -31.65
CA SER F 17 -18.68 -0.22 -32.40
C SER F 17 -17.57 0.63 -32.97
N THR F 18 -17.95 1.55 -33.88
CA THR F 18 -16.99 2.48 -34.54
C THR F 18 -16.52 3.53 -33.53
N MET F 19 -15.32 4.07 -33.74
CA MET F 19 -14.73 5.08 -32.88
C MET F 19 -15.64 6.27 -32.63
N GLY F 20 -16.38 6.66 -33.65
CA GLY F 20 -17.28 7.79 -33.57
C GLY F 20 -18.46 7.53 -32.64
N ALA F 21 -18.71 6.27 -32.29
CA ALA F 21 -19.79 5.93 -31.40
C ALA F 21 -19.25 5.66 -30.01
N ALA F 22 -18.13 4.93 -29.98
CA ALA F 22 -17.49 4.48 -28.76
C ALA F 22 -17.05 5.64 -27.90
N SER F 23 -16.69 6.75 -28.52
CA SER F 23 -16.23 7.92 -27.82
C SER F 23 -17.28 8.51 -26.88
N MET F 24 -18.53 8.08 -27.01
CA MET F 24 -19.56 8.57 -26.12
C MET F 24 -19.72 7.74 -24.83
N THR F 25 -18.91 6.70 -24.65
CA THR F 25 -18.99 5.80 -23.48
C THR F 25 -17.72 5.87 -22.65
N LEU F 26 -16.96 6.94 -22.79
CA LEU F 26 -15.69 7.03 -22.10
C LEU F 26 -15.84 6.97 -20.59
N THR F 27 -16.96 7.45 -20.04
CA THR F 27 -17.12 7.38 -18.60
C THR F 27 -17.42 5.97 -18.15
N VAL F 28 -17.94 5.13 -19.02
CA VAL F 28 -18.28 3.79 -18.64
C VAL F 28 -17.02 3.03 -18.35
N GLN F 29 -16.03 3.20 -19.21
CA GLN F 29 -14.80 2.51 -18.96
C GLN F 29 -14.00 3.18 -17.85
N ALA F 30 -13.99 4.50 -17.78
CA ALA F 30 -13.19 5.13 -16.74
C ALA F 30 -13.62 4.70 -15.35
N ARG F 31 -14.92 4.51 -15.13
CA ARG F 31 -15.43 4.13 -13.83
C ARG F 31 -15.12 2.71 -13.41
N ASN F 32 -14.61 1.90 -14.32
CA ASN F 32 -14.29 0.52 -14.00
C ASN F 32 -12.79 0.29 -13.87
N LEU F 33 -12.03 1.37 -13.75
CA LEU F 33 -10.59 1.21 -13.58
C LEU F 33 -10.19 1.10 -12.11
N LEU F 34 -11.03 1.58 -11.20
CA LEU F 34 -10.73 1.50 -9.78
C LEU F 34 -11.64 0.45 -9.13
N SER F 35 -11.13 -0.30 -8.10
CA SER F 35 -11.85 -1.33 -7.31
C SER F 35 -12.81 -2.21 -8.14
N HIS F 59 2.18 -16.31 1.29
CA HIS F 59 1.11 -16.00 2.21
C HIS F 59 -0.23 -15.97 1.44
N TRP F 60 -1.27 -16.62 2.01
CA TRP F 60 -2.60 -16.68 1.38
C TRP F 60 -3.33 -15.37 1.60
N GLY F 61 -3.72 -14.75 0.50
CA GLY F 61 -4.38 -13.44 0.52
C GLY F 61 -3.41 -12.28 0.25
N ILE F 62 -2.09 -12.52 0.28
CA ILE F 62 -1.22 -11.37 0.04
C ILE F 62 -1.35 -10.89 -1.38
N LYS F 63 -1.64 -11.81 -2.28
CA LYS F 63 -1.77 -11.47 -3.66
C LYS F 63 -2.97 -10.55 -3.87
N GLN F 64 -3.93 -10.53 -2.92
CA GLN F 64 -5.07 -9.66 -3.08
C GLN F 64 -4.57 -8.25 -2.93
N LEU F 65 -3.69 -8.03 -1.96
CA LEU F 65 -3.17 -6.67 -1.82
C LEU F 65 -2.31 -6.30 -2.97
N GLN F 66 -1.55 -7.25 -3.51
CA GLN F 66 -0.68 -6.88 -4.60
C GLN F 66 -1.51 -6.45 -5.78
N ALA F 67 -2.62 -7.14 -6.03
CA ALA F 67 -3.50 -6.78 -7.13
C ALA F 67 -4.12 -5.40 -6.94
N ARG F 68 -4.48 -5.06 -5.71
CA ARG F 68 -5.08 -3.77 -5.50
C ARG F 68 -4.07 -2.65 -5.70
N VAL F 69 -2.84 -2.88 -5.24
CA VAL F 69 -1.82 -1.89 -5.38
C VAL F 69 -1.47 -1.65 -6.82
N LEU F 70 -1.36 -2.70 -7.63
CA LEU F 70 -1.00 -2.43 -9.01
C LEU F 70 -2.14 -1.74 -9.73
N ALA F 71 -3.41 -2.01 -9.39
CA ALA F 71 -4.46 -1.30 -10.08
C ALA F 71 -4.32 0.19 -9.85
N VAL F 72 -3.96 0.56 -8.62
CA VAL F 72 -3.76 1.96 -8.31
C VAL F 72 -2.58 2.54 -9.04
N GLU F 73 -1.48 1.82 -9.09
CA GLU F 73 -0.32 2.34 -9.76
C GLU F 73 -0.57 2.60 -11.24
N HIS F 74 -1.33 1.71 -11.90
CA HIS F 74 -1.58 1.93 -13.30
C HIS F 74 -2.49 3.13 -13.48
N TYR F 75 -3.48 3.27 -12.61
CA TYR F 75 -4.37 4.40 -12.70
C TYR F 75 -3.60 5.70 -12.56
N LEU F 76 -2.74 5.77 -11.55
CA LEU F 76 -2.02 7.00 -11.35
C LEU F 76 -1.10 7.32 -12.48
N ARG F 77 -0.47 6.33 -13.09
CA ARG F 77 0.38 6.68 -14.21
C ARG F 77 -0.42 7.31 -15.34
N ASP F 78 -1.63 6.82 -15.61
CA ASP F 78 -2.38 7.47 -16.66
C ASP F 78 -2.72 8.89 -16.28
N GLN F 79 -3.05 9.11 -15.02
CA GLN F 79 -3.40 10.46 -14.63
C GLN F 79 -2.20 11.38 -14.67
N GLN F 80 -1.02 10.87 -14.30
CA GLN F 80 0.15 11.70 -14.34
C GLN F 80 0.45 12.11 -15.74
N LEU F 81 0.29 11.19 -16.68
CA LEU F 81 0.58 11.49 -18.05
C LEU F 81 -0.38 12.53 -18.61
N LEU F 82 -1.66 12.43 -18.26
CA LEU F 82 -2.58 13.44 -18.74
C LEU F 82 -2.17 14.78 -18.16
N GLY F 83 -1.70 14.79 -16.92
CA GLY F 83 -1.24 16.04 -16.32
C GLY F 83 -0.06 16.62 -17.10
N ILE F 84 0.89 15.77 -17.49
CA ILE F 84 2.05 16.23 -18.22
C ILE F 84 1.67 16.88 -19.52
N TRP F 85 0.69 16.32 -20.21
CA TRP F 85 0.21 16.85 -21.48
C TRP F 85 -0.76 18.00 -21.37
N GLY F 86 -1.16 18.38 -20.16
CA GLY F 86 -2.16 19.43 -19.97
C GLY F 86 -3.64 19.00 -20.17
N CYS F 87 -3.95 17.70 -20.03
CA CYS F 87 -5.26 17.08 -20.22
C CYS F 87 -5.87 16.65 -18.89
N SER F 88 -5.33 17.15 -17.80
CA SER F 88 -5.84 16.74 -16.51
C SER F 88 -7.28 17.13 -16.33
N GLY F 89 -8.07 16.21 -15.80
CA GLY F 89 -9.45 16.48 -15.51
C GLY F 89 -10.42 16.29 -16.67
N LYS F 90 -9.94 15.85 -17.83
CA LYS F 90 -10.83 15.68 -18.97
C LYS F 90 -10.77 14.29 -19.58
N LEU F 91 -11.87 13.85 -20.19
CA LEU F 91 -11.80 12.57 -20.89
C LEU F 91 -11.48 12.80 -22.36
N ILE F 92 -11.83 13.97 -22.88
CA ILE F 92 -11.50 14.34 -24.26
C ILE F 92 -10.66 15.59 -24.20
N CYS F 93 -9.44 15.58 -24.78
CA CYS F 93 -8.49 16.68 -24.75
C CYS F 93 -7.89 16.98 -26.11
N CYS F 94 -8.13 18.19 -26.59
CA CYS F 94 -7.61 18.60 -27.87
C CYS F 94 -6.23 19.13 -27.59
N THR F 95 -5.30 19.01 -28.52
CA THR F 95 -3.97 19.51 -28.28
C THR F 95 -3.50 20.41 -29.39
N ASN F 96 -2.24 20.85 -29.33
CA ASN F 96 -1.64 21.68 -30.36
C ASN F 96 -0.62 20.91 -31.21
N VAL F 97 -0.65 19.58 -31.14
CA VAL F 97 0.25 18.79 -31.96
C VAL F 97 -0.46 18.38 -33.22
N PRO F 98 0.07 18.65 -34.46
CA PRO F 98 -0.59 18.22 -35.70
C PRO F 98 -0.31 16.77 -36.14
N TRP F 99 -1.27 16.19 -36.87
CA TRP F 99 -1.18 14.75 -37.25
C TRP F 99 -0.33 14.60 -38.50
N ASN F 100 0.95 14.26 -38.35
CA ASN F 100 1.84 13.95 -39.49
C ASN F 100 1.23 12.79 -40.26
N SER F 101 1.09 12.92 -41.59
CA SER F 101 0.34 11.90 -42.36
C SER F 101 1.04 10.56 -42.25
N SER F 102 2.33 10.57 -41.94
CA SER F 102 3.16 9.33 -41.92
C SER F 102 2.62 8.38 -40.85
N TRP F 103 2.06 8.92 -39.78
CA TRP F 103 1.50 8.02 -38.74
C TRP F 103 0.32 7.24 -39.34
N SER F 104 -0.64 7.95 -39.92
CA SER F 104 -1.77 7.33 -40.65
C SER F 104 -2.39 8.33 -41.61
N ASN F 105 -2.45 8.01 -42.90
CA ASN F 105 -3.03 8.89 -43.89
C ASN F 105 -4.49 8.63 -44.15
N ARG F 106 -5.20 7.97 -43.24
CA ARG F 106 -6.64 7.70 -43.51
C ARG F 106 -7.45 8.97 -43.22
N ASN F 107 -8.47 9.24 -44.04
CA ASN F 107 -9.23 10.52 -43.94
C ASN F 107 -10.21 10.43 -42.78
N LEU F 108 -10.81 11.55 -42.39
CA LEU F 108 -11.46 11.64 -41.05
C LEU F 108 -12.69 10.74 -41.01
N SER F 109 -13.22 10.33 -42.15
CA SER F 109 -14.41 9.44 -42.14
C SER F 109 -14.04 8.05 -42.68
N GLU F 110 -12.78 7.67 -42.55
CA GLU F 110 -12.40 6.23 -42.61
C GLU F 110 -11.93 5.83 -41.22
N ILE F 111 -11.64 6.80 -40.37
CA ILE F 111 -11.17 6.51 -38.99
C ILE F 111 -12.40 6.51 -38.10
N TRP F 112 -13.27 7.52 -38.24
CA TRP F 112 -14.18 7.85 -37.14
C TRP F 112 -15.59 7.34 -37.41
N ASP F 113 -15.74 6.47 -38.41
CA ASP F 113 -17.07 5.84 -38.65
C ASP F 113 -16.91 4.65 -39.59
N ASN F 114 -15.79 3.95 -39.50
CA ASN F 114 -15.51 2.81 -40.40
C ASN F 114 -14.50 1.89 -39.71
N MET F 115 -14.04 2.29 -38.52
CA MET F 115 -12.92 1.62 -37.83
C MET F 115 -13.17 1.75 -36.33
N THR F 116 -13.05 0.64 -35.62
CA THR F 116 -13.21 0.52 -34.16
C THR F 116 -11.94 0.95 -33.46
N TRP F 117 -12.00 1.15 -32.15
CA TRP F 117 -10.79 1.55 -31.45
C TRP F 117 -9.76 0.45 -31.39
N LEU F 118 -10.18 -0.81 -31.40
CA LEU F 118 -9.21 -1.88 -31.36
C LEU F 118 -8.40 -1.89 -32.64
N GLN F 119 -9.06 -1.66 -33.77
CA GLN F 119 -8.33 -1.74 -35.06
C GLN F 119 -7.45 -0.49 -35.21
N TRP F 120 -7.89 0.64 -34.67
CA TRP F 120 -7.09 1.83 -34.72
C TRP F 120 -5.84 1.68 -33.89
N ASP F 121 -5.96 1.13 -32.69
CA ASP F 121 -4.78 0.99 -31.88
C ASP F 121 -3.76 0.13 -32.60
N LYS F 122 -4.19 -0.93 -33.27
CA LYS F 122 -3.20 -1.71 -33.97
C LYS F 122 -2.56 -0.91 -35.09
N GLU F 123 -3.37 -0.15 -35.83
CA GLU F 123 -2.86 0.61 -36.97
C GLU F 123 -1.73 1.55 -36.62
N ILE F 124 -1.86 2.26 -35.50
CA ILE F 124 -0.86 3.25 -34.99
C ILE F 124 -0.30 2.78 -33.65
N SER F 125 0.29 1.59 -33.61
CA SER F 125 0.94 1.13 -32.36
C SER F 125 2.40 1.55 -32.38
N ASN F 126 3.04 1.41 -33.54
CA ASN F 126 4.49 1.70 -33.60
C ASN F 126 4.69 3.20 -33.32
N TYR F 127 3.77 4.04 -33.79
CA TYR F 127 4.01 5.50 -33.83
C TYR F 127 3.49 6.13 -32.56
N THR F 128 3.39 5.38 -31.47
CA THR F 128 2.72 5.89 -30.25
C THR F 128 3.73 6.71 -29.46
N GLN F 129 4.89 6.14 -29.15
CA GLN F 129 5.78 6.85 -28.22
C GLN F 129 6.22 8.18 -28.84
N ILE F 130 6.12 8.32 -30.16
CA ILE F 130 6.48 9.55 -30.79
C ILE F 130 5.47 10.59 -30.44
N ILE F 131 4.21 10.20 -30.52
CA ILE F 131 3.15 11.12 -30.24
C ILE F 131 3.22 11.55 -28.81
N TYR F 132 3.45 10.62 -27.89
CA TYR F 132 3.50 11.01 -26.51
C TYR F 132 4.63 12.00 -26.27
N GLY F 133 5.78 11.78 -26.90
CA GLY F 133 6.87 12.71 -26.75
C GLY F 133 6.52 14.11 -27.27
N LEU F 134 5.81 14.17 -28.40
CA LEU F 134 5.42 15.46 -28.93
C LEU F 134 4.44 16.17 -28.04
N LEU F 135 3.52 15.42 -27.44
CA LEU F 135 2.55 16.05 -26.57
C LEU F 135 3.23 16.65 -25.36
N GLU F 136 4.23 15.96 -24.82
CA GLU F 136 4.97 16.47 -23.68
C GLU F 136 5.69 17.75 -24.03
N GLU F 137 6.31 17.81 -25.20
CA GLU F 137 7.02 19.01 -25.56
C GLU F 137 6.06 20.16 -25.76
N SER F 138 4.91 19.87 -26.36
CA SER F 138 3.95 20.92 -26.61
C SER F 138 3.50 21.55 -25.33
N GLN F 139 3.21 20.73 -24.31
CA GLN F 139 2.76 21.32 -23.08
C GLN F 139 3.86 22.11 -22.41
N ASN F 140 5.11 21.67 -22.48
CA ASN F 140 6.10 22.50 -21.82
C ASN F 140 6.21 23.87 -22.49
N GLN F 141 6.05 23.92 -23.81
CA GLN F 141 6.11 25.20 -24.47
C GLN F 141 4.93 26.04 -24.07
N GLN F 142 3.78 25.41 -23.91
CA GLN F 142 2.57 26.11 -23.54
C GLN F 142 2.65 26.68 -22.15
N GLU F 143 3.21 25.93 -21.19
CA GLU F 143 3.28 26.46 -19.84
C GLU F 143 4.20 27.65 -19.77
N LYS F 144 5.33 27.62 -20.46
CA LYS F 144 6.27 28.77 -20.31
C LYS F 144 5.66 30.01 -20.93
N ASN F 145 5.16 29.90 -22.16
CA ASN F 145 4.57 31.07 -22.86
C ASN F 145 3.51 31.70 -21.96
N GLU F 146 2.56 30.92 -21.46
CA GLU F 146 1.51 31.47 -20.58
C GLU F 146 2.15 32.26 -19.45
N GLN F 147 3.16 31.69 -18.80
CA GLN F 147 3.76 32.40 -17.63
C GLN F 147 4.20 33.77 -18.09
N ASP F 148 4.87 33.87 -19.23
CA ASP F 148 5.40 35.21 -19.60
C ASP F 148 4.23 36.16 -19.86
N LEU F 149 3.12 35.66 -20.39
CA LEU F 149 1.97 36.54 -20.72
C LEU F 149 1.33 37.05 -19.43
N LEU F 150 1.53 36.35 -18.32
CA LEU F 150 0.99 36.84 -17.03
C LEU F 150 2.10 37.60 -16.31
N ALA F 151 2.92 38.34 -17.05
CA ALA F 151 3.74 39.41 -16.47
C ALA F 151 3.38 40.76 -17.12
N GLU G 1 -34.05 11.07 -52.52
CA GLU G 1 -33.87 12.49 -52.81
C GLU G 1 -34.07 13.31 -51.52
N VAL G 2 -33.11 14.22 -51.25
CA VAL G 2 -33.14 15.12 -50.10
C VAL G 2 -34.05 16.29 -50.33
N GLN G 3 -34.96 16.48 -49.40
CA GLN G 3 -35.88 17.58 -49.49
C GLN G 3 -36.02 18.28 -48.16
N LEU G 4 -36.05 19.60 -48.25
CA LEU G 4 -36.25 20.44 -47.09
C LEU G 4 -37.51 21.21 -47.39
N VAL G 5 -38.50 21.11 -46.52
CA VAL G 5 -39.74 21.80 -46.81
C VAL G 5 -40.17 22.74 -45.72
N GLU G 6 -40.20 24.02 -46.03
CA GLU G 6 -40.65 24.98 -45.07
C GLU G 6 -42.15 24.91 -44.99
N THR G 7 -42.66 24.97 -43.78
CA THR G 7 -44.09 25.00 -43.50
C THR G 7 -44.31 26.11 -42.50
N GLY G 8 -43.97 27.33 -42.91
CA GLY G 8 -43.97 28.47 -42.02
C GLY G 8 -45.23 29.29 -42.04
N GLY G 9 -45.12 30.53 -41.55
CA GLY G 9 -46.26 31.43 -41.44
C GLY G 9 -46.39 32.35 -42.64
N GLY G 10 -47.13 33.44 -42.44
CA GLY G 10 -47.41 34.40 -43.51
C GLY G 10 -47.17 35.86 -43.11
N LEU G 11 -48.25 36.64 -43.13
CA LEU G 11 -48.23 38.06 -42.81
C LEU G 11 -48.60 38.36 -41.36
N VAL G 12 -47.69 39.06 -40.72
CA VAL G 12 -47.78 39.50 -39.34
C VAL G 12 -47.51 40.99 -39.13
N GLN G 13 -47.87 41.47 -37.95
CA GLN G 13 -47.65 42.85 -37.61
C GLN G 13 -46.32 43.05 -36.89
N PRO G 14 -45.66 44.20 -37.04
CA PRO G 14 -44.43 44.53 -36.38
C PRO G 14 -44.56 44.43 -34.90
N GLY G 15 -43.53 43.92 -34.29
CA GLY G 15 -43.48 43.81 -32.84
C GLY G 15 -44.04 42.50 -32.30
N GLY G 16 -44.64 41.69 -33.16
CA GLY G 16 -45.24 40.43 -32.72
C GLY G 16 -44.28 39.27 -32.89
N SER G 17 -44.82 38.11 -33.25
CA SER G 17 -43.95 36.95 -33.40
C SER G 17 -44.49 36.02 -34.47
N LEU G 18 -43.58 35.27 -35.06
CA LEU G 18 -43.91 34.28 -36.06
C LEU G 18 -43.00 33.09 -35.96
N LYS G 19 -43.56 31.89 -36.02
CA LYS G 19 -42.71 30.73 -35.98
C LYS G 19 -42.65 30.01 -37.31
N LEU G 20 -41.44 29.67 -37.71
CA LEU G 20 -41.20 28.89 -38.89
C LEU G 20 -40.81 27.51 -38.49
N SER G 21 -41.09 26.58 -39.34
CA SER G 21 -40.59 25.24 -39.15
C SER G 21 -40.30 24.70 -40.54
N CYS G 22 -39.42 23.69 -40.59
CA CYS G 22 -38.98 22.99 -41.78
C CYS G 22 -38.86 21.50 -41.49
N ARG G 23 -39.46 20.71 -42.34
CA ARG G 23 -39.40 19.28 -42.17
C ARG G 23 -38.36 18.80 -43.12
N ALA G 24 -37.68 17.74 -42.78
CA ALA G 24 -36.70 17.27 -43.73
C ALA G 24 -36.64 15.77 -43.83
N SER G 25 -36.31 15.31 -45.02
CA SER G 25 -36.18 13.89 -45.27
C SER G 25 -35.21 13.57 -46.40
N GLY G 26 -34.87 12.29 -46.53
CA GLY G 26 -33.97 11.79 -47.58
C GLY G 26 -32.53 11.67 -47.11
N TYR G 27 -32.30 12.01 -45.86
CA TYR G 27 -30.98 11.95 -45.26
C TYR G 27 -31.14 11.80 -43.77
N THR G 28 -30.07 11.45 -43.08
CA THR G 28 -30.20 11.40 -41.66
C THR G 28 -30.17 12.82 -41.16
N PHE G 29 -31.26 13.24 -40.54
CA PHE G 29 -31.40 14.61 -40.11
C PHE G 29 -30.33 14.98 -39.12
N SER G 30 -30.14 14.10 -38.18
CA SER G 30 -29.22 14.26 -37.07
C SER G 30 -27.75 14.26 -37.48
N SER G 31 -27.42 13.98 -38.74
CA SER G 31 -26.02 14.00 -39.13
C SER G 31 -25.54 15.38 -39.57
N PHE G 32 -26.48 16.33 -39.74
CA PHE G 32 -26.06 17.62 -40.26
C PHE G 32 -26.51 18.83 -39.49
N ALA G 33 -25.63 19.82 -39.49
CA ALA G 33 -25.94 21.14 -38.97
C ALA G 33 -26.87 21.79 -39.97
N MET G 34 -27.70 22.70 -39.49
CA MET G 34 -28.62 23.41 -40.37
C MET G 34 -28.66 24.87 -40.09
N SER G 35 -29.12 25.63 -41.06
CA SER G 35 -29.17 27.05 -40.90
C SER G 35 -30.33 27.69 -41.62
N TRP G 36 -30.56 28.94 -41.28
CA TRP G 36 -31.53 29.74 -42.00
C TRP G 36 -30.79 30.85 -42.71
N VAL G 37 -31.15 31.02 -43.98
CA VAL G 37 -30.62 32.06 -44.83
C VAL G 37 -31.76 32.91 -45.32
N ARG G 38 -31.64 34.19 -45.19
CA ARG G 38 -32.69 35.11 -45.53
C ARG G 38 -32.50 35.86 -46.82
N GLN G 39 -33.58 36.09 -47.56
CA GLN G 39 -33.48 36.92 -48.76
C GLN G 39 -34.59 37.94 -48.88
N ALA G 40 -34.27 39.21 -48.67
CA ALA G 40 -35.28 40.25 -48.77
C ALA G 40 -35.69 40.28 -50.23
N PRO G 41 -36.90 40.70 -50.61
CA PRO G 41 -37.36 40.73 -51.99
C PRO G 41 -36.42 41.40 -53.00
N GLY G 42 -35.70 42.44 -52.58
CA GLY G 42 -34.78 43.13 -53.48
C GLY G 42 -33.30 42.88 -53.20
N LYS G 43 -33.00 41.90 -52.37
CA LYS G 43 -31.63 41.65 -51.94
C LYS G 43 -31.09 40.27 -52.27
N GLY G 44 -29.82 40.08 -51.90
CA GLY G 44 -29.17 38.82 -52.06
C GLY G 44 -29.38 38.01 -50.81
N LEU G 45 -28.53 37.05 -50.57
CA LEU G 45 -28.71 36.17 -49.45
C LEU G 45 -28.01 36.71 -48.22
N GLU G 46 -28.57 36.48 -47.05
CA GLU G 46 -27.95 36.86 -45.79
C GLU G 46 -28.01 35.70 -44.80
N TRP G 47 -26.93 35.39 -44.14
CA TRP G 47 -27.03 34.33 -43.16
C TRP G 47 -27.70 34.86 -41.91
N VAL G 48 -28.61 34.08 -41.33
CA VAL G 48 -29.27 34.51 -40.11
C VAL G 48 -28.91 33.69 -38.89
N SER G 49 -29.04 32.38 -39.00
CA SER G 49 -28.75 31.55 -37.83
C SER G 49 -28.28 30.16 -38.17
N LEU G 50 -27.52 29.58 -37.25
CA LEU G 50 -26.96 28.24 -37.38
C LEU G 50 -27.12 27.38 -36.16
N ILE G 51 -27.54 26.14 -36.36
CA ILE G 51 -27.66 25.21 -35.26
C ILE G 51 -26.92 23.91 -35.54
N ASN G 52 -26.18 23.46 -34.53
CA ASN G 52 -25.38 22.20 -34.50
C ASN G 52 -26.33 21.02 -34.62
N ASP G 53 -25.77 19.90 -35.11
CA ASP G 53 -26.40 18.58 -35.40
C ASP G 53 -27.14 18.09 -34.17
N ARG G 54 -26.56 18.29 -32.99
CA ARG G 54 -27.11 17.68 -31.75
C ARG G 54 -28.05 18.67 -31.07
N GLY G 55 -28.11 19.90 -31.59
CA GLY G 55 -28.96 20.96 -31.05
C GLY G 55 -28.35 21.78 -29.92
N GLY G 56 -27.12 21.44 -29.50
CA GLY G 56 -26.47 22.12 -28.37
C GLY G 56 -25.87 23.50 -28.64
N LEU G 57 -25.43 23.76 -29.86
CA LEU G 57 -24.68 25.01 -30.13
C LEU G 57 -25.45 25.85 -31.14
N THR G 58 -25.76 27.12 -30.82
CA THR G 58 -26.42 28.00 -31.76
C THR G 58 -25.64 29.27 -31.97
N PHE G 59 -25.73 29.80 -33.18
CA PHE G 59 -25.06 31.03 -33.52
C PHE G 59 -26.01 31.94 -34.28
N TYR G 60 -25.87 33.24 -34.08
CA TYR G 60 -26.74 34.18 -34.78
C TYR G 60 -26.02 35.33 -35.39
N VAL G 61 -26.56 35.84 -36.48
CA VAL G 61 -26.10 37.09 -37.04
C VAL G 61 -26.44 38.10 -35.98
N ASP G 62 -25.58 39.05 -35.73
CA ASP G 62 -25.84 39.98 -34.66
C ASP G 62 -27.14 40.77 -34.78
N SER G 63 -27.63 40.99 -35.98
CA SER G 63 -28.84 41.76 -36.16
C SER G 63 -30.11 41.13 -35.58
N VAL G 64 -30.08 39.82 -35.26
CA VAL G 64 -31.23 39.13 -34.70
C VAL G 64 -30.85 38.49 -33.38
N LYS G 65 -29.66 38.80 -32.88
CA LYS G 65 -29.14 38.08 -31.74
C LYS G 65 -30.04 38.05 -30.52
N GLY G 66 -30.72 39.15 -30.23
CA GLY G 66 -31.59 39.16 -29.07
C GLY G 66 -33.05 38.91 -29.43
N ARG G 67 -33.31 38.55 -30.69
CA ARG G 67 -34.70 38.42 -31.12
C ARG G 67 -35.09 37.03 -31.61
N PHE G 68 -34.14 36.30 -32.20
CA PHE G 68 -34.51 35.01 -32.78
C PHE G 68 -33.99 33.81 -31.98
N THR G 69 -34.79 32.75 -31.96
CA THR G 69 -34.37 31.47 -31.37
C THR G 69 -34.36 30.36 -32.41
N ILE G 70 -33.25 29.65 -32.53
CA ILE G 70 -33.20 28.57 -33.51
C ILE G 70 -33.19 27.27 -32.74
N SER G 71 -34.00 26.33 -33.17
CA SER G 71 -34.04 25.06 -32.47
C SER G 71 -34.09 23.88 -33.39
N ARG G 72 -34.13 22.70 -32.77
CA ARG G 72 -34.08 21.43 -33.47
C ARG G 72 -34.73 20.30 -32.72
N ASP G 73 -35.35 19.40 -33.47
CA ASP G 73 -35.89 18.18 -32.94
C ASP G 73 -35.45 17.00 -33.80
N ASN G 74 -34.54 16.20 -33.28
CA ASN G 74 -33.99 15.13 -34.08
C ASN G 74 -34.88 13.90 -34.13
N SER G 75 -35.97 13.90 -33.38
CA SER G 75 -36.86 12.75 -33.40
C SER G 75 -37.89 12.96 -34.49
N LYS G 76 -38.21 14.22 -34.74
CA LYS G 76 -39.22 14.58 -35.72
C LYS G 76 -38.63 15.12 -37.01
N ASN G 77 -37.31 15.07 -37.13
CA ASN G 77 -36.60 15.56 -38.30
C ASN G 77 -37.04 16.99 -38.62
N THR G 78 -37.10 17.81 -37.58
CA THR G 78 -37.57 19.17 -37.72
C THR G 78 -36.66 20.28 -37.24
N LEU G 79 -36.55 21.29 -38.08
CA LEU G 79 -35.80 22.51 -37.80
C LEU G 79 -36.81 23.60 -37.51
N SER G 80 -36.53 24.47 -36.56
CA SER G 80 -37.47 25.56 -36.36
C SER G 80 -36.82 26.87 -35.99
N LEU G 81 -37.53 27.96 -36.24
CA LEU G 81 -37.05 29.29 -35.90
C LEU G 81 -38.18 30.12 -35.32
N GLN G 82 -37.99 30.60 -34.12
CA GLN G 82 -38.99 31.43 -33.48
C GLN G 82 -38.56 32.87 -33.49
N MET G 83 -39.27 33.71 -34.21
CA MET G 83 -38.86 35.08 -34.33
C MET G 83 -39.73 35.98 -33.48
N HIS G 84 -39.09 36.90 -32.75
CA HIS G 84 -39.81 37.87 -31.95
C HIS G 84 -39.46 39.29 -32.34
N SER G 85 -40.40 40.19 -32.09
CA SER G 85 -40.30 41.64 -32.27
C SER G 85 -40.32 42.06 -33.72
N LEU G 86 -40.46 41.09 -34.61
CA LEU G 86 -40.67 41.25 -36.02
C LEU G 86 -40.45 42.65 -36.55
N ARG G 87 -39.27 42.94 -37.04
CA ARG G 87 -39.06 44.27 -37.60
C ARG G 87 -39.61 44.27 -39.02
N ASP G 88 -39.95 45.43 -39.55
CA ASP G 88 -40.44 45.49 -40.92
C ASP G 88 -39.34 45.06 -41.89
N GLY G 89 -38.12 45.33 -41.46
CA GLY G 89 -36.90 45.03 -42.17
C GLY G 89 -36.62 43.53 -42.24
N ASP G 90 -37.41 42.72 -41.53
CA ASP G 90 -37.21 41.29 -41.54
C ASP G 90 -38.06 40.65 -42.63
N THR G 91 -38.76 41.46 -43.44
CA THR G 91 -39.53 40.84 -44.52
C THR G 91 -38.54 40.20 -45.46
N ALA G 92 -38.74 38.92 -45.71
CA ALA G 92 -37.84 38.17 -46.54
C ALA G 92 -38.33 36.77 -46.76
N VAL G 93 -37.71 36.11 -47.70
CA VAL G 93 -37.90 34.69 -47.80
C VAL G 93 -36.89 34.02 -46.89
N TYR G 94 -37.34 33.09 -46.07
CA TYR G 94 -36.47 32.38 -45.17
C TYR G 94 -36.25 30.97 -45.64
N TYR G 95 -35.02 30.68 -46.01
CA TYR G 95 -34.72 29.38 -46.54
C TYR G 95 -34.11 28.47 -45.50
N CYS G 96 -34.57 27.22 -45.48
CA CYS G 96 -34.09 26.11 -44.69
C CYS G 96 -32.91 25.56 -45.47
N ALA G 97 -31.77 25.42 -44.83
CA ALA G 97 -30.63 24.88 -45.55
C ALA G 97 -29.82 23.93 -44.69
N THR G 98 -29.22 22.96 -45.35
CA THR G 98 -28.39 21.97 -44.69
C THR G 98 -26.95 22.23 -44.99
N GLY G 99 -26.14 22.33 -43.93
CA GLY G 99 -24.73 22.62 -44.03
C GLY G 99 -24.37 23.84 -43.18
N GLY G 100 -23.20 24.39 -43.42
CA GLY G 100 -22.67 25.52 -42.70
C GLY G 100 -21.75 25.17 -41.52
N MET G 101 -21.74 23.89 -41.11
CA MET G 101 -20.82 23.44 -40.01
C MET G 101 -20.69 21.91 -40.03
N SER G 102 -19.65 21.40 -39.37
CA SER G 102 -19.48 19.94 -39.11
C SER G 102 -19.31 19.71 -37.61
N SER G 103 -18.58 18.67 -37.22
CA SER G 103 -18.74 18.13 -35.86
C SER G 103 -17.42 17.67 -35.26
N ALA G 104 -16.32 17.95 -35.94
CA ALA G 104 -14.95 17.84 -35.42
C ALA G 104 -14.60 16.39 -35.13
N LEU G 105 -15.42 15.46 -35.66
CA LEU G 105 -15.04 14.04 -35.88
C LEU G 105 -15.39 13.72 -37.32
N GLN G 106 -16.14 14.63 -37.96
CA GLN G 106 -16.44 14.52 -39.40
C GLN G 106 -15.58 15.55 -40.10
N SER G 107 -15.51 15.42 -41.42
CA SER G 107 -14.76 16.31 -42.36
C SER G 107 -15.61 17.54 -42.66
N SER G 108 -14.96 18.71 -42.75
CA SER G 108 -15.51 20.04 -42.59
C SER G 108 -16.48 20.41 -43.68
N LYS G 109 -17.32 21.38 -43.38
CA LYS G 109 -18.27 21.94 -44.32
C LYS G 109 -17.96 23.37 -44.61
N TYR G 110 -18.49 24.31 -43.81
CA TYR G 110 -18.47 25.78 -44.00
C TYR G 110 -18.99 26.16 -45.39
N TYR G 111 -20.04 25.48 -45.89
CA TYR G 111 -20.81 25.86 -47.05
C TYR G 111 -22.13 25.13 -46.92
N PHE G 112 -23.14 25.52 -47.68
CA PHE G 112 -24.44 24.86 -47.59
C PHE G 112 -24.66 23.94 -48.79
N ASP G 113 -25.10 22.69 -48.53
CA ASP G 113 -25.38 21.70 -49.59
C ASP G 113 -26.81 21.68 -50.10
N PHE G 114 -27.78 21.88 -49.21
CA PHE G 114 -29.17 21.75 -49.64
C PHE G 114 -29.99 22.93 -49.24
N TRP G 115 -30.98 23.22 -50.06
CA TRP G 115 -31.90 24.31 -49.80
C TRP G 115 -33.34 23.86 -49.93
N GLY G 116 -34.21 24.49 -49.15
CA GLY G 116 -35.64 24.28 -49.23
C GLY G 116 -36.21 25.27 -50.23
N GLN G 117 -37.51 25.53 -50.18
CA GLN G 117 -38.10 26.43 -51.17
C GLN G 117 -38.19 27.84 -50.68
N GLY G 118 -38.28 27.97 -49.37
CA GLY G 118 -38.33 29.24 -48.69
C GLY G 118 -39.70 29.68 -48.24
N ALA G 119 -39.81 30.07 -46.97
CA ALA G 119 -41.06 30.54 -46.43
C ALA G 119 -41.11 32.03 -46.64
N LEU G 120 -42.26 32.59 -46.96
CA LEU G 120 -42.28 34.04 -47.07
C LEU G 120 -42.85 34.66 -45.85
N VAL G 121 -42.03 35.46 -45.20
CA VAL G 121 -42.44 36.13 -43.99
C VAL G 121 -42.58 37.58 -44.25
N THR G 122 -43.77 38.09 -44.00
CA THR G 122 -44.00 39.50 -44.26
C THR G 122 -44.41 40.20 -43.02
N VAL G 123 -43.78 41.33 -42.77
CA VAL G 123 -44.09 42.12 -41.59
C VAL G 123 -44.56 43.50 -42.08
N SER G 124 -45.76 43.95 -41.65
CA SER G 124 -46.38 45.25 -42.01
C SER G 124 -45.84 46.44 -41.17
N ALA H 1 -21.65 42.73 -48.11
CA ALA H 1 -20.39 42.37 -47.48
C ALA H 1 -19.29 42.15 -48.54
N LEU H 2 -19.52 41.20 -49.48
CA LEU H 2 -18.59 40.86 -50.57
C LEU H 2 -18.98 41.63 -51.80
N THR H 3 -18.00 42.00 -52.62
CA THR H 3 -18.33 42.71 -53.82
C THR H 3 -18.21 41.86 -55.06
N GLN H 4 -19.26 41.81 -55.82
CA GLN H 4 -19.21 41.06 -57.05
C GLN H 4 -19.96 41.96 -58.02
N PRO H 5 -19.60 41.99 -59.30
CA PRO H 5 -20.20 42.85 -60.27
C PRO H 5 -21.58 42.41 -60.71
N PRO H 6 -22.43 43.32 -61.14
CA PRO H 6 -23.67 43.08 -61.82
C PRO H 6 -23.40 42.82 -63.29
N SER H 7 -24.37 42.26 -63.97
CA SER H 7 -24.41 42.18 -65.42
C SER H 7 -23.21 41.61 -66.16
N VAL H 8 -22.71 40.49 -65.68
CA VAL H 8 -21.67 39.78 -66.38
C VAL H 8 -22.40 39.12 -67.53
N SER H 9 -21.84 39.13 -68.73
CA SER H 9 -22.54 38.51 -69.83
C SER H 9 -21.63 38.00 -70.93
N GLY H 10 -22.21 37.23 -71.81
CA GLY H 10 -21.53 36.71 -73.00
C GLY H 10 -22.47 35.81 -73.79
N SER H 11 -22.10 35.48 -75.02
CA SER H 11 -22.91 34.64 -75.88
C SER H 11 -22.70 33.18 -75.58
N PRO H 12 -23.63 32.28 -75.93
CA PRO H 12 -23.44 30.87 -75.74
C PRO H 12 -22.15 30.46 -76.41
N GLY H 13 -21.39 29.64 -75.72
CA GLY H 13 -20.12 29.15 -76.18
C GLY H 13 -18.94 30.00 -75.73
N GLN H 14 -19.21 31.20 -75.22
CA GLN H 14 -18.14 32.07 -74.75
C GLN H 14 -17.98 31.86 -73.28
N SER H 15 -16.76 31.95 -72.77
CA SER H 15 -16.60 31.86 -71.34
C SER H 15 -16.86 33.20 -70.70
N VAL H 16 -17.21 33.17 -69.44
CA VAL H 16 -17.38 34.39 -68.65
C VAL H 16 -16.72 34.23 -67.30
N THR H 17 -16.35 35.34 -66.69
CA THR H 17 -15.83 35.27 -65.34
C THR H 17 -16.59 36.18 -64.41
N ILE H 18 -17.01 35.64 -63.30
CA ILE H 18 -17.68 36.42 -62.29
C ILE H 18 -16.74 36.56 -61.11
N SER H 19 -16.29 37.78 -60.84
CA SER H 19 -15.36 38.00 -59.74
C SER H 19 -16.10 38.20 -58.42
N CYS H 20 -15.36 38.11 -57.27
CA CYS H 20 -15.82 38.34 -55.91
C CYS H 20 -14.69 38.86 -55.02
N THR H 21 -14.73 40.12 -54.66
CA THR H 21 -13.66 40.67 -53.86
C THR H 21 -14.12 40.93 -52.44
N GLY H 22 -13.38 40.37 -51.49
CA GLY H 22 -13.66 40.52 -50.08
C GLY H 22 -12.49 41.18 -49.40
N THR H 23 -12.25 40.78 -48.17
CA THR H 23 -11.19 41.35 -47.34
C THR H 23 -10.20 40.30 -46.85
N SER H 24 -9.23 40.74 -46.05
CA SER H 24 -8.21 39.85 -45.54
C SER H 24 -8.77 38.87 -44.53
N SER H 25 -9.59 39.33 -43.59
CA SER H 25 -10.21 38.44 -42.60
C SER H 25 -11.52 37.89 -43.16
N ASP H 26 -11.36 37.27 -44.30
CA ASP H 26 -12.41 36.73 -45.12
C ASP H 26 -11.83 35.74 -46.12
N ILE H 27 -11.83 36.15 -47.40
CA ILE H 27 -11.28 35.36 -48.47
C ILE H 27 -9.80 35.18 -48.25
N GLY H 28 -9.13 36.22 -47.80
CA GLY H 28 -7.71 36.13 -47.56
C GLY H 28 -7.32 35.20 -46.40
N SER H 29 -8.25 34.84 -45.51
CA SER H 29 -7.92 33.98 -44.38
C SER H 29 -8.45 32.56 -44.48
N TYR H 30 -9.58 32.37 -45.15
CA TYR H 30 -10.12 31.03 -45.16
C TYR H 30 -10.43 30.50 -46.54
N ASN H 31 -10.10 29.24 -46.76
CA ASN H 31 -10.43 28.62 -48.04
C ASN H 31 -11.78 27.95 -47.97
N TYR H 32 -12.80 28.74 -47.68
CA TYR H 32 -14.14 28.23 -47.63
C TYR H 32 -15.01 29.17 -48.39
N VAL H 33 -14.86 29.14 -49.68
CA VAL H 33 -15.55 30.03 -50.55
C VAL H 33 -16.47 29.20 -51.38
N SER H 34 -17.67 29.66 -51.55
CA SER H 34 -18.60 28.91 -52.34
C SER H 34 -19.43 29.81 -53.22
N TRP H 35 -20.00 29.20 -54.24
CA TRP H 35 -20.86 29.92 -55.15
C TRP H 35 -22.19 29.23 -55.29
N TYR H 36 -23.23 30.03 -55.38
CA TYR H 36 -24.57 29.55 -55.58
C TYR H 36 -25.23 30.13 -56.81
N GLN H 37 -26.04 29.32 -57.45
CA GLN H 37 -26.77 29.69 -58.64
C GLN H 37 -28.24 29.78 -58.40
N GLN H 38 -28.80 30.98 -58.47
CA GLN H 38 -30.21 31.14 -58.20
C GLN H 38 -31.01 31.50 -59.43
N HIS H 39 -31.77 30.56 -59.94
CA HIS H 39 -32.56 30.89 -61.10
C HIS H 39 -33.69 31.70 -60.52
N PRO H 40 -34.21 32.72 -61.18
CA PRO H 40 -35.31 33.50 -60.65
C PRO H 40 -36.46 32.58 -60.29
N GLY H 41 -37.04 32.80 -59.11
CA GLY H 41 -38.16 32.02 -58.63
C GLY H 41 -37.76 30.74 -57.90
N LYS H 42 -36.47 30.44 -57.85
CA LYS H 42 -35.99 29.22 -57.22
C LYS H 42 -35.05 29.45 -56.06
N ALA H 43 -34.95 28.46 -55.18
CA ALA H 43 -33.98 28.50 -54.11
C ALA H 43 -32.61 28.36 -54.74
N PRO H 44 -31.54 28.92 -54.17
CA PRO H 44 -30.17 28.79 -54.65
C PRO H 44 -29.68 27.36 -54.69
N LYS H 45 -28.87 27.03 -55.69
CA LYS H 45 -28.26 25.72 -55.81
C LYS H 45 -26.75 25.84 -55.60
N LEU H 46 -26.13 24.87 -54.96
CA LEU H 46 -24.67 24.93 -54.80
C LEU H 46 -23.95 24.54 -56.06
N MET H 47 -23.00 25.37 -56.49
CA MET H 47 -22.22 25.05 -57.66
C MET H 47 -20.78 24.76 -57.31
N ILE H 48 -20.21 25.61 -56.49
CA ILE H 48 -18.80 25.52 -56.09
C ILE H 48 -18.64 25.64 -54.59
N TYR H 49 -17.72 24.87 -54.00
CA TYR H 49 -17.44 25.00 -52.58
C TYR H 49 -15.95 24.76 -52.31
N ASP H 50 -15.47 25.23 -51.16
CA ASP H 50 -14.07 25.07 -50.81
C ASP H 50 -13.18 25.59 -51.93
N VAL H 51 -13.59 26.72 -52.50
CA VAL H 51 -12.96 27.48 -53.56
C VAL H 51 -13.01 26.76 -54.92
N THR H 52 -12.47 25.55 -55.02
CA THR H 52 -12.37 24.81 -56.27
C THR H 52 -13.21 23.54 -56.46
N GLN H 53 -13.99 23.11 -55.49
CA GLN H 53 -14.69 21.84 -55.62
C GLN H 53 -16.08 22.00 -56.13
N ARG H 54 -16.62 20.98 -56.75
CA ARG H 54 -18.00 21.07 -57.18
C ARG H 54 -18.68 19.83 -56.65
N PRO H 55 -19.96 19.88 -56.30
CA PRO H 55 -20.75 18.77 -55.84
C PRO H 55 -21.08 17.85 -56.96
N SER H 56 -21.40 16.62 -56.62
CA SER H 56 -21.90 15.75 -57.64
C SER H 56 -23.20 16.37 -58.07
N GLY H 57 -23.53 16.25 -59.34
CA GLY H 57 -24.77 16.82 -59.82
C GLY H 57 -24.58 18.08 -60.65
N VAL H 58 -23.37 18.64 -60.69
CA VAL H 58 -23.20 19.80 -61.54
C VAL H 58 -22.12 19.51 -62.55
N SER H 59 -22.12 20.29 -63.64
CA SER H 59 -21.15 20.12 -64.70
C SER H 59 -19.79 20.71 -64.36
N ASP H 60 -18.81 20.31 -65.15
CA ASP H 60 -17.45 20.75 -64.98
C ASP H 60 -17.15 21.99 -65.78
N ARG H 61 -18.21 22.62 -66.27
CA ARG H 61 -18.09 23.86 -66.97
C ARG H 61 -17.95 24.96 -65.93
N PHE H 62 -18.24 24.62 -64.67
CA PHE H 62 -18.14 25.57 -63.57
C PHE H 62 -16.93 25.25 -62.73
N SER H 63 -16.04 26.22 -62.60
CA SER H 63 -14.80 26.04 -61.84
C SER H 63 -14.38 27.28 -61.06
N GLY H 64 -14.08 27.10 -59.79
CA GLY H 64 -13.68 28.24 -58.98
C GLY H 64 -12.16 28.39 -58.84
N SER H 65 -11.74 29.58 -58.42
CA SER H 65 -10.34 29.88 -58.13
C SER H 65 -10.23 31.12 -57.24
N LYS H 66 -9.03 31.38 -56.72
CA LYS H 66 -8.81 32.60 -55.94
C LYS H 66 -7.36 33.03 -55.88
N SER H 67 -7.17 34.31 -55.59
CA SER H 67 -5.87 34.91 -55.31
C SER H 67 -6.04 36.13 -54.42
N GLY H 68 -5.18 36.29 -53.42
CA GLY H 68 -5.31 37.45 -52.55
C GLY H 68 -6.65 37.41 -51.86
N ASN H 69 -7.41 38.51 -51.93
CA ASN H 69 -8.71 38.58 -51.31
C ASN H 69 -9.81 38.47 -52.36
N THR H 70 -9.44 38.03 -53.56
CA THR H 70 -10.43 37.92 -54.62
C THR H 70 -10.62 36.50 -55.12
N ALA H 71 -11.87 36.12 -55.17
CA ALA H 71 -12.31 34.84 -55.63
C ALA H 71 -13.02 35.02 -56.95
N SER H 72 -13.09 33.98 -57.75
CA SER H 72 -13.86 34.07 -58.96
C SER H 72 -14.44 32.74 -59.39
N LEU H 73 -15.49 32.84 -60.19
CA LEU H 73 -16.12 31.71 -60.84
C LEU H 73 -15.99 31.78 -62.33
N THR H 74 -15.46 30.73 -62.91
CA THR H 74 -15.33 30.68 -64.34
C THR H 74 -16.36 29.74 -64.90
N ILE H 75 -17.06 30.21 -65.92
CA ILE H 75 -18.02 29.38 -66.62
C ILE H 75 -17.47 29.25 -68.02
N SER H 76 -17.29 28.03 -68.51
CA SER H 76 -16.70 27.84 -69.84
C SER H 76 -17.71 27.80 -70.98
N GLY H 77 -18.21 26.63 -71.34
CA GLY H 77 -19.14 26.51 -72.46
C GLY H 77 -20.52 27.02 -72.09
N LEU H 78 -20.64 28.34 -72.00
CA LEU H 78 -21.84 29.02 -71.54
C LEU H 78 -23.05 28.62 -72.33
N GLN H 79 -24.10 28.27 -71.60
CA GLN H 79 -25.37 27.86 -72.17
C GLN H 79 -26.45 28.88 -71.92
N ALA H 80 -27.51 28.84 -72.72
CA ALA H 80 -28.65 29.73 -72.48
C ALA H 80 -29.24 29.51 -71.10
N ASP H 81 -29.16 28.29 -70.63
CA ASP H 81 -29.76 27.92 -69.37
C ASP H 81 -28.91 28.33 -68.18
N ASP H 82 -27.79 28.98 -68.42
CA ASP H 82 -26.98 29.42 -67.31
C ASP H 82 -27.46 30.77 -66.81
N GLU H 83 -28.49 31.36 -67.44
CA GLU H 83 -28.95 32.62 -66.89
C GLU H 83 -29.38 32.40 -65.45
N ALA H 84 -28.81 33.19 -64.54
CA ALA H 84 -29.09 33.08 -63.12
C ALA H 84 -28.44 34.20 -62.35
N ASP H 85 -28.87 34.41 -61.13
CA ASP H 85 -28.16 35.31 -60.26
C ASP H 85 -27.13 34.51 -59.50
N TYR H 86 -25.88 34.81 -59.74
CA TYR H 86 -24.83 34.06 -59.08
C TYR H 86 -24.38 34.79 -57.85
N TYR H 87 -24.19 34.07 -56.78
CA TYR H 87 -23.74 34.67 -55.54
C TYR H 87 -22.49 34.00 -55.04
N CYS H 88 -21.58 34.78 -54.45
CA CYS H 88 -20.41 34.30 -53.75
C CYS H 88 -20.66 34.45 -52.28
N SER H 89 -20.08 33.54 -51.52
CA SER H 89 -20.13 33.62 -50.09
C SER H 89 -18.88 33.06 -49.53
N ALA H 90 -18.61 33.42 -48.30
CA ALA H 90 -17.44 32.87 -47.65
C ALA H 90 -17.58 32.81 -46.17
N TYR H 91 -16.86 31.87 -45.60
CA TYR H 91 -16.74 31.78 -44.17
C TYR H 91 -15.87 32.92 -43.74
N ALA H 92 -16.26 33.65 -42.71
CA ALA H 92 -15.46 34.78 -42.31
C ALA H 92 -15.10 34.81 -40.83
N GLY H 93 -14.95 33.66 -40.21
CA GLY H 93 -14.57 33.63 -38.81
C GLY H 93 -15.68 33.13 -37.91
N ARG H 94 -15.44 33.18 -36.59
CA ARG H 94 -16.31 32.55 -35.58
C ARG H 94 -17.20 33.61 -34.92
N GLN H 95 -17.19 34.85 -35.42
CA GLN H 95 -18.04 35.90 -34.92
C GLN H 95 -19.06 36.29 -35.97
N THR H 96 -18.62 36.21 -37.21
CA THR H 96 -19.40 36.58 -38.37
C THR H 96 -19.29 35.44 -39.33
N PHE H 97 -20.04 34.40 -39.05
CA PHE H 97 -19.90 33.15 -39.76
C PHE H 97 -19.98 33.26 -41.26
N TYR H 98 -21.05 33.85 -41.79
CA TYR H 98 -21.07 33.92 -43.23
C TYR H 98 -21.43 35.23 -43.77
N ILE H 99 -20.80 35.53 -44.88
CA ILE H 99 -21.13 36.72 -45.61
C ILE H 99 -21.38 36.38 -47.06
N PHE H 100 -22.16 37.22 -47.72
CA PHE H 100 -22.49 37.07 -49.13
C PHE H 100 -22.33 38.36 -49.89
N GLY H 101 -22.15 38.25 -51.21
CA GLY H 101 -22.16 39.42 -52.07
C GLY H 101 -23.58 39.66 -52.61
N GLY H 102 -23.75 40.62 -53.51
CA GLY H 102 -25.07 40.84 -54.09
C GLY H 102 -25.14 39.86 -55.22
N GLY H 103 -26.22 39.81 -55.98
CA GLY H 103 -26.20 38.82 -57.04
C GLY H 103 -25.64 39.35 -58.34
N THR H 104 -25.04 38.46 -59.11
CA THR H 104 -24.60 38.82 -60.43
C THR H 104 -25.59 38.34 -61.45
N ARG H 105 -26.22 39.25 -62.15
CA ARG H 105 -27.20 38.84 -63.13
C ARG H 105 -26.51 38.42 -64.40
N LEU H 106 -26.22 37.13 -64.49
CA LEU H 106 -25.52 36.62 -65.64
C LEU H 106 -26.48 36.45 -66.76
N THR H 107 -26.18 37.14 -67.85
CA THR H 107 -27.00 37.13 -69.04
C THR H 107 -26.31 36.46 -70.19
N VAL H 108 -27.01 35.53 -70.79
CA VAL H 108 -26.46 34.81 -71.91
C VAL H 108 -27.05 35.45 -73.16
N LEU H 109 -26.18 35.91 -74.08
CA LEU H 109 -26.46 36.69 -75.30
C LEU H 109 -26.63 35.81 -76.56
N ASN I 3 5.83 43.56 -5.89
CA ASN I 3 6.62 43.37 -7.09
C ASN I 3 6.65 41.88 -7.49
N LEU I 4 7.22 41.00 -6.62
CA LEU I 4 7.38 39.57 -6.89
C LEU I 4 6.31 38.77 -6.21
N TRP I 5 5.99 37.64 -6.80
CA TRP I 5 4.94 36.73 -6.39
C TRP I 5 5.43 35.33 -6.22
N VAL I 6 4.78 34.57 -5.35
CA VAL I 6 5.17 33.19 -5.15
C VAL I 6 4.75 32.34 -6.33
N THR I 7 5.68 31.59 -6.91
CA THR I 7 5.35 30.65 -7.97
C THR I 7 5.74 29.27 -7.52
N VAL I 8 4.81 28.37 -7.70
CA VAL I 8 4.96 27.01 -7.30
C VAL I 8 5.47 26.16 -8.44
N TYR I 9 6.50 25.38 -8.18
CA TYR I 9 7.05 24.51 -9.20
C TYR I 9 7.02 23.07 -8.75
N TYR I 10 6.61 22.18 -9.64
CA TYR I 10 6.61 20.78 -9.30
C TYR I 10 7.48 20.00 -10.25
N GLY I 11 8.39 19.22 -9.69
CA GLY I 11 9.36 18.47 -10.46
C GLY I 11 10.73 19.09 -10.24
N VAL I 12 10.86 19.77 -9.11
CA VAL I 12 12.07 20.44 -8.74
C VAL I 12 13.14 19.42 -8.33
N PRO I 13 14.36 19.44 -8.88
CA PRO I 13 15.41 18.48 -8.64
C PRO I 13 16.15 18.64 -7.32
N VAL I 14 15.44 18.46 -6.22
CA VAL I 14 16.04 18.55 -4.89
C VAL I 14 15.74 17.32 -4.05
N TRP I 15 16.53 17.13 -3.00
CA TRP I 15 16.37 16.00 -2.11
C TRP I 15 16.86 16.23 -0.69
N LYS I 16 16.46 15.32 0.18
CA LYS I 16 16.89 15.27 1.58
C LYS I 16 17.43 13.91 1.96
N ASP I 17 18.29 13.87 2.97
CA ASP I 17 18.80 12.59 3.45
C ASP I 17 17.64 11.75 3.88
N ALA I 18 17.63 10.45 3.58
CA ALA I 18 16.50 9.67 4.02
C ALA I 18 16.81 8.24 4.28
N GLU I 19 15.98 7.63 5.11
CA GLU I 19 16.09 6.22 5.38
C GLU I 19 14.83 5.53 4.92
N THR I 20 14.95 4.71 3.91
CA THR I 20 13.80 4.02 3.39
C THR I 20 14.15 2.60 3.15
N THR I 21 13.18 1.83 2.73
CA THR I 21 13.34 0.43 2.42
C THR I 21 13.89 0.25 1.03
N LEU I 22 14.95 -0.52 0.91
CA LEU I 22 15.49 -0.82 -0.41
C LEU I 22 15.08 -2.20 -0.78
N PHE I 23 15.00 -2.48 -2.06
CA PHE I 23 14.69 -3.84 -2.46
C PHE I 23 15.87 -4.31 -3.26
N CYS I 24 16.05 -5.64 -3.38
CA CYS I 24 17.16 -6.23 -4.12
C CYS I 24 16.75 -6.69 -5.51
N ALA I 25 17.79 -6.85 -6.31
CA ALA I 25 17.67 -7.45 -7.61
C ALA I 25 18.85 -8.41 -7.84
N SER I 26 18.62 -9.46 -8.60
CA SER I 26 19.67 -10.44 -8.92
C SER I 26 19.38 -11.24 -10.21
N ASP I 27 20.39 -12.00 -10.70
CA ASP I 27 20.32 -12.87 -11.88
C ASP I 27 20.03 -14.31 -11.46
N HIS I 42 13.90 -16.51 -1.51
CA HIS I 42 15.18 -16.91 -2.11
C HIS I 42 15.62 -16.06 -3.34
N ALA I 43 14.67 -15.31 -3.94
CA ALA I 43 14.86 -14.51 -5.13
C ALA I 43 13.94 -13.28 -5.08
N CYS I 44 14.38 -12.21 -5.74
CA CYS I 44 13.73 -10.91 -5.86
C CYS I 44 13.68 -10.40 -7.31
N VAL I 45 13.96 -9.13 -7.52
CA VAL I 45 13.77 -8.51 -8.82
C VAL I 45 14.86 -8.92 -9.79
N PRO I 46 14.59 -9.23 -11.05
CA PRO I 46 15.63 -9.53 -12.00
C PRO I 46 16.59 -8.36 -12.09
N THR I 47 17.88 -8.65 -12.23
CA THR I 47 18.88 -7.59 -12.36
C THR I 47 18.52 -6.68 -13.49
N ASP I 48 18.57 -5.37 -13.22
CA ASP I 48 18.29 -4.34 -14.20
C ASP I 48 19.49 -4.25 -15.16
N PRO I 49 19.35 -4.52 -16.47
CA PRO I 49 20.40 -4.50 -17.46
C PRO I 49 21.12 -3.15 -17.59
N ASN I 50 20.52 -2.05 -17.13
CA ASN I 50 21.18 -0.77 -17.28
C ASN I 50 20.93 0.15 -16.08
N PRO I 51 21.94 0.43 -15.23
CA PRO I 51 21.84 1.25 -14.01
C PRO I 51 21.56 2.74 -14.31
N GLN I 52 21.76 3.14 -15.57
CA GLN I 52 21.50 4.48 -16.04
C GLN I 52 22.15 5.58 -15.23
N GLU I 53 23.43 5.47 -14.98
CA GLU I 53 24.10 6.48 -14.21
C GLU I 53 24.09 7.86 -14.85
N ILE I 54 23.75 8.86 -14.04
CA ILE I 54 23.69 10.25 -14.44
C ILE I 54 24.76 11.06 -13.73
N HIS I 55 25.61 11.70 -14.50
CA HIS I 55 26.76 12.38 -13.91
C HIS I 55 26.51 13.57 -12.95
N LEU I 56 25.42 14.33 -13.06
CA LEU I 56 25.21 15.47 -12.14
C LEU I 56 26.46 16.37 -12.12
N GLU I 57 26.75 17.04 -13.22
CA GLU I 57 28.02 17.75 -13.35
C GLU I 57 28.49 18.69 -12.22
N ASN I 58 27.59 19.50 -11.63
CA ASN I 58 27.94 20.51 -10.61
C ASN I 58 27.38 20.20 -9.21
N VAL I 59 27.11 18.90 -8.88
CA VAL I 59 26.58 18.53 -7.56
C VAL I 59 27.64 18.00 -6.61
N THR I 60 27.75 18.66 -5.48
CA THR I 60 28.66 18.24 -4.43
C THR I 60 27.77 17.84 -3.29
N GLU I 61 28.03 16.69 -2.71
CA GLU I 61 27.17 16.24 -1.61
C GLU I 61 27.99 15.61 -0.51
N GLU I 62 27.46 15.62 0.71
CA GLU I 62 28.13 15.03 1.87
C GLU I 62 27.71 13.60 2.18
N PHE I 63 28.70 12.74 2.27
CA PHE I 63 28.53 11.33 2.54
C PHE I 63 29.04 10.99 3.94
N ASN I 64 28.45 9.99 4.58
CA ASN I 64 28.92 9.61 5.90
C ASN I 64 28.80 8.11 6.20
N MET I 65 29.79 7.33 5.79
CA MET I 65 29.69 5.90 6.01
C MET I 65 29.72 5.72 7.51
N TRP I 66 29.26 4.59 7.99
CA TRP I 66 29.12 4.25 9.42
C TRP I 66 27.79 4.77 9.97
N LYS I 67 27.16 5.73 9.29
CA LYS I 67 25.84 6.23 9.69
C LYS I 67 24.85 5.89 8.58
N ASN I 68 25.33 5.09 7.65
CA ASN I 68 24.64 4.68 6.44
C ASN I 68 23.72 3.50 6.68
N ASN I 69 22.42 3.70 6.55
CA ASN I 69 21.45 2.66 6.89
C ASN I 69 21.33 1.56 5.83
N MET I 70 22.07 1.71 4.74
CA MET I 70 22.06 0.67 3.72
C MET I 70 22.77 -0.53 4.27
N VAL I 71 23.67 -0.30 5.23
CA VAL I 71 24.47 -1.35 5.79
C VAL I 71 23.60 -2.23 6.62
N GLU I 72 22.73 -1.63 7.41
CA GLU I 72 21.89 -2.42 8.27
C GLU I 72 20.92 -3.23 7.45
N GLN I 73 20.43 -2.68 6.34
CA GLN I 73 19.52 -3.50 5.57
C GLN I 73 20.24 -4.66 4.93
N MET I 74 21.48 -4.45 4.45
CA MET I 74 22.21 -5.55 3.88
C MET I 74 22.43 -6.63 4.92
N HIS I 75 22.75 -6.20 6.14
CA HIS I 75 23.02 -7.12 7.23
C HIS I 75 21.81 -7.99 7.48
N GLU I 76 20.65 -7.37 7.60
CA GLU I 76 19.46 -8.13 7.90
C GLU I 76 19.04 -9.03 6.77
N ASP I 77 19.18 -8.59 5.52
CA ASP I 77 18.75 -9.46 4.45
C ASP I 77 19.65 -10.65 4.26
N ILE I 78 20.96 -10.49 4.44
CA ILE I 78 21.81 -11.62 4.26
C ILE I 78 21.54 -12.64 5.33
N ILE I 79 21.40 -12.21 6.57
CA ILE I 79 21.14 -13.15 7.62
C ILE I 79 19.81 -13.83 7.40
N SER I 80 18.78 -13.07 7.03
CA SER I 80 17.50 -13.69 6.80
C SER I 80 17.56 -14.73 5.72
N LEU I 81 18.23 -14.46 4.59
CA LEU I 81 18.29 -15.46 3.55
C LEU I 81 19.03 -16.68 4.02
N TRP I 82 20.08 -16.49 4.79
CA TRP I 82 20.82 -17.62 5.31
C TRP I 82 19.87 -18.51 6.08
N ASP I 83 19.11 -17.94 7.01
CA ASP I 83 18.22 -18.75 7.80
C ASP I 83 17.13 -19.41 6.98
N GLN I 84 16.61 -18.73 5.97
CA GLN I 84 15.55 -19.31 5.20
C GLN I 84 16.01 -20.55 4.47
N SER I 85 17.27 -20.57 4.05
CA SER I 85 17.79 -21.69 3.28
C SER I 85 17.88 -22.97 4.08
N LEU I 86 17.82 -22.88 5.40
CA LEU I 86 17.94 -24.07 6.23
C LEU I 86 16.58 -24.60 6.67
N LYS I 87 15.50 -23.88 6.36
CA LYS I 87 14.20 -24.29 6.83
C LYS I 87 13.78 -25.71 6.45
N PRO I 88 13.96 -26.16 5.20
CA PRO I 88 13.58 -27.49 4.78
C PRO I 88 14.61 -28.61 5.02
N CYS I 89 15.73 -28.34 5.76
CA CYS I 89 16.84 -29.26 5.90
C CYS I 89 16.70 -30.10 7.18
N VAL I 90 17.42 -31.21 7.21
CA VAL I 90 17.36 -32.14 8.32
C VAL I 90 17.89 -31.61 9.62
N LYS I 91 17.10 -31.77 10.69
CA LYS I 91 17.50 -31.35 12.02
C LYS I 91 18.18 -32.51 12.72
N LEU I 92 19.43 -32.36 13.08
CA LEU I 92 20.20 -33.46 13.61
C LEU I 92 20.06 -33.60 15.10
N THR I 93 18.86 -33.86 15.55
CA THR I 93 18.64 -34.01 16.96
C THR I 93 18.89 -35.44 17.43
N PRO I 94 18.68 -36.49 16.60
CA PRO I 94 18.94 -37.87 16.96
C PRO I 94 20.42 -38.10 17.16
N LEU I 95 21.25 -37.17 16.73
CA LEU I 95 22.67 -37.39 16.89
C LEU I 95 23.28 -36.86 18.18
N CYS I 96 22.49 -36.21 19.08
CA CYS I 96 22.98 -35.74 20.38
C CYS I 96 22.97 -36.88 21.38
N VAL I 97 23.91 -37.76 21.19
CA VAL I 97 24.08 -38.95 21.98
C VAL I 97 25.49 -39.03 22.44
N THR I 98 25.76 -39.91 23.37
CA THR I 98 27.13 -40.07 23.78
C THR I 98 27.87 -40.75 22.66
N LEU I 99 29.13 -40.37 22.48
CA LEU I 99 29.99 -40.95 21.48
C LEU I 99 31.06 -41.78 22.14
N GLN I 100 31.67 -42.66 21.35
CA GLN I 100 32.83 -43.43 21.83
C GLN I 100 33.96 -43.05 20.90
N CYS I 101 34.80 -42.10 21.28
CA CYS I 101 35.86 -41.60 20.38
C CYS I 101 37.26 -42.11 20.74
N THR I 102 37.95 -42.57 19.70
CA THR I 102 39.32 -43.05 19.71
C THR I 102 40.11 -42.35 18.59
N ASN I 103 41.40 -42.71 18.38
CA ASN I 103 42.28 -42.10 17.36
C ASN I 103 42.08 -42.79 16.00
N VAL I 104 42.49 -42.06 14.93
CA VAL I 104 42.44 -42.47 13.52
C VAL I 104 43.59 -43.38 13.07
N THR I 105 43.23 -44.50 12.46
CA THR I 105 44.17 -45.51 12.00
C THR I 105 44.80 -45.18 10.64
N ASN I 106 45.64 -44.17 10.65
CA ASN I 106 46.30 -43.69 9.43
C ASN I 106 47.64 -43.04 9.79
N ASN I 107 48.38 -42.55 8.76
CA ASN I 107 49.65 -41.83 8.86
C ASN I 107 49.35 -40.35 9.09
N ILE I 108 49.45 -39.92 10.36
CA ILE I 108 49.11 -38.58 10.84
C ILE I 108 50.36 -37.83 11.20
N THR I 109 50.54 -36.71 10.54
CA THR I 109 51.70 -35.88 10.76
C THR I 109 51.56 -35.12 12.06
N ASP I 110 52.65 -34.53 12.55
CA ASP I 110 52.61 -33.81 13.83
C ASP I 110 51.62 -32.67 13.83
N ASP I 111 51.46 -32.00 12.70
CA ASP I 111 50.55 -30.88 12.59
C ASP I 111 49.09 -31.31 12.73
N MET I 112 48.82 -32.59 12.59
CA MET I 112 47.51 -33.19 12.71
C MET I 112 47.27 -34.04 13.98
N ARG I 113 48.14 -33.89 15.02
CA ARG I 113 48.08 -34.61 16.30
C ARG I 113 47.56 -33.64 17.35
N GLY I 114 45.26 -37.07 16.46
CA GLY I 114 44.90 -36.21 17.56
C GLY I 114 43.94 -35.07 17.18
N GLU I 115 44.13 -34.47 15.97
CA GLU I 115 43.29 -33.41 15.40
C GLU I 115 41.96 -34.01 14.98
N LEU I 116 42.02 -35.28 14.57
CA LEU I 116 40.84 -36.00 14.15
C LEU I 116 40.57 -37.12 15.10
N LYS I 117 39.31 -37.45 15.26
CA LYS I 117 38.90 -38.58 16.08
C LYS I 117 37.92 -39.50 15.34
N ASN I 118 38.05 -40.81 15.60
CA ASN I 118 37.20 -41.88 15.08
C ASN I 118 36.12 -42.21 16.12
N CYS I 119 34.89 -41.68 15.91
CA CYS I 119 33.81 -41.76 16.90
C CYS I 119 32.71 -42.68 16.45
N SER I 120 32.32 -43.58 17.33
CA SER I 120 31.21 -44.45 17.03
C SER I 120 30.03 -44.07 17.90
N PHE I 121 28.85 -44.30 17.38
CA PHE I 121 27.62 -44.02 18.10
C PHE I 121 26.42 -44.83 17.59
N ASN I 122 25.36 -44.82 18.37
CA ASN I 122 24.12 -45.53 18.01
C ASN I 122 23.12 -44.48 17.51
N ALA I 123 22.89 -44.52 16.20
CA ALA I 123 22.04 -43.61 15.45
C ALA I 123 20.64 -44.18 15.34
N THR I 124 19.67 -43.32 15.20
CA THR I 124 18.33 -43.78 14.96
C THR I 124 18.26 -44.15 13.52
N THR I 125 17.19 -44.79 13.11
CA THR I 125 17.05 -45.15 11.72
C THR I 125 15.61 -44.96 11.27
N GLU I 126 15.25 -45.54 10.14
CA GLU I 126 13.94 -45.34 9.56
C GLU I 126 12.81 -45.82 10.46
N LEU I 127 13.00 -46.93 11.16
CA LEU I 127 11.97 -47.39 12.05
C LEU I 127 12.33 -47.08 13.48
N ARG I 128 11.33 -46.82 14.27
CA ARG I 128 11.50 -46.45 15.67
C ARG I 128 11.95 -47.57 16.56
N ASN I 129 11.78 -48.79 16.11
CA ASN I 129 12.16 -49.93 16.90
C ASN I 129 13.45 -50.53 16.41
N LYS I 130 14.21 -49.76 15.65
CA LYS I 130 15.49 -50.21 15.14
C LYS I 130 16.53 -49.17 15.46
N ARG I 131 17.76 -49.59 15.62
CA ARG I 131 18.84 -48.66 15.89
C ARG I 131 20.06 -49.16 15.14
N GLN I 132 20.99 -48.27 14.77
CA GLN I 132 22.15 -48.71 14.01
C GLN I 132 23.49 -48.17 14.50
N LYS I 133 24.54 -48.95 14.29
CA LYS I 133 25.88 -48.52 14.65
C LYS I 133 26.53 -47.78 13.49
N VAL I 134 26.96 -46.58 13.78
CA VAL I 134 27.57 -45.70 12.81
C VAL I 134 28.84 -45.15 13.34
N TYR I 135 29.83 -45.01 12.51
CA TYR I 135 31.00 -44.34 12.99
C TYR I 135 31.41 -43.35 11.94
N SER I 136 32.06 -42.30 12.38
CA SER I 136 32.50 -41.25 11.47
C SER I 136 33.67 -40.49 12.01
N LEU I 137 34.27 -39.68 11.14
CA LEU I 137 35.36 -38.87 11.61
C LEU I 137 34.91 -37.47 11.96
N PHE I 138 35.43 -37.00 13.06
CA PHE I 138 35.17 -35.65 13.53
C PHE I 138 36.42 -34.90 13.77
N TYR I 139 36.32 -33.60 13.62
CA TYR I 139 37.43 -32.78 13.95
C TYR I 139 37.37 -32.61 15.44
N ARG I 140 38.50 -32.52 16.08
CA ARG I 140 38.52 -32.33 17.51
C ARG I 140 37.73 -31.10 17.95
N LEU I 141 37.71 -30.06 17.13
CA LEU I 141 37.00 -28.83 17.46
C LEU I 141 35.49 -28.97 17.51
N ASP I 142 34.94 -30.04 16.93
CA ASP I 142 33.50 -30.25 16.91
C ASP I 142 32.99 -31.12 18.05
N ILE I 143 33.88 -31.62 18.90
CA ILE I 143 33.46 -32.48 20.01
C ILE I 143 34.02 -31.99 21.34
N VAL I 144 33.36 -32.38 22.42
CA VAL I 144 33.80 -31.99 23.74
C VAL I 144 34.05 -33.21 24.62
N PRO I 145 35.20 -33.31 25.33
CA PRO I 145 35.64 -34.43 26.16
C PRO I 145 34.96 -34.52 27.49
N MET I 146 33.68 -34.78 27.42
CA MET I 146 32.80 -34.97 28.54
C MET I 146 32.21 -36.37 28.49
N VAL I 147 31.03 -36.48 29.11
CA VAL I 147 30.31 -37.79 29.19
C VAL I 147 30.92 -38.65 30.33
N ASP I 148 32.10 -39.22 30.14
CA ASP I 148 32.75 -39.95 31.25
C ASP I 148 31.83 -41.02 31.84
N LEU I 149 31.20 -41.82 30.99
CA LEU I 149 30.33 -42.96 31.42
C LEU I 149 30.97 -44.23 30.88
N TRP I 150 30.21 -45.00 30.08
CA TRP I 150 30.74 -46.14 29.29
C TRP I 150 31.52 -45.58 28.10
N THR I 151 31.39 -44.27 27.84
CA THR I 151 31.85 -43.68 26.55
C THR I 151 32.64 -42.36 26.73
N ASN I 152 33.24 -41.86 25.65
CA ASN I 152 34.10 -40.65 25.73
C ASN I 152 33.72 -39.63 24.66
N TYR I 153 33.14 -38.49 25.01
CA TYR I 153 32.81 -37.32 24.18
C TYR I 153 31.37 -37.21 23.72
N ARG I 154 30.97 -35.98 23.48
CA ARG I 154 29.66 -35.65 22.92
C ARG I 154 29.85 -34.53 21.92
N LEU I 155 28.81 -34.20 21.13
CA LEU I 155 28.96 -33.17 20.06
C LEU I 155 28.93 -31.77 20.69
N ILE I 156 29.63 -30.80 20.10
CA ILE I 156 29.94 -29.52 20.81
C ILE I 156 28.64 -28.82 21.17
N ASN I 157 27.70 -28.76 20.25
CA ASN I 157 26.44 -28.00 20.45
C ASN I 157 25.31 -29.00 20.62
N CYS I 158 25.37 -29.76 21.72
CA CYS I 158 24.16 -30.42 22.27
C CYS I 158 24.00 -29.96 23.71
N ASN I 159 24.51 -28.77 24.01
CA ASN I 159 24.31 -28.18 25.36
C ASN I 159 23.73 -26.78 25.18
N THR I 160 24.03 -26.15 24.04
CA THR I 160 23.21 -25.07 23.46
C THR I 160 22.35 -25.68 22.35
N SER I 161 22.05 -24.95 21.29
CA SER I 161 20.85 -25.23 20.46
C SER I 161 21.05 -26.47 19.60
N ALA I 162 19.98 -27.00 19.01
CA ALA I 162 20.21 -28.10 18.09
C ALA I 162 20.72 -27.64 16.75
N ILE I 163 21.63 -28.47 16.24
CA ILE I 163 22.32 -28.33 14.94
C ILE I 163 21.31 -28.65 13.84
N THR I 164 21.35 -27.88 12.76
CA THR I 164 20.61 -28.21 11.54
C THR I 164 21.61 -28.52 10.44
N GLN I 165 21.43 -29.61 9.73
CA GLN I 165 22.34 -29.94 8.65
C GLN I 165 22.04 -29.10 7.46
N ALA I 166 23.04 -28.51 6.86
CA ALA I 166 22.79 -27.79 5.64
C ALA I 166 22.44 -28.81 4.58
N CYS I 167 21.49 -28.49 3.69
CA CYS I 167 21.09 -29.35 2.56
C CYS I 167 22.27 -29.44 1.57
N PRO I 168 22.68 -30.64 1.15
CA PRO I 168 23.83 -30.91 0.29
C PRO I 168 23.70 -30.32 -1.11
N LYS I 169 22.49 -29.97 -1.47
CA LYS I 169 22.16 -29.40 -2.76
C LYS I 169 22.36 -27.89 -2.79
N VAL I 170 22.62 -27.29 -1.63
CA VAL I 170 22.75 -25.84 -1.54
C VAL I 170 24.18 -25.40 -1.38
N SER I 171 24.65 -24.60 -2.33
CA SER I 171 25.99 -24.08 -2.27
C SER I 171 26.00 -22.81 -1.46
N PHE I 172 27.18 -22.35 -1.08
CA PHE I 172 27.30 -21.10 -0.36
C PHE I 172 28.03 -20.06 -1.18
N GLU I 173 27.98 -20.21 -2.50
CA GLU I 173 28.64 -19.29 -3.40
C GLU I 173 28.08 -17.88 -3.18
N PRO I 174 28.92 -16.84 -3.04
CA PRO I 174 28.53 -15.47 -2.79
C PRO I 174 28.02 -14.76 -4.02
N ILE I 175 26.85 -15.15 -4.47
CA ILE I 175 26.26 -14.56 -5.67
C ILE I 175 25.94 -13.10 -5.35
N PRO I 176 26.36 -12.12 -6.17
CA PRO I 176 26.17 -10.71 -5.94
C PRO I 176 24.73 -10.28 -5.96
N ILE I 177 24.43 -9.33 -5.10
CA ILE I 177 23.12 -8.74 -4.94
C ILE I 177 23.15 -7.26 -5.22
N HIS I 178 22.22 -6.76 -6.03
CA HIS I 178 22.14 -5.34 -6.33
C HIS I 178 21.08 -4.71 -5.44
N TYR I 179 21.32 -3.50 -4.90
CA TYR I 179 20.31 -2.84 -4.07
C TYR I 179 19.71 -1.65 -4.82
N CYS I 180 18.37 -1.70 -5.08
CA CYS I 180 17.64 -0.77 -5.92
C CYS I 180 16.71 0.14 -5.12
N ALA I 181 16.63 1.41 -5.56
CA ALA I 181 15.76 2.38 -4.92
C ALA I 181 14.30 2.19 -5.32
N PRO I 182 13.35 2.44 -4.42
CA PRO I 182 11.94 2.51 -4.68
C PRO I 182 11.61 3.82 -5.39
N ALA I 183 10.47 3.90 -6.02
CA ALA I 183 10.09 5.15 -6.67
C ALA I 183 10.02 6.24 -5.63
N GLY I 184 10.40 7.45 -6.03
CA GLY I 184 10.42 8.58 -5.12
C GLY I 184 11.78 8.76 -4.45
N PHE I 185 12.67 7.80 -4.63
CA PHE I 185 14.00 7.78 -4.05
C PHE I 185 15.11 7.57 -5.04
N ALA I 186 16.30 7.97 -4.66
CA ALA I 186 17.45 7.79 -5.53
C ALA I 186 18.68 7.44 -4.73
N ILE I 187 19.65 6.79 -5.38
CA ILE I 187 20.88 6.48 -4.70
C ILE I 187 21.99 7.30 -5.29
N LEU I 188 22.69 8.01 -4.46
CA LEU I 188 23.79 8.81 -4.95
C LEU I 188 25.09 8.08 -4.72
N LYS I 189 25.94 8.09 -5.72
CA LYS I 189 27.21 7.42 -5.64
C LYS I 189 28.36 8.42 -5.66
N CYS I 190 29.34 8.24 -4.75
CA CYS I 190 30.53 9.08 -4.67
C CYS I 190 31.63 8.49 -5.55
N LYS I 191 32.08 9.26 -6.53
CA LYS I 191 33.09 8.80 -7.47
C LYS I 191 34.49 9.33 -7.19
N ASP I 192 34.65 10.01 -6.08
CA ASP I 192 35.94 10.55 -5.74
C ASP I 192 36.86 9.42 -5.32
N LYS I 193 37.91 9.21 -6.11
CA LYS I 193 38.86 8.12 -5.96
C LYS I 193 39.61 8.18 -4.64
N LYS I 194 39.65 9.36 -4.03
CA LYS I 194 40.34 9.55 -2.78
C LYS I 194 39.38 9.63 -1.60
N PHE I 195 38.11 9.34 -1.82
CA PHE I 195 37.16 9.47 -0.75
C PHE I 195 37.46 8.48 0.38
N ASN I 196 37.53 9.02 1.60
CA ASN I 196 37.87 8.30 2.84
C ASN I 196 36.65 7.90 3.68
N GLY I 197 35.43 7.95 3.11
CA GLY I 197 34.16 7.56 3.73
C GLY I 197 33.32 8.68 4.30
N THR I 198 33.89 9.84 4.55
CA THR I 198 33.09 10.93 5.09
C THR I 198 33.36 12.27 4.45
N GLY I 199 32.40 13.16 4.60
CA GLY I 199 32.54 14.54 4.20
C GLY I 199 32.11 14.75 2.76
N PRO I 200 32.29 15.95 2.23
CA PRO I 200 31.89 16.35 0.91
C PRO I 200 32.58 15.48 -0.11
N CYS I 201 31.86 15.15 -1.19
CA CYS I 201 32.29 14.39 -2.33
C CYS I 201 31.99 15.28 -3.55
N PRO I 202 33.01 15.83 -4.22
CA PRO I 202 32.91 16.75 -5.34
C PRO I 202 32.39 16.14 -6.63
N SER I 203 32.35 14.83 -6.71
CA SER I 203 31.87 14.19 -7.92
C SER I 203 30.90 13.12 -7.53
N VAL I 204 29.64 13.40 -7.73
CA VAL I 204 28.56 12.56 -7.29
C VAL I 204 27.68 12.25 -8.46
N SER I 205 27.25 11.02 -8.59
CA SER I 205 26.35 10.69 -9.69
C SER I 205 25.13 9.95 -9.18
N THR I 206 24.08 9.97 -9.95
CA THR I 206 22.86 9.27 -9.54
C THR I 206 22.70 7.96 -10.22
N VAL I 207 22.35 6.94 -9.46
CA VAL I 207 22.10 5.65 -10.07
C VAL I 207 20.75 5.16 -9.66
N GLN I 208 20.23 4.23 -10.44
CA GLN I 208 18.96 3.63 -10.10
C GLN I 208 19.05 2.49 -9.06
N CYS I 209 20.20 1.77 -9.08
CA CYS I 209 20.49 0.56 -8.32
C CYS I 209 22.01 0.46 -8.23
N THR I 210 22.52 -0.06 -7.11
CA THR I 210 23.95 -0.20 -6.88
C THR I 210 24.48 -1.33 -7.71
N HIS I 211 25.80 -1.44 -7.75
CA HIS I 211 26.45 -2.52 -8.46
C HIS I 211 26.19 -3.76 -7.64
N GLY I 212 26.49 -4.92 -8.19
CA GLY I 212 26.23 -6.08 -7.37
C GLY I 212 27.33 -6.20 -6.34
N ILE I 213 26.94 -6.51 -5.12
CA ILE I 213 27.89 -6.72 -4.07
C ILE I 213 27.87 -8.15 -3.65
N LYS I 214 29.03 -8.79 -3.68
CA LYS I 214 29.12 -10.18 -3.30
C LYS I 214 29.09 -10.31 -1.79
N PRO I 215 28.16 -11.07 -1.20
CA PRO I 215 27.99 -11.26 0.21
C PRO I 215 29.01 -12.25 0.72
N VAL I 216 30.27 -11.88 0.64
CA VAL I 216 31.34 -12.76 1.08
C VAL I 216 31.47 -12.60 2.57
N VAL I 217 31.48 -13.71 3.28
CA VAL I 217 31.59 -13.64 4.71
C VAL I 217 32.93 -14.14 5.16
N SER I 218 33.72 -13.24 5.74
CA SER I 218 35.04 -13.55 6.23
C SER I 218 35.41 -12.58 7.33
N THR I 219 36.46 -12.88 8.06
CA THR I 219 36.87 -11.95 9.12
C THR I 219 37.99 -10.99 8.81
N GLN I 220 39.16 -11.27 9.34
CA GLN I 220 40.25 -10.31 9.28
C GLN I 220 40.80 -9.96 7.90
N LEU I 221 40.66 -10.84 6.91
CA LEU I 221 41.09 -10.49 5.57
C LEU I 221 39.82 -10.50 4.75
N LEU I 222 39.57 -9.38 4.11
CA LEU I 222 38.40 -9.21 3.28
C LEU I 222 38.70 -9.82 1.95
N LEU I 223 37.82 -10.68 1.48
CA LEU I 223 38.07 -11.34 0.24
C LEU I 223 37.09 -10.92 -0.84
N ASN I 224 37.57 -10.91 -2.11
CA ASN I 224 36.84 -10.72 -3.36
C ASN I 224 35.98 -9.43 -3.39
N GLY I 225 36.46 -8.32 -2.82
CA GLY I 225 35.78 -7.03 -2.81
C GLY I 225 36.35 -6.10 -3.86
N SER I 226 36.04 -4.84 -3.73
CA SER I 226 36.51 -3.84 -4.65
C SER I 226 37.89 -3.38 -4.24
N LEU I 227 38.68 -2.97 -5.21
CA LEU I 227 39.99 -2.38 -4.95
C LEU I 227 39.93 -0.89 -5.11
N ALA I 228 40.80 -0.21 -4.43
CA ALA I 228 40.94 1.23 -4.53
C ALA I 228 41.44 1.53 -5.93
N GLU I 229 41.02 2.64 -6.52
CA GLU I 229 41.46 2.94 -7.87
C GLU I 229 42.93 3.27 -8.03
N GLU I 230 43.48 4.02 -7.07
CA GLU I 230 44.87 4.45 -7.21
C GLU I 230 45.81 4.12 -6.06
N GLU I 231 45.35 4.28 -4.84
CA GLU I 231 46.21 4.15 -3.67
C GLU I 231 45.48 3.49 -2.55
N VAL I 232 46.23 2.95 -1.61
CA VAL I 232 45.62 2.31 -0.47
C VAL I 232 44.85 3.33 0.36
N ILE I 233 43.61 3.02 0.71
CA ILE I 233 42.82 3.98 1.47
C ILE I 233 42.48 3.47 2.84
N ILE I 234 42.79 4.27 3.83
CA ILE I 234 42.48 3.87 5.18
C ILE I 234 41.29 4.63 5.70
N ARG I 235 40.23 3.92 6.04
CA ARG I 235 39.00 4.55 6.48
C ARG I 235 38.63 4.15 7.89
N SER I 236 38.35 5.12 8.73
CA SER I 236 37.93 4.81 10.09
C SER I 236 36.97 5.87 10.58
N GLU I 237 36.04 5.50 11.46
CA GLU I 237 35.10 6.50 11.98
C GLU I 237 35.81 7.62 12.77
N ASN I 238 36.80 7.24 13.59
CA ASN I 238 37.63 8.10 14.44
C ASN I 238 39.00 7.41 14.56
N ILE I 239 40.00 7.88 13.78
CA ILE I 239 41.32 7.23 13.66
C ILE I 239 42.12 7.23 14.97
N THR I 240 41.89 8.21 15.82
CA THR I 240 42.58 8.31 17.08
C THR I 240 41.90 7.54 18.21
N ASN I 241 40.74 6.93 17.94
CA ASN I 241 39.99 6.20 18.94
C ASN I 241 40.22 4.70 18.80
N ASN I 242 40.85 4.09 19.79
CA ASN I 242 41.23 2.67 19.72
C ASN I 242 40.01 1.74 19.74
N ALA I 243 38.85 2.30 20.02
CA ALA I 243 37.61 1.54 20.06
C ALA I 243 37.02 1.35 18.67
N LYS I 244 37.59 1.99 17.66
CA LYS I 244 37.07 1.89 16.31
C LYS I 244 37.93 1.01 15.45
N ASN I 245 37.32 0.36 14.47
CA ASN I 245 38.10 -0.46 13.56
C ASN I 245 38.57 0.37 12.39
N ILE I 246 39.68 -0.06 11.81
CA ILE I 246 40.25 0.58 10.65
C ILE I 246 40.07 -0.32 9.44
N LEU I 247 39.40 0.19 8.42
CA LEU I 247 39.18 -0.60 7.23
C LEU I 247 40.19 -0.17 6.19
N VAL I 248 41.04 -1.08 5.77
CA VAL I 248 42.06 -0.70 4.82
C VAL I 248 41.78 -1.32 3.48
N GLN I 249 41.56 -0.48 2.48
CA GLN I 249 41.29 -0.97 1.14
C GLN I 249 42.57 -0.96 0.33
N LEU I 250 42.86 -2.07 -0.31
CA LEU I 250 44.08 -2.16 -1.07
C LEU I 250 43.85 -1.68 -2.48
N ASN I 251 44.90 -1.20 -3.15
CA ASN I 251 44.76 -0.81 -4.55
C ASN I 251 45.24 -1.91 -5.49
N THR I 252 45.70 -3.01 -4.91
CA THR I 252 46.16 -4.17 -5.62
C THR I 252 45.67 -5.38 -4.85
N PRO I 253 45.34 -6.49 -5.50
CA PRO I 253 44.94 -7.71 -4.84
C PRO I 253 46.16 -8.44 -4.32
N VAL I 254 45.98 -9.24 -3.28
CA VAL I 254 47.01 -10.19 -2.91
C VAL I 254 46.40 -11.55 -3.09
N GLN I 255 47.01 -12.40 -3.90
CA GLN I 255 46.38 -13.68 -4.14
C GLN I 255 46.68 -14.67 -3.05
N ILE I 256 45.64 -15.33 -2.58
CA ILE I 256 45.76 -16.36 -1.56
C ILE I 256 45.18 -17.71 -2.06
N ASN I 257 46.01 -18.78 -2.06
CA ASN I 257 45.68 -20.14 -2.52
C ASN I 257 45.44 -21.07 -1.32
N CYS I 258 44.19 -21.52 -1.11
CA CYS I 258 43.81 -22.35 0.05
C CYS I 258 43.49 -23.78 -0.37
N THR I 259 43.90 -24.70 0.48
CA THR I 259 43.66 -26.12 0.23
C THR I 259 43.44 -26.98 1.47
N ARG I 260 42.68 -28.04 1.25
CA ARG I 260 42.44 -29.10 2.21
C ARG I 260 42.85 -30.40 1.53
N PRO I 261 44.13 -30.78 1.58
CA PRO I 261 44.77 -31.84 0.81
C PRO I 261 44.56 -33.25 1.34
N ASN I 262 43.31 -33.61 1.56
CA ASN I 262 42.95 -34.91 2.12
C ASN I 262 41.76 -35.41 1.35
N ASN I 263 41.86 -36.59 0.68
CA ASN I 263 40.82 -37.13 -0.18
C ASN I 263 39.76 -37.89 0.66
N ASN I 264 38.64 -37.20 0.98
CA ASN I 264 37.58 -37.77 1.84
C ASN I 264 36.63 -38.68 1.11
N THR I 265 36.24 -39.72 1.81
CA THR I 265 35.20 -40.60 1.36
C THR I 265 34.01 -40.27 2.22
N VAL I 266 32.95 -39.83 1.59
CA VAL I 266 31.76 -39.40 2.29
C VAL I 266 30.65 -40.41 2.13
N LYS I 267 30.08 -40.77 3.27
CA LYS I 267 29.03 -41.75 3.37
C LYS I 267 27.79 -41.13 3.96
N SER I 268 26.66 -41.81 3.79
CA SER I 268 25.46 -41.29 4.39
C SER I 268 24.55 -42.39 4.87
N ILE I 269 23.74 -42.04 5.85
CA ILE I 269 22.76 -42.93 6.42
C ILE I 269 21.42 -42.28 6.57
N ARG I 270 20.38 -43.08 6.66
CA ARG I 270 19.11 -42.49 7.01
C ARG I 270 18.99 -42.54 8.51
N ILE I 271 18.56 -41.44 9.09
CA ILE I 271 18.35 -41.35 10.53
C ILE I 271 16.87 -41.24 10.81
N GLY I 272 16.11 -41.13 9.74
CA GLY I 272 14.67 -41.06 9.87
C GLY I 272 13.99 -41.15 8.51
N PRO I 273 12.67 -41.00 8.45
CA PRO I 273 11.84 -41.13 7.28
C PRO I 273 12.09 -40.03 6.26
N GLY I 274 13.15 -40.24 5.47
CA GLY I 274 13.57 -39.30 4.44
C GLY I 274 14.66 -38.35 4.90
N GLN I 275 15.22 -38.62 6.07
CA GLN I 275 16.26 -37.76 6.60
C GLN I 275 17.62 -38.38 6.52
N ALA I 276 18.42 -37.88 5.60
CA ALA I 276 19.76 -38.41 5.38
C ALA I 276 20.81 -37.53 6.02
N PHE I 277 21.69 -38.18 6.75
CA PHE I 277 22.82 -37.57 7.41
C PHE I 277 24.11 -37.88 6.68
N TYR I 278 24.93 -36.85 6.48
CA TYR I 278 26.20 -37.04 5.78
C TYR I 278 27.39 -36.92 6.68
N TYR I 279 28.37 -37.79 6.47
CA TYR I 279 29.56 -37.77 7.27
C TYR I 279 30.80 -38.29 6.56
N THR I 280 31.97 -37.96 7.09
CA THR I 280 33.17 -38.50 6.49
C THR I 280 33.35 -39.87 7.05
N GLY I 281 33.49 -40.82 6.15
CA GLY I 281 33.67 -42.21 6.47
C GLY I 281 35.11 -42.41 6.80
N ASP I 282 35.96 -42.07 5.84
CA ASP I 282 37.39 -42.23 6.06
C ASP I 282 38.20 -41.31 5.14
N ILE I 283 39.52 -41.34 5.29
CA ILE I 283 40.44 -40.55 4.49
C ILE I 283 41.38 -41.41 3.69
N ILE I 284 41.44 -41.13 2.41
CA ILE I 284 42.31 -41.81 1.51
C ILE I 284 43.63 -41.07 1.49
N GLY I 285 44.70 -41.78 1.78
CA GLY I 285 46.03 -41.20 1.83
C GLY I 285 46.37 -40.64 3.20
N ASP I 286 47.50 -39.96 3.25
CA ASP I 286 48.07 -39.42 4.49
C ASP I 286 47.24 -38.29 5.03
N ILE I 287 47.33 -38.04 6.32
CA ILE I 287 46.59 -36.95 6.90
C ILE I 287 47.47 -35.74 7.20
N ARG I 288 47.14 -34.62 6.53
CA ARG I 288 47.91 -33.38 6.62
C ARG I 288 47.03 -32.17 6.93
N GLN I 289 47.62 -31.15 7.54
CA GLN I 289 46.87 -29.95 7.85
C GLN I 289 46.53 -29.08 6.64
N ALA I 290 45.31 -28.56 6.65
CA ALA I 290 44.82 -27.63 5.64
C ALA I 290 45.59 -26.35 5.77
N HIS I 291 45.80 -25.66 4.67
CA HIS I 291 46.58 -24.44 4.75
C HIS I 291 46.30 -23.46 3.60
N CYS I 292 46.74 -22.19 3.75
CA CYS I 292 46.67 -21.13 2.72
C CYS I 292 48.04 -20.52 2.43
N ASN I 293 48.28 -20.24 1.16
CA ASN I 293 49.53 -19.67 0.69
C ASN I 293 49.36 -18.23 0.16
N VAL I 294 50.15 -17.31 0.74
CA VAL I 294 50.22 -15.88 0.38
C VAL I 294 51.64 -15.60 -0.12
N SER I 295 51.80 -15.04 -1.32
CA SER I 295 53.17 -14.83 -1.80
C SER I 295 53.89 -13.90 -0.84
N LYS I 296 55.16 -14.21 -0.54
CA LYS I 296 55.84 -13.42 0.48
C LYS I 296 56.19 -12.01 0.06
N ALA I 297 56.75 -11.84 -1.12
CA ALA I 297 57.13 -10.50 -1.50
C ALA I 297 55.91 -9.63 -1.67
N THR I 298 54.83 -10.22 -2.18
CA THR I 298 53.62 -9.48 -2.45
C THR I 298 53.08 -8.98 -1.16
N TRP I 299 53.05 -9.85 -0.16
CA TRP I 299 52.57 -9.44 1.13
C TRP I 299 53.41 -8.31 1.75
N ASN I 300 54.76 -8.39 1.64
CA ASN I 300 55.67 -7.36 2.18
C ASN I 300 55.47 -6.00 1.51
N GLU I 301 55.20 -5.97 0.16
CA GLU I 301 54.92 -4.75 -0.60
C GLU I 301 53.58 -4.17 -0.17
N THR I 302 52.61 -5.06 0.08
CA THR I 302 51.30 -4.65 0.51
C THR I 302 51.39 -3.95 1.83
N LEU I 303 52.12 -4.54 2.79
CA LEU I 303 52.22 -3.87 4.05
C LEU I 303 52.99 -2.58 3.90
N GLY I 304 54.02 -2.55 3.08
CA GLY I 304 54.75 -1.29 2.99
C GLY I 304 53.82 -0.16 2.59
N LYS I 305 52.91 -0.43 1.65
CA LYS I 305 51.96 0.59 1.24
C LYS I 305 51.02 0.99 2.36
N VAL I 306 50.57 0.02 3.15
CA VAL I 306 49.66 0.32 4.24
C VAL I 306 50.36 1.20 5.26
N VAL I 307 51.61 0.89 5.55
CA VAL I 307 52.41 1.63 6.50
C VAL I 307 52.60 3.07 6.04
N LYS I 308 52.89 3.27 4.75
CA LYS I 308 53.05 4.62 4.25
C LYS I 308 51.80 5.46 4.48
N GLN I 309 50.63 4.85 4.35
CA GLN I 309 49.40 5.61 4.54
C GLN I 309 49.09 5.80 6.02
N LEU I 310 49.42 4.84 6.87
CA LEU I 310 49.18 5.00 8.29
C LEU I 310 49.99 6.16 8.84
N ARG I 311 51.18 6.36 8.29
CA ARG I 311 52.06 7.44 8.71
C ARG I 311 51.50 8.83 8.40
N LYS I 312 50.41 8.91 7.63
CA LYS I 312 49.80 10.20 7.35
C LYS I 312 48.75 10.55 8.40
N HIS I 313 48.39 9.58 9.25
CA HIS I 313 47.39 9.79 10.30
C HIS I 313 48.04 9.82 11.66
N PHE I 314 49.18 9.17 11.74
CA PHE I 314 49.94 9.03 12.96
C PHE I 314 51.20 9.83 12.77
N GLY I 315 52.09 9.84 13.75
CA GLY I 315 53.28 10.66 13.52
C GLY I 315 54.02 10.03 12.35
N ASN I 316 54.77 10.85 11.57
CA ASN I 316 55.54 10.42 10.40
C ASN I 316 56.84 9.69 10.81
N ASN I 317 57.56 10.21 11.83
CA ASN I 317 58.80 9.63 12.35
C ASN I 317 58.41 8.66 13.42
N THR I 318 57.81 7.59 12.97
CA THR I 318 57.22 6.61 13.83
C THR I 318 57.62 5.20 13.49
N ILE I 319 57.09 4.32 14.30
CA ILE I 319 57.25 2.91 14.13
C ILE I 319 55.89 2.24 14.09
N ILE I 320 55.67 1.45 13.06
CA ILE I 320 54.44 0.72 12.94
C ILE I 320 54.68 -0.75 13.04
N ARG I 321 54.02 -1.36 14.01
CA ARG I 321 54.19 -2.77 14.25
C ARG I 321 52.92 -3.54 14.04
N PHE I 322 53.08 -4.73 13.50
CA PHE I 322 51.97 -5.63 13.31
C PHE I 322 52.11 -6.82 14.19
N ALA I 323 50.98 -7.25 14.72
CA ALA I 323 50.90 -8.40 15.62
C ALA I 323 49.60 -9.15 15.41
N GLN I 324 49.59 -10.39 15.86
CA GLN I 324 48.44 -11.27 15.81
C GLN I 324 47.43 -10.93 16.89
N SER I 325 46.18 -11.32 16.70
CA SER I 325 45.18 -11.04 17.71
C SER I 325 45.58 -11.61 19.04
N SER I 326 45.34 -10.81 20.07
CA SER I 326 45.67 -11.14 21.44
C SER I 326 44.67 -12.05 22.13
N GLY I 327 43.50 -12.26 21.54
CA GLY I 327 42.53 -13.08 22.24
C GLY I 327 41.17 -13.16 21.58
N GLY I 328 40.27 -13.87 22.24
CA GLY I 328 38.93 -14.12 21.73
C GLY I 328 38.89 -15.55 21.25
N ASP I 329 37.75 -16.01 20.76
CA ASP I 329 37.68 -17.38 20.33
C ASP I 329 38.12 -17.55 18.87
N LEU I 330 38.02 -18.79 18.38
CA LEU I 330 38.49 -19.15 17.06
C LEU I 330 37.85 -18.30 15.96
N GLU I 331 36.62 -17.86 16.17
CA GLU I 331 35.92 -17.08 15.17
C GLU I 331 36.57 -15.74 14.91
N VAL I 332 37.25 -15.16 15.90
CA VAL I 332 37.84 -13.85 15.70
C VAL I 332 39.37 -13.83 15.73
N THR I 333 39.99 -14.89 16.22
CA THR I 333 41.45 -14.90 16.28
C THR I 333 42.07 -15.44 15.01
N THR I 334 41.23 -15.95 14.13
CA THR I 334 41.66 -16.52 12.88
C THR I 334 40.95 -15.87 11.71
N HIS I 335 41.37 -16.27 10.54
CA HIS I 335 40.76 -15.84 9.33
C HIS I 335 39.73 -16.85 8.93
N SER I 336 38.48 -16.49 9.12
CA SER I 336 37.40 -17.39 8.82
C SER I 336 36.89 -17.15 7.44
N PHE I 337 36.71 -18.23 6.69
CA PHE I 337 36.12 -18.15 5.35
C PHE I 337 35.58 -19.48 4.85
N ASN I 338 34.72 -19.40 3.85
CA ASN I 338 34.18 -20.56 3.16
C ASN I 338 34.97 -20.88 1.88
N CYS I 339 35.63 -22.06 1.83
CA CYS I 339 36.44 -22.51 0.69
C CYS I 339 35.85 -23.80 0.14
N GLY I 340 35.07 -23.68 -0.92
CA GLY I 340 34.47 -24.85 -1.53
C GLY I 340 33.39 -25.49 -0.69
N GLY I 341 32.78 -24.77 0.24
CA GLY I 341 31.79 -25.35 1.12
C GLY I 341 32.35 -25.73 2.49
N GLU I 342 33.66 -25.77 2.65
CA GLU I 342 34.20 -26.10 3.97
C GLU I 342 34.51 -24.82 4.71
N PHE I 343 34.47 -24.87 6.02
CA PHE I 343 34.77 -23.69 6.79
C PHE I 343 36.15 -23.75 7.43
N PHE I 344 36.99 -22.85 6.97
CA PHE I 344 38.39 -22.71 7.38
C PHE I 344 38.57 -21.63 8.40
N TYR I 345 39.48 -21.88 9.32
CA TYR I 345 39.91 -20.96 10.38
C TYR I 345 41.44 -20.87 10.39
N CYS I 346 42.03 -19.96 9.57
CA CYS I 346 43.47 -19.90 9.31
C CYS I 346 44.20 -18.96 10.25
N ASN I 347 45.38 -19.40 10.65
CA ASN I 347 46.25 -18.65 11.53
C ASN I 347 47.12 -17.67 10.72
N THR I 348 46.87 -16.37 10.91
CA THR I 348 47.47 -15.23 10.20
C THR I 348 48.64 -14.62 10.93
N SER I 349 49.13 -15.26 11.98
CA SER I 349 50.27 -14.70 12.70
C SER I 349 51.49 -14.67 11.80
N GLY I 350 51.46 -15.45 10.71
CA GLY I 350 52.55 -15.48 9.75
C GLY I 350 52.51 -14.27 8.83
N LEU I 351 51.41 -13.53 8.85
CA LEU I 351 51.23 -12.35 8.02
C LEU I 351 51.46 -11.08 8.82
N PHE I 352 51.10 -11.12 10.09
CA PHE I 352 51.17 -9.93 10.94
C PHE I 352 52.17 -10.07 12.07
N ASN I 353 53.46 -10.18 11.71
CA ASN I 353 54.59 -10.33 12.62
C ASN I 353 55.79 -9.54 12.07
N SER I 354 55.74 -8.19 12.19
CA SER I 354 56.80 -7.29 11.64
C SER I 354 56.81 -5.93 12.28
N THR I 355 57.97 -5.26 12.19
CA THR I 355 58.07 -3.88 12.66
C THR I 355 58.69 -3.02 11.56
N TRP I 356 58.02 -1.92 11.25
CA TRP I 356 58.43 -0.98 10.23
C TRP I 356 58.93 0.30 10.87
N ILE I 357 60.22 0.59 10.75
CA ILE I 357 60.79 1.76 11.41
C ILE I 357 61.26 2.84 10.43
N SER I 358 60.72 4.09 10.56
CA SER I 358 61.02 5.29 9.73
C SER I 358 61.68 4.99 8.36
N ASN I 371 61.11 -17.73 -5.22
CA ASN I 371 59.65 -17.58 -5.16
C ASN I 371 59.12 -18.09 -3.79
N ASP I 372 59.42 -17.32 -2.73
CA ASP I 372 59.00 -17.57 -1.34
C ASP I 372 57.52 -17.29 -1.11
N SER I 373 56.95 -18.03 -0.18
CA SER I 373 55.56 -17.86 0.21
C SER I 373 55.38 -18.11 1.68
N ILE I 374 54.29 -17.58 2.21
CA ILE I 374 53.91 -17.74 3.59
C ILE I 374 52.79 -18.73 3.70
N THR I 375 52.98 -19.76 4.50
CA THR I 375 51.94 -20.75 4.68
C THR I 375 51.23 -20.52 6.00
N LEU I 376 49.92 -20.45 5.94
CA LEU I 376 49.07 -20.26 7.07
C LEU I 376 48.41 -21.59 7.41
N PRO I 377 48.63 -22.18 8.59
CA PRO I 377 47.98 -23.39 9.05
C PRO I 377 46.51 -23.08 9.14
N CYS I 378 45.60 -24.02 8.78
CA CYS I 378 44.15 -23.81 8.86
C CYS I 378 43.45 -24.94 9.59
N ARG I 379 42.52 -24.56 10.44
CA ARG I 379 41.73 -25.53 11.17
C ARG I 379 40.43 -25.67 10.42
N ILE I 380 39.82 -26.84 10.47
CA ILE I 380 38.55 -27.06 9.79
C ILE I 380 37.46 -27.42 10.78
N LYS I 381 36.27 -26.83 10.63
CA LYS I 381 35.16 -27.21 11.52
C LYS I 381 33.93 -27.57 10.74
N GLN I 382 33.18 -28.56 11.20
CA GLN I 382 31.93 -28.91 10.56
C GLN I 382 30.75 -28.24 11.24
N ILE I 383 30.83 -27.95 12.54
CA ILE I 383 29.64 -27.35 13.24
C ILE I 383 29.89 -25.88 13.54
N ILE I 384 29.26 -24.97 12.79
CA ILE I 384 29.55 -23.56 12.89
C ILE I 384 28.33 -22.75 13.28
N ASN I 385 28.55 -21.49 13.68
CA ASN I 385 27.44 -20.62 14.13
C ASN I 385 27.21 -19.46 13.16
N MET I 386 28.15 -19.21 12.23
CA MET I 386 28.09 -18.12 11.22
C MET I 386 27.97 -16.70 11.70
N TRP I 387 26.86 -16.43 12.33
CA TRP I 387 26.56 -15.09 12.76
C TRP I 387 26.84 -15.07 14.23
N GLN I 388 27.02 -13.89 14.81
CA GLN I 388 27.28 -13.86 16.24
C GLN I 388 25.99 -14.05 17.03
N ARG I 389 25.52 -15.29 17.04
CA ARG I 389 24.27 -15.68 17.67
C ARG I 389 24.46 -16.90 18.54
N ILE I 390 23.53 -17.08 19.47
CA ILE I 390 23.57 -18.22 20.38
C ILE I 390 22.64 -19.36 20.04
N GLY I 391 21.44 -19.05 19.57
CA GLY I 391 20.39 -20.04 19.40
C GLY I 391 20.38 -20.86 18.10
N GLN I 392 21.41 -20.73 17.28
CA GLN I 392 21.46 -21.48 16.04
C GLN I 392 22.81 -22.15 15.85
N ALA I 393 22.78 -23.34 15.26
CA ALA I 393 24.03 -23.98 14.81
C ALA I 393 23.75 -24.60 13.45
N MET I 394 24.80 -24.84 12.69
CA MET I 394 24.66 -25.55 11.43
C MET I 394 25.73 -26.59 11.24
N TYR I 395 25.36 -27.73 10.69
CA TYR I 395 26.32 -28.75 10.35
C TYR I 395 26.60 -28.68 8.87
N ALA I 396 27.86 -28.55 8.51
CA ALA I 396 28.22 -28.51 7.12
C ALA I 396 28.59 -29.92 6.70
N PRO I 397 27.90 -30.57 5.77
CA PRO I 397 28.22 -31.89 5.34
C PRO I 397 29.63 -31.80 4.84
N PRO I 398 30.46 -32.80 5.03
CA PRO I 398 31.82 -32.87 4.55
C PRO I 398 31.78 -33.06 3.07
N ILE I 399 32.81 -32.62 2.41
CA ILE I 399 32.86 -32.77 0.97
C ILE I 399 33.83 -33.80 0.43
N GLN I 400 33.29 -34.66 -0.41
CA GLN I 400 33.96 -35.75 -1.09
C GLN I 400 35.12 -35.26 -1.93
N GLY I 401 36.28 -35.90 -1.81
CA GLY I 401 37.43 -35.47 -2.58
C GLY I 401 38.31 -34.47 -1.86
N VAL I 402 38.98 -33.61 -2.63
CA VAL I 402 39.99 -32.68 -2.16
C VAL I 402 39.59 -31.27 -2.56
N ILE I 403 39.75 -30.32 -1.65
CA ILE I 403 39.35 -28.93 -1.96
C ILE I 403 40.46 -27.94 -2.14
N ARG I 404 40.33 -27.19 -3.22
CA ARG I 404 41.24 -26.11 -3.56
C ARG I 404 40.41 -24.89 -4.01
N CYS I 405 40.79 -23.67 -3.57
CA CYS I 405 40.16 -22.42 -3.99
C CYS I 405 41.21 -21.30 -4.02
N VAL I 406 40.99 -20.31 -4.88
CA VAL I 406 41.86 -19.16 -4.93
C VAL I 406 41.05 -17.90 -4.78
N SER I 407 41.43 -17.07 -3.83
CA SER I 407 40.72 -15.83 -3.56
C SER I 407 41.66 -14.62 -3.62
N ASN I 408 41.08 -13.41 -3.78
CA ASN I 408 41.81 -12.13 -3.75
C ASN I 408 41.60 -11.44 -2.41
N ILE I 409 42.70 -11.02 -1.74
CA ILE I 409 42.64 -10.21 -0.53
C ILE I 409 42.54 -8.80 -1.07
N THR I 410 41.46 -8.13 -0.73
CA THR I 410 41.18 -6.81 -1.25
C THR I 410 41.19 -5.76 -0.17
N GLY I 411 41.37 -6.18 1.05
CA GLY I 411 41.39 -5.28 2.18
C GLY I 411 41.59 -6.00 3.48
N LEU I 412 41.97 -5.23 4.47
CA LEU I 412 42.28 -5.75 5.79
C LEU I 412 41.43 -5.08 6.85
N ILE I 413 41.11 -5.79 7.93
CA ILE I 413 40.49 -5.08 9.04
C ILE I 413 41.46 -5.08 10.19
N LEU I 414 41.86 -3.89 10.61
CA LEU I 414 42.83 -3.73 11.69
C LEU I 414 42.29 -2.96 12.87
N THR I 415 42.83 -3.22 14.03
CA THR I 415 42.51 -2.44 15.21
C THR I 415 43.81 -1.91 15.73
N ARG I 416 43.78 -0.92 16.59
CA ARG I 416 45.01 -0.37 17.14
C ARG I 416 44.97 -0.45 18.67
N ASP I 417 46.11 -0.84 19.30
CA ASP I 417 46.29 -0.96 20.75
C ASP I 417 46.06 0.40 21.44
N THR I 424 57.09 5.54 21.91
CA THR I 424 56.28 5.51 20.72
C THR I 424 56.07 4.03 20.30
N THR I 425 55.62 3.83 19.04
CA THR I 425 55.27 2.60 18.31
C THR I 425 53.81 2.28 18.40
N GLU I 426 53.16 2.36 17.26
CA GLU I 426 51.75 2.04 17.20
C GLU I 426 51.64 0.59 16.78
N THR I 427 50.84 -0.18 17.50
CA THR I 427 50.68 -1.58 17.18
C THR I 427 49.29 -1.86 16.67
N PHE I 428 49.26 -2.54 15.53
CA PHE I 428 48.04 -2.90 14.86
C PHE I 428 47.87 -4.39 14.85
N ARG I 429 46.63 -4.83 15.00
CA ARG I 429 46.32 -6.25 15.00
C ARG I 429 45.11 -6.49 14.13
N PRO I 430 44.95 -7.66 13.53
CA PRO I 430 43.76 -8.05 12.83
C PRO I 430 42.53 -8.06 13.71
N GLY I 431 41.41 -7.63 13.14
CA GLY I 431 40.10 -7.61 13.80
C GLY I 431 39.05 -8.20 12.86
N GLY I 432 37.91 -7.53 12.71
CA GLY I 432 36.88 -8.00 11.77
C GLY I 432 35.81 -8.95 12.29
N GLY I 433 35.61 -9.04 13.60
CA GLY I 433 34.58 -9.95 14.10
C GLY I 433 33.13 -9.62 13.68
N ASP I 434 32.80 -8.33 13.51
CA ASP I 434 31.46 -7.86 13.12
C ASP I 434 31.32 -7.73 11.60
N MET I 435 30.45 -8.55 11.01
CA MET I 435 30.27 -8.64 9.56
C MET I 435 29.79 -7.34 8.93
N ARG I 436 29.23 -6.45 9.73
CA ARG I 436 28.77 -5.19 9.20
C ARG I 436 29.92 -4.46 8.55
N ASP I 437 31.15 -4.63 9.04
CA ASP I 437 32.28 -3.96 8.48
C ASP I 437 32.62 -4.48 7.10
N ASN I 438 32.26 -5.71 6.79
CA ASN I 438 32.61 -6.17 5.48
C ASN I 438 31.71 -5.45 4.52
N TRP I 439 30.48 -5.28 4.94
CA TRP I 439 29.51 -4.65 4.09
C TRP I 439 29.74 -3.15 3.95
N ARG I 440 30.26 -2.52 4.98
CA ARG I 440 30.61 -1.12 4.91
C ARG I 440 31.70 -0.86 3.89
N SER I 441 32.60 -1.81 3.72
CA SER I 441 33.71 -1.61 2.79
C SER I 441 33.23 -1.56 1.34
N GLU I 442 32.00 -1.99 1.06
CA GLU I 442 31.48 -1.92 -0.30
C GLU I 442 30.42 -0.83 -0.45
N LEU I 443 29.64 -0.60 0.60
CA LEU I 443 28.56 0.38 0.57
C LEU I 443 28.95 1.80 0.93
N TYR I 444 30.19 2.02 1.30
CA TYR I 444 30.66 3.34 1.70
C TYR I 444 30.44 4.43 0.67
N LYS I 445 30.34 4.08 -0.60
CA LYS I 445 30.19 5.09 -1.61
C LYS I 445 28.74 5.41 -1.93
N TYR I 446 27.78 4.75 -1.28
CA TYR I 446 26.40 5.02 -1.63
C TYR I 446 25.59 5.71 -0.54
N LYS I 447 24.72 6.61 -0.96
CA LYS I 447 23.81 7.32 -0.05
C LYS I 447 22.37 7.30 -0.55
N VAL I 448 21.42 7.19 0.35
CA VAL I 448 20.01 7.23 -0.06
C VAL I 448 19.37 8.57 0.19
N VAL I 449 18.74 9.14 -0.84
CA VAL I 449 18.08 10.41 -0.65
C VAL I 449 16.63 10.36 -1.14
N LYS I 450 15.78 11.12 -0.49
CA LYS I 450 14.37 11.24 -0.83
C LYS I 450 14.16 12.41 -1.73
N ILE I 451 13.41 12.21 -2.80
CA ILE I 451 13.17 13.29 -3.72
C ILE I 451 12.02 14.13 -3.21
N GLU I 452 12.21 15.44 -3.22
CA GLU I 452 11.18 16.37 -2.79
C GLU I 452 10.87 17.36 -3.89
N PRO I 453 10.02 16.99 -4.85
CA PRO I 453 9.76 17.68 -6.09
C PRO I 453 8.98 18.97 -5.97
N LEU I 454 8.40 19.25 -4.82
CA LEU I 454 7.59 20.45 -4.74
C LEU I 454 8.33 21.58 -4.05
N GLY I 455 8.28 22.76 -4.62
CA GLY I 455 8.91 23.91 -3.97
C GLY I 455 8.48 25.22 -4.56
N VAL I 456 8.91 26.32 -3.95
CA VAL I 456 8.51 27.64 -4.41
C VAL I 456 9.68 28.57 -4.59
N ALA I 457 9.47 29.61 -5.39
CA ALA I 457 10.45 30.69 -5.59
C ALA I 457 9.72 31.91 -6.11
N PRO I 458 10.20 33.15 -5.87
CA PRO I 458 9.62 34.34 -6.40
C PRO I 458 9.86 34.52 -7.88
N THR I 459 8.85 35.01 -8.57
CA THR I 459 8.91 35.36 -9.98
C THR I 459 8.08 36.61 -10.17
N ARG I 460 7.91 37.08 -11.41
CA ARG I 460 7.09 38.30 -11.60
C ARG I 460 5.64 37.94 -11.96
N CYS I 461 5.37 36.66 -12.19
CA CYS I 461 4.12 36.11 -12.71
C CYS I 461 3.01 36.07 -11.65
N LYS I 462 1.85 36.62 -11.98
CA LYS I 462 0.73 36.59 -11.04
C LYS I 462 -0.57 36.20 -11.74
N ARG I 463 -1.53 35.56 -11.01
CA ARG I 463 -2.86 35.24 -11.56
C ARG I 463 -3.77 36.46 -11.45
N LEU J 9 20.67 15.28 -19.40
CA LEU J 9 19.24 15.32 -19.76
C LEU J 9 18.36 14.30 -18.99
N GLY J 10 18.96 13.48 -18.09
CA GLY J 10 18.25 12.46 -17.31
C GLY J 10 17.80 12.98 -15.95
N PHE J 11 17.30 12.08 -15.14
CA PHE J 11 16.80 12.38 -13.82
C PHE J 11 17.83 13.03 -12.94
N LEU J 12 17.47 14.19 -12.41
CA LEU J 12 18.30 15.04 -11.57
C LEU J 12 19.53 15.55 -12.28
N GLY J 13 19.59 15.44 -13.60
CA GLY J 13 20.75 15.91 -14.33
C GLY J 13 20.97 17.40 -14.13
N ALA J 14 19.88 18.12 -13.94
CA ALA J 14 19.89 19.55 -13.76
C ALA J 14 20.07 19.95 -12.31
N ALA J 15 20.22 19.01 -11.41
CA ALA J 15 20.31 19.35 -10.00
C ALA J 15 21.45 20.31 -9.70
N GLY J 16 22.54 20.24 -10.43
CA GLY J 16 23.64 21.16 -10.17
C GLY J 16 23.57 22.44 -11.01
N SER J 17 22.55 22.58 -11.84
CA SER J 17 22.45 23.72 -12.72
C SER J 17 21.63 24.78 -12.04
N THR J 18 21.60 25.97 -12.63
CA THR J 18 20.87 27.14 -12.07
C THR J 18 19.36 26.93 -12.18
N MET J 19 18.61 27.49 -11.25
CA MET J 19 17.16 27.41 -11.24
C MET J 19 16.54 27.80 -12.57
N GLY J 20 17.11 28.78 -13.23
CA GLY J 20 16.60 29.24 -14.51
C GLY J 20 16.76 28.22 -15.63
N ALA J 21 17.59 27.19 -15.41
CA ALA J 21 17.78 26.14 -16.40
C ALA J 21 17.02 24.90 -16.00
N ALA J 22 17.09 24.60 -14.71
CA ALA J 22 16.51 23.43 -14.09
C ALA J 22 15.01 23.43 -14.18
N SER J 23 14.42 24.61 -14.25
CA SER J 23 12.98 24.74 -14.37
C SER J 23 12.45 24.14 -15.67
N MET J 24 13.32 23.84 -16.62
CA MET J 24 12.89 23.25 -17.88
C MET J 24 12.88 21.72 -17.88
N THR J 25 13.24 21.07 -16.77
CA THR J 25 13.29 19.60 -16.71
C THR J 25 12.29 19.05 -15.70
N LEU J 26 11.27 19.82 -15.41
CA LEU J 26 10.31 19.42 -14.40
C LEU J 26 9.62 18.09 -14.74
N THR J 27 9.42 17.78 -16.03
CA THR J 27 8.77 16.53 -16.35
C THR J 27 9.71 15.36 -16.16
N VAL J 28 11.01 15.61 -16.17
CA VAL J 28 11.96 14.54 -16.06
C VAL J 28 11.88 13.99 -14.66
N GLN J 29 11.81 14.89 -13.68
CA GLN J 29 11.71 14.43 -12.31
C GLN J 29 10.30 13.95 -11.99
N ALA J 30 9.26 14.59 -12.52
CA ALA J 30 7.92 14.16 -12.19
C ALA J 30 7.70 12.69 -12.58
N ARG J 31 8.28 12.27 -13.69
CA ARG J 31 8.12 10.92 -14.17
C ARG J 31 8.80 9.85 -13.33
N ASN J 32 9.65 10.23 -12.39
CA ASN J 32 10.36 9.27 -11.57
C ASN J 32 9.77 9.14 -10.16
N LEU J 33 8.58 9.71 -9.98
CA LEU J 33 7.90 9.62 -8.71
C LEU J 33 7.01 8.39 -8.66
N LEU J 34 6.57 7.90 -9.80
CA LEU J 34 5.71 6.74 -9.82
C LEU J 34 6.42 5.60 -10.54
N SER J 35 6.56 4.42 -9.88
CA SER J 35 7.23 3.18 -10.35
C SER J 35 8.47 3.46 -11.23
N HIS J 59 8.27 -11.33 6.64
CA HIS J 59 8.05 -12.13 5.45
C HIS J 59 8.67 -11.42 4.21
N TRP J 60 9.36 -12.21 3.35
CA TRP J 60 10.02 -11.75 2.13
C TRP J 60 8.97 -11.29 1.14
N GLY J 61 9.15 -10.09 0.63
CA GLY J 61 8.21 -9.49 -0.31
C GLY J 61 7.25 -8.49 0.35
N ILE J 62 7.16 -8.49 1.69
CA ILE J 62 6.25 -7.54 2.31
C ILE J 62 6.85 -6.18 2.33
N LYS J 63 8.13 -6.08 2.64
CA LYS J 63 8.71 -4.77 2.70
C LYS J 63 8.67 -4.10 1.31
N GLN J 64 8.69 -4.90 0.24
CA GLN J 64 8.61 -4.33 -1.09
C GLN J 64 7.21 -3.81 -1.33
N LEU J 65 6.19 -4.52 -0.85
CA LEU J 65 4.85 -4.05 -1.03
C LEU J 65 4.66 -2.76 -0.23
N GLN J 66 5.26 -2.69 0.97
CA GLN J 66 5.13 -1.49 1.78
C GLN J 66 5.74 -0.32 1.07
N ALA J 67 6.89 -0.52 0.42
CA ALA J 67 7.54 0.55 -0.29
C ALA J 67 6.67 1.08 -1.42
N ARG J 68 5.96 0.19 -2.10
CA ARG J 68 5.11 0.64 -3.19
C ARG J 68 3.96 1.47 -2.65
N VAL J 69 3.39 1.05 -1.54
CA VAL J 69 2.29 1.78 -0.97
C VAL J 69 2.72 3.15 -0.51
N LEU J 70 3.88 3.26 0.15
CA LEU J 70 4.25 4.57 0.61
C LEU J 70 4.65 5.47 -0.53
N ALA J 71 5.20 4.93 -1.62
CA ALA J 71 5.52 5.82 -2.71
C ALA J 71 4.24 6.47 -3.22
N VAL J 72 3.17 5.68 -3.27
CA VAL J 72 1.90 6.22 -3.70
C VAL J 72 1.38 7.25 -2.74
N GLU J 73 1.47 7.00 -1.45
CA GLU J 73 0.96 7.98 -0.51
C GLU J 73 1.70 9.31 -0.61
N HIS J 74 3.02 9.28 -0.83
CA HIS J 74 3.72 10.55 -0.91
C HIS J 74 3.29 11.29 -2.16
N TYR J 75 3.12 10.56 -3.25
CA TYR J 75 2.69 11.19 -4.48
C TYR J 75 1.36 11.87 -4.30
N LEU J 76 0.41 11.16 -3.71
CA LEU J 76 -0.90 11.71 -3.56
C LEU J 76 -0.91 12.90 -2.66
N ARG J 77 -0.11 12.93 -1.62
CA ARG J 77 -0.11 14.12 -0.79
C ARG J 77 0.37 15.33 -1.56
N ASP J 78 1.37 15.19 -2.42
CA ASP J 78 1.78 16.37 -3.16
C ASP J 78 0.68 16.80 -4.11
N GLN J 79 -0.01 15.84 -4.71
CA GLN J 79 -1.05 16.24 -5.63
C GLN J 79 -2.21 16.88 -4.90
N GLN J 80 -2.53 16.40 -3.71
CA GLN J 80 -3.62 16.99 -2.97
C GLN J 80 -3.29 18.40 -2.63
N LEU J 81 -2.04 18.65 -2.25
CA LEU J 81 -1.65 19.97 -1.87
C LEU J 81 -1.71 20.93 -3.05
N LEU J 82 -1.27 20.47 -4.22
CA LEU J 82 -1.36 21.35 -5.38
C LEU J 82 -2.82 21.63 -5.66
N GLY J 83 -3.70 20.66 -5.49
CA GLY J 83 -5.10 20.91 -5.71
C GLY J 83 -5.64 21.96 -4.76
N ILE J 84 -5.25 21.91 -3.51
CA ILE J 84 -5.70 22.87 -2.51
C ILE J 84 -5.32 24.28 -2.88
N TRP J 85 -4.11 24.45 -3.40
CA TRP J 85 -3.61 25.76 -3.80
C TRP J 85 -4.13 26.24 -5.15
N GLY J 86 -4.90 25.40 -5.85
CA GLY J 86 -5.38 25.75 -7.20
C GLY J 86 -4.36 25.53 -8.33
N CYS J 87 -3.38 24.62 -8.14
CA CYS J 87 -2.29 24.30 -9.05
C CYS J 87 -2.48 22.91 -9.66
N SER J 88 -3.68 22.38 -9.55
CA SER J 88 -3.89 21.05 -10.06
C SER J 88 -3.67 20.99 -11.55
N GLY J 89 -2.99 19.94 -11.98
CA GLY J 89 -2.80 19.70 -13.40
C GLY J 89 -1.65 20.45 -14.04
N LYS J 90 -0.86 21.21 -13.27
CA LYS J 90 0.22 21.95 -13.91
C LYS J 90 1.54 21.89 -13.15
N LEU J 91 2.64 22.01 -13.89
CA LEU J 91 3.95 21.98 -13.26
C LEU J 91 4.43 23.35 -12.83
N ILE J 92 3.97 24.39 -13.51
CA ILE J 92 4.33 25.76 -13.15
C ILE J 92 3.05 26.52 -12.80
N CYS J 93 2.89 26.95 -11.55
CA CYS J 93 1.68 27.58 -11.04
C CYS J 93 1.95 28.94 -10.43
N CYS J 94 1.38 29.94 -11.06
CA CYS J 94 1.54 31.30 -10.59
C CYS J 94 0.45 31.50 -9.57
N THR J 95 0.69 32.31 -8.56
CA THR J 95 -0.32 32.52 -7.54
C THR J 95 -0.58 33.98 -7.31
N ASN J 96 -1.43 34.27 -6.31
CA ASN J 96 -1.77 35.63 -5.93
C ASN J 96 -1.16 36.01 -4.59
N VAL J 97 -0.17 35.25 -4.12
CA VAL J 97 0.48 35.56 -2.87
C VAL J 97 1.77 36.30 -3.13
N PRO J 98 2.05 37.49 -2.51
CA PRO J 98 3.31 38.19 -2.75
C PRO J 98 4.52 37.74 -1.89
N TRP J 99 5.73 38.10 -2.29
CA TRP J 99 6.96 37.57 -1.64
C TRP J 99 7.45 38.58 -0.61
N ASN J 100 6.93 38.52 0.61
CA ASN J 100 7.42 39.31 1.76
C ASN J 100 8.94 39.18 1.83
N SER J 101 9.64 40.29 1.63
CA SER J 101 11.11 40.26 1.39
C SER J 101 11.84 39.60 2.54
N SER J 102 11.20 39.54 3.70
CA SER J 102 11.83 38.96 4.92
C SER J 102 12.16 37.49 4.70
N TRP J 103 11.51 36.83 3.73
CA TRP J 103 11.83 35.41 3.49
C TRP J 103 13.13 35.30 2.70
N SER J 104 13.27 36.09 1.62
CA SER J 104 14.53 36.17 0.83
C SER J 104 14.60 37.50 0.07
N ASN J 105 15.56 38.36 0.41
CA ASN J 105 15.69 39.71 -0.17
C ASN J 105 16.71 39.70 -1.31
N ARG J 106 16.83 38.59 -2.03
CA ARG J 106 17.75 38.53 -3.19
C ARG J 106 16.97 38.93 -4.45
N ASN J 107 17.64 39.47 -5.46
CA ASN J 107 16.95 39.89 -6.70
C ASN J 107 16.85 38.71 -7.67
N LEU J 108 15.98 38.81 -8.67
CA LEU J 108 15.76 37.74 -9.64
C LEU J 108 17.02 37.23 -10.29
N SER J 109 17.88 38.18 -10.61
CA SER J 109 19.09 37.86 -11.40
C SER J 109 20.15 37.36 -10.44
N GLU J 110 19.77 37.07 -9.19
CA GLU J 110 20.57 36.17 -8.33
C GLU J 110 19.83 34.84 -8.26
N ILE J 111 18.58 34.87 -7.80
CA ILE J 111 17.88 33.64 -7.60
C ILE J 111 17.84 32.74 -8.80
N TRP J 112 17.67 33.30 -10.00
CA TRP J 112 17.34 32.46 -11.18
C TRP J 112 18.54 32.33 -12.11
N ASP J 113 19.68 32.88 -11.73
CA ASP J 113 20.84 32.84 -12.65
C ASP J 113 22.02 32.18 -11.93
N ASN J 114 22.09 32.34 -10.61
CA ASN J 114 23.22 31.77 -9.85
C ASN J 114 22.76 30.50 -9.09
N MET J 115 21.99 30.66 -8.02
CA MET J 115 21.66 29.57 -7.08
C MET J 115 21.04 28.37 -7.80
N THR J 116 21.42 27.17 -7.39
CA THR J 116 20.76 25.92 -7.81
C THR J 116 19.59 25.62 -6.87
N TRP J 117 18.61 24.83 -7.31
CA TRP J 117 17.46 24.60 -6.47
C TRP J 117 17.82 24.06 -5.12
N LEU J 118 18.92 23.32 -5.02
CA LEU J 118 19.31 22.78 -3.72
C LEU J 118 19.70 23.91 -2.80
N GLN J 119 20.41 24.91 -3.33
CA GLN J 119 20.88 26.00 -2.44
C GLN J 119 19.70 26.88 -2.07
N TRP J 120 18.73 27.04 -2.98
CA TRP J 120 17.54 27.81 -2.69
C TRP J 120 16.71 27.12 -1.64
N ASP J 121 16.55 25.81 -1.77
CA ASP J 121 15.72 25.11 -0.83
C ASP J 121 16.30 25.27 0.56
N LYS J 122 17.61 25.24 0.70
CA LYS J 122 18.14 25.44 2.02
C LYS J 122 17.91 26.86 2.54
N GLU J 123 18.09 27.85 1.67
CA GLU J 123 17.97 29.25 2.09
C GLU J 123 16.63 29.60 2.69
N ILE J 124 15.54 29.10 2.07
CA ILE J 124 14.13 29.40 2.49
C ILE J 124 13.46 28.12 2.95
N SER J 125 14.20 27.23 3.60
CA SER J 125 13.55 26.05 4.21
C SER J 125 12.71 26.50 5.40
N ASN J 126 13.26 27.39 6.22
CA ASN J 126 12.58 27.72 7.50
C ASN J 126 11.18 28.25 7.20
N TYR J 127 11.11 29.24 6.31
CA TYR J 127 9.84 29.97 6.06
C TYR J 127 9.08 29.26 4.95
N THR J 128 8.78 27.98 5.11
CA THR J 128 8.06 27.23 4.05
C THR J 128 6.64 26.95 4.52
N GLN J 129 6.47 26.52 5.76
CA GLN J 129 5.09 26.28 6.24
C GLN J 129 4.30 27.58 6.21
N ILE J 130 4.98 28.72 6.31
CA ILE J 130 4.27 30.02 6.30
C ILE J 130 3.75 30.26 4.87
N ILE J 131 4.57 29.97 3.85
CA ILE J 131 4.18 30.16 2.49
C ILE J 131 3.07 29.24 2.14
N TYR J 132 3.15 27.99 2.55
CA TYR J 132 2.09 27.09 2.21
C TYR J 132 0.79 27.54 2.81
N GLY J 133 0.81 28.03 4.05
CA GLY J 133 -0.41 28.50 4.66
C GLY J 133 -1.01 29.67 3.88
N LEU J 134 -0.17 30.57 3.41
CA LEU J 134 -0.68 31.70 2.65
C LEU J 134 -1.29 31.26 1.34
N LEU J 135 -0.68 30.26 0.69
CA LEU J 135 -1.22 29.80 -0.57
C LEU J 135 -2.58 29.18 -0.38
N GLU J 136 -2.77 28.44 0.70
CA GLU J 136 -4.06 27.85 0.96
C GLU J 136 -5.12 28.90 1.19
N GLU J 137 -4.79 29.94 1.95
CA GLU J 137 -5.81 30.93 2.20
C GLU J 137 -6.15 31.69 0.93
N SER J 138 -5.15 31.95 0.09
CA SER J 138 -5.39 32.68 -1.13
C SER J 138 -6.35 31.93 -2.01
N GLN J 139 -6.16 30.62 -2.15
CA GLN J 139 -7.08 29.88 -2.99
C GLN J 139 -8.46 29.84 -2.41
N ASN J 140 -8.61 29.75 -1.09
CA ASN J 140 -9.96 29.71 -0.57
C ASN J 140 -10.69 31.01 -0.85
N GLN J 141 -9.97 32.13 -0.79
CA GLN J 141 -10.62 33.38 -1.07
C GLN J 141 -11.01 33.45 -2.52
N GLN J 142 -10.17 32.91 -3.39
CA GLN J 142 -10.49 32.93 -4.79
C GLN J 142 -11.67 32.06 -5.13
N GLU J 143 -11.78 30.88 -4.54
CA GLU J 143 -12.93 30.06 -4.88
C GLU J 143 -14.21 30.70 -4.46
N LYS J 144 -14.24 31.35 -3.29
CA LYS J 144 -15.52 31.95 -2.84
C LYS J 144 -15.84 33.18 -3.71
N ASN J 145 -14.84 34.00 -4.04
CA ASN J 145 -15.09 35.18 -4.91
C ASN J 145 -15.68 34.71 -6.24
N GLU J 146 -15.16 33.63 -6.81
CA GLU J 146 -15.67 33.18 -8.13
C GLU J 146 -17.12 32.70 -7.96
N GLN J 147 -17.43 32.05 -6.85
CA GLN J 147 -18.81 31.52 -6.69
C GLN J 147 -19.75 32.71 -6.79
N ASP J 148 -19.32 33.86 -6.29
CA ASP J 148 -20.26 35.00 -6.20
C ASP J 148 -20.16 35.85 -7.47
N LEU J 149 -19.32 35.45 -8.43
CA LEU J 149 -19.27 36.16 -9.74
C LEU J 149 -20.03 35.33 -10.77
N LEU J 150 -20.36 34.09 -10.44
CA LEU J 150 -21.14 33.27 -11.39
C LEU J 150 -22.60 33.40 -11.00
N ALA J 151 -22.86 33.97 -9.83
CA ALA J 151 -24.24 34.32 -9.44
C ALA J 151 -24.80 35.30 -10.47
N GLU K 1 30.66 45.70 -27.21
CA GLU K 1 29.88 46.54 -28.10
C GLU K 1 28.73 45.72 -28.72
N VAL K 2 27.49 46.25 -28.60
CA VAL K 2 26.28 45.68 -29.17
C VAL K 2 25.90 46.36 -30.44
N GLN K 3 25.65 45.57 -31.46
CA GLN K 3 25.22 46.11 -32.71
C GLN K 3 23.99 45.41 -33.22
N LEU K 4 23.16 46.20 -33.86
CA LEU K 4 22.00 45.71 -34.54
C LEU K 4 22.07 46.29 -35.92
N VAL K 5 22.09 45.43 -36.93
CA VAL K 5 22.23 45.94 -38.27
C VAL K 5 21.11 45.55 -39.18
N GLU K 6 20.36 46.52 -39.61
CA GLU K 6 19.28 46.24 -40.51
C GLU K 6 19.80 46.05 -41.91
N THR K 7 19.29 45.05 -42.59
CA THR K 7 19.62 44.78 -43.97
C THR K 7 18.28 44.60 -44.67
N GLY K 8 17.61 45.71 -44.87
CA GLY K 8 16.24 45.67 -45.36
C GLY K 8 16.11 45.83 -46.85
N GLY K 9 14.89 46.14 -47.27
CA GLY K 9 14.55 46.30 -48.66
C GLY K 9 14.67 47.76 -49.07
N GLY K 10 14.06 48.11 -50.20
CA GLY K 10 14.13 49.47 -50.72
C GLY K 10 12.75 50.04 -51.04
N LEU K 11 12.59 50.42 -52.31
CA LEU K 11 11.37 51.00 -52.84
C LEU K 11 10.48 49.91 -53.41
N VAL K 12 9.26 49.88 -52.92
CA VAL K 12 8.27 48.89 -53.31
C VAL K 12 6.92 49.52 -53.66
N GLN K 13 6.16 48.85 -54.50
CA GLN K 13 4.86 49.36 -54.86
C GLN K 13 3.79 48.99 -53.82
N PRO K 14 2.75 49.81 -53.63
CA PRO K 14 1.66 49.57 -52.73
C PRO K 14 0.97 48.30 -53.04
N GLY K 15 0.58 47.60 -52.00
CA GLY K 15 -0.14 46.36 -52.15
C GLY K 15 0.76 45.14 -52.25
N GLY K 16 2.06 45.34 -52.32
CA GLY K 16 2.99 44.22 -52.43
C GLY K 16 3.51 43.77 -51.08
N SER K 17 4.75 43.35 -51.04
CA SER K 17 5.31 42.88 -49.78
C SER K 17 6.77 43.21 -49.75
N LEU K 18 7.29 43.33 -48.53
CA LEU K 18 8.70 43.59 -48.35
C LEU K 18 9.20 42.96 -47.07
N LYS K 19 10.33 42.28 -47.14
CA LYS K 19 10.87 41.66 -45.94
C LYS K 19 12.12 42.34 -45.42
N LEU K 20 12.13 42.60 -44.14
CA LEU K 20 13.27 43.16 -43.45
C LEU K 20 13.91 42.11 -42.59
N SER K 21 15.18 42.26 -42.37
CA SER K 21 15.87 41.42 -41.42
C SER K 21 16.91 42.29 -40.75
N CYS K 22 17.33 41.87 -39.54
CA CYS K 22 18.32 42.52 -38.69
C CYS K 22 19.24 41.49 -38.07
N ARG K 23 20.53 41.73 -38.21
CA ARG K 23 21.47 40.80 -37.63
C ARG K 23 21.95 41.38 -36.34
N ALA K 24 22.12 40.54 -35.34
CA ALA K 24 22.57 41.03 -34.06
C ALA K 24 23.87 40.42 -33.63
N SER K 25 24.65 41.20 -32.90
CA SER K 25 25.90 40.72 -32.33
C SER K 25 26.29 41.46 -31.07
N GLY K 26 27.21 40.87 -30.30
CA GLY K 26 27.76 41.50 -29.10
C GLY K 26 27.06 41.13 -27.79
N TYR K 27 26.01 40.34 -27.86
CA TYR K 27 25.27 39.96 -26.68
C TYR K 27 24.59 38.66 -26.95
N THR K 28 24.12 37.98 -25.92
CA THR K 28 23.39 36.76 -26.21
C THR K 28 22.06 37.17 -26.81
N PHE K 29 21.86 36.80 -28.04
CA PHE K 29 20.68 37.19 -28.77
C PHE K 29 19.44 36.67 -28.12
N SER K 30 19.51 35.41 -27.77
CA SER K 30 18.42 34.66 -27.17
C SER K 30 18.04 35.12 -25.78
N SER K 31 18.80 36.02 -25.16
CA SER K 31 18.42 36.49 -23.84
C SER K 31 17.47 37.66 -23.89
N PHE K 32 17.26 38.24 -25.08
CA PHE K 32 16.44 39.43 -25.17
C PHE K 32 15.30 39.41 -26.14
N ALA K 33 14.21 40.03 -25.71
CA ALA K 33 13.05 40.30 -26.56
C ALA K 33 13.44 41.41 -27.49
N MET K 34 12.82 41.46 -28.65
CA MET K 34 13.13 42.50 -29.63
C MET K 34 11.90 43.08 -30.26
N SER K 35 12.05 44.26 -30.83
CA SER K 35 10.94 44.92 -31.45
C SER K 35 11.32 45.75 -32.63
N TRP K 36 10.30 46.14 -33.37
CA TRP K 36 10.50 47.08 -34.44
C TRP K 36 9.79 48.36 -34.09
N VAL K 37 10.49 49.46 -34.32
CA VAL K 37 9.98 50.80 -34.09
C VAL K 37 10.03 51.57 -35.39
N ARG K 38 8.94 52.19 -35.75
CA ARG K 38 8.86 52.89 -37.01
C ARG K 38 8.94 54.40 -36.90
N GLN K 39 9.59 55.03 -37.86
CA GLN K 39 9.60 56.50 -37.91
C GLN K 39 9.34 57.07 -39.30
N ALA K 40 8.16 57.66 -39.50
CA ALA K 40 7.87 58.21 -40.81
C ALA K 40 8.87 59.34 -40.99
N PRO K 41 9.27 59.72 -42.22
CA PRO K 41 10.26 60.76 -42.45
C PRO K 41 10.00 62.08 -41.72
N GLY K 42 8.75 62.47 -41.52
CA GLY K 42 8.45 63.72 -40.83
C GLY K 42 7.85 63.54 -39.44
N LYS K 43 7.89 62.34 -38.90
CA LYS K 43 7.23 62.06 -37.62
C LYS K 43 8.12 61.56 -36.50
N GLY K 44 7.49 61.25 -35.37
CA GLY K 44 8.17 60.72 -34.21
C GLY K 44 8.20 59.21 -34.30
N LEU K 45 8.42 58.56 -33.18
CA LEU K 45 8.56 57.12 -33.16
C LEU K 45 7.24 56.43 -32.92
N GLU K 46 7.05 55.27 -33.54
CA GLU K 46 5.87 54.44 -33.32
C GLU K 46 6.24 53.00 -33.03
N TRP K 47 5.69 52.42 -31.98
CA TRP K 47 6.01 51.02 -31.79
C TRP K 47 5.21 50.23 -32.77
N VAL K 48 5.79 49.22 -33.42
CA VAL K 48 5.00 48.44 -34.35
C VAL K 48 4.78 47.02 -33.91
N SER K 49 5.87 46.34 -33.58
CA SER K 49 5.75 44.93 -33.21
C SER K 49 6.80 44.47 -32.23
N LEU K 50 6.44 43.47 -31.43
CA LEU K 50 7.27 42.87 -30.40
C LEU K 50 7.30 41.37 -30.41
N ILE K 51 8.50 40.81 -30.30
CA ILE K 51 8.66 39.38 -30.22
C ILE K 51 9.49 38.95 -29.03
N ASN K 52 8.99 37.92 -28.34
CA ASN K 52 9.62 37.27 -27.16
C ASN K 52 10.94 36.63 -27.57
N ASP K 53 11.88 36.54 -26.64
CA ASP K 53 13.20 35.98 -26.83
C ASP K 53 13.22 34.52 -27.30
N ARG K 54 12.15 33.78 -27.04
CA ARG K 54 12.11 32.35 -27.48
C ARG K 54 11.23 32.23 -28.73
N GLY K 55 10.77 33.37 -29.24
CA GLY K 55 10.03 33.45 -30.50
C GLY K 55 8.56 33.01 -30.43
N GLY K 56 8.11 32.57 -29.26
CA GLY K 56 6.73 32.07 -29.12
C GLY K 56 5.61 33.11 -29.03
N LEU K 57 5.93 34.30 -28.53
CA LEU K 57 4.87 35.29 -28.23
C LEU K 57 5.10 36.54 -29.06
N THR K 58 4.12 36.94 -29.88
CA THR K 58 4.23 38.14 -30.68
C THR K 58 3.08 39.10 -30.44
N PHE K 59 3.38 40.38 -30.55
CA PHE K 59 2.38 41.41 -30.39
C PHE K 59 2.51 42.46 -31.47
N TYR K 60 1.39 43.04 -31.88
CA TYR K 60 1.39 44.07 -32.90
C TYR K 60 0.48 45.21 -32.57
N VAL K 61 0.74 46.37 -33.16
CA VAL K 61 -0.21 47.46 -33.12
C VAL K 61 -1.37 47.10 -34.02
N ASP K 62 -2.57 47.56 -33.71
CA ASP K 62 -3.73 47.20 -34.51
C ASP K 62 -3.58 47.50 -35.98
N SER K 63 -2.91 48.58 -36.32
CA SER K 63 -2.78 49.00 -37.72
C SER K 63 -2.01 48.06 -38.63
N VAL K 64 -1.25 47.11 -38.07
CA VAL K 64 -0.50 46.18 -38.90
C VAL K 64 -0.86 44.76 -38.49
N LYS K 65 -1.82 44.63 -37.59
CA LYS K 65 -2.05 43.34 -36.96
C LYS K 65 -2.41 42.24 -37.90
N GLY K 66 -3.14 42.55 -38.96
CA GLY K 66 -3.50 41.51 -39.91
C GLY K 66 -2.55 41.49 -41.10
N ARG K 67 -1.48 42.29 -41.06
CA ARG K 67 -0.61 42.41 -42.22
C ARG K 67 0.85 42.04 -41.98
N PHE K 68 1.35 42.21 -40.77
CA PHE K 68 2.76 41.96 -40.53
C PHE K 68 3.04 40.69 -39.75
N THR K 69 4.13 40.03 -40.10
CA THR K 69 4.61 38.89 -39.35
C THR K 69 5.98 39.15 -38.77
N ILE K 70 6.14 38.96 -37.48
CA ILE K 70 7.43 39.20 -36.85
C ILE K 70 7.98 37.84 -36.50
N SER K 71 9.25 37.63 -36.74
CA SER K 71 9.83 36.35 -36.42
C SER K 71 11.21 36.45 -35.86
N ARG K 72 11.76 35.29 -35.56
CA ARG K 72 13.05 35.16 -34.92
C ARG K 72 13.75 33.87 -35.22
N ASP K 73 15.07 33.94 -35.32
CA ASP K 73 15.90 32.77 -35.44
C ASP K 73 17.09 32.89 -34.49
N ASN K 74 17.04 32.13 -33.41
CA ASN K 74 18.08 32.27 -32.40
C ASN K 74 19.38 31.59 -32.75
N SER K 75 19.41 30.79 -33.82
CA SER K 75 20.65 30.13 -34.15
C SER K 75 21.48 31.05 -35.03
N LYS K 76 20.77 31.94 -35.75
CA LYS K 76 21.42 32.88 -36.64
C LYS K 76 21.46 34.31 -36.11
N ASN K 77 21.04 34.49 -34.88
CA ASN K 77 20.99 35.80 -34.24
C ASN K 77 20.26 36.80 -35.12
N THR K 78 19.12 36.36 -35.65
CA THR K 78 18.38 37.19 -36.58
C THR K 78 16.93 37.49 -36.22
N LEU K 79 16.60 38.76 -36.36
CA LEU K 79 15.26 39.28 -36.18
C LEU K 79 14.68 39.57 -37.56
N SER K 80 13.41 39.28 -37.79
CA SER K 80 12.88 39.63 -39.10
C SER K 80 11.43 40.08 -39.06
N LEU K 81 11.05 40.79 -40.11
CA LEU K 81 9.69 41.28 -40.26
C LEU K 81 9.22 41.20 -41.70
N GLN K 82 8.12 40.52 -41.90
CA GLN K 82 7.56 40.39 -43.24
C GLN K 82 6.31 41.24 -43.33
N MET K 83 6.35 42.23 -44.19
CA MET K 83 5.21 43.13 -44.30
C MET K 83 4.40 42.87 -45.55
N HIS K 84 3.07 42.84 -45.41
CA HIS K 84 2.19 42.68 -46.57
C HIS K 84 1.18 43.80 -46.74
N SER K 85 0.79 44.00 -48.00
CA SER K 85 -0.21 44.93 -48.51
C SER K 85 0.26 46.38 -48.47
N LEU K 86 1.49 46.57 -48.04
CA LEU K 86 2.23 47.81 -48.07
C LEU K 86 1.42 49.04 -48.37
N ARG K 87 0.96 49.73 -47.35
CA ARG K 87 0.20 50.93 -47.58
C ARG K 87 1.19 52.05 -47.83
N ASP K 88 0.80 53.12 -48.49
CA ASP K 88 1.73 54.23 -48.70
C ASP K 88 2.12 54.84 -47.36
N GLY K 89 1.19 54.72 -46.44
CA GLY K 89 1.32 55.18 -45.07
C GLY K 89 2.35 54.40 -44.28
N ASP K 90 2.88 53.31 -44.84
CA ASP K 90 3.89 52.52 -44.16
C ASP K 90 5.29 53.01 -44.52
N THR K 91 5.42 54.08 -45.29
CA THR K 91 6.76 54.57 -45.57
C THR K 91 7.35 55.09 -44.28
N ALA K 92 8.52 54.56 -43.96
CA ALA K 92 9.17 54.92 -42.71
C ALA K 92 10.52 54.30 -42.59
N VAL K 93 11.28 54.76 -41.64
CA VAL K 93 12.46 54.05 -41.26
C VAL K 93 12.06 53.01 -40.23
N TYR K 94 12.51 51.78 -40.42
CA TYR K 94 12.19 50.72 -39.50
C TYR K 94 13.43 50.36 -38.71
N TYR K 95 13.36 50.61 -37.42
CA TYR K 95 14.50 50.38 -36.56
C TYR K 95 14.37 49.06 -35.83
N CYS K 96 15.49 48.34 -35.75
CA CYS K 96 15.67 47.10 -35.00
C CYS K 96 16.04 47.54 -33.58
N ALA K 97 15.31 47.07 -32.60
CA ALA K 97 15.65 47.46 -31.24
C ALA K 97 15.55 46.29 -30.30
N THR K 98 16.39 46.33 -29.29
CA THR K 98 16.42 45.28 -28.28
C THR K 98 15.82 45.80 -27.01
N GLY K 99 14.85 45.06 -26.49
CA GLY K 99 14.12 45.43 -25.28
C GLY K 99 12.63 45.36 -25.53
N GLY K 100 11.87 45.98 -24.64
CA GLY K 100 10.42 46.00 -24.71
C GLY K 100 9.69 44.91 -23.91
N MET K 101 10.39 43.89 -23.43
CA MET K 101 9.75 42.81 -22.67
C MET K 101 10.77 41.93 -21.96
N SER K 102 10.34 41.24 -20.90
CA SER K 102 11.18 40.29 -20.18
C SER K 102 10.50 38.94 -20.06
N SER K 103 11.16 37.98 -19.41
CA SER K 103 10.69 36.57 -19.46
C SER K 103 10.30 36.04 -18.08
N ALA K 104 10.04 36.91 -17.12
CA ALA K 104 9.26 36.63 -15.90
C ALA K 104 10.01 35.70 -14.96
N LEU K 105 11.32 35.55 -15.18
CA LEU K 105 12.37 35.16 -14.23
C LEU K 105 13.51 36.16 -14.30
N GLN K 106 13.32 37.18 -15.12
CA GLN K 106 14.28 38.23 -15.36
C GLN K 106 13.81 39.54 -14.81
N SER K 107 14.73 40.45 -14.63
CA SER K 107 14.37 41.80 -14.24
C SER K 107 13.54 42.36 -15.36
N SER K 108 12.68 43.30 -15.04
CA SER K 108 11.83 43.91 -16.04
C SER K 108 12.56 44.76 -17.03
N LYS K 109 11.93 44.94 -18.19
CA LYS K 109 12.41 45.85 -19.19
C LYS K 109 11.41 46.94 -19.38
N TYR K 110 10.44 46.77 -20.30
CA TYR K 110 9.46 47.79 -20.79
C TYR K 110 10.21 49.10 -21.11
N TYR K 111 11.35 49.01 -21.81
CA TYR K 111 12.02 50.11 -22.47
C TYR K 111 12.99 49.48 -23.43
N PHE K 112 13.55 50.26 -24.35
CA PHE K 112 14.49 49.69 -25.30
C PHE K 112 15.93 50.04 -24.95
N ASP K 113 16.81 49.04 -24.89
CA ASP K 113 18.22 49.28 -24.57
C ASP K 113 19.10 49.57 -25.77
N PHE K 114 18.84 48.91 -26.88
CA PHE K 114 19.74 49.08 -28.02
C PHE K 114 18.99 49.36 -29.27
N TRP K 115 19.59 50.16 -30.13
CA TRP K 115 19.00 50.46 -31.42
C TRP K 115 19.95 50.23 -32.58
N GLY K 116 19.40 49.80 -33.71
CA GLY K 116 20.14 49.67 -34.94
C GLY K 116 20.03 51.01 -35.63
N GLN K 117 20.36 51.13 -36.91
CA GLN K 117 20.27 52.47 -37.50
C GLN K 117 19.03 52.66 -38.32
N GLY K 118 18.44 51.57 -38.74
CA GLY K 118 17.19 51.61 -39.44
C GLY K 118 17.23 51.43 -40.94
N ALA K 119 16.29 50.62 -41.44
CA ALA K 119 16.18 50.40 -42.87
C ALA K 119 15.17 51.39 -43.39
N LEU K 120 15.36 51.91 -44.59
CA LEU K 120 14.32 52.78 -45.10
C LEU K 120 13.44 52.07 -46.07
N VAL K 121 12.17 52.03 -45.74
CA VAL K 121 11.20 51.36 -46.55
C VAL K 121 10.30 52.37 -47.19
N THR K 122 10.27 52.37 -48.51
CA THR K 122 9.44 53.35 -49.18
C THR K 122 8.38 52.68 -50.00
N VAL K 123 7.15 53.11 -49.80
CA VAL K 123 6.05 52.54 -50.54
C VAL K 123 5.47 53.66 -51.41
N SER K 124 5.39 53.42 -52.75
CA SER K 124 4.91 54.40 -53.77
C SER K 124 3.36 54.50 -53.85
N ALA L 1 0.21 60.14 -29.36
CA ALA L 1 -0.38 59.55 -28.17
C ALA L 1 -0.07 60.39 -26.92
N LEU L 2 1.23 60.62 -26.61
CA LEU L 2 1.68 61.42 -25.47
C LEU L 2 1.92 62.82 -25.94
N THR L 3 1.70 63.78 -25.06
CA THR L 3 1.95 65.15 -25.45
C THR L 3 3.19 65.72 -24.81
N GLN L 4 4.07 66.23 -25.62
CA GLN L 4 5.25 66.85 -25.10
C GLN L 4 5.40 68.07 -25.97
N PRO L 5 5.92 69.19 -25.48
CA PRO L 5 6.05 70.41 -26.23
C PRO L 5 7.16 70.37 -27.26
N PRO L 6 7.04 71.12 -28.33
CA PRO L 6 8.07 71.42 -29.27
C PRO L 6 8.93 72.53 -28.72
N SER L 7 10.10 72.69 -29.28
CA SER L 7 10.94 73.88 -29.07
C SER L 7 11.26 74.31 -27.64
N VAL L 8 11.66 73.36 -26.82
CA VAL L 8 12.13 73.69 -25.49
C VAL L 8 13.51 74.22 -25.73
N SER L 9 13.89 75.29 -25.05
CA SER L 9 15.21 75.84 -25.28
C SER L 9 15.80 76.56 -24.10
N GLY L 10 17.10 76.82 -24.20
CA GLY L 10 17.83 77.60 -23.20
C GLY L 10 19.30 77.66 -23.55
N SER L 11 20.04 78.53 -22.88
CA SER L 11 21.46 78.74 -23.12
C SER L 11 22.29 77.71 -22.39
N PRO L 12 23.54 77.45 -22.79
CA PRO L 12 24.41 76.55 -22.11
C PRO L 12 24.52 76.97 -20.67
N GLY L 13 24.49 75.99 -19.79
CA GLY L 13 24.57 76.21 -18.36
C GLY L 13 23.20 76.39 -17.71
N GLN L 14 22.15 76.59 -18.51
CA GLN L 14 20.84 76.76 -17.95
C GLN L 14 20.15 75.42 -17.96
N SER L 15 19.32 75.14 -16.98
CA SER L 15 18.58 73.90 -17.03
C SER L 15 17.35 74.08 -17.89
N VAL L 16 16.85 72.98 -18.41
CA VAL L 16 15.60 72.97 -19.15
C VAL L 16 14.74 71.82 -18.69
N THR L 17 13.44 71.94 -18.86
CA THR L 17 12.57 70.83 -18.56
C THR L 17 11.71 70.50 -19.75
N ILE L 18 11.67 69.24 -20.09
CA ILE L 18 10.83 68.79 -21.17
C ILE L 18 9.72 67.97 -20.55
N SER L 19 8.50 68.46 -20.63
CA SER L 19 7.38 67.76 -20.03
C SER L 19 6.84 66.68 -20.97
N CYS L 20 6.02 65.75 -20.43
CA CYS L 20 5.33 64.67 -21.14
C CYS L 20 4.02 64.33 -20.44
N THR L 21 2.90 64.70 -21.03
CA THR L 21 1.64 64.43 -20.37
C THR L 21 0.87 63.36 -21.11
N GLY L 22 0.46 62.35 -20.37
CA GLY L 22 -0.29 61.24 -20.89
C GLY L 22 -1.64 61.15 -20.19
N THR L 23 -2.10 59.93 -20.03
CA THR L 23 -3.40 59.65 -19.41
C THR L 23 -3.27 58.80 -18.17
N SER L 24 -4.42 58.47 -17.59
CA SER L 24 -4.42 57.68 -16.36
C SER L 24 -3.98 56.24 -16.60
N SER L 25 -4.50 55.59 -17.65
CA SER L 25 -4.09 54.21 -17.97
C SER L 25 -2.85 54.25 -18.86
N ASP L 26 -1.86 54.91 -18.35
CA ASP L 26 -0.60 55.19 -19.00
C ASP L 26 0.43 55.61 -17.97
N ILE L 27 0.79 56.89 -17.97
CA ILE L 27 1.73 57.41 -17.02
C ILE L 27 1.14 57.27 -15.64
N GLY L 28 -0.15 57.52 -15.51
CA GLY L 28 -0.79 57.41 -14.22
C GLY L 28 -0.88 55.98 -13.66
N SER L 29 -0.66 54.93 -14.47
CA SER L 29 -0.76 53.56 -13.97
C SER L 29 0.52 52.76 -13.99
N TYR L 30 1.45 53.09 -14.88
CA TYR L 30 2.62 52.26 -14.97
C TYR L 30 3.90 53.05 -14.81
N ASN L 31 4.81 52.58 -13.97
CA ASN L 31 6.05 53.31 -13.81
C ASN L 31 7.11 52.84 -14.78
N TYR L 32 6.79 52.89 -16.05
CA TYR L 32 7.71 52.46 -17.07
C TYR L 32 7.77 53.51 -18.12
N VAL L 33 8.38 54.61 -17.76
CA VAL L 33 8.46 55.75 -18.63
C VAL L 33 9.89 55.90 -19.01
N SER L 34 10.13 56.18 -20.26
CA SER L 34 11.49 56.33 -20.69
C SER L 34 11.63 57.48 -21.64
N TRP L 35 12.86 57.94 -21.76
CA TRP L 35 13.19 59.01 -22.67
C TRP L 35 14.31 58.61 -23.58
N TYR L 36 14.20 59.03 -24.83
CA TYR L 36 15.20 58.76 -25.82
C TYR L 36 15.69 60.03 -26.46
N GLN L 37 16.95 60.05 -26.80
CA GLN L 37 17.53 61.21 -27.45
C GLN L 37 17.91 60.91 -28.86
N GLN L 38 17.27 61.58 -29.81
CA GLN L 38 17.60 61.32 -31.18
C GLN L 38 18.39 62.44 -31.81
N HIS L 39 19.67 62.20 -31.96
CA HIS L 39 20.49 63.19 -32.59
C HIS L 39 20.02 63.13 -34.03
N PRO L 40 19.83 64.22 -34.75
CA PRO L 40 19.43 64.15 -36.13
C PRO L 40 20.39 63.27 -36.92
N GLY L 41 19.83 62.42 -37.76
CA GLY L 41 20.59 61.50 -38.60
C GLY L 41 20.93 60.17 -37.95
N LYS L 42 20.61 60.01 -36.67
CA LYS L 42 20.94 58.78 -35.93
C LYS L 42 19.74 58.10 -35.30
N ALA L 43 19.87 56.81 -35.01
CA ALA L 43 18.81 56.13 -34.28
C ALA L 43 18.77 56.68 -32.86
N PRO L 44 17.62 56.69 -32.18
CA PRO L 44 17.45 57.15 -30.81
C PRO L 44 18.32 56.41 -29.80
N LYS L 45 18.82 57.14 -28.81
CA LYS L 45 19.60 56.55 -27.74
C LYS L 45 18.79 56.57 -26.46
N LEU L 46 18.90 55.53 -25.63
CA LEU L 46 18.17 55.58 -24.36
C LEU L 46 18.85 56.47 -23.37
N MET L 47 18.10 57.38 -22.75
CA MET L 47 18.68 58.25 -21.74
C MET L 47 18.15 57.93 -20.35
N ILE L 48 16.83 57.76 -20.27
CA ILE L 48 16.14 57.53 -18.99
C ILE L 48 15.17 56.37 -19.13
N TYR L 49 15.04 55.54 -18.11
CA TYR L 49 14.07 54.46 -18.13
C TYR L 49 13.50 54.23 -16.74
N ASP L 50 12.34 53.58 -16.67
CA ASP L 50 11.68 53.33 -15.39
C ASP L 50 11.55 54.61 -14.59
N VAL L 51 11.17 55.66 -15.30
CA VAL L 51 10.91 57.01 -14.85
C VAL L 51 12.18 57.76 -14.42
N THR L 52 12.92 57.23 -13.45
CA THR L 52 14.08 57.90 -12.89
C THR L 52 15.48 57.32 -13.12
N GLN L 53 15.61 56.18 -13.81
CA GLN L 53 16.92 55.55 -13.90
C GLN L 53 17.64 55.93 -15.16
N ARG L 54 18.95 55.84 -15.14
CA ARG L 54 19.69 56.10 -16.35
C ARG L 54 20.62 54.94 -16.57
N PRO L 55 20.92 54.55 -17.82
CA PRO L 55 21.82 53.50 -18.17
C PRO L 55 23.23 53.92 -17.98
N SER L 56 24.12 52.95 -17.86
CA SER L 56 25.51 53.29 -17.88
C SER L 56 25.73 53.84 -19.27
N GLY L 57 26.62 54.80 -19.39
CA GLY L 57 26.88 55.39 -20.70
C GLY L 57 26.29 56.79 -20.85
N VAL L 58 25.44 57.22 -19.91
CA VAL L 58 24.95 58.58 -20.04
C VAL L 58 25.27 59.33 -18.76
N SER L 59 25.29 60.65 -18.86
CA SER L 59 25.59 61.50 -17.73
C SER L 59 24.45 61.69 -16.76
N ASP L 60 24.80 62.22 -15.60
CA ASP L 60 23.88 62.47 -14.52
C ASP L 60 23.24 63.83 -14.64
N ARG L 61 23.47 64.48 -15.76
CA ARG L 61 22.86 65.75 -16.05
C ARG L 61 21.44 65.50 -16.50
N PHE L 62 21.13 64.24 -16.82
CA PHE L 62 19.81 63.84 -17.27
C PHE L 62 19.11 63.10 -16.16
N SER L 63 17.98 63.62 -15.73
CA SER L 63 17.22 63.03 -14.63
C SER L 63 15.72 63.08 -14.83
N GLY L 64 15.07 61.93 -14.69
CA GLY L 64 13.62 61.89 -14.88
C GLY L 64 12.84 62.02 -13.58
N SER L 65 11.56 62.38 -13.72
CA SER L 65 10.63 62.42 -12.59
C SER L 65 9.19 62.38 -13.09
N LYS L 66 8.23 62.20 -12.17
CA LYS L 66 6.82 62.23 -12.57
C LYS L 66 5.88 62.56 -11.41
N SER L 67 4.70 63.03 -11.77
CA SER L 67 3.59 63.25 -10.85
C SER L 67 2.26 63.19 -11.61
N GLY L 68 1.26 62.53 -11.03
CA GLY L 68 -0.01 62.46 -11.71
C GLY L 68 0.16 61.75 -13.04
N ASN L 69 -0.31 62.37 -14.13
CA ASN L 69 -0.19 61.77 -15.44
C ASN L 69 0.91 62.47 -16.24
N THR L 70 1.75 63.24 -15.54
CA THR L 70 2.81 63.95 -16.24
C THR L 70 4.20 63.54 -15.82
N ALA L 71 4.98 63.23 -16.80
CA ALA L 71 6.36 62.86 -16.64
C ALA L 71 7.22 63.99 -17.15
N SER L 72 8.44 64.08 -16.69
CA SER L 72 9.31 65.09 -17.24
C SER L 72 10.77 64.68 -17.19
N LEU L 73 11.52 65.32 -18.08
CA LEU L 73 12.95 65.18 -18.13
C LEU L 73 13.64 66.47 -17.80
N THR L 74 14.53 66.43 -16.84
CA THR L 74 15.28 67.61 -16.49
C THR L 74 16.69 67.45 -16.99
N ILE L 75 17.16 68.47 -17.67
CA ILE L 75 18.53 68.51 -18.13
C ILE L 75 19.15 69.65 -17.37
N SER L 76 20.24 69.40 -16.65
CA SER L 76 20.83 70.45 -15.83
C SER L 76 21.88 71.30 -16.57
N GLY L 77 23.14 70.92 -16.52
CA GLY L 77 24.20 71.70 -17.15
C GLY L 77 24.16 71.56 -18.66
N LEU L 78 23.20 72.22 -19.28
CA LEU L 78 22.94 72.10 -20.70
C LEU L 78 24.17 72.42 -21.51
N GLN L 79 24.46 71.52 -22.43
CA GLN L 79 25.60 71.62 -23.33
C GLN L 79 25.17 71.85 -24.76
N ALA L 80 26.08 72.36 -25.57
CA ALA L 80 25.79 72.54 -27.00
C ALA L 80 25.44 71.22 -27.68
N ASP L 81 26.02 70.13 -27.20
CA ASP L 81 25.84 68.84 -27.79
C ASP L 81 24.55 68.17 -27.36
N ASP L 82 23.74 68.85 -26.55
CA ASP L 82 22.49 68.28 -26.13
C ASP L 82 21.40 68.62 -27.12
N GLU L 83 21.71 69.38 -28.18
CA GLU L 83 20.66 69.64 -29.15
C GLU L 83 20.23 68.29 -29.69
N ALA L 84 18.94 68.00 -29.65
CA ALA L 84 18.42 66.72 -30.15
C ALA L 84 16.91 66.69 -30.09
N ASP L 85 16.31 65.72 -30.75
CA ASP L 85 14.88 65.52 -30.56
C ASP L 85 14.65 64.55 -29.42
N TYR L 86 14.08 65.04 -28.35
CA TYR L 86 13.88 64.17 -27.20
C TYR L 86 12.48 63.62 -27.24
N TYR L 87 12.35 62.33 -26.99
CA TYR L 87 11.05 61.70 -27.02
C TYR L 87 10.77 61.02 -25.72
N CYS L 88 9.50 61.04 -25.29
CA CYS L 88 9.03 60.26 -24.15
C CYS L 88 8.20 59.12 -24.69
N SER L 89 8.22 58.05 -23.95
CA SER L 89 7.40 56.91 -24.26
C SER L 89 7.01 56.24 -22.99
N ALA L 90 5.99 55.43 -23.08
CA ALA L 90 5.61 54.69 -21.90
C ALA L 90 4.92 53.41 -22.22
N TYR L 91 5.08 52.45 -21.31
CA TYR L 91 4.29 51.20 -21.38
C TYR L 91 2.87 51.56 -21.02
N ALA L 92 1.92 51.12 -21.82
CA ALA L 92 0.54 51.50 -21.58
C ALA L 92 -0.44 50.33 -21.50
N GLY L 93 0.02 49.16 -21.08
CA GLY L 93 -0.93 48.06 -20.83
C GLY L 93 -0.69 46.86 -21.72
N ARG L 94 -1.43 45.78 -21.50
CA ARG L 94 -1.20 44.51 -22.22
C ARG L 94 -1.96 44.54 -23.54
N GLN L 95 -2.63 45.65 -23.85
CA GLN L 95 -3.42 45.72 -25.10
C GLN L 95 -2.65 46.54 -26.14
N THR L 96 -2.78 47.86 -26.08
CA THR L 96 -1.81 48.74 -26.77
C THR L 96 -0.57 48.83 -25.90
N PHE L 97 0.57 48.35 -26.42
CA PHE L 97 1.77 48.23 -25.57
C PHE L 97 2.38 49.62 -25.41
N TYR L 98 3.16 50.05 -26.38
CA TYR L 98 3.91 51.28 -26.21
C TYR L 98 3.35 52.41 -26.96
N ILE L 99 3.47 53.55 -26.34
CA ILE L 99 3.09 54.77 -26.99
C ILE L 99 4.21 55.79 -26.88
N PHE L 100 4.25 56.71 -27.83
CA PHE L 100 5.24 57.78 -27.87
C PHE L 100 4.63 59.15 -28.08
N GLY L 101 5.34 60.18 -27.68
CA GLY L 101 4.95 61.55 -28.00
C GLY L 101 5.65 62.01 -29.28
N GLY L 102 5.50 63.28 -29.64
CA GLY L 102 6.20 63.76 -30.83
C GLY L 102 7.57 64.14 -30.32
N GLY L 103 8.47 64.63 -31.16
CA GLY L 103 9.76 64.95 -30.59
C GLY L 103 9.85 66.37 -30.09
N THR L 104 10.69 66.59 -29.09
CA THR L 104 10.94 67.93 -28.63
C THR L 104 12.24 68.41 -29.20
N ARG L 105 12.18 69.43 -30.03
CA ARG L 105 13.39 69.95 -30.63
C ARG L 105 14.10 70.86 -29.66
N LEU L 106 14.96 70.25 -28.85
CA LEU L 106 15.65 71.02 -27.84
C LEU L 106 16.75 71.79 -28.47
N THR L 107 16.68 73.10 -28.29
CA THR L 107 17.64 74.03 -28.85
C THR L 107 18.49 74.69 -27.80
N VAL L 108 19.79 74.63 -28.02
CA VAL L 108 20.72 75.21 -27.09
C VAL L 108 21.14 76.57 -27.68
N LEU L 109 20.96 77.65 -26.89
CA LEU L 109 21.16 79.07 -27.24
C LEU L 109 22.47 79.65 -26.65
N GLU M 1 35.61 -48.74 32.72
CA GLU M 1 36.77 -48.71 33.65
C GLU M 1 36.34 -48.01 34.94
N VAL M 2 35.21 -48.41 35.52
CA VAL M 2 34.89 -47.71 36.78
C VAL M 2 35.81 -48.24 37.86
N GLN M 3 36.60 -47.36 38.43
CA GLN M 3 37.56 -47.76 39.44
C GLN M 3 37.36 -46.94 40.70
N LEU M 4 37.67 -47.52 41.85
CA LEU M 4 37.62 -46.76 43.07
C LEU M 4 39.04 -46.76 43.58
N VAL M 5 39.65 -45.60 43.71
CA VAL M 5 41.04 -45.59 44.14
C VAL M 5 41.05 -45.39 45.62
N GLU M 6 41.35 -46.47 46.32
CA GLU M 6 41.29 -46.51 47.76
C GLU M 6 42.65 -46.30 48.39
N SER M 7 42.70 -45.49 49.44
CA SER M 7 43.93 -45.22 50.15
C SER M 7 43.70 -44.69 51.57
N GLY M 8 44.81 -44.39 52.25
CA GLY M 8 44.77 -43.83 53.61
C GLY M 8 44.77 -44.86 54.73
N GLY M 9 44.93 -46.13 54.41
CA GLY M 9 44.91 -47.16 55.46
C GLY M 9 46.28 -47.30 56.09
N GLY M 10 46.40 -48.19 57.05
CA GLY M 10 47.69 -48.35 57.72
C GLY M 10 47.60 -48.99 59.09
N LEU M 11 48.69 -48.90 59.84
CA LEU M 11 48.75 -49.48 61.18
C LEU M 11 48.42 -48.46 62.25
N VAL M 12 47.33 -48.72 62.93
CA VAL M 12 46.77 -47.91 63.97
C VAL M 12 46.45 -48.75 65.19
N LYS M 13 46.22 -48.08 66.31
CA LYS M 13 45.82 -48.75 67.54
C LYS M 13 44.40 -48.24 67.86
N PRO M 14 43.58 -48.97 68.64
CA PRO M 14 42.22 -48.57 69.03
C PRO M 14 42.15 -47.16 69.62
N GLY M 15 43.21 -46.80 70.36
CA GLY M 15 43.35 -45.51 71.01
C GLY M 15 43.88 -44.44 70.04
N GLY M 16 43.09 -44.18 69.02
CA GLY M 16 43.45 -43.27 67.96
C GLY M 16 42.30 -43.05 66.99
N SER M 17 42.67 -42.61 65.79
CA SER M 17 41.70 -42.32 64.75
C SER M 17 42.32 -42.65 63.40
N LEU M 18 41.44 -42.92 62.45
CA LEU M 18 41.81 -43.27 61.08
C LEU M 18 40.75 -42.88 60.08
N ARG M 19 41.13 -42.29 58.96
CA ARG M 19 40.12 -42.04 57.96
C ARG M 19 40.50 -42.73 56.67
N LEU M 20 39.63 -43.58 56.16
CA LEU M 20 39.93 -44.28 54.91
C LEU M 20 39.17 -43.57 53.83
N SER M 21 39.69 -43.56 52.62
CA SER M 21 38.90 -42.92 51.58
C SER M 21 39.10 -43.53 50.21
N CYS M 22 38.10 -43.31 49.31
CA CYS M 22 38.11 -43.71 47.92
C CYS M 22 37.86 -42.52 47.02
N THR M 23 38.61 -42.45 45.93
CA THR M 23 38.47 -41.38 44.96
C THR M 23 38.04 -41.93 43.60
N ALA M 24 37.13 -41.26 42.96
CA ALA M 24 36.67 -41.74 41.67
C ALA M 24 37.74 -41.79 40.63
N SER M 25 37.66 -42.82 39.80
CA SER M 25 38.49 -42.98 38.64
C SER M 25 37.66 -43.47 37.46
N GLY M 26 37.73 -42.70 36.37
CA GLY M 26 36.96 -42.98 35.16
C GLY M 26 35.54 -42.42 35.29
N PHE M 27 34.79 -42.99 36.20
CA PHE M 27 33.42 -42.61 36.51
C PHE M 27 33.32 -41.94 37.85
N THR M 28 32.59 -40.84 37.90
CA THR M 28 32.41 -39.97 39.06
C THR M 28 31.51 -40.47 40.17
N PHE M 29 31.56 -39.79 41.32
CA PHE M 29 30.76 -40.17 42.48
C PHE M 29 29.60 -39.27 42.85
N SER M 30 29.45 -38.09 42.24
CA SER M 30 28.36 -37.20 42.67
C SER M 30 27.00 -37.79 42.27
N ASN M 31 27.07 -38.71 41.34
CA ASN M 31 25.97 -39.42 40.79
C ASN M 31 25.98 -40.89 41.17
N ALA M 32 26.57 -41.22 42.33
CA ALA M 32 26.59 -42.60 42.78
C ALA M 32 26.51 -42.70 44.29
N TRP M 33 25.89 -43.78 44.79
CA TRP M 33 25.77 -44.03 46.25
C TRP M 33 26.88 -45.01 46.66
N MET M 34 27.53 -44.81 47.81
CA MET M 34 28.62 -45.70 48.16
C MET M 34 28.55 -46.25 49.57
N SER M 35 29.18 -47.39 49.75
CA SER M 35 29.19 -48.06 51.05
C SER M 35 30.50 -48.72 51.38
N TRP M 36 30.64 -49.05 52.67
CA TRP M 36 31.79 -49.77 53.17
C TRP M 36 31.37 -51.10 53.77
N VAL M 37 32.19 -52.10 53.48
CA VAL M 37 32.08 -53.48 53.95
C VAL M 37 33.43 -53.90 54.49
N ARG M 38 33.47 -54.61 55.60
CA ARG M 38 34.76 -55.02 56.13
C ARG M 38 34.83 -56.51 56.31
N GLN M 39 36.03 -57.05 56.20
CA GLN M 39 36.21 -58.46 56.46
C GLN M 39 37.42 -58.73 57.32
N ALA M 40 37.16 -59.11 58.57
CA ALA M 40 38.24 -59.42 59.47
C ALA M 40 38.85 -60.71 58.96
N PRO M 41 40.14 -60.96 59.15
CA PRO M 41 40.71 -62.21 58.74
C PRO M 41 39.95 -63.35 59.38
N GLY M 42 39.61 -64.36 58.59
CA GLY M 42 38.89 -65.54 59.09
C GLY M 42 37.37 -65.33 59.18
N LYS M 43 36.89 -64.16 58.83
CA LYS M 43 35.48 -63.83 58.92
C LYS M 43 34.82 -63.60 57.57
N GLY M 44 33.50 -63.54 57.59
CA GLY M 44 32.72 -63.28 56.39
C GLY M 44 32.62 -61.78 56.20
N LEU M 45 31.75 -61.36 55.32
CA LEU M 45 31.64 -59.95 54.99
C LEU M 45 30.65 -59.22 55.88
N GLU M 46 31.07 -58.13 56.49
CA GLU M 46 30.16 -57.37 57.33
C GLU M 46 29.95 -55.97 56.81
N TRP M 47 28.71 -55.61 56.61
CA TRP M 47 28.42 -54.26 56.14
C TRP M 47 28.63 -53.28 57.28
N VAL M 48 29.31 -52.17 56.99
CA VAL M 48 29.56 -51.15 58.00
C VAL M 48 28.54 -50.06 57.88
N GLY M 49 28.34 -49.61 56.65
CA GLY M 49 27.40 -48.55 56.43
C GLY M 49 27.36 -48.08 54.99
N ARG M 50 26.39 -47.22 54.70
CA ARG M 50 26.14 -46.71 53.32
C ARG M 50 25.76 -45.23 53.40
N ILE M 51 26.29 -44.42 52.49
CA ILE M 51 25.89 -43.03 52.38
C ILE M 51 25.41 -42.72 50.96
N LYS M 52 24.33 -41.98 50.88
CA LYS M 52 23.76 -41.61 49.61
C LYS M 52 24.42 -40.34 49.10
N SER M 53 24.25 -40.05 47.82
CA SER M 53 24.76 -38.82 47.25
C SER M 53 24.12 -37.61 47.89
N LYS M 54 24.77 -36.43 47.88
CA LYS M 54 24.22 -35.13 48.42
C LYS M 54 22.93 -34.74 47.67
N THR M 55 22.66 -35.39 46.53
CA THR M 55 21.42 -35.18 45.72
C THR M 55 20.19 -35.55 46.56
N GLU M 56 20.07 -36.82 46.94
CA GLU M 56 18.91 -37.29 47.75
C GLU M 56 19.07 -36.75 49.18
N GLY M 57 20.32 -36.59 49.63
CA GLY M 57 20.61 -35.73 50.78
C GLY M 57 21.54 -36.36 51.80
N GLY M 58 22.68 -36.89 51.32
CA GLY M 58 23.78 -37.37 52.15
C GLY M 58 23.32 -38.22 53.33
N THR M 59 22.17 -38.86 53.18
CA THR M 59 21.61 -39.70 54.23
C THR M 59 22.47 -40.92 54.44
N THR M 60 22.66 -41.30 55.70
CA THR M 60 23.44 -42.47 56.05
C THR M 60 22.66 -43.58 56.72
N ASP M 61 23.19 -44.79 56.56
CA ASP M 61 22.69 -46.04 57.10
C ASP M 61 23.84 -46.84 57.72
N TYR M 62 23.73 -47.24 58.99
CA TYR M 62 24.83 -48.01 59.61
C TYR M 62 24.36 -49.28 60.24
N ALA M 63 25.25 -50.27 60.26
CA ALA M 63 24.99 -51.51 60.99
C ALA M 63 25.05 -51.23 62.49
N THR M 64 24.21 -51.87 63.29
CA THR M 64 24.25 -51.66 64.74
C THR M 64 25.64 -51.71 65.41
N PRO M 65 26.47 -52.76 65.23
CA PRO M 65 27.73 -52.96 65.91
C PRO M 65 28.82 -51.93 65.64
N VAL M 66 28.65 -51.08 64.62
CA VAL M 66 29.67 -50.08 64.28
C VAL M 66 29.20 -48.65 64.50
N LYS M 67 28.01 -48.47 65.04
CA LYS M 67 27.52 -47.11 65.18
C LYS M 67 28.33 -46.25 66.12
N GLY M 68 28.39 -44.96 65.81
CA GLY M 68 29.05 -43.96 66.63
C GLY M 68 30.55 -43.83 66.38
N ARG M 69 31.26 -44.93 66.56
CA ARG M 69 32.70 -44.93 66.35
C ARG M 69 33.06 -44.98 64.86
N PHE M 70 32.16 -45.51 64.01
CA PHE M 70 32.37 -45.50 62.56
C PHE M 70 31.33 -44.61 61.90
N THR M 71 31.75 -43.53 61.26
CA THR M 71 30.79 -42.68 60.59
C THR M 71 31.21 -42.53 59.13
N ILE M 72 30.28 -42.12 58.28
CA ILE M 72 30.54 -41.98 56.86
C ILE M 72 30.18 -40.61 56.33
N SER M 73 31.01 -40.07 55.45
CA SER M 73 30.78 -38.77 54.85
C SER M 73 31.25 -38.73 53.39
N ARG M 74 30.80 -37.71 52.66
CA ARG M 74 31.19 -37.55 51.26
C ARG M 74 31.60 -36.13 50.98
N ASP M 75 32.51 -35.96 50.04
CA ASP M 75 32.82 -34.63 49.56
C ASP M 75 31.95 -34.30 48.34
N ASP M 76 31.76 -35.31 47.48
CA ASP M 76 31.09 -35.24 46.17
C ASP M 76 31.82 -34.37 45.13
N SER M 77 32.14 -33.13 45.46
CA SER M 77 32.79 -32.20 44.51
C SER M 77 34.14 -32.70 44.02
N LYS M 78 34.91 -33.35 44.88
CA LYS M 78 36.20 -33.90 44.54
C LYS M 78 36.11 -35.41 44.34
N ASP M 79 34.89 -35.95 44.24
CA ASP M 79 34.68 -37.37 44.09
C ASP M 79 35.35 -38.22 45.15
N THR M 80 35.27 -37.81 46.40
CA THR M 80 35.87 -38.63 47.43
C THR M 80 34.89 -39.03 48.55
N LEU M 81 34.94 -40.32 48.86
CA LEU M 81 34.19 -41.02 49.90
C LEU M 81 35.03 -41.25 51.13
N PHE M 82 34.47 -41.01 52.32
CA PHE M 82 35.27 -41.24 53.51
C PHE M 82 34.63 -42.12 54.57
N LEU M 83 35.46 -42.94 55.22
CA LEU M 83 35.05 -43.70 56.41
C LEU M 83 35.85 -43.13 57.57
N GLN M 84 35.17 -42.49 58.50
CA GLN M 84 35.80 -41.83 59.62
C GLN M 84 35.73 -42.64 60.90
N MET M 85 36.88 -43.01 61.41
CA MET M 85 36.93 -43.83 62.60
C MET M 85 37.60 -43.18 63.78
N ASN M 86 36.96 -43.31 64.94
CA ASN M 86 37.51 -42.76 66.17
C ASN M 86 37.23 -43.66 67.35
N SER M 87 38.19 -43.82 68.26
CA SER M 87 37.94 -44.60 69.48
C SER M 87 37.42 -45.99 69.16
N LEU M 88 38.24 -46.76 68.46
CA LEU M 88 37.83 -48.07 67.99
C LEU M 88 38.03 -49.14 69.02
N LYS M 89 37.39 -50.27 68.79
CA LYS M 89 37.46 -51.42 69.65
C LYS M 89 38.50 -52.40 69.15
N THR M 90 38.83 -53.36 70.00
CA THR M 90 39.81 -54.39 69.68
C THR M 90 39.26 -55.41 68.70
N GLU M 91 37.97 -55.29 68.43
CA GLU M 91 37.21 -56.12 67.52
C GLU M 91 37.21 -55.58 66.08
N ASP M 92 37.77 -54.38 65.87
CA ASP M 92 37.67 -53.72 64.56
C ASP M 92 38.74 -53.99 63.49
N THR M 93 39.70 -54.90 63.72
CA THR M 93 40.68 -55.14 62.66
C THR M 93 40.01 -55.85 61.51
N ALA M 94 40.18 -55.28 60.33
CA ALA M 94 39.61 -55.85 59.13
C ALA M 94 40.11 -55.17 57.89
N VAL M 95 39.90 -55.83 56.76
CA VAL M 95 40.16 -55.15 55.51
C VAL M 95 38.86 -54.50 55.10
N TYR M 96 38.89 -53.22 54.89
CA TYR M 96 37.71 -52.46 54.55
C TYR M 96 37.74 -52.18 53.09
N TYR M 97 36.61 -52.32 52.45
CA TYR M 97 36.47 -52.05 51.04
C TYR M 97 35.34 -51.07 50.83
N CYS M 98 35.47 -50.20 49.81
CA CYS M 98 34.39 -49.33 49.35
C CYS M 98 33.77 -49.97 48.13
N ASN M 99 32.50 -49.71 47.92
CA ASN M 99 31.87 -50.19 46.73
C ASN M 99 30.74 -49.30 46.28
N THR M 100 30.35 -49.47 45.00
CA THR M 100 29.26 -48.65 44.42
C THR M 100 28.53 -49.47 43.35
N GLY M 101 27.24 -49.21 43.17
CA GLY M 101 26.50 -49.76 42.02
C GLY M 101 26.43 -48.73 40.91
N VAL M 102 26.53 -49.16 39.65
CA VAL M 102 26.34 -48.21 38.57
C VAL M 102 25.19 -48.66 37.69
N GLU M 103 24.14 -47.89 37.67
CA GLU M 103 22.94 -48.21 36.91
C GLU M 103 22.85 -47.34 35.69
N THR M 104 23.20 -47.88 34.52
CA THR M 104 23.24 -47.02 33.30
C THR M 104 22.21 -47.43 32.26
N TYR M 105 21.36 -46.49 31.84
CA TYR M 105 20.23 -46.75 30.92
C TYR M 105 20.55 -46.12 29.56
N ASP M 106 20.75 -46.92 28.51
CA ASP M 106 21.02 -46.38 27.20
C ASP M 106 19.73 -46.30 26.39
N PHE M 107 19.10 -45.14 26.29
CA PHE M 107 17.82 -45.09 25.59
C PHE M 107 17.98 -44.99 24.10
N TRP M 108 17.14 -45.70 23.38
CA TRP M 108 17.22 -45.72 21.93
C TRP M 108 16.63 -44.48 21.29
N SER M 109 15.71 -43.84 21.97
CA SER M 109 15.03 -42.67 21.44
C SER M 109 14.64 -41.71 22.52
N GLY M 110 14.80 -40.43 22.22
CA GLY M 110 14.44 -39.37 23.16
C GLY M 110 12.93 -39.15 23.35
N TYS M 111 12.10 -39.89 22.59
CA TYS M 111 10.62 -39.84 22.59
CB TYS M 111 10.16 -39.75 21.10
CG TYS M 111 10.68 -38.51 20.32
CD1 TYS M 111 11.86 -38.63 19.43
CD2 TYS M 111 10.01 -37.20 20.49
CE1 TYS M 111 12.37 -37.44 18.72
CE2 TYS M 111 10.52 -36.03 19.78
CZ TYS M 111 11.70 -36.14 18.90
OH TYS M 111 12.17 -35.02 18.23
S TYS M 111 13.11 -33.96 18.92
O1 TYS M 111 13.07 -32.71 18.15
O2 TYS M 111 12.65 -33.73 20.32
O3 TYS M 111 14.48 -34.51 18.92
C TYS M 111 9.87 -41.03 23.26
O TYS M 111 8.65 -40.92 23.46
N ASP M 112 10.54 -42.19 23.56
CA ASP M 112 9.83 -43.39 24.05
C ASP M 112 10.68 -44.26 24.95
N ASP M 113 10.30 -44.32 26.21
CA ASP M 113 11.11 -45.01 27.19
C ASP M 113 10.99 -46.52 27.13
N HIS M 114 10.19 -47.01 26.19
CA HIS M 114 10.05 -48.44 25.95
C HIS M 114 11.36 -49.11 25.57
N TYS M 115 12.19 -48.45 24.71
CA TYS M 115 13.44 -49.05 24.18
CB TYS M 115 13.51 -48.85 22.64
CG TYS M 115 12.52 -49.63 21.79
CD1 TYS M 115 11.33 -48.99 21.18
CD2 TYS M 115 12.77 -51.09 21.60
CE1 TYS M 115 10.42 -49.81 20.38
CE2 TYS M 115 11.86 -51.87 20.81
CZ TYS M 115 10.69 -51.25 20.21
OH TYS M 115 9.84 -52.04 19.47
S TYS M 115 8.65 -52.84 20.11
O1 TYS M 115 8.08 -53.67 19.04
O2 TYS M 115 7.68 -51.85 20.61
O3 TYS M 115 9.15 -53.67 21.22
C TYS M 115 14.75 -48.52 24.80
O TYS M 115 15.12 -47.35 24.62
N TYR M 116 15.48 -49.42 25.51
CA TYR M 116 16.76 -49.13 26.13
C TYR M 116 17.53 -50.38 26.40
N ASP M 117 18.82 -50.20 26.51
CA ASP M 117 19.72 -51.24 26.95
C ASP M 117 20.22 -50.89 28.33
N TYR M 118 19.80 -51.68 29.31
CA TYR M 118 20.17 -51.40 30.68
C TYR M 118 21.27 -52.29 31.20
N TYR M 119 22.26 -51.65 31.83
CA TYR M 119 23.45 -52.37 32.31
C TYR M 119 23.62 -52.10 33.81
N PHE M 120 23.92 -53.09 34.66
CA PHE M 120 24.22 -52.85 36.11
C PHE M 120 25.61 -53.35 36.49
N ARG M 121 26.51 -52.42 36.83
CA ARG M 121 27.96 -52.68 37.13
C ARG M 121 28.21 -52.66 38.64
N ASP M 122 28.67 -53.78 39.23
CA ASP M 122 28.99 -53.72 40.67
C ASP M 122 30.49 -53.53 40.84
N VAL M 123 30.88 -52.40 41.41
CA VAL M 123 32.27 -51.99 41.50
C VAL M 123 32.81 -51.92 42.93
N TRP M 124 33.93 -52.60 43.15
CA TRP M 124 34.60 -52.64 44.45
C TRP M 124 36.01 -52.08 44.39
N GLY M 125 36.47 -51.54 45.52
CA GLY M 125 37.83 -51.05 45.65
C GLY M 125 38.76 -52.22 45.96
N LYS M 126 40.04 -51.91 46.19
CA LYS M 126 41.03 -52.96 46.43
C LYS M 126 41.08 -53.51 47.85
N GLY M 127 40.70 -52.72 48.84
CA GLY M 127 40.77 -53.12 50.23
C GLY M 127 41.98 -52.52 50.97
N THR M 128 41.71 -51.84 52.07
CA THR M 128 42.75 -51.22 52.92
C THR M 128 42.51 -51.60 54.36
N THR M 129 43.47 -51.40 55.25
CA THR M 129 43.21 -51.86 56.60
C THR M 129 43.08 -50.87 57.72
N VAL M 130 42.34 -51.37 58.70
CA VAL M 130 42.13 -50.80 60.01
C VAL M 130 42.66 -51.88 60.92
N THR M 131 43.50 -51.52 61.85
CA THR M 131 44.14 -52.47 62.73
C THR M 131 43.92 -52.18 64.21
N VAL M 132 44.37 -53.15 65.04
CA VAL M 132 44.37 -53.19 66.51
C VAL M 132 45.79 -53.57 66.97
N GLU N 1 19.92 -57.36 64.21
CA GLU N 1 20.46 -57.38 62.85
C GLU N 1 19.88 -58.57 62.03
N ILE N 2 20.29 -58.63 60.74
CA ILE N 2 19.90 -59.64 59.76
C ILE N 2 20.90 -60.75 59.70
N VAL N 3 20.40 -61.96 59.87
CA VAL N 3 21.28 -63.10 59.90
C VAL N 3 21.09 -64.05 58.75
N LEU N 4 22.16 -64.25 57.98
CA LEU N 4 22.07 -65.17 56.88
C LEU N 4 22.99 -66.35 57.17
N THR N 5 22.51 -67.55 56.86
CA THR N 5 23.30 -68.75 57.02
C THR N 5 23.38 -69.42 55.67
N GLN N 6 24.32 -70.34 55.49
CA GLN N 6 24.49 -70.97 54.18
C GLN N 6 24.61 -72.48 54.24
N SER N 7 24.24 -73.15 53.14
CA SER N 7 24.33 -74.61 53.10
C SER N 7 24.54 -75.22 51.69
N PRO N 8 25.44 -76.21 51.57
CA PRO N 8 26.36 -76.78 52.55
C PRO N 8 27.47 -75.77 52.78
N GLY N 9 28.15 -75.85 53.92
CA GLY N 9 29.28 -74.93 54.16
C GLY N 9 30.38 -75.06 53.10
N THR N 10 30.59 -76.29 52.62
CA THR N 10 31.54 -76.57 51.58
C THR N 10 30.89 -77.48 50.55
N LEU N 11 31.12 -77.18 49.29
CA LEU N 11 30.64 -77.99 48.20
C LEU N 11 31.83 -78.72 47.62
N SER N 12 31.65 -79.97 47.22
CA SER N 12 32.76 -80.70 46.60
C SER N 12 32.35 -81.30 45.27
N LEU N 13 32.55 -80.53 44.22
CA LEU N 13 32.12 -80.91 42.88
C LEU N 13 33.24 -80.79 41.87
N SER N 14 33.21 -81.65 40.87
CA SER N 14 34.19 -81.58 39.82
C SER N 14 33.77 -80.51 38.83
N PRO N 15 34.70 -79.90 38.09
CA PRO N 15 34.37 -79.01 37.02
C PRO N 15 33.45 -79.79 36.09
N GLY N 16 32.46 -79.12 35.55
CA GLY N 16 31.46 -79.69 34.67
C GLY N 16 30.18 -80.09 35.39
N GLU N 17 30.19 -80.14 36.73
CA GLU N 17 29.00 -80.52 37.49
C GLU N 17 28.16 -79.32 37.94
N ARG N 18 26.89 -79.53 38.26
CA ARG N 18 26.05 -78.42 38.70
C ARG N 18 26.19 -78.12 40.19
N ALA N 19 27.02 -77.13 40.47
CA ALA N 19 27.33 -76.74 41.84
C ALA N 19 26.31 -75.80 42.43
N THR N 20 25.15 -76.34 42.79
CA THR N 20 24.08 -75.54 43.38
C THR N 20 24.37 -75.21 44.83
N LEU N 21 24.22 -73.93 45.18
CA LEU N 21 24.39 -73.43 46.55
C LEU N 21 23.05 -72.93 47.08
N SER N 22 22.80 -73.08 48.37
CA SER N 22 21.58 -72.51 48.94
C SER N 22 21.95 -71.68 50.17
N CYS N 23 21.04 -70.76 50.59
CA CYS N 23 21.21 -69.99 51.83
C CYS N 23 19.86 -69.64 52.43
N ARG N 24 19.90 -69.19 53.68
CA ARG N 24 18.70 -68.85 54.39
C ARG N 24 18.75 -67.61 55.24
N ALA N 25 17.70 -66.81 55.13
CA ALA N 25 17.59 -65.63 55.98
C ALA N 25 16.79 -65.98 57.21
N SER N 26 17.18 -65.46 58.36
CA SER N 26 16.33 -65.66 59.52
C SER N 26 15.10 -64.77 59.38
N GLN N 27 15.30 -63.60 58.80
CA GLN N 27 14.24 -62.66 58.57
C GLN N 27 13.58 -62.90 57.23
N ILE N 28 12.29 -62.62 57.13
CA ILE N 28 11.70 -62.81 55.83
C ILE N 28 11.85 -61.55 55.03
N ILE N 29 12.87 -61.54 54.21
CA ILE N 29 13.23 -60.40 53.41
C ILE N 29 12.90 -60.69 51.96
N SER N 30 12.10 -59.83 51.35
CA SER N 30 11.68 -60.05 49.97
C SER N 30 12.86 -60.24 49.06
N SER N 31 12.67 -61.10 48.06
CA SER N 31 13.68 -61.48 47.09
C SER N 31 14.21 -60.33 46.28
N ILE N 32 13.41 -59.25 46.23
CA ILE N 32 13.82 -58.02 45.49
C ILE N 32 15.08 -57.45 46.17
N TYR N 33 15.34 -57.82 47.42
CA TYR N 33 16.49 -57.22 48.14
C TYR N 33 17.63 -58.24 48.24
N PHE N 34 17.56 -59.29 47.44
CA PHE N 34 18.54 -60.34 47.51
C PHE N 34 19.68 -60.23 46.51
N ALA N 35 20.90 -60.45 46.98
CA ALA N 35 22.06 -60.44 46.12
C ALA N 35 22.97 -61.63 46.40
N TRP N 36 23.68 -62.09 45.39
CA TRP N 36 24.61 -63.20 45.61
C TRP N 36 25.92 -62.90 44.87
N TYR N 37 27.00 -62.89 45.67
CA TYR N 37 28.36 -62.50 45.25
C TYR N 37 29.23 -63.75 45.10
N GLN N 38 30.35 -63.61 44.40
CA GLN N 38 31.45 -64.58 44.43
C GLN N 38 32.76 -63.92 44.82
N GLN N 39 33.35 -64.34 45.93
CA GLN N 39 34.61 -63.77 46.39
C GLN N 39 35.80 -64.68 46.21
N LYS N 40 36.65 -64.35 45.27
CA LYS N 40 37.83 -65.17 45.07
C LYS N 40 38.69 -64.83 46.28
N PRO N 41 39.33 -65.75 46.98
CA PRO N 41 40.14 -65.42 48.12
C PRO N 41 41.17 -64.36 47.78
N GLY N 42 41.26 -63.36 48.65
CA GLY N 42 42.20 -62.24 48.50
C GLY N 42 41.62 -61.08 47.69
N GLN N 43 40.45 -61.29 47.09
CA GLN N 43 39.82 -60.31 46.23
C GLN N 43 38.58 -59.69 46.84
N ALA N 44 38.18 -58.53 46.33
CA ALA N 44 36.90 -57.98 46.73
C ALA N 44 35.85 -58.94 46.15
N PRO N 45 34.69 -59.13 46.77
CA PRO N 45 33.57 -59.91 46.27
C PRO N 45 33.03 -59.33 44.97
N ARG N 46 32.49 -60.18 44.10
CA ARG N 46 31.87 -59.68 42.88
C ARG N 46 30.42 -60.15 42.71
N LEU N 47 29.49 -59.20 42.56
CA LEU N 47 28.05 -59.55 42.44
C LEU N 47 27.83 -60.42 41.20
N LEU N 48 27.09 -61.53 41.36
CA LEU N 48 26.69 -62.36 40.27
C LEU N 48 25.25 -62.04 39.88
N ILE N 49 24.39 -62.14 40.89
CA ILE N 49 22.93 -62.02 40.76
C ILE N 49 22.30 -61.06 41.75
N TYR N 50 21.46 -60.15 41.22
CA TYR N 50 20.74 -59.17 42.07
C TYR N 50 19.24 -59.33 41.84
N GLY N 51 18.43 -58.88 42.79
CA GLY N 51 16.97 -59.06 42.72
C GLY N 51 16.59 -60.53 42.69
N ALA N 52 17.43 -61.39 43.27
CA ALA N 52 17.33 -62.83 43.15
C ALA N 52 16.96 -63.20 41.72
N SER N 53 17.46 -62.47 40.73
CA SER N 53 17.12 -62.81 39.36
C SER N 53 18.10 -62.28 38.33
N SER N 54 18.19 -60.96 38.25
CA SER N 54 18.92 -60.32 37.13
C SER N 54 20.42 -60.54 37.33
N ARG N 55 21.11 -60.76 36.21
CA ARG N 55 22.54 -61.01 36.14
C ARG N 55 23.30 -59.69 36.05
N ALA N 56 24.40 -59.59 36.78
CA ALA N 56 25.25 -58.40 36.76
C ALA N 56 26.11 -58.37 35.49
N THR N 57 26.58 -57.15 35.19
CA THR N 57 27.40 -56.94 33.97
C THR N 57 28.67 -57.76 34.02
N GLY N 58 28.95 -58.48 32.92
CA GLY N 58 30.20 -59.25 32.77
C GLY N 58 29.97 -60.70 33.12
N ILE N 59 28.95 -60.97 33.93
CA ILE N 59 28.79 -62.27 34.54
C ILE N 59 28.34 -63.28 33.49
N PRO N 60 29.01 -64.43 33.37
CA PRO N 60 28.70 -65.52 32.45
C PRO N 60 27.30 -66.05 32.64
N ASP N 61 26.72 -66.55 31.57
CA ASP N 61 25.36 -67.04 31.55
C ASP N 61 25.18 -68.43 32.14
N ARG N 62 26.26 -68.97 32.69
CA ARG N 62 26.16 -70.22 33.42
C ARG N 62 25.54 -69.93 34.78
N PHE N 63 25.50 -68.65 35.17
CA PHE N 63 24.94 -68.27 36.44
C PHE N 63 23.47 -67.85 36.34
N SER N 64 22.67 -68.38 37.26
CA SER N 64 21.26 -68.08 37.38
C SER N 64 20.84 -68.37 38.81
N GLY N 65 19.65 -67.95 39.22
CA GLY N 65 19.22 -68.23 40.59
C GLY N 65 17.80 -67.75 40.82
N SER N 66 17.31 -68.00 42.02
CA SER N 66 15.95 -67.67 42.43
C SER N 66 15.79 -67.70 43.94
N GLY N 67 14.60 -67.33 44.41
CA GLY N 67 14.29 -67.41 45.82
C GLY N 67 13.03 -66.64 46.13
N SER N 68 12.56 -66.77 47.37
CA SER N 68 11.33 -66.10 47.78
C SER N 68 11.40 -65.38 49.12
N GLY N 69 11.02 -66.08 50.19
CA GLY N 69 10.95 -65.51 51.54
C GLY N 69 12.28 -65.62 52.25
N THR N 70 12.54 -66.76 52.85
CA THR N 70 13.84 -66.96 53.48
C THR N 70 14.73 -67.89 52.68
N ASP N 71 14.13 -68.60 51.73
CA ASP N 71 14.76 -69.64 50.90
C ASP N 71 15.35 -69.14 49.57
N PHE N 72 16.70 -69.09 49.48
CA PHE N 72 17.37 -68.62 48.27
C PHE N 72 18.35 -69.63 47.69
N THR N 73 18.45 -69.65 46.36
CA THR N 73 19.33 -70.55 45.62
C THR N 73 20.15 -69.93 44.48
N LEU N 74 21.38 -70.43 44.36
CA LEU N 74 22.32 -70.09 43.30
C LEU N 74 22.68 -71.27 42.43
N THR N 75 22.51 -71.12 41.14
CA THR N 75 22.84 -72.15 40.19
C THR N 75 24.01 -71.80 39.31
N ILE N 76 24.92 -72.76 39.23
CA ILE N 76 26.05 -72.71 38.34
C ILE N 76 25.75 -73.89 37.44
N SER N 77 25.39 -73.68 36.18
CA SER N 77 24.93 -74.83 35.39
C SER N 77 25.99 -75.88 35.18
N ARG N 78 27.23 -75.43 35.07
CA ARG N 78 28.40 -76.26 34.92
C ARG N 78 29.49 -75.57 35.71
N LEU N 79 30.12 -76.27 36.60
CA LEU N 79 31.17 -75.69 37.39
C LEU N 79 32.44 -75.50 36.56
N GLU N 80 33.06 -74.34 36.66
CA GLU N 80 34.30 -74.08 35.94
C GLU N 80 35.39 -73.66 36.92
N PRO N 81 36.70 -73.73 36.59
CA PRO N 81 37.83 -73.33 37.45
C PRO N 81 37.68 -71.93 38.05
N GLU N 82 36.98 -71.06 37.33
CA GLU N 82 36.76 -69.69 37.74
C GLU N 82 35.83 -69.56 38.94
N ASP N 83 35.09 -70.63 39.24
CA ASP N 83 34.09 -70.67 40.29
C ASP N 83 34.63 -71.20 41.60
N PHE N 84 35.89 -71.55 41.67
CA PHE N 84 36.33 -72.07 42.95
C PHE N 84 36.75 -70.90 43.82
N ALA N 85 35.73 -70.44 44.53
CA ALA N 85 35.69 -69.23 45.32
C ALA N 85 34.71 -69.37 46.46
N VAL N 86 34.68 -68.39 47.35
CA VAL N 86 33.77 -68.41 48.45
C VAL N 86 32.57 -67.52 48.14
N TYR N 87 31.39 -68.09 48.21
CA TYR N 87 30.21 -67.35 47.85
C TYR N 87 29.48 -66.78 49.04
N TYR N 88 28.94 -65.59 48.86
CA TYR N 88 28.17 -64.91 49.87
C TYR N 88 26.83 -64.43 49.35
N CYS N 89 25.75 -64.59 50.13
CA CYS N 89 24.46 -64.01 49.80
C CYS N 89 24.33 -62.82 50.74
N GLN N 90 23.58 -61.83 50.29
CA GLN N 90 23.34 -60.60 51.00
C GLN N 90 21.88 -60.19 50.92
N GLN N 91 21.35 -59.67 52.00
CA GLN N 91 19.97 -59.19 52.02
C GLN N 91 19.85 -57.75 52.41
N TYR N 92 19.37 -56.91 51.48
CA TYR N 92 19.25 -55.45 51.71
C TYR N 92 17.98 -55.11 52.49
N GLY N 93 17.77 -55.73 53.66
CA GLY N 93 16.63 -55.49 54.53
C GLY N 93 16.89 -54.36 55.53
N SER N 94 17.30 -53.21 55.01
CA SER N 94 17.68 -52.02 55.78
C SER N 94 18.97 -52.17 56.61
N SER N 95 19.65 -53.29 56.44
CA SER N 95 20.96 -53.58 56.98
C SER N 95 21.47 -54.64 56.06
N PHE N 96 22.48 -54.30 55.31
CA PHE N 96 22.86 -55.13 54.20
C PHE N 96 23.84 -56.20 54.61
N THR N 97 23.39 -57.14 55.40
CA THR N 97 24.31 -58.13 55.92
C THR N 97 24.51 -59.29 54.96
N PHE N 98 25.56 -60.06 55.23
CA PHE N 98 25.98 -61.20 54.42
C PHE N 98 26.08 -62.48 55.24
N GLY N 99 26.03 -63.62 54.54
CA GLY N 99 26.28 -64.89 55.21
C GLY N 99 27.80 -65.02 55.49
N PRO N 100 28.26 -66.11 56.16
CA PRO N 100 29.65 -66.37 56.51
C PRO N 100 30.63 -66.70 55.37
N GLY N 101 30.11 -67.17 54.25
CA GLY N 101 30.87 -67.58 53.09
C GLY N 101 30.85 -69.08 52.88
N THR N 102 30.48 -69.50 51.66
CA THR N 102 30.40 -70.91 51.28
C THR N 102 31.47 -71.29 50.29
N LYS N 103 32.27 -72.26 50.64
CA LYS N 103 33.37 -72.61 49.74
C LYS N 103 33.02 -73.63 48.69
N VAL N 104 33.37 -73.33 47.45
CA VAL N 104 33.21 -74.36 46.45
C VAL N 104 34.60 -74.96 46.23
N ASP N 105 34.66 -76.27 46.40
CA ASP N 105 35.86 -77.09 46.37
C ASP N 105 35.54 -78.32 45.49
N ILE N 106 36.50 -79.26 45.33
CA ILE N 106 36.38 -80.51 44.52
C ILE N 106 36.49 -81.71 45.49
C1 NAG O . -16.17 -20.37 48.79
C2 NAG O . -16.56 -21.59 47.83
C3 NAG O . -18.03 -22.02 48.20
C4 NAG O . -18.15 -22.40 49.70
C5 NAG O . -17.66 -21.18 50.58
C6 NAG O . -17.63 -21.48 52.08
C7 NAG O . -15.47 -21.21 45.62
C8 NAG O . -15.56 -20.69 44.21
N2 NAG O . -16.54 -21.12 46.42
O3 NAG O . -18.41 -23.16 47.38
O4 NAG O . -19.56 -22.55 50.00
O5 NAG O . -16.28 -20.78 50.18
O6 NAG O . -17.71 -20.28 52.85
O7 NAG O . -14.42 -21.72 46.01
C1 NAG O . -20.03 -23.92 50.38
C2 NAG O . -21.41 -23.76 51.16
C3 NAG O . -21.91 -25.20 51.55
C4 NAG O . -22.05 -26.08 50.25
C5 NAG O . -20.66 -26.17 49.53
C6 NAG O . -20.70 -26.94 48.21
C7 NAG O . -21.80 -21.80 52.66
C8 NAG O . -21.46 -21.05 53.92
N2 NAG O . -21.14 -22.95 52.38
O3 NAG O . -23.18 -25.09 52.20
O4 NAG O . -22.50 -27.39 50.62
O5 NAG O . -20.18 -24.78 49.21
O6 NAG O . -19.40 -27.22 47.72
O7 NAG O . -22.68 -21.36 51.92
C1 NAG P . -4.35 -9.67 55.23
C2 NAG P . -2.84 -9.21 55.44
C3 NAG P . -2.19 -10.16 56.52
C4 NAG P . -3.02 -10.09 57.86
C5 NAG P . -4.52 -10.50 57.56
C6 NAG P . -5.44 -10.40 58.77
C7 NAG P . -1.75 -9.29 52.88
C8 NAG P . -2.77 -9.23 51.76
N2 NAG P . -2.05 -9.26 54.18
O3 NAG P . -0.83 -9.74 56.76
O4 NAG P . -2.49 -11.05 58.82
O5 NAG P . -5.06 -9.61 56.51
O6 NAG P . -5.54 -9.07 59.28
O7 NAG P . -0.55 -9.37 52.60
C1 NAG P . -1.74 -10.48 60.01
C2 NAG P . -1.74 -11.55 61.17
C3 NAG P . -0.95 -10.95 62.39
C4 NAG P . 0.51 -10.58 61.95
C5 NAG P . 0.43 -9.53 60.77
C6 NAG P . 1.80 -9.14 60.20
C7 NAG P . -3.66 -13.06 61.70
C8 NAG P . -5.09 -13.23 62.11
N2 NAG P . -3.15 -11.82 61.56
O3 NAG P . -0.88 -11.93 63.44
O4 NAG P . 1.21 -9.99 63.05
O5 NAG P . -0.38 -10.10 59.65
O6 NAG P . 2.56 -10.27 59.77
O7 NAG P . -2.96 -14.07 61.50
C1 NAG Q . -2.75 -2.74 38.91
C2 NAG Q . -2.05 -4.13 38.57
C3 NAG Q . -0.88 -4.36 39.60
C4 NAG Q . 0.14 -3.18 39.51
C5 NAG Q . -0.61 -1.84 39.82
C6 NAG Q . 0.25 -0.59 39.69
C7 NAG Q . -3.40 -6.03 37.71
C8 NAG Q . -4.43 -7.11 37.94
N2 NAG Q . -3.05 -5.21 38.70
O3 NAG Q . -0.23 -5.60 39.29
O4 NAG Q . 1.19 -3.37 40.53
O5 NAG Q . -1.74 -1.68 38.86
O6 NAG Q . 0.92 -0.51 38.43
O7 NAG Q . -2.89 -5.95 36.59
C1 NAG Q . 2.61 -3.42 40.01
C2 NAG Q . 3.60 -2.93 41.13
C3 NAG Q . 5.06 -2.98 40.55
C4 NAG Q . 5.40 -4.44 40.08
C5 NAG Q . 4.34 -4.88 39.01
C6 NAG Q . 4.51 -6.33 38.56
C7 NAG Q . 2.99 -1.16 42.77
C8 NAG Q . 2.70 0.30 43.07
N2 NAG Q . 3.31 -1.52 41.52
O3 NAG Q . 5.99 -2.55 41.56
O4 NAG Q . 6.70 -4.45 39.43
O5 NAG Q . 2.97 -4.77 39.57
O6 NAG Q . 4.38 -7.24 39.65
O7 NAG Q . 2.92 -1.98 43.70
C1 BMA Q . 7.81 -5.14 40.18
C2 BMA Q . 9.04 -5.29 39.26
C3 BMA Q . 10.09 -6.11 40.01
C4 BMA Q . 10.43 -5.33 41.29
C5 BMA Q . 9.17 -5.17 42.13
C6 BMA Q . 9.45 -4.39 43.39
O2 BMA Q . 9.58 -4.02 38.96
O3 BMA Q . 11.27 -6.25 39.17
O4 BMA Q . 11.41 -6.03 42.03
O5 BMA Q . 8.16 -4.46 41.39
O6 BMA Q . 10.16 -5.19 44.34
C1 MAN Q . 11.72 -7.68 38.93
C2 MAN Q . 13.11 -7.69 38.20
C3 MAN Q . 12.91 -7.17 36.74
C4 MAN Q . 11.86 -8.06 35.99
C5 MAN Q . 10.50 -8.01 36.79
C6 MAN Q . 9.42 -8.92 36.21
O2 MAN Q . 13.68 -9.01 38.23
O3 MAN Q . 14.17 -7.19 36.04
O4 MAN Q . 11.67 -7.56 34.65
O5 MAN Q . 10.73 -8.47 38.19
O6 MAN Q . 8.88 -8.46 34.98
C1 NAG R . 10.37 -32.78 48.48
C2 NAG R . 10.88 -31.96 49.65
C3 NAG R . 12.28 -31.49 49.31
C4 NAG R . 13.15 -32.69 49.02
C5 NAG R . 12.55 -33.49 47.88
C6 NAG R . 13.29 -34.80 47.63
C7 NAG R . 9.17 -30.85 50.96
C8 NAG R . 9.25 -29.70 51.92
N2 NAG R . 10.01 -30.83 49.94
O3 NAG R . 12.79 -30.75 50.42
O4 NAG R . 14.43 -32.22 48.62
O5 NAG R . 11.22 -33.88 48.23
O6 NAG R . 13.22 -35.57 48.84
O7 NAG R . 8.38 -31.77 51.13
C1 NAG R . 15.46 -32.73 49.48
C2 NAG R . 16.82 -32.47 48.85
C3 NAG R . 17.89 -33.07 49.74
C4 NAG R . 17.77 -32.46 51.12
C5 NAG R . 16.37 -32.72 51.67
C6 NAG R . 16.14 -32.07 53.02
C7 NAG R . 16.88 -32.26 46.45
C8 NAG R . 16.69 -32.94 45.14
N2 NAG R . 16.89 -33.04 47.53
O3 NAG R . 19.16 -32.82 49.12
O4 NAG R . 18.75 -33.00 52.01
O5 NAG R . 15.41 -32.17 50.79
O6 NAG R . 16.14 -30.65 52.84
O7 NAG R . 17.04 -31.05 46.55
C1 BMA R . 19.75 -32.00 52.26
C2 BMA R . 20.34 -32.13 53.66
C3 BMA R . 21.31 -30.97 53.86
C4 BMA R . 22.36 -31.00 52.78
C5 BMA R . 21.69 -30.92 51.41
C6 BMA R . 22.69 -30.99 50.26
O2 BMA R . 21.03 -33.37 53.79
O3 BMA R . 21.93 -31.10 55.15
O4 BMA R . 23.26 -29.89 52.94
O5 BMA R . 20.78 -32.00 51.28
O6 BMA R . 21.97 -30.99 49.03
C1 NAG S . 12.78 -43.29 36.96
C2 NAG S . 11.42 -43.82 37.42
C3 NAG S . 11.61 -44.61 38.69
C4 NAG S . 12.59 -45.73 38.44
C5 NAG S . 13.90 -45.15 37.95
C6 NAG S . 14.97 -46.23 37.67
C7 NAG S . 9.35 -42.59 37.26
C8 NAG S . 8.48 -41.65 38.00
N2 NAG S . 10.56 -42.72 37.76
O3 NAG S . 10.34 -45.17 39.06
O4 NAG S . 12.72 -46.44 39.67
O5 NAG S . 13.67 -44.38 36.76
O6 NAG S . 15.23 -47.02 38.86
O7 NAG S . 8.97 -43.22 36.27
C1 NAG S . 15.23 -48.44 38.56
C2 NAG S . 16.31 -49.27 39.24
C3 NAG S . 16.34 -50.62 38.57
C4 NAG S . 14.97 -51.26 38.68
C5 NAG S . 13.96 -50.33 38.04
C6 NAG S . 12.52 -50.82 38.14
C7 NAG S . 18.18 -48.20 40.31
C8 NAG S . 18.27 -46.72 40.51
N2 NAG S . 17.60 -48.61 39.20
O3 NAG S . 17.34 -51.44 39.19
O4 NAG S . 15.01 -52.47 37.91
O5 NAG S . 13.97 -49.07 38.68
O6 NAG S . 11.67 -49.86 37.51
O7 NAG S . 18.60 -48.99 41.14
C1 BMA S . 14.71 -53.64 38.69
C2 BMA S . 14.51 -54.74 37.67
C3 BMA S . 14.20 -56.05 38.38
C4 BMA S . 15.31 -56.35 39.35
C5 BMA S . 15.49 -55.19 40.31
C6 BMA S . 16.68 -55.51 41.20
O2 BMA S . 15.70 -54.90 36.88
O3 BMA S . 14.20 -57.10 37.42
O4 BMA S . 15.00 -57.54 40.07
O5 BMA S . 15.76 -54.00 39.59
O6 BMA S . 17.26 -54.30 41.68
C1 MAN S . 17.39 -54.47 43.10
C2 MAN S . 16.59 -53.36 43.75
C3 MAN S . 17.26 -52.04 43.44
C4 MAN S . 18.70 -52.05 43.92
C5 MAN S . 19.43 -53.22 43.25
C6 MAN S . 20.85 -53.46 43.74
O2 MAN S . 16.53 -53.57 45.17
O3 MAN S . 16.50 -50.99 44.05
O4 MAN S . 19.31 -50.81 43.56
O5 MAN S . 18.74 -54.43 43.55
O6 MAN S . 21.57 -52.27 44.09
C1 MAN S . 15.88 -50.24 42.99
C2 MAN S . 15.42 -48.86 43.45
C3 MAN S . 14.18 -48.99 44.31
C4 MAN S . 13.10 -49.75 43.55
C5 MAN S . 13.65 -51.10 43.09
C6 MAN S . 12.64 -51.91 42.28
O2 MAN S . 15.12 -48.03 42.31
O3 MAN S . 13.71 -47.70 44.66
O4 MAN S . 11.97 -49.96 44.41
O5 MAN S . 14.82 -50.91 42.30
O6 MAN S . 13.20 -53.19 42.02
C1 MAN S . 22.08 -52.48 45.42
C2 MAN S . 22.03 -51.23 46.28
C3 MAN S . 23.22 -50.33 45.93
C4 MAN S . 24.52 -51.10 46.02
C5 MAN S . 24.47 -52.37 45.16
C6 MAN S . 25.70 -53.22 45.37
O2 MAN S . 22.07 -51.60 47.66
O3 MAN S . 23.25 -49.21 46.83
O4 MAN S . 25.61 -50.29 45.60
O5 MAN S . 23.33 -53.16 45.51
O6 MAN S . 25.48 -54.50 44.79
C1 MAN S . 12.90 -57.22 36.83
C2 MAN S . 12.46 -58.67 37.00
C3 MAN S . 13.45 -59.57 36.26
C4 MAN S . 13.49 -59.15 34.79
C5 MAN S . 13.88 -57.68 34.71
C6 MAN S . 13.89 -57.19 33.27
O2 MAN S . 11.15 -58.86 36.48
O3 MAN S . 13.01 -60.93 36.35
O4 MAN S . 14.46 -59.93 34.11
O5 MAN S . 12.94 -56.89 35.45
O6 MAN S . 14.09 -55.77 33.28
C1 NAG T . -37.92 30.55 3.56
C2 NAG T . -38.34 31.99 3.06
C3 NAG T . -38.63 32.90 4.32
C4 NAG T . -39.77 32.26 5.16
C5 NAG T . -39.36 30.80 5.58
C6 NAG T . -40.50 30.07 6.27
C7 NAG T . -37.23 32.49 0.89
C8 NAG T . -36.10 33.08 0.11
N2 NAG T . -37.24 32.57 2.24
O3 NAG T . -39.01 34.22 3.88
O4 NAG T . -40.00 33.05 6.32
O5 NAG T . -39.01 30.00 4.37
O6 NAG T . -41.57 29.81 5.33
O7 NAG T . -38.15 31.92 0.27
C1 FUC T . -42.69 28.94 5.82
C2 FUC T . -43.60 28.52 4.60
C3 FUC T . -42.78 27.54 3.68
C4 FUC T . -42.33 26.29 4.51
C5 FUC T . -41.46 26.80 5.72
C6 FUC T . -41.01 25.69 6.67
O2 FUC T . -44.03 29.67 3.85
O3 FUC T . -43.61 27.12 2.57
O4 FUC T . -43.46 25.52 4.92
O5 FUC T . -42.23 27.76 6.55
C1 NAG U . -38.56 16.29 -11.15
C2 NAG U . -38.43 15.96 -12.62
C3 NAG U . -39.82 15.70 -13.13
C4 NAG U . -40.38 14.53 -12.33
C5 NAG U . -40.43 14.93 -10.86
C6 NAG U . -40.92 13.80 -9.96
C7 NAG U . -36.65 17.08 -13.82
C8 NAG U . -35.94 18.41 -13.82
N2 NAG U . -37.89 17.08 -13.35
O3 NAG U . -39.75 15.40 -14.52
O4 NAG U . -41.65 14.13 -12.85
O5 NAG U . -39.10 15.19 -10.45
O6 NAG U . -39.99 12.77 -10.22
O7 NAG U . -36.13 16.06 -14.24
C1 NAG U . -41.52 12.77 -13.33
C2 NAG U . -42.76 12.36 -14.11
C3 NAG U . -42.62 10.93 -14.57
C4 NAG U . -41.32 10.75 -15.35
C5 NAG U . -40.15 11.23 -14.53
C6 NAG U . -38.83 11.15 -15.30
C7 NAG U . -44.07 12.20 -11.98
C8 NAG U . -44.72 13.28 -11.17
N2 NAG U . -43.97 12.47 -13.29
O3 NAG U . -43.73 10.60 -15.41
O4 NAG U . -41.15 9.38 -15.69
O5 NAG U . -40.33 12.57 -14.10
O6 NAG U . -37.76 11.38 -14.38
O7 NAG U . -43.70 11.16 -11.46
C1 FUC U . -40.07 11.74 -9.22
C2 FUC U . -39.64 10.47 -9.92
C3 FUC U . -38.20 10.60 -10.40
C4 FUC U . -37.31 10.92 -9.21
C5 FUC U . -37.81 12.19 -8.53
C6 FUC U . -36.99 12.46 -7.28
O2 FUC U . -40.51 10.22 -11.02
O3 FUC U . -37.78 9.38 -11.01
O4 FUC U . -37.32 9.84 -8.27
O5 FUC U . -39.16 12.01 -8.14
C1 NAG V . 4.89 -55.34 21.93
C2 NAG V . 5.33 -56.35 20.79
C3 NAG V . 5.45 -57.78 21.39
C4 NAG V . 6.47 -57.78 22.59
C5 NAG V . 5.94 -56.77 23.68
C6 NAG V . 6.85 -56.62 24.90
C7 NAG V . 4.49 -56.35 18.44
C8 NAG V . 3.33 -56.33 17.48
N2 NAG V . 4.26 -56.32 19.76
O3 NAG V . 5.90 -58.69 20.38
O4 NAG V . 6.59 -59.11 23.16
O5 NAG V . 5.82 -55.43 23.07
O6 NAG V . 6.25 -55.81 25.90
O7 NAG V . 5.64 -56.40 17.98
C1 NAG V . 8.01 -59.64 23.27
C2 NAG V . 8.01 -60.85 24.28
C3 NAG V . 9.48 -61.40 24.39
C4 NAG V . 10.01 -61.82 22.98
C5 NAG V . 9.94 -60.57 22.02
C6 NAG V . 10.35 -60.89 20.58
C7 NAG V . 6.34 -60.49 26.10
C8 NAG V . 6.00 -59.95 27.46
N2 NAG V . 7.58 -60.36 25.63
O3 NAG V . 9.51 -62.54 25.27
O4 NAG V . 11.35 -62.28 23.08
O5 NAG V . 8.54 -60.07 21.97
O6 NAG V . 10.50 -59.70 19.80
O7 NAG V . 5.44 -61.05 25.45
C1 NAG W . -7.58 -54.60 -15.28
C2 NAG W . -6.02 -54.30 -15.24
C3 NAG W . -5.36 -55.06 -16.44
C4 NAG W . -5.64 -56.60 -16.37
C5 NAG W . -7.21 -56.81 -16.32
C6 NAG W . -7.66 -58.26 -16.07
C7 NAG W . -5.34 -52.02 -14.50
C8 NAG W . -5.25 -50.55 -14.79
N2 NAG W . -5.86 -52.83 -15.42
O3 NAG W . -3.94 -54.84 -16.38
O4 NAG W . -5.17 -57.11 -17.65
O5 NAG W . -7.79 -56.05 -15.18
O6 NAG W . -9.02 -58.44 -16.44
O7 NAG W . -4.93 -52.45 -13.41
C1 NAG W . -4.37 -58.39 -17.69
C2 NAG W . -4.68 -59.10 -19.07
C3 NAG W . -3.85 -60.43 -19.14
C4 NAG W . -2.33 -60.11 -18.98
C5 NAG W . -2.10 -59.38 -17.60
C6 NAG W . -0.65 -58.95 -17.39
C7 NAG W . -6.92 -59.00 -20.18
C8 NAG W . -8.38 -59.35 -20.17
N2 NAG W . -6.14 -59.39 -19.16
O3 NAG W . -4.07 -61.07 -20.41
O4 NAG W . -1.58 -61.34 -19.00
O5 NAG W . -2.93 -58.15 -17.54
O6 NAG W . -0.19 -58.03 -18.38
O7 NAG W . -6.45 -58.37 -21.15
C1 NAG X . -23.74 -52.36 -9.52
C2 NAG X . -24.75 -52.05 -8.33
C3 NAG X . -24.88 -53.34 -7.46
C4 NAG X . -25.39 -54.54 -8.35
C5 NAG X . -24.38 -54.75 -9.55
C6 NAG X . -24.84 -55.82 -10.54
C7 NAG X . -23.63 -49.82 -7.09
C8 NAG X . -22.29 -49.38 -7.67
N2 NAG X . -24.34 -50.85 -7.53
O3 NAG X . -25.82 -53.10 -6.39
O4 NAG X . -25.35 -55.76 -7.56
O5 NAG X . -24.25 -53.48 -10.31
O6 NAG X . -23.83 -56.08 -11.51
O7 NAG X . -24.11 -49.16 -6.16
C1 NAG X . -26.67 -56.39 -7.21
C2 NAG X . -26.40 -57.88 -6.74
C3 NAG X . -27.77 -58.52 -6.35
C4 NAG X . -28.47 -57.67 -5.23
C5 NAG X . -28.68 -56.20 -5.76
C6 NAG X . -29.30 -55.26 -4.73
C7 NAG X . -24.52 -59.01 -7.94
C8 NAG X . -24.01 -59.77 -9.13
N2 NAG X . -25.80 -58.63 -7.88
O3 NAG X . -27.55 -59.86 -5.86
O4 NAG X . -29.73 -58.26 -4.90
O5 NAG X . -27.37 -55.63 -6.17
O6 NAG X . -28.56 -55.20 -3.50
O7 NAG X . -23.73 -58.74 -7.02
C1 NAG Y . -20.12 -35.17 -8.14
C2 NAG Y . -19.17 -35.59 -6.93
C3 NAG Y . -20.01 -36.42 -5.90
C4 NAG Y . -21.23 -35.58 -5.40
C5 NAG Y . -22.10 -35.17 -6.64
C6 NAG Y . -23.30 -34.28 -6.31
C7 NAG Y . -16.77 -36.09 -7.36
C8 NAG Y . -15.71 -37.00 -7.91
N2 NAG Y . -18.06 -36.42 -7.46
O3 NAG Y . -19.17 -36.77 -4.79
O4 NAG Y . -22.04 -36.40 -4.51
O5 NAG Y . -21.27 -34.44 -7.62
O6 NAG Y . -22.95 -33.13 -5.53
O7 NAG Y . -16.40 -35.06 -6.80
C1 NAG Y . -22.29 -35.88 -3.12
C2 NAG Y . -23.65 -36.48 -2.56
C3 NAG Y . -23.88 -35.90 -1.12
C4 NAG Y . -22.67 -36.26 -0.19
C5 NAG Y . -21.35 -35.68 -0.83
C6 NAG Y . -20.09 -36.07 -0.06
C7 NAG Y . -25.55 -36.98 -4.08
C8 NAG Y . -26.67 -36.50 -4.96
N2 NAG Y . -24.77 -36.10 -3.44
O3 NAG Y . -25.11 -36.46 -0.60
O4 NAG Y . -22.83 -35.63 1.12
O5 NAG Y . -21.19 -36.19 -2.21
O6 NAG Y . -19.92 -37.49 0.00
O7 NAG Y . -25.37 -38.21 -3.97
C1 BMA Y . -23.23 -36.53 2.27
C2 BMA Y . -22.81 -35.87 3.61
C3 BMA Y . -23.15 -36.83 4.73
C4 BMA Y . -24.66 -37.09 4.68
C5 BMA Y . -25.02 -37.70 3.33
C6 BMA Y . -26.51 -37.89 3.22
O2 BMA Y . -23.51 -34.65 3.79
O3 BMA Y . -22.81 -36.24 6.04
O4 BMA Y . -25.02 -37.97 5.74
O5 BMA Y . -24.63 -36.81 2.25
O6 BMA Y . -26.96 -38.92 4.10
C1 MAN Y . -21.55 -36.76 6.69
C2 MAN Y . -21.57 -36.43 8.24
C3 MAN Y . -21.42 -34.88 8.40
C4 MAN Y . -20.09 -34.39 7.71
C5 MAN Y . -20.15 -34.78 6.18
C6 MAN Y . -18.86 -34.44 5.42
O2 MAN Y . -20.53 -37.15 8.92
O3 MAN Y . -21.41 -34.55 9.81
O4 MAN Y . -19.99 -32.97 7.87
O5 MAN Y . -20.33 -36.25 6.06
O6 MAN Y . -18.68 -33.03 5.24
C1 NAG Z . -7.24 -59.07 14.45
C2 NAG Z . -8.61 -59.87 14.52
C3 NAG Z . -9.25 -59.61 15.92
C4 NAG Z . -8.27 -60.05 17.07
C5 NAG Z . -6.92 -59.25 16.90
C6 NAG Z . -5.85 -59.65 17.92
C7 NAG Z . -9.62 -59.91 12.26
C8 NAG Z . -10.64 -59.39 11.31
N2 NAG Z . -9.55 -59.40 13.49
O3 NAG Z . -10.46 -60.38 16.00
O4 NAG Z . -8.88 -59.63 18.32
O5 NAG Z . -6.36 -59.50 15.54
O6 NAG Z . -4.63 -58.91 17.75
O7 NAG Z . -8.85 -60.81 11.89
C1 NAG Z . -9.22 -60.71 19.30
C2 NAG Z . -9.67 -60.01 20.64
C3 NAG Z . -10.01 -61.13 21.69
C4 NAG Z . -11.13 -62.07 21.12
C5 NAG Z . -10.63 -62.70 19.77
C6 NAG Z . -11.70 -63.56 19.08
C7 NAG Z . -8.54 -57.83 21.13
C8 NAG Z . -7.34 -57.09 21.66
N2 NAG Z . -8.54 -59.18 21.14
O3 NAG Z . -10.47 -60.51 22.90
O4 NAG Z . -11.41 -63.11 22.06
O5 NAG Z . -10.28 -61.60 18.82
O6 NAG Z . -11.16 -64.30 17.99
O7 NAG Z . -9.51 -57.17 20.69
C1 NAG AA . -11.38 8.72 -47.90
C2 NAG AA . -12.56 9.24 -48.72
C3 NAG AA . -13.29 8.05 -49.31
C4 NAG AA . -12.34 7.23 -50.15
C5 NAG AA . -11.18 6.80 -49.28
C6 NAG AA . -10.12 5.99 -50.00
C7 NAG AA . -13.42 11.28 -47.71
C8 NAG AA . -14.14 11.82 -46.51
N2 NAG AA . -13.49 9.97 -47.88
O3 NAG AA . -14.37 8.52 -50.12
O4 NAG AA . -13.01 6.07 -50.64
O5 NAG AA . -10.53 7.94 -48.73
O6 NAG AA . -9.10 5.78 -49.02
O7 NAG AA . -12.78 12.00 -48.47
C1 FUC AA . -7.77 5.90 -49.55
C2 FUC AA . -7.16 7.26 -49.22
C3 FUC AA . -7.11 7.45 -47.71
C4 FUC AA . -6.26 6.33 -47.12
C5 FUC AA . -6.88 5.00 -47.52
C6 FUC AA . -6.08 3.85 -46.94
O2 FUC AA . -7.87 8.34 -49.81
O3 FUC AA . -6.56 8.73 -47.40
O4 FUC AA . -4.92 6.41 -47.63
O5 FUC AA . -6.94 4.89 -48.94
C1 NAG BA . 6.58 13.29 -40.57
C2 NAG BA . 7.67 14.22 -40.07
C3 NAG BA . 8.74 14.31 -41.13
C4 NAG BA . 9.26 12.90 -41.39
C5 NAG BA . 8.10 12.02 -41.84
C6 NAG BA . 8.59 10.59 -41.98
C7 NAG BA . 6.90 15.97 -38.58
C8 NAG BA . 5.73 16.90 -38.42
N2 NAG BA . 7.15 15.55 -39.81
O3 NAG BA . 9.79 15.15 -40.62
O4 NAG BA . 10.23 12.95 -42.44
O5 NAG BA . 7.12 12.01 -40.83
O6 NAG BA . 9.23 10.37 -40.73
O7 NAG BA . 7.57 15.58 -37.63
C1 NAG BA . 11.56 12.60 -41.98
C2 NAG BA . 12.59 13.24 -42.89
C3 NAG BA . 13.98 12.84 -42.42
C4 NAG BA . 14.14 13.24 -40.96
C5 NAG BA . 13.04 12.61 -40.12
C6 NAG BA . 13.12 13.09 -38.68
C7 NAG BA . 11.64 13.52 -45.11
C8 NAG BA . 11.09 12.75 -46.27
N2 NAG BA . 12.40 12.82 -44.27
O3 NAG BA . 14.96 13.52 -43.21
O4 NAG BA . 15.41 12.79 -40.49
O5 NAG BA . 11.76 12.98 -40.62
O6 NAG BA . 12.73 14.46 -38.65
O7 NAG BA . 11.40 14.70 -44.92
C1 FUC BA . 9.41 8.97 -40.46
C2 FUC BA . 10.61 8.87 -39.54
C3 FUC BA . 10.31 9.59 -38.22
C4 FUC BA . 9.08 8.97 -37.60
C5 FUC BA . 7.92 9.05 -38.59
C6 FUC BA . 6.71 8.34 -38.03
O2 FUC BA . 11.75 9.46 -40.17
O3 FUC BA . 11.41 9.48 -37.33
O4 FUC BA . 9.32 7.60 -37.27
O5 FUC BA . 8.28 8.40 -39.81
C1 NAG CA . 49.27 -19.08 15.58
C2 NAG CA . 48.39 -19.03 16.90
C3 NAG CA . 49.26 -18.37 18.02
C4 NAG CA . 50.60 -19.16 18.22
C5 NAG CA . 51.38 -19.23 16.85
C6 NAG CA . 52.66 -20.05 16.92
C7 NAG CA . 46.00 -18.66 16.33
C8 NAG CA . 44.87 -17.71 16.07
N2 NAG CA . 47.21 -18.17 16.65
O3 NAG CA . 48.52 -18.37 19.26
O4 NAG CA . 51.43 -18.36 19.10
O5 NAG CA . 50.50 -19.83 15.82
O6 NAG CA . 53.60 -19.63 15.93
O7 NAG CA . 45.79 -19.89 16.24
C1 NAG CA . 51.76 -18.92 20.44
C2 NAG CA . 53.01 -18.11 20.98
C3 NAG CA . 53.38 -18.68 22.40
C4 NAG CA . 52.13 -18.54 23.36
C5 NAG CA . 50.92 -19.35 22.74
C6 NAG CA . 49.63 -19.20 23.55
C7 NAG CA . 54.71 -17.31 19.34
C8 NAG CA . 55.83 -17.60 18.37
N2 NAG CA . 54.13 -18.31 20.01
O3 NAG CA . 54.47 -17.92 22.94
O4 NAG CA . 52.46 -19.08 24.64
O5 NAG CA . 50.64 -18.82 21.37
O6 NAG CA . 48.62 -20.12 23.13
O7 NAG CA . 54.35 -16.12 19.50
C1 NAG DA . 51.87 -23.99 -0.46
C2 NAG DA . 51.58 -24.96 -1.70
C3 NAG DA . 52.23 -26.36 -1.38
C4 NAG DA . 53.77 -26.20 -1.11
C5 NAG DA . 53.97 -25.20 0.09
C6 NAG DA . 55.43 -24.87 0.38
C7 NAG DA . 48.81 -24.97 -1.95
C8 NAG DA . 48.09 -23.77 -1.38
N2 NAG DA . 50.13 -25.16 -1.93
O3 NAG DA . 52.02 -27.23 -2.52
O4 NAG DA . 54.31 -27.49 -0.68
O5 NAG DA . 53.32 -23.90 -0.24
O6 NAG DA . 55.62 -24.36 1.69
O7 NAG DA . 48.16 -25.86 -2.48
C1 NAG DA . 55.20 -28.22 -1.66
C2 NAG DA . 56.04 -29.29 -0.84
C3 NAG DA . 56.97 -30.05 -1.85
C4 NAG DA . 56.10 -30.72 -2.98
C5 NAG DA . 55.26 -29.60 -3.71
C6 NAG DA . 54.31 -30.16 -4.78
C7 NAG DA . 56.66 -28.63 1.49
C8 NAG DA . 57.55 -27.87 2.42
N2 NAG DA . 56.88 -28.58 0.17
O3 NAG DA . 57.70 -31.07 -1.16
O4 NAG DA . 56.95 -31.38 -3.92
O5 NAG DA . 54.43 -28.86 -2.72
O6 NAG DA . 53.41 -31.14 -4.27
O7 NAG DA . 55.72 -29.30 1.96
C1 NAG EA . 36.59 -15.65 -4.74
C2 NAG EA . 35.79 -16.78 -3.95
C3 NAG EA . 36.21 -18.17 -4.52
C4 NAG EA . 35.92 -18.23 -6.06
C5 NAG EA . 36.73 -17.08 -6.75
C6 NAG EA . 36.53 -16.99 -8.26
C7 NAG EA . 35.36 -16.45 -1.51
C8 NAG EA . 35.87 -16.36 -0.11
N2 NAG EA . 36.20 -16.67 -2.52
O3 NAG EA . 35.43 -19.20 -3.87
O4 NAG EA . 36.36 -19.51 -6.61
O5 NAG EA . 36.33 -15.79 -6.17
O6 NAG EA . 35.16 -17.06 -8.67
O7 NAG EA . 34.14 -16.33 -1.70
C1 NAG EA . 35.26 -20.39 -7.17
C2 NAG EA . 35.87 -21.34 -8.27
C3 NAG EA . 34.70 -22.23 -8.84
C4 NAG EA . 34.04 -23.05 -7.67
C5 NAG EA . 33.51 -22.03 -6.59
C6 NAG EA . 32.94 -22.71 -5.34
C7 NAG EA . 37.71 -20.55 -9.75
C8 NAG EA . 38.18 -19.69 -10.90
N2 NAG EA . 36.43 -20.53 -9.39
O3 NAG EA . 35.25 -23.13 -9.82
O4 NAG EA . 32.88 -23.79 -8.20
O5 NAG EA . 34.62 -21.16 -6.12
O6 NAG EA . 33.93 -23.48 -4.65
O7 NAG EA . 38.54 -21.27 -9.17
C1 BMA EA . 33.02 -25.29 -8.28
C2 BMA EA . 31.61 -25.93 -8.48
C3 BMA EA . 31.77 -27.45 -8.44
C4 BMA EA . 32.75 -27.82 -9.56
C5 BMA EA . 34.08 -27.13 -9.33
C6 BMA EA . 35.05 -27.46 -10.43
O2 BMA EA . 31.07 -25.55 -9.73
O3 BMA EA . 30.47 -28.07 -8.69
O4 BMA EA . 32.94 -29.23 -9.57
O5 BMA EA . 33.91 -25.69 -9.32
O6 BMA EA . 35.40 -28.84 -10.42
C1 MAN EA . 30.05 -29.16 -7.73
C2 MAN EA . 28.92 -30.05 -8.37
C3 MAN EA . 27.61 -29.18 -8.46
C4 MAN EA . 27.21 -28.66 -7.03
C5 MAN EA . 28.41 -27.81 -6.45
C6 MAN EA . 28.16 -27.33 -5.01
O2 MAN EA . 28.71 -31.25 -7.61
O3 MAN EA . 26.55 -29.98 -9.02
O4 MAN EA . 26.05 -27.85 -7.13
O5 MAN EA . 29.64 -28.65 -6.42
O6 MAN EA . 29.11 -26.36 -4.60
C1 NAG FA . 28.79 -26.31 26.60
C2 NAG FA . 28.56 -25.16 27.69
C3 NAG FA . 29.78 -24.18 27.67
C4 NAG FA . 31.11 -24.99 27.95
C5 NAG FA . 31.26 -26.07 26.82
C6 NAG FA . 32.51 -26.93 26.89
C7 NAG FA . 26.18 -24.47 28.01
C8 NAG FA . 24.98 -23.75 27.49
N2 NAG FA . 27.32 -24.46 27.29
O3 NAG FA . 29.60 -23.19 28.69
O4 NAG FA . 32.28 -24.11 27.96
O5 NAG FA . 30.07 -26.97 26.84
O6 NAG FA . 32.67 -27.60 28.14
O7 NAG FA . 26.10 -25.08 29.09
C1 NAG FA . 33.21 -24.29 29.14
C2 NAG FA . 34.63 -23.66 28.79
C3 NAG FA . 35.57 -23.89 30.03
C4 NAG FA . 34.94 -23.25 31.32
C5 NAG FA . 33.53 -23.91 31.57
C6 NAG FA . 32.79 -23.31 32.76
C7 NAG FA . 35.48 -23.80 26.46
C8 NAG FA . 36.06 -24.63 25.34
N2 NAG FA . 35.20 -24.39 27.63
O3 NAG FA . 36.85 -23.28 29.78
O4 NAG FA . 35.79 -23.49 32.44
O5 NAG FA . 32.67 -23.71 30.37
O6 NAG FA . 31.64 -24.08 33.11
O7 NAG FA . 35.29 -22.60 26.27
C1 NAG GA . 37.01 -46.52 13.05
C2 NAG GA . 38.10 -46.99 12.00
C3 NAG GA . 37.47 -48.08 11.08
C4 NAG GA . 36.96 -49.29 11.93
C5 NAG GA . 35.92 -48.74 12.98
C6 NAG GA . 35.39 -49.82 13.92
C7 NAG GA . 39.56 -45.08 11.38
C8 NAG GA . 39.89 -43.96 10.47
N2 NAG GA . 38.50 -45.85 11.14
O3 NAG GA . 38.48 -48.55 10.16
O4 NAG GA . 36.26 -50.17 11.01
O5 NAG GA . 36.56 -47.69 13.83
O6 NAG GA . 34.31 -49.34 14.73
O7 NAG GA . 40.29 -45.28 12.37
C1 NAG GA . 36.73 -51.60 10.94
C2 NAG GA . 35.66 -52.42 10.10
C3 NAG GA . 36.13 -53.92 10.05
C4 NAG GA . 37.55 -54.00 9.39
C5 NAG GA . 38.56 -53.13 10.24
C6 NAG GA . 39.95 -53.07 9.63
C7 NAG GA . 33.31 -51.59 10.32
C8 NAG GA . 32.01 -51.56 11.09
N2 NAG GA . 34.34 -52.33 10.79
O3 NAG GA . 35.19 -54.68 9.25
O4 NAG GA . 37.99 -55.36 9.36
O5 NAG GA . 38.05 -51.73 10.32
O6 NAG GA . 40.89 -52.45 10.50
O7 NAG GA . 33.39 -50.94 9.26
C1 NAG HA . 25.51 -48.84 21.16
C2 NAG HA . 26.55 -48.49 22.20
C3 NAG HA . 27.41 -49.70 22.48
C4 NAG HA . 26.53 -50.87 22.91
C5 NAG HA . 25.48 -51.11 21.82
C6 NAG HA . 24.47 -52.19 22.20
C7 NAG HA . 27.33 -46.19 22.24
C8 NAG HA . 28.36 -45.23 21.75
N2 NAG HA . 27.41 -47.42 21.74
O3 NAG HA . 28.32 -49.27 23.49
O4 NAG HA . 27.25 -52.11 22.98
O5 NAG HA . 24.73 -49.94 21.58
O6 NAG HA . 23.64 -51.68 23.24
O7 NAG HA . 26.48 -45.88 23.05
C1 NAG HA . 27.97 -52.27 24.20
C2 NAG HA . 27.68 -53.59 24.91
C3 NAG HA . 28.38 -53.54 26.25
C4 NAG HA . 29.87 -53.41 25.98
C5 NAG HA . 30.07 -52.09 25.23
C6 NAG HA . 31.53 -51.81 24.96
C7 NAG HA . 25.63 -54.76 24.40
C8 NAG HA . 24.38 -55.30 25.03
N2 NAG HA . 26.27 -53.82 25.09
O3 NAG HA . 28.04 -54.73 26.98
O4 NAG HA . 30.64 -53.34 27.18
O5 NAG HA . 29.37 -52.17 24.00
O6 NAG HA . 32.06 -52.92 24.22
O7 NAG HA . 26.05 -55.17 23.34
C1 BMA HA . 31.29 -54.58 27.47
C2 BMA HA . 32.59 -54.31 28.21
C3 BMA HA . 33.24 -55.64 28.59
C4 BMA HA . 32.25 -56.43 29.44
C5 BMA HA . 30.96 -56.64 28.66
C6 BMA HA . 29.89 -57.34 29.47
O2 BMA HA . 32.36 -53.53 29.37
O3 BMA HA . 34.42 -55.39 29.35
O4 BMA HA . 32.83 -57.69 29.78
O5 BMA HA . 30.44 -55.36 28.30
O6 BMA HA . 28.63 -57.20 28.80
C1 NAG IA . 21.25 41.87 -7.45
C2 NAG IA . 21.67 43.00 -8.37
C3 NAG IA . 23.17 42.98 -8.58
C4 NAG IA . 23.89 43.00 -7.25
C5 NAG IA . 23.41 41.88 -6.36
C6 NAG IA . 23.95 42.10 -4.96
C7 NAG IA . 19.85 43.51 -9.90
C8 NAG IA . 19.19 43.12 -11.18
N2 NAG IA . 21.01 42.90 -9.66
O3 NAG IA . 23.56 44.13 -9.34
O4 NAG IA . 25.29 42.84 -7.46
O5 NAG IA . 21.99 41.93 -6.25
O6 NAG IA . 23.52 43.41 -4.54
O7 NAG IA . 19.36 44.32 -9.14
C1 FUC IA . 22.60 43.45 -3.41
C2 FUC IA . 21.42 44.39 -3.61
C3 FUC IA . 20.14 43.63 -3.97
C4 FUC IA . 19.91 42.44 -3.04
C5 FUC IA . 21.16 41.57 -2.87
C6 FUC IA . 20.94 40.54 -1.76
O2 FUC IA . 21.73 45.30 -4.67
O3 FUC IA . 19.01 44.52 -3.93
O4 FUC IA . 19.48 42.91 -1.77
O5 FUC IA . 22.33 42.33 -2.57
C1 NAG JA . 6.40 40.28 6.42
C2 NAG JA . 4.96 40.55 6.83
C3 NAG JA . 4.96 41.50 8.00
C4 NAG JA . 5.80 40.90 9.12
C5 NAG JA . 7.21 40.63 8.61
C6 NAG JA . 8.13 39.98 9.62
C7 NAG JA . 3.54 40.55 4.84
C8 NAG JA . 3.28 41.31 3.57
N2 NAG JA . 4.23 41.20 5.77
O3 NAG JA . 3.62 41.71 8.43
O4 NAG JA . 5.80 41.79 10.24
O5 NAG JA . 7.14 39.75 7.51
O6 NAG JA . 8.30 38.65 9.15
O7 NAG JA . 3.17 39.40 5.00
C1 NAG JA . 5.28 41.10 11.38
C2 NAG JA . 4.97 42.08 12.50
C3 NAG JA . 4.41 41.30 13.68
C4 NAG JA . 3.22 40.47 13.25
C5 NAG JA . 3.60 39.55 12.10
C6 NAG JA . 2.41 38.79 11.55
C7 NAG JA . 7.41 42.54 12.78
C8 NAG JA . 8.05 41.83 13.94
N2 NAG JA . 6.13 42.87 12.89
O3 NAG JA . 4.03 42.22 14.70
O4 NAG JA . 2.76 39.69 14.35
O5 NAG JA . 4.14 40.32 11.03
O6 NAG JA . 2.83 38.01 10.44
O7 NAG JA . 8.07 42.83 11.79
C1 FUC JA . 8.23 37.70 10.21
C2 FUC JA . 7.27 36.62 9.75
C3 FUC JA . 7.76 36.08 8.41
C4 FUC JA . 9.14 35.48 8.60
C5 FUC JA . 10.03 36.61 9.11
C6 FUC JA . 11.48 36.19 9.30
O2 FUC JA . 5.96 37.18 9.62
O3 FUC JA . 6.85 35.08 7.92
O4 FUC JA . 9.11 34.40 9.54
O5 FUC JA . 9.52 37.10 10.36
C1 NAG KA . -24.50 26.17 18.43
C2 NAG KA . -23.56 27.16 17.62
C3 NAG KA . -23.65 28.57 18.26
C4 NAG KA . -25.14 29.07 18.24
C5 NAG KA . -26.03 28.04 19.02
C6 NAG KA . -27.53 28.37 18.99
C7 NAG KA . -21.44 26.25 16.66
C8 NAG KA . -20.08 25.68 16.85
N2 NAG KA . -22.19 26.60 17.72
O3 NAG KA . -22.83 29.48 17.51
O4 NAG KA . -25.22 30.35 18.87
O5 NAG KA . -25.88 26.68 18.39
O6 NAG KA . -28.28 27.51 19.84
O7 NAG KA . -21.87 26.40 15.50
C1 NAG LA . -30.03 3.31 29.09
C2 NAG LA . -31.14 2.47 29.88
C3 NAG LA . -32.36 2.25 28.92
C4 NAG LA . -32.92 3.63 28.43
C5 NAG LA . -31.77 4.41 27.68
C6 NAG LA . -32.17 5.81 27.23
C7 NAG LA . -29.91 0.99 31.47
C8 NAG LA . -29.34 -0.35 31.87
N2 NAG LA . -30.57 1.17 30.31
O3 NAG LA . -33.40 1.55 29.62
O4 NAG LA . -34.01 3.40 27.52
O5 NAG LA . -30.61 4.58 28.62
O6 NAG LA . -33.02 5.77 26.08
O7 NAG LA . -29.75 1.93 32.28
C1 NAG MA . 6.90 -28.43 62.45
C2 NAG MA . 7.97 -27.52 63.20
C3 NAG MA . 8.40 -28.25 64.53
C4 NAG MA . 7.12 -28.48 65.43
C5 NAG MA . 6.08 -29.34 64.62
C6 NAG MA . 4.76 -29.55 65.38
C7 NAG MA . 9.47 -26.17 61.75
C8 NAG MA . 10.65 -26.08 60.82
N2 NAG MA . 9.13 -27.35 62.29
O3 NAG MA . 9.34 -27.43 65.25
O4 NAG MA . 7.51 -29.17 66.62
O5 NAG MA . 5.74 -28.65 63.34
O6 NAG MA . 3.91 -30.48 64.71
O7 NAG MA . 8.81 -25.14 61.98
C1 NAG NA . -37.41 5.86 45.02
C2 NAG NA . -38.39 7.03 44.55
C3 NAG NA . -37.59 8.37 44.54
C4 NAG NA . -37.03 8.67 45.98
C5 NAG NA . -36.12 7.46 46.42
C6 NAG NA . -35.59 7.62 47.85
C7 NAG NA . -40.18 6.38 42.93
C8 NAG NA . -40.60 6.07 41.52
N2 NAG NA . -38.90 6.72 43.18
O3 NAG NA . -38.46 9.46 44.13
O4 NAG NA . -36.27 9.87 45.96
O5 NAG NA . -36.90 6.19 46.37
O6 NAG NA . -34.54 6.70 48.15
O7 NAG NA . -41.02 6.31 43.83
C1 NAG OA . -35.74 -7.53 26.79
C2 NAG OA . -36.19 -7.49 25.27
C3 NAG OA . -37.74 -7.72 25.19
C4 NAG OA . -38.11 -9.09 25.85
C5 NAG OA . -37.62 -9.09 27.33
C6 NAG OA . -37.83 -10.43 28.05
C7 NAG OA . -34.73 -5.90 24.01
C8 NAG OA . -34.47 -4.52 23.49
N2 NAG OA . -35.85 -6.15 24.71
O3 NAG OA . -38.15 -7.73 23.81
O4 NAG OA . -39.53 -9.28 25.79
O5 NAG OA . -36.15 -8.82 27.37
O6 NAG OA . -39.19 -10.66 28.37
O7 NAG OA . -33.92 -6.81 23.77
C1 NAG PA . -23.02 -15.47 55.14
C2 NAG PA . -22.03 -16.71 55.22
C3 NAG PA . -22.56 -17.72 56.30
C4 NAG PA . -22.65 -16.98 57.69
C5 NAG PA . -23.60 -15.74 57.56
C6 NAG PA . -23.66 -14.88 58.83
C7 NAG PA . -20.87 -17.36 53.11
C8 NAG PA . -20.89 -18.03 51.75
N2 NAG PA . -21.97 -17.37 53.88
O3 NAG PA . -21.65 -18.83 56.41
O4 NAG PA . -23.15 -17.91 58.66
O5 NAG PA . -23.10 -14.84 56.48
O6 NAG PA . -24.32 -15.54 59.91
O7 NAG PA . -19.83 -16.81 53.49
C1 NAG QA . -23.89 -2.55 55.44
C2 NAG QA . -23.66 -2.90 56.97
C3 NAG QA . -24.99 -3.50 57.55
C4 NAG QA . -26.15 -2.45 57.39
C5 NAG QA . -26.31 -2.09 55.86
C6 NAG QA . -27.37 -1.02 55.61
C7 NAG QA . -21.30 -3.54 57.46
C8 NAG QA . -20.22 -4.57 57.55
N2 NAG QA . -22.54 -3.88 57.10
O3 NAG QA . -24.82 -3.80 58.96
O4 NAG QA . -27.36 -3.02 57.89
O5 NAG QA . -25.01 -1.57 55.33
O6 NAG QA . -28.70 -1.54 55.69
O7 NAG QA . -21.01 -2.35 57.74
C1 NAG RA . -2.64 -2.34 51.36
C2 NAG RA . -3.67 -2.04 52.54
C3 NAG RA . -3.54 -0.53 52.96
C4 NAG RA . -2.06 -0.23 53.40
C5 NAG RA . -1.10 -0.55 52.19
C6 NAG RA . 0.36 -0.32 52.50
C7 NAG RA . -5.87 -3.24 52.40
C8 NAG RA . -7.20 -3.41 51.73
N2 NAG RA . -5.03 -2.27 51.98
O3 NAG RA . -4.42 -0.28 54.07
O4 NAG RA . -1.95 1.16 53.75
O5 NAG RA . -1.28 -1.99 51.81
O6 NAG RA . 1.17 -0.34 51.32
O7 NAG RA . -5.55 -4.01 53.31
C1 NAG SA . -6.11 3.64 42.76
C2 NAG SA . -5.05 3.92 41.61
C3 NAG SA . -4.07 5.05 42.08
C4 NAG SA . -4.88 6.34 42.41
C5 NAG SA . -5.94 6.02 43.52
C6 NAG SA . -6.86 7.18 43.85
C7 NAG SA . -4.31 2.01 40.19
C8 NAG SA . -3.55 0.72 40.05
N2 NAG SA . -4.30 2.66 41.38
O3 NAG SA . -3.12 5.33 41.04
O4 NAG SA . -3.98 7.38 42.85
O5 NAG SA . -6.82 4.90 43.06
O6 NAG SA . -6.19 8.23 44.56
O7 NAG SA . -4.94 2.45 39.22
C1 NAG TA . 13.87 -16.45 51.31
C2 NAG TA . 13.92 -14.89 51.64
C3 NAG TA . 15.34 -14.34 51.26
C4 NAG TA . 16.44 -15.12 52.05
C5 NAG TA . 16.32 -16.66 51.73
C6 NAG TA . 17.29 -17.53 52.53
C7 NAG TA . 11.70 -13.79 51.34
C8 NAG TA . 10.74 -13.07 50.46
N2 NAG TA . 12.89 -14.18 50.84
O3 NAG TA . 15.42 -12.95 51.58
O4 NAG TA . 17.73 -14.64 51.67
O5 NAG TA . 14.94 -17.12 52.07
O6 NAG TA . 18.63 -17.41 52.08
O7 NAG TA . 11.40 -14.01 52.53
C1 NAG UA . -8.67 -36.07 30.70
C2 NAG UA . -9.99 -35.92 29.83
C3 NAG UA . -11.09 -35.24 30.72
C4 NAG UA . -11.35 -36.10 32.01
C5 NAG UA . -10.01 -36.25 32.80
C6 NAG UA . -10.11 -37.15 34.03
C7 NAG UA . -9.57 -35.54 27.41
C8 NAG UA . -9.20 -34.61 26.30
N2 NAG UA . -9.65 -35.08 28.66
O3 NAG UA . -12.31 -35.14 29.95
O4 NAG UA . -12.34 -35.45 32.81
O5 NAG UA . -8.97 -36.86 31.91
O6 NAG UA . -10.86 -36.54 35.09
O7 NAG UA . -9.81 -36.73 27.14
C1 NAG VA . -1.82 -36.96 52.15
C2 NAG VA . -2.21 -37.48 53.62
C3 NAG VA . -3.52 -38.33 53.50
C4 NAG VA . -4.68 -37.45 52.89
C5 NAG VA . -4.22 -36.93 51.48
C6 NAG VA . -5.24 -35.98 50.84
C7 NAG VA . -0.20 -37.87 55.02
C8 NAG VA . 0.90 -38.78 55.49
N2 NAG VA . -1.10 -38.32 54.13
O3 NAG VA . -3.92 -38.80 54.80
O4 NAG VA . -5.85 -38.24 52.76
O5 NAG VA . -2.94 -36.16 51.62
O6 NAG VA . -4.95 -35.71 49.47
O7 NAG VA . -0.23 -36.71 55.45
C1 NAG WA . -35.87 7.17 1.79
C2 NAG WA . -36.73 8.06 2.68
C3 NAG WA . -37.00 7.34 3.98
C4 NAG WA . -37.65 6.01 3.68
C5 NAG WA . -36.76 5.18 2.76
C6 NAG WA . -37.42 3.86 2.35
C7 NAG WA . -36.32 10.42 2.26
C8 NAG WA . -37.74 10.87 2.23
N2 NAG WA . -36.07 9.32 2.97
O3 NAG WA . -37.85 8.14 4.79
O4 NAG WA . -37.86 5.31 4.92
O5 NAG WA . -36.52 5.93 1.57
O6 NAG WA . -37.52 2.98 3.47
O7 NAG WA . -35.43 11.03 1.68
C1 NAG XA . -32.78 26.95 13.42
C2 NAG XA . -31.81 26.75 14.56
C3 NAG XA . -32.60 26.56 15.85
C4 NAG XA . -33.52 27.77 16.05
C5 NAG XA . -34.43 27.93 14.85
C6 NAG XA . -35.33 29.16 14.97
C7 NAG XA . -29.71 25.72 13.93
C8 NAG XA . -29.01 24.44 13.60
N2 NAG XA . -30.97 25.60 14.34
O3 NAG XA . -31.71 26.43 16.97
O4 NAG XA . -34.28 27.57 17.25
O5 NAG XA . -33.63 28.07 13.67
O6 NAG XA . -36.27 28.99 16.04
O7 NAG XA . -29.16 26.81 13.84
C1 NAG YA . -22.41 -4.17 -35.67
C2 NAG YA . -22.87 -2.89 -34.86
C3 NAG YA . -24.36 -2.56 -35.26
C4 NAG YA . -24.43 -2.30 -36.80
C5 NAG YA . -23.91 -3.57 -37.57
C6 NAG YA . -23.87 -3.38 -39.08
C7 NAG YA . -22.17 -2.32 -32.55
C8 NAG YA . -22.01 -2.68 -31.10
N2 NAG YA . -22.72 -3.19 -33.41
O3 NAG YA . -24.79 -1.38 -34.55
O4 NAG YA . -25.79 -2.05 -37.17
O5 NAG YA . -22.52 -3.89 -37.12
O6 NAG YA . -23.06 -2.28 -39.49
O7 NAG YA . -21.79 -1.20 -32.92
C1 NAG ZA . -8.97 -25.96 -34.06
C2 NAG ZA . -8.24 -27.05 -34.98
C3 NAG ZA . -7.14 -26.31 -35.83
C4 NAG ZA . -7.79 -25.17 -36.69
C5 NAG ZA . -8.54 -24.17 -35.74
C6 NAG ZA . -9.30 -23.07 -36.48
C7 NAG ZA . -8.29 -29.19 -33.73
C8 NAG ZA . -7.64 -30.23 -32.84
N2 NAG ZA . -7.63 -28.09 -34.11
O3 NAG ZA . -6.49 -27.25 -36.70
O4 NAG ZA . -6.77 -24.50 -37.43
O5 NAG ZA . -9.54 -24.91 -34.92
O6 NAG ZA . -8.43 -22.12 -37.08
O7 NAG ZA . -9.46 -29.40 -34.09
C1 NAG AB . -17.96 -67.62 7.04
C2 NAG AB . -19.55 -67.69 7.22
C3 NAG AB . -19.95 -69.20 7.50
C4 NAG AB . -19.46 -70.09 6.31
C5 NAG AB . -17.90 -69.95 6.16
C6 NAG AB . -17.34 -70.74 4.97
C7 NAG AB . -21.07 -66.13 8.44
C8 NAG AB . -21.35 -65.27 9.64
N2 NAG AB . -19.91 -66.83 8.37
O3 NAG AB . -21.37 -69.32 7.62
O4 NAG AB . -19.79 -71.46 6.57
O5 NAG AB . -17.55 -68.52 5.95
O6 NAG AB . -15.92 -70.76 4.96
O7 NAG AB . -21.91 -66.20 7.53
C1 NAG BB . -17.12 -38.88 -43.74
C2 NAG BB . -17.19 -37.69 -44.79
C3 NAG BB . -18.49 -36.86 -44.53
C4 NAG BB . -19.74 -37.79 -44.66
C5 NAG BB . -19.61 -38.98 -43.63
C6 NAG BB . -20.75 -39.99 -43.74
C7 NAG BB . -14.88 -36.94 -45.41
C8 NAG BB . -13.69 -36.06 -45.16
N2 NAG BB . -15.97 -36.84 -44.62
O3 NAG BB . -18.57 -35.80 -45.50
O4 NAG BB . -20.91 -37.04 -44.37
O5 NAG BB . -18.33 -39.72 -43.88
O6 NAG BB . -20.87 -40.57 -45.04
O7 NAG BB . -14.83 -37.76 -46.34
C1 NAG CB . 2.39 -31.08 -35.00
C2 NAG CB . 3.44 -29.93 -35.29
C3 NAG CB . 4.12 -30.19 -36.68
C4 NAG CB . 4.81 -31.60 -36.68
C5 NAG CB . 3.73 -32.70 -36.36
C6 NAG CB . 4.31 -34.10 -36.20
C7 NAG CB . 2.88 -27.72 -34.31
C8 NAG CB . 2.12 -26.43 -34.37
N2 NAG CB . 2.74 -28.63 -35.29
O3 NAG CB . 5.11 -29.18 -36.92
O4 NAG CB . 5.40 -31.84 -37.95
O5 NAG CB . 3.07 -32.38 -35.05
O6 NAG CB . 4.84 -34.62 -37.42
O7 NAG CB . 3.63 -27.93 -33.33
C1 NAG DB . -12.29 -57.48 -24.56
C2 NAG DB . -11.82 -58.19 -23.20
C3 NAG DB . -11.44 -59.69 -23.51
C4 NAG DB . -12.68 -60.42 -24.13
C5 NAG DB . -13.13 -59.66 -25.44
C6 NAG DB . -14.39 -60.26 -26.07
C7 NAG DB . -10.69 -56.72 -21.52
C8 NAG DB . -9.47 -55.99 -21.05
N2 NAG DB . -10.64 -57.47 -22.66
O3 NAG DB . -11.06 -60.35 -22.30
O4 NAG DB . -12.32 -61.76 -24.47
O5 NAG DB . -13.43 -58.23 -25.11
O6 NAG DB . -15.50 -60.28 -25.18
O7 NAG DB . -11.74 -56.64 -20.87
C1 NAG EB . -21.92 -50.51 -30.06
C2 NAG EB . -22.90 -51.77 -29.96
C3 NAG EB . -22.52 -52.79 -31.09
C4 NAG EB . -22.64 -52.10 -32.48
C5 NAG EB . -21.71 -50.83 -32.52
C6 NAG EB . -21.84 -50.03 -33.83
C7 NAG EB . -23.67 -52.16 -27.62
C8 NAG EB . -23.47 -52.77 -26.26
N2 NAG EB . -22.76 -52.37 -28.60
O3 NAG EB . -23.41 -53.93 -31.02
O4 NAG EB . -22.25 -53.03 -33.50
O5 NAG EB . -22.06 -49.90 -31.40
O6 NAG EB . -21.18 -50.66 -34.92
O7 NAG EB . -24.68 -51.47 -27.81
C1 NAG FB . -27.50 -45.35 -9.90
C2 NAG FB . -27.89 -46.19 -11.20
C3 NAG FB . -29.26 -45.67 -11.74
C4 NAG FB . -30.36 -45.80 -10.63
C5 NAG FB . -29.91 -45.00 -9.37
C6 NAG FB . -30.89 -45.09 -8.19
C7 NAG FB . -26.13 -46.98 -12.77
C8 NAG FB . -25.06 -46.65 -13.78
N2 NAG FB . -26.82 -45.99 -12.21
O3 NAG FB . -29.63 -46.46 -12.88
O4 NAG FB . -31.60 -45.29 -11.13
O5 NAG FB . -28.58 -45.49 -8.89
O6 NAG FB . -32.05 -44.30 -8.38
O7 NAG FB . -26.36 -48.17 -12.50
C1 NAG GB . -25.69 -34.82 -14.17
C2 NAG GB . -25.79 -34.13 -12.73
C3 NAG GB . -27.29 -33.86 -12.40
C4 NAG GB . -27.92 -32.95 -13.49
C5 NAG GB . -27.78 -33.66 -14.89
C6 NAG GB . -28.29 -32.81 -16.06
C7 NAG GB . -24.19 -34.72 -10.92
C8 NAG GB . -23.64 -35.74 -9.97
N2 NAG GB . -25.18 -35.06 -11.75
O3 NAG GB . -27.38 -33.21 -11.12
O4 NAG GB . -29.30 -32.73 -13.20
O5 NAG GB . -26.33 -33.94 -15.16
O6 NAG GB . -29.71 -32.76 -16.10
O7 NAG GB . -23.73 -33.57 -10.92
C1 NAG HB . -23.21 -51.18 10.73
C2 NAG HB . -24.51 -50.43 10.18
C3 NAG HB . -25.14 -49.59 11.34
C4 NAG HB . -25.49 -50.52 12.55
C5 NAG HB . -24.19 -51.27 13.02
C6 NAG HB . -24.43 -52.28 14.13
C7 NAG HB . -24.32 -49.85 7.76
C8 NAG HB . -23.92 -48.87 6.70
N2 NAG HB . -24.14 -49.52 9.06
O3 NAG HB . -26.33 -48.94 10.88
O4 NAG HB . -26.02 -49.73 13.62
O5 NAG HB . -23.62 -52.03 11.86
O6 NAG HB . -24.67 -51.64 15.39
O7 NAG HB . -24.81 -50.94 7.43
C1 NAG IB . 11.41 -47.26 -0.34
C2 NAG IB . 12.21 -46.58 -1.53
C3 NAG IB . 11.62 -47.09 -2.89
C4 NAG IB . 11.74 -48.65 -2.96
C5 NAG IB . 10.97 -49.29 -1.75
C6 NAG IB . 11.14 -50.82 -1.69
C7 NAG IB . 13.03 -44.28 -1.03
C8 NAG IB . 12.78 -42.80 -0.89
N2 NAG IB . 12.04 -45.11 -1.39
O3 NAG IB . 12.36 -46.50 -3.97
O4 NAG IB . 11.17 -49.12 -4.19
O5 NAG IB . 11.53 -48.73 -0.48
O6 NAG IB . 10.23 -51.43 -0.77
O7 NAG IB . 14.17 -44.71 -0.82
C1 NAG JB . -3.55 -65.73 3.18
C2 NAG JB . -3.10 -67.26 3.29
C3 NAG JB . -2.26 -67.63 2.02
C4 NAG JB . -3.12 -67.39 0.72
C5 NAG JB . -3.58 -65.88 0.69
C6 NAG JB . -4.50 -65.56 -0.49
C7 NAG JB . -2.74 -67.83 5.71
C8 NAG JB . -1.83 -67.96 6.89
N2 NAG JB . -2.25 -67.43 4.51
O3 NAG JB . -1.88 -69.02 2.08
O4 NAG JB . -2.34 -67.68 -0.44
O5 NAG JB . -4.33 -65.55 1.94
O6 NAG JB . -5.69 -66.34 -0.50
O7 NAG JB . -3.94 -68.08 5.85
C1 NAG KB . 5.66 -2.13 -36.40
C2 NAG KB . 4.83 -2.50 -37.62
C3 NAG KB . 4.86 -4.02 -37.77
C4 NAG KB . 6.29 -4.49 -37.86
C5 NAG KB . 7.06 -4.04 -36.64
C6 NAG KB . 8.53 -4.43 -36.73
C7 NAG KB . 3.00 -0.94 -37.90
C8 NAG KB . 1.79 -0.43 -37.16
N2 NAG KB . 3.45 -2.11 -37.46
O3 NAG KB . 4.16 -4.36 -38.97
O4 NAG KB . 6.32 -5.93 -37.94
O5 NAG KB . 6.99 -2.63 -36.52
O6 NAG KB . 9.13 -3.65 -37.77
O7 NAG KB . 3.52 -0.33 -38.80
C1 NAG LB . -15.34 2.69 -45.37
C2 NAG LB . -16.43 3.58 -45.97
C3 NAG LB . -16.73 3.14 -47.40
C4 NAG LB . -15.45 3.17 -48.21
C5 NAG LB . -14.39 2.29 -47.54
C6 NAG LB . -13.09 2.39 -48.31
C7 NAG LB . -17.97 4.46 -44.29
C8 NAG LB . -19.30 4.29 -43.62
N2 NAG LB . -17.66 3.54 -45.19
O3 NAG LB . -17.69 4.02 -47.98
O4 NAG LB . -15.71 2.68 -49.54
O5 NAG LB . -14.18 2.73 -46.21
O6 NAG LB . -12.70 3.77 -48.34
O7 NAG LB . -17.22 5.39 -44.00
C1 NAG MB . 28.46 23.70 -14.39
C2 NAG MB . 27.38 23.83 -15.54
C3 NAG MB . 28.11 24.28 -16.85
C4 NAG MB . 28.84 25.65 -16.60
C5 NAG MB . 29.86 25.48 -15.42
C6 NAG MB . 30.57 26.78 -15.04
C7 NAG MB . 25.47 22.26 -15.31
C8 NAG MB . 24.85 20.90 -15.46
N2 NAG MB . 26.73 22.50 -15.70
O3 NAG MB . 27.14 24.42 -17.90
O4 NAG MB . 29.53 26.05 -17.79
O5 NAG MB . 29.14 25.00 -14.21
O6 NAG MB . 31.62 26.56 -14.11
O7 NAG MB . 24.77 23.14 -14.81
C1 NAG NB . 38.29 12.25 5.93
C2 NAG NB . 38.95 12.43 7.35
C3 NAG NB . 38.28 13.66 8.05
C4 NAG NB . 38.46 14.94 7.16
C5 NAG NB . 37.82 14.67 5.75
C6 NAG NB . 38.02 15.83 4.76
C7 NAG NB . 39.61 10.19 8.24
C8 NAG NB . 39.33 8.96 9.06
N2 NAG NB . 38.72 11.19 8.16
O3 NAG NB . 38.90 13.89 9.33
O4 NAG NB . 37.80 16.04 7.81
O5 NAG NB . 38.46 13.47 5.14
O6 NAG NB . 37.24 16.97 5.09
O7 NAG NB . 40.68 10.25 7.63
C1 NAG OB . 52.00 -45.60 8.27
C2 NAG OB . 51.46 -46.37 6.98
C3 NAG OB . 52.28 -47.70 6.82
C4 NAG OB . 53.80 -47.38 6.70
C5 NAG OB . 54.27 -46.59 7.99
C6 NAG OB . 55.73 -46.14 7.92
C7 NAG OB . 49.03 -46.04 6.50
C8 NAG OB . 47.60 -46.35 6.79
N2 NAG OB . 50.01 -46.65 7.19
O3 NAG OB . 51.84 -48.38 5.63
O4 NAG OB . 54.55 -48.59 6.59
O5 NAG OB . 53.45 -45.35 8.13
O6 NAG OB . 56.19 -45.62 9.16
O7 NAG OB . 49.28 -45.22 5.59
C1 NAG PB . 56.64 12.38 5.78
C2 NAG PB . 56.20 13.86 5.40
C3 NAG PB . 56.14 13.97 3.83
C4 NAG PB . 57.55 13.62 3.23
C5 NAG PB . 57.96 12.17 3.68
C6 NAG PB . 59.35 11.77 3.21
C7 NAG PB . 54.68 14.83 7.14
C8 NAG PB . 53.31 15.03 7.68
N2 NAG PB . 54.86 14.13 5.99
O3 NAG PB . 55.78 15.31 3.45
O4 NAG PB . 57.48 13.69 1.80
O5 NAG PB . 57.95 12.09 5.17
O6 NAG PB . 59.63 10.40 3.45
O7 NAG PB . 55.66 15.29 7.76
C1 NAG QB . 37.78 10.64 18.89
C2 NAG QB . 36.87 11.95 18.91
C3 NAG QB . 37.51 12.97 19.91
C4 NAG QB . 37.62 12.33 21.34
C5 NAG QB . 38.48 11.02 21.25
C6 NAG QB . 38.57 10.25 22.56
C7 NAG QB . 35.79 12.35 16.71
C8 NAG QB . 35.84 12.94 15.34
N2 NAG QB . 36.83 12.51 17.55
O3 NAG QB . 36.68 14.15 19.98
O4 NAG QB . 38.24 13.27 22.23
O5 NAG QB . 37.88 10.09 20.26
O6 NAG QB . 39.39 10.90 23.52
O7 NAG QB . 34.78 11.71 17.06
C1 NAG RB . 58.11 -13.35 14.55
C2 NAG RB . 57.73 -14.84 14.96
C3 NAG RB . 58.81 -15.36 15.98
C4 NAG RB . 60.23 -15.31 15.32
C5 NAG RB . 60.54 -13.82 14.90
C6 NAG RB . 61.87 -13.66 14.16
C7 NAG RB . 55.29 -15.41 15.03
C8 NAG RB . 53.96 -15.35 15.72
N2 NAG RB . 56.37 -14.84 15.60
O3 NAG RB . 58.50 -16.73 16.33
O4 NAG RB . 61.20 -15.77 16.27
O5 NAG RB . 59.47 -13.34 13.97
O6 NAG RB . 63.00 -13.85 15.01
O7 NAG RB . 55.38 -15.98 13.92
C1 NAG SB . 60.16 -6.19 3.80
C2 NAG SB . 61.45 -6.95 3.27
C3 NAG SB . 62.59 -6.78 4.35
C4 NAG SB . 62.88 -5.24 4.54
C5 NAG SB . 61.55 -4.50 4.99
C6 NAG SB . 61.71 -2.99 5.12
C7 NAG SB . 60.83 -8.88 1.81
C8 NAG SB . 60.44 -10.31 1.63
N2 NAG SB . 61.10 -8.39 3.04
O3 NAG SB . 63.78 -7.43 3.89
O4 NAG SB . 63.89 -5.08 5.56
O5 NAG SB . 60.49 -4.75 3.96
O6 NAG SB . 62.34 -2.60 6.34
O7 NAG SB . 60.87 -8.15 0.80
C1 NAG TB . 47.79 -20.14 -7.15
C2 NAG TB . 49.29 -19.61 -7.07
C3 NAG TB . 49.71 -19.08 -8.49
C4 NAG TB . 49.53 -20.18 -9.57
C5 NAG TB . 48.02 -20.65 -9.57
C6 NAG TB . 47.75 -21.79 -10.56
C7 NAG TB . 50.03 -18.51 -4.97
C8 NAG TB . 49.95 -17.34 -4.03
N2 NAG TB . 49.32 -18.50 -6.09
O3 NAG TB . 51.09 -18.67 -8.43
O4 NAG TB . 49.88 -19.66 -10.85
O5 NAG TB . 47.66 -21.15 -8.21
O6 NAG TB . 46.36 -22.07 -10.65
O7 NAG TB . 50.76 -19.47 -4.67
C1 NAG UB . 41.94 -11.01 -8.72
C2 NAG UB . 40.75 -11.86 -9.35
C3 NAG UB . 41.04 -12.14 -10.86
C4 NAG UB . 41.23 -10.79 -11.62
C5 NAG UB . 42.40 -9.98 -10.95
C6 NAG UB . 42.63 -8.60 -11.57
C7 NAG UB . 39.56 -13.55 -7.97
C8 NAG UB . 39.60 -14.83 -7.19
N2 NAG UB . 40.67 -13.13 -8.58
O3 NAG UB . 39.94 -12.86 -11.43
O4 NAG UB . 41.53 -11.06 -13.00
O5 NAG UB . 42.09 -9.76 -9.50
O6 NAG UB . 43.24 -8.67 -12.85
O7 NAG UB . 38.51 -12.90 -8.04
C1 NAG VB . 40.13 -40.36 -4.11
C2 NAG VB . 40.44 -39.67 -5.52
C3 NAG VB . 39.53 -40.35 -6.60
C4 NAG VB . 39.82 -41.89 -6.65
C5 NAG VB . 39.56 -42.50 -5.24
C6 NAG VB . 39.91 -43.98 -5.13
C7 NAG VB . 41.08 -37.27 -5.29
C8 NAG VB . 40.68 -35.83 -5.24
N2 NAG VB . 40.13 -38.22 -5.46
O3 NAG VB . 39.81 -39.79 -7.90
O4 NAG VB . 38.95 -42.50 -7.62
O5 NAG VB . 40.42 -41.80 -4.24
O6 NAG VB . 38.96 -44.82 -5.79
O7 NAG VB . 42.28 -37.57 -5.18
C1 NAG WB . 45.66 -40.41 20.73
C2 NAG WB . 46.85 -41.12 21.50
C3 NAG WB . 47.26 -40.22 22.71
C4 NAG WB . 47.67 -38.79 22.20
C5 NAG WB . 46.46 -38.16 21.42
C6 NAG WB . 46.75 -36.76 20.85
C7 NAG WB . 46.56 -43.59 21.30
C8 NAG WB . 46.05 -44.88 21.85
N2 NAG WB . 46.38 -42.45 21.99
O3 NAG WB . 48.37 -40.82 23.41
O4 NAG WB . 48.01 -37.97 23.33
O5 NAG WB . 46.08 -39.07 20.30
O6 NAG WB . 47.68 -36.74 19.76
O7 NAG WB . 47.16 -43.60 20.21
C1 NAG XB . 26.94 34.95 -9.68
C2 NAG XB . 26.86 36.46 -9.54
C3 NAG XB . 28.10 37.12 -10.13
C4 NAG XB . 29.36 36.53 -9.54
C5 NAG XB . 29.36 35.01 -9.68
C6 NAG XB . 30.54 34.41 -8.93
C7 NAG XB . 24.63 37.42 -9.62
C8 NAG XB . 24.33 38.88 -9.75
N2 NAG XB . 25.73 37.00 -10.25
O3 NAG XB . 28.06 38.52 -9.87
O4 NAG XB . 30.50 37.05 -10.21
O5 NAG XB . 28.17 34.47 -9.13
O6 NAG XB . 30.31 34.58 -7.52
O7 NAG XB . 23.93 36.66 -8.99
C1 NAG YB . 16.35 28.26 10.57
C2 NAG YB . 17.38 29.38 10.59
C3 NAG YB . 18.63 28.93 11.32
C4 NAG YB . 18.28 28.44 12.70
C5 NAG YB . 17.22 27.34 12.61
C6 NAG YB . 16.78 26.90 14.00
C7 NAG YB . 17.21 30.80 8.63
C8 NAG YB . 17.23 30.74 7.13
N2 NAG YB . 17.76 29.77 9.25
O3 NAG YB . 19.52 30.06 11.44
O4 NAG YB . 19.45 27.92 13.34
O5 NAG YB . 16.09 27.80 11.89
O6 NAG YB . 16.05 27.97 14.61
O7 NAG YB . 16.72 31.73 9.24
#